data_8XKI
#
_entry.id   8XKI
#
_cell.length_a   1.00
_cell.length_b   1.00
_cell.length_c   1.00
_cell.angle_alpha   90.00
_cell.angle_beta   90.00
_cell.angle_gamma   90.00
#
_symmetry.space_group_name_H-M   'P 1'
#
loop_
_entity.id
_entity.type
_entity.pdbx_description
1 polymer 'nanobody VHH60'
2 polymer 'Spike glycoprotein'
3 branched 2-acetamido-2-deoxy-beta-D-glucopyranose-(1-4)-2-acetamido-2-deoxy-beta-D-glucopyranose
4 non-polymer 2-acetamido-2-deoxy-beta-D-glucopyranose
#
loop_
_entity_poly.entity_id
_entity_poly.type
_entity_poly.pdbx_seq_one_letter_code
_entity_poly.pdbx_strand_id
1 'polypeptide(L)'
;EVQLVESGGGLVQPGGSLRLSCAASGRTFRVNLMGWFRQAPGKGRELVASINGFDDITYYPDSVEGRFTISRDNAKRMVY
LQMNSLRAEDTAVYYCAAYDSDYDGRLFNYWGQGTQVTVSS
;
D
2 'polypeptide(L)'
;MFVFLVLLPLVSSQCVNLTTRTQLPPAYTNSFTRGVYYPDKVFRSSVLHSTQDLFLPFFSNVTWFHAIHVSGTNGTKRFD
NPVLPFNDGVYFASTEKSNIIRGWIFGTTLDSKTQSLLIVNNATNVVIKVCEFQFCNDPFLGVYYHKNNKSWMESEFRVY
SSANNCTFEYVSQPFLMDLEGKQGNFKNLREFVFKNIDGYFKIYSKHTPINLVRDLPQGFSALEPLVDLPIGINITRFQT
LLALHRSYLTPGDSSSGWTAGAAAYYVGYLQPRTFLLKYNENGTITDAVDCALDPLSETKCTLKSFTVEKGIYQTSNFRV
QPTESIVRFPNITNLCPFGEVFNATRFASVYAWNRKRISNCVADYSVLYNSASFSTFKCYGVSPTKLNDLCFTNVYADSF
VIRGDEVRQIAPGQTGKIADYNYKLPDDFTGCVIAWNSNNLDSKVGGNYNYLYRLFRKSNLKPFERDISTEIYQAGSTPC
NGVEGFNCYFPLQSYGFQPTNGVGYQPYRVVVLSFELLHAPATVCGPKKSTNLVKNKCVNFNFNGLTGTGVLTESNKKFL
PFQQFGRDIADTTDAVRDPQTLEILDITPCSFGGVSVITPGTNTSNQVAVLYQDVNCTEVPVAIHADQLTPTWRVYSTGS
NVFQTRAGCLIGAEHVNNSYECDIPIGAGICASYQTQTNSPGSASSVASQSIIAYTMSLGAENSVAYSNNSIAIPTNFTI
SVTTEILPVSMTKTSVDCTMYICGDSTECSNLLLQYGSFCTQLNRALTGIAVEQDKNTQEVFAQVKQIYKTPPIKDFGGF
NFSQILPDPSKPSKRSPIEDLLFNKVTLADAGFIKQYGDCLGDIAARDLICAQKFNGLTVLPPLLTDEMIAQYTSALLAG
TITSGWTFGAGPALQIPFPMQMAYRFNGIGVTQNVLYENQKLIANQFNSAIGKIQDSLSSTPSALGKLQDVVNQNAQALN
TLVKQLSSNFGAISSVLNDILSRLDPPEAEVQIDRLITGRLQSLQTYVTQQLIRAAEIRASANLAATKMSECVLGQSKRV
DFCGKGYHLMSFPQSAPHGVVFLHVTYVPAQEKNFTTAPAICHDGKAHFPREGVFVSNGTHWFVTQRNFYEPQIITTDNT
FVSGNCDVVIGIVNNTVYDPLQPELDSFKEELDKYFKNHTSPDVDLGDISGINASVVNIQKEIDRLNEVAKNLNESLIDL
QELGKYEQGSGYIPEAPRDGQAYVRKDGEWVFLSTFLSGLEVLFQGPGGWSHPQFEKGGGSGGGSGGSAWSHPQFEKGGS
HHHHHHHH
;
A,B,C
#
loop_
_chem_comp.id
_chem_comp.type
_chem_comp.name
_chem_comp.formula
NAG D-saccharide, beta linking 2-acetamido-2-deoxy-beta-D-glucopyranose 'C8 H15 N O6'
#
# COMPACT_ATOMS: atom_id res chain seq x y z
N VAL A 2 97.21 -4.30 -20.70
CA VAL A 2 96.35 -3.24 -20.23
C VAL A 2 97.12 -1.91 -20.17
N GLN A 3 96.66 -0.93 -20.93
CA GLN A 3 97.28 0.39 -20.94
C GLN A 3 96.22 1.43 -21.28
N LEU A 4 96.08 2.43 -20.42
CA LEU A 4 95.10 3.48 -20.59
C LEU A 4 95.77 4.72 -21.15
N VAL A 5 95.36 5.13 -22.35
CA VAL A 5 95.87 6.31 -23.02
C VAL A 5 94.71 7.26 -23.24
N GLU A 6 94.83 8.49 -22.74
CA GLU A 6 93.78 9.49 -22.84
C GLU A 6 94.19 10.58 -23.82
N SER A 7 93.22 11.01 -24.64
CA SER A 7 93.44 12.04 -25.64
C SER A 7 92.31 13.05 -25.59
N GLY A 8 92.61 14.28 -26.01
CA GLY A 8 91.63 15.34 -26.03
C GLY A 8 91.54 16.09 -24.72
N GLY A 9 91.05 17.32 -24.80
CA GLY A 9 90.89 18.16 -23.64
C GLY A 9 91.97 19.21 -23.50
N GLY A 10 91.66 20.45 -23.85
CA GLY A 10 92.62 21.53 -23.75
C GLY A 10 92.08 22.74 -23.01
N LEU A 11 92.18 23.91 -23.63
CA LEU A 11 91.70 25.16 -23.05
C LEU A 11 90.42 25.58 -23.76
N VAL A 12 89.37 25.81 -22.99
CA VAL A 12 88.06 26.16 -23.53
C VAL A 12 87.54 27.40 -22.81
N GLN A 13 86.44 27.94 -23.34
CA GLN A 13 85.72 29.11 -22.86
C GLN A 13 84.48 28.67 -22.08
N PRO A 14 84.10 29.40 -21.04
CA PRO A 14 82.87 29.07 -20.30
C PRO A 14 81.65 29.10 -21.21
N GLY A 15 80.76 28.14 -20.99
CA GLY A 15 79.57 28.00 -21.83
C GLY A 15 79.79 27.19 -23.09
N GLY A 16 81.00 26.70 -23.34
CA GLY A 16 81.29 25.92 -24.52
C GLY A 16 81.07 24.44 -24.31
N SER A 17 81.62 23.65 -25.23
CA SER A 17 81.50 22.20 -25.19
C SER A 17 82.85 21.56 -25.42
N LEU A 18 83.03 20.36 -24.88
CA LEU A 18 84.28 19.62 -25.03
C LEU A 18 84.01 18.14 -24.85
N ARG A 19 84.70 17.31 -25.63
CA ARG A 19 84.57 15.87 -25.56
C ARG A 19 85.95 15.24 -25.38
N LEU A 20 86.03 14.26 -24.48
CA LEU A 20 87.26 13.56 -24.18
C LEU A 20 87.09 12.07 -24.41
N SER A 21 88.10 11.45 -25.02
CA SER A 21 88.07 10.03 -25.32
C SER A 21 89.39 9.39 -24.93
N CYS A 22 89.31 8.19 -24.35
CA CYS A 22 90.49 7.42 -23.98
C CYS A 22 90.31 5.98 -24.45
N ALA A 23 91.42 5.34 -24.79
CA ALA A 23 91.42 3.99 -25.34
C ALA A 23 92.10 3.03 -24.38
N ALA A 24 91.55 1.83 -24.28
CA ALA A 24 92.12 0.76 -23.46
C ALA A 24 92.60 -0.35 -24.40
N SER A 25 93.89 -0.70 -24.29
CA SER A 25 94.49 -1.73 -25.11
C SER A 25 95.30 -2.68 -24.25
N GLY A 26 95.27 -3.96 -24.61
CA GLY A 26 95.99 -4.97 -23.86
C GLY A 26 95.15 -6.19 -23.52
N ARG A 27 95.12 -6.56 -22.25
CA ARG A 27 94.37 -7.73 -21.82
C ARG A 27 92.88 -7.41 -21.77
N THR A 28 92.06 -8.38 -22.19
CA THR A 28 90.62 -8.19 -22.16
C THR A 28 90.11 -8.13 -20.72
N PHE A 29 89.22 -7.18 -20.46
CA PHE A 29 88.69 -7.00 -19.11
C PHE A 29 87.55 -7.96 -18.84
N ARG A 30 87.58 -8.59 -17.66
CA ARG A 30 86.51 -9.50 -17.27
C ARG A 30 85.19 -8.75 -17.08
N VAL A 31 85.25 -7.55 -16.52
CA VAL A 31 84.05 -6.75 -16.23
C VAL A 31 84.03 -5.57 -17.20
N ASN A 32 82.88 -5.38 -17.84
CA ASN A 32 82.67 -4.24 -18.73
C ASN A 32 82.21 -3.05 -17.88
N LEU A 33 83.19 -2.23 -17.47
CA LEU A 33 82.89 -1.10 -16.60
C LEU A 33 84.02 -0.09 -16.72
N MET A 34 83.75 1.07 -17.30
CA MET A 34 84.67 2.20 -17.33
C MET A 34 84.09 3.33 -16.49
N GLY A 35 84.83 4.44 -16.43
CA GLY A 35 84.38 5.61 -15.70
C GLY A 35 85.31 6.77 -15.91
N TRP A 36 84.83 7.95 -15.53
CA TRP A 36 85.59 9.19 -15.63
C TRP A 36 85.74 9.80 -14.24
N PHE A 37 86.94 10.31 -13.96
CA PHE A 37 87.27 10.88 -12.67
C PHE A 37 87.75 12.31 -12.84
N ARG A 38 87.56 13.11 -11.80
CA ARG A 38 87.92 14.53 -11.81
C ARG A 38 88.70 14.85 -10.54
N GLN A 39 89.90 15.42 -10.71
CA GLN A 39 90.74 15.82 -9.60
C GLN A 39 90.94 17.33 -9.65
N ALA A 40 90.30 18.05 -8.73
CA ALA A 40 90.50 19.48 -8.65
C ALA A 40 91.91 19.79 -8.16
N PRO A 41 92.48 20.94 -8.55
CA PRO A 41 93.83 21.26 -8.08
C PRO A 41 93.95 21.36 -6.56
N GLY A 42 92.89 21.81 -5.87
CA GLY A 42 92.93 21.92 -4.43
C GLY A 42 92.14 20.85 -3.70
N LYS A 43 91.49 19.97 -4.45
CA LYS A 43 90.65 18.91 -3.90
C LYS A 43 91.14 17.55 -4.40
N GLY A 44 90.41 16.51 -4.02
CA GLY A 44 90.75 15.16 -4.40
C GLY A 44 89.98 14.67 -5.63
N ARG A 45 90.13 13.38 -5.89
CA ARG A 45 89.45 12.77 -7.03
C ARG A 45 87.94 12.74 -6.80
N GLU A 46 87.19 13.03 -7.86
CA GLU A 46 85.74 13.06 -7.81
C GLU A 46 85.16 12.16 -8.90
N LEU A 47 83.85 11.97 -8.85
CA LEU A 47 83.13 11.15 -9.81
C LEU A 47 82.41 12.03 -10.82
N VAL A 48 82.56 11.70 -12.10
CA VAL A 48 81.92 12.43 -13.18
C VAL A 48 80.84 11.60 -13.86
N ALA A 49 81.16 10.38 -14.26
CA ALA A 49 80.20 9.51 -14.93
C ALA A 49 80.67 8.07 -14.80
N SER A 50 79.73 7.15 -15.00
CA SER A 50 80.02 5.73 -14.97
C SER A 50 79.09 5.00 -15.92
N ILE A 51 79.65 4.20 -16.81
CA ILE A 51 78.88 3.44 -17.80
C ILE A 51 79.33 1.99 -17.74
N ASN A 52 78.35 1.07 -17.83
CA ASN A 52 78.62 -0.36 -17.80
C ASN A 52 78.64 -0.96 -19.21
N GLY A 53 77.57 -0.76 -19.97
CA GLY A 53 77.49 -1.32 -21.30
C GLY A 53 76.75 -2.64 -21.33
N PHE A 54 77.02 -3.49 -20.33
CA PHE A 54 76.26 -4.73 -20.21
C PHE A 54 74.79 -4.46 -19.91
N ASP A 55 74.52 -3.47 -19.05
CA ASP A 55 73.16 -3.04 -18.75
C ASP A 55 72.77 -1.77 -19.50
N ASP A 56 73.72 -1.10 -20.15
CA ASP A 56 73.47 0.14 -20.88
C ASP A 56 72.83 1.19 -19.98
N ILE A 57 73.34 1.29 -18.75
CA ILE A 57 72.85 2.24 -17.76
C ILE A 57 74.02 3.10 -17.31
N THR A 58 73.82 4.42 -17.34
CA THR A 58 74.84 5.39 -16.96
C THR A 58 74.41 6.11 -15.69
N TYR A 59 75.39 6.38 -14.81
CA TYR A 59 75.15 7.03 -13.54
C TYR A 59 75.94 8.34 -13.49
N TYR A 60 75.27 9.41 -13.06
CA TYR A 60 75.90 10.70 -12.88
C TYR A 60 75.60 11.25 -11.49
N PRO A 61 76.55 11.93 -10.87
CA PRO A 61 76.27 12.57 -9.58
C PRO A 61 75.36 13.78 -9.76
N ASP A 62 74.74 14.19 -8.65
CA ASP A 62 73.81 15.30 -8.68
C ASP A 62 74.45 16.61 -9.10
N SER A 63 75.77 16.74 -8.94
CA SER A 63 76.45 17.98 -9.34
C SER A 63 76.38 18.18 -10.85
N VAL A 64 76.58 17.11 -11.63
CA VAL A 64 76.66 17.21 -13.08
C VAL A 64 75.66 16.26 -13.72
N GLU A 65 74.54 16.01 -13.04
CA GLU A 65 73.56 15.04 -13.55
C GLU A 65 72.98 15.49 -14.89
N GLY A 66 72.65 16.77 -15.02
CA GLY A 66 72.01 17.29 -16.21
C GLY A 66 72.93 17.96 -17.21
N ARG A 67 74.24 17.85 -17.05
CA ARG A 67 75.18 18.50 -17.95
C ARG A 67 76.21 17.57 -18.57
N PHE A 68 76.58 16.49 -17.89
CA PHE A 68 77.64 15.60 -18.35
C PHE A 68 77.02 14.32 -18.90
N THR A 69 77.46 13.93 -20.10
CA THR A 69 76.98 12.73 -20.76
C THR A 69 78.15 11.86 -21.15
N ILE A 70 78.02 10.55 -20.94
CA ILE A 70 79.08 9.59 -21.24
C ILE A 70 78.56 8.58 -22.25
N SER A 71 79.41 8.23 -23.21
CA SER A 71 79.07 7.25 -24.23
C SER A 71 80.25 6.30 -24.43
N ARG A 72 79.95 5.11 -24.93
CA ARG A 72 80.95 4.06 -25.10
C ARG A 72 80.85 3.45 -26.50
N ASP A 73 81.98 2.94 -26.99
CA ASP A 73 82.05 2.25 -28.27
C ASP A 73 82.69 0.89 -28.04
N ASN A 74 81.87 -0.16 -28.02
CA ASN A 74 82.38 -1.50 -27.75
C ASN A 74 83.30 -1.99 -28.86
N ALA A 75 82.94 -1.72 -30.12
CA ALA A 75 83.71 -2.24 -31.25
C ALA A 75 85.13 -1.67 -31.27
N LYS A 76 85.27 -0.37 -31.01
CA LYS A 76 86.58 0.28 -31.04
C LYS A 76 87.23 0.35 -29.67
N ARG A 77 86.62 -0.24 -28.64
CA ARG A 77 87.10 -0.16 -27.27
C ARG A 77 87.26 1.30 -26.82
N MET A 78 86.34 2.14 -27.25
CA MET A 78 86.39 3.58 -26.99
C MET A 78 85.33 3.98 -25.97
N VAL A 79 85.64 5.05 -25.23
CA VAL A 79 84.67 5.68 -24.34
C VAL A 79 84.77 7.18 -24.54
N TYR A 80 83.63 7.87 -24.43
CA TYR A 80 83.56 9.30 -24.67
C TYR A 80 82.81 9.98 -23.53
N LEU A 81 83.20 11.21 -23.25
CA LEU A 81 82.56 12.04 -22.22
C LEU A 81 82.32 13.42 -22.82
N GLN A 82 81.08 13.68 -23.24
CA GLN A 82 80.71 14.97 -23.79
C GLN A 82 80.34 15.92 -22.66
N MET A 83 81.01 17.07 -22.61
CA MET A 83 80.82 18.06 -21.56
C MET A 83 80.11 19.27 -22.15
N ASN A 84 78.96 19.63 -21.57
CA ASN A 84 78.16 20.74 -22.05
C ASN A 84 77.87 21.68 -20.88
N SER A 85 77.58 22.94 -21.23
CA SER A 85 77.33 23.99 -20.24
C SER A 85 78.51 24.12 -19.26
N LEU A 86 79.68 24.32 -19.84
CA LEU A 86 80.91 24.37 -19.06
C LEU A 86 80.92 25.58 -18.13
N ARG A 87 81.39 25.37 -16.90
CA ARG A 87 81.51 26.41 -15.91
C ARG A 87 82.94 26.47 -15.39
N ALA A 88 83.23 27.48 -14.56
CA ALA A 88 84.56 27.64 -14.01
C ALA A 88 84.90 26.55 -12.99
N GLU A 89 83.90 25.86 -12.45
CA GLU A 89 84.14 24.81 -11.47
C GLU A 89 84.63 23.51 -12.08
N ASP A 90 84.58 23.38 -13.40
CA ASP A 90 84.99 22.15 -14.07
C ASP A 90 86.48 22.13 -14.41
N THR A 91 87.22 23.18 -14.07
CA THR A 91 88.65 23.25 -14.37
C THR A 91 89.39 22.26 -13.46
N ALA A 92 89.80 21.14 -14.01
CA ALA A 92 90.49 20.09 -13.27
C ALA A 92 91.09 19.12 -14.28
N VAL A 93 91.78 18.10 -13.77
CA VAL A 93 92.38 17.06 -14.58
C VAL A 93 91.43 15.86 -14.59
N TYR A 94 91.16 15.33 -15.78
CA TYR A 94 90.22 14.22 -15.96
C TYR A 94 90.99 12.93 -16.16
N TYR A 95 90.56 11.88 -15.48
CA TYR A 95 91.20 10.57 -15.55
C TYR A 95 90.23 9.53 -16.10
N CYS A 96 90.80 8.47 -16.65
CA CYS A 96 90.04 7.33 -17.16
C CYS A 96 90.29 6.12 -16.27
N ALA A 97 89.24 5.35 -16.00
CA ALA A 97 89.31 4.20 -15.12
C ALA A 97 88.82 2.96 -15.84
N ALA A 98 89.60 1.89 -15.76
CA ALA A 98 89.23 0.58 -16.29
C ALA A 98 89.12 -0.40 -15.13
N TYR A 99 87.99 -1.08 -15.03
CA TYR A 99 87.71 -1.95 -13.90
C TYR A 99 87.87 -3.42 -14.31
N ASP A 100 88.62 -4.16 -13.51
CA ASP A 100 88.80 -5.59 -13.68
C ASP A 100 88.53 -6.29 -12.37
N SER A 101 88.35 -7.61 -12.42
CA SER A 101 88.04 -8.40 -11.24
C SER A 101 89.04 -9.55 -11.10
N ASP A 102 89.31 -9.92 -9.85
CA ASP A 102 90.17 -11.04 -9.55
C ASP A 102 89.38 -12.34 -9.65
N TYR A 103 90.05 -13.46 -9.38
CA TYR A 103 89.37 -14.74 -9.39
C TYR A 103 88.32 -14.82 -8.29
N ASP A 104 88.62 -14.26 -7.12
CA ASP A 104 87.64 -14.22 -6.04
C ASP A 104 86.45 -13.34 -6.37
N GLY A 105 86.68 -12.22 -7.06
CA GLY A 105 85.62 -11.30 -7.44
C GLY A 105 85.83 -9.87 -7.02
N ARG A 106 86.93 -9.53 -6.34
CA ARG A 106 87.17 -8.15 -5.95
C ARG A 106 87.47 -7.29 -7.17
N LEU A 107 86.78 -6.17 -7.29
CA LEU A 107 86.94 -5.29 -8.44
C LEU A 107 88.23 -4.49 -8.32
N PHE A 108 89.00 -4.46 -9.40
CA PHE A 108 90.23 -3.68 -9.46
C PHE A 108 89.96 -2.35 -10.18
N ASN A 109 91.02 -1.56 -10.33
CA ASN A 109 90.91 -0.28 -11.02
C ASN A 109 92.25 0.08 -11.65
N TYR A 110 92.22 0.53 -12.89
CA TYR A 110 93.40 1.00 -13.60
C TYR A 110 93.31 2.51 -13.74
N TRP A 111 94.41 3.21 -13.41
CA TRP A 111 94.45 4.66 -13.45
C TRP A 111 95.18 5.11 -14.72
N GLY A 112 94.53 6.00 -15.47
CA GLY A 112 95.12 6.53 -16.68
C GLY A 112 96.05 7.70 -16.41
N GLN A 113 96.70 8.15 -17.49
CA GLN A 113 97.64 9.27 -17.37
C GLN A 113 96.93 10.54 -16.94
N GLY A 114 95.76 10.82 -17.51
CA GLY A 114 95.02 12.02 -17.17
C GLY A 114 95.24 13.16 -18.15
N THR A 115 94.18 13.93 -18.41
CA THR A 115 94.24 15.08 -19.30
C THR A 115 93.80 16.33 -18.55
N GLN A 116 94.53 17.42 -18.77
CA GLN A 116 94.25 18.68 -18.09
C GLN A 116 93.17 19.45 -18.84
N VAL A 117 92.12 19.85 -18.13
CA VAL A 117 91.02 20.62 -18.70
C VAL A 117 90.92 21.93 -17.94
N THR A 118 90.95 23.04 -18.66
CA THR A 118 90.88 24.37 -18.07
C THR A 118 89.74 25.15 -18.70
N VAL A 119 88.98 25.85 -17.87
CA VAL A 119 87.88 26.69 -18.31
C VAL A 119 88.24 28.13 -17.93
N SER A 120 88.63 28.93 -18.91
CA SER A 120 89.03 30.30 -18.69
C SER A 120 88.34 31.21 -19.70
N SER A 121 88.04 32.43 -19.27
CA SER A 121 87.38 33.40 -20.12
C SER A 121 88.38 34.07 -21.05
N TYR B 28 29.21 38.06 -30.46
CA TYR B 28 28.20 37.24 -29.82
C TYR B 28 27.16 36.73 -30.80
N THR B 29 26.60 35.56 -30.52
CA THR B 29 25.51 35.01 -31.31
C THR B 29 24.72 34.07 -30.41
N ASN B 30 23.52 33.72 -30.86
CA ASN B 30 22.69 32.75 -30.16
C ASN B 30 22.81 31.38 -30.83
N SER B 31 22.01 30.43 -30.34
CA SER B 31 22.04 29.06 -30.83
C SER B 31 20.62 28.61 -31.14
N PHE B 32 20.29 28.52 -32.43
CA PHE B 32 18.95 28.14 -32.87
C PHE B 32 18.84 26.62 -32.85
N THR B 33 18.50 26.08 -31.68
CA THR B 33 18.17 24.66 -31.50
C THR B 33 19.28 23.77 -32.08
N ARG B 34 20.47 23.90 -31.50
CA ARG B 34 21.64 23.19 -32.01
C ARG B 34 22.43 22.62 -30.84
N GLY B 35 22.84 21.36 -30.98
CA GLY B 35 23.71 20.75 -29.98
C GLY B 35 23.12 19.58 -29.23
N VAL B 36 22.25 18.81 -29.87
CA VAL B 36 21.67 17.63 -29.25
C VAL B 36 22.45 16.41 -29.69
N TYR B 37 22.49 15.39 -28.82
CA TYR B 37 23.26 14.20 -29.09
C TYR B 37 22.54 12.99 -28.49
N TYR B 38 22.93 11.81 -28.95
CA TYR B 38 22.32 10.57 -28.48
C TYR B 38 22.79 10.29 -27.06
N PRO B 39 21.89 10.23 -26.08
CA PRO B 39 22.34 10.01 -24.69
C PRO B 39 22.98 8.66 -24.46
N ASP B 40 22.25 7.58 -24.72
CA ASP B 40 22.72 6.22 -24.48
C ASP B 40 22.66 5.42 -25.77
N LYS B 41 23.13 4.17 -25.70
CA LYS B 41 23.20 3.29 -26.86
C LYS B 41 22.02 2.33 -26.90
N VAL B 42 20.83 2.88 -27.08
CA VAL B 42 19.59 2.13 -27.07
C VAL B 42 18.78 2.49 -28.31
N PHE B 43 18.26 1.48 -29.00
CA PHE B 43 17.47 1.67 -30.20
C PHE B 43 16.00 1.80 -29.82
N ARG B 44 15.37 2.89 -30.25
CA ARG B 44 13.97 3.15 -29.98
C ARG B 44 13.29 3.59 -31.26
N SER B 45 12.02 3.18 -31.42
CA SER B 45 11.28 3.41 -32.66
C SER B 45 9.94 4.04 -32.36
N SER B 46 9.67 5.18 -32.99
CA SER B 46 8.36 5.84 -32.97
C SER B 46 7.86 6.05 -31.54
N VAL B 47 8.75 6.52 -30.67
CA VAL B 47 8.43 6.72 -29.26
C VAL B 47 9.06 8.02 -28.79
N LEU B 48 8.36 8.72 -27.91
CA LEU B 48 8.88 9.91 -27.25
C LEU B 48 9.56 9.51 -25.95
N HIS B 49 10.64 10.20 -25.61
CA HIS B 49 11.43 9.86 -24.42
C HIS B 49 11.79 11.13 -23.66
N SER B 50 12.07 10.96 -22.38
CA SER B 50 12.49 12.05 -21.51
C SER B 50 13.86 11.72 -20.91
N THR B 51 14.82 12.61 -21.14
CA THR B 51 16.17 12.46 -20.62
C THR B 51 16.53 13.65 -19.73
N GLN B 52 17.47 13.42 -18.82
CA GLN B 52 17.76 14.37 -17.75
C GLN B 52 19.26 14.57 -17.55
N ASP B 53 19.99 14.81 -18.63
CA ASP B 53 21.43 15.03 -18.51
C ASP B 53 21.81 16.38 -19.14
N LEU B 54 23.11 16.63 -19.22
CA LEU B 54 23.62 17.95 -19.58
C LEU B 54 23.45 18.22 -21.08
N PHE B 55 22.93 19.41 -21.39
CA PHE B 55 22.77 19.86 -22.76
C PHE B 55 23.18 21.32 -22.84
N LEU B 56 22.95 21.92 -24.02
CA LEU B 56 23.16 23.34 -24.24
C LEU B 56 21.81 24.01 -24.41
N PRO B 57 21.36 24.84 -23.46
CA PRO B 57 20.00 25.36 -23.51
C PRO B 57 19.71 26.12 -24.80
N PHE B 58 18.49 25.96 -25.30
CA PHE B 58 18.10 26.56 -26.57
C PHE B 58 18.07 28.08 -26.46
N PHE B 59 18.47 28.74 -27.54
CA PHE B 59 18.49 30.20 -27.63
C PHE B 59 19.34 30.80 -26.51
N SER B 60 20.64 30.49 -26.55
CA SER B 60 21.58 30.92 -25.54
C SER B 60 22.75 31.63 -26.20
N ASN B 61 23.35 32.58 -25.47
CA ASN B 61 24.43 33.39 -26.00
C ASN B 61 25.74 32.62 -26.04
N VAL B 62 26.46 32.75 -27.15
CA VAL B 62 27.76 32.12 -27.34
C VAL B 62 28.76 33.19 -27.73
N THR B 63 30.05 32.79 -27.74
CA THR B 63 31.15 33.71 -28.02
C THR B 63 31.69 33.46 -29.41
N TRP B 64 31.82 34.53 -30.20
CA TRP B 64 32.31 34.45 -31.57
C TRP B 64 33.80 34.83 -31.58
N PHE B 65 34.63 33.89 -31.13
CA PHE B 65 36.07 34.10 -31.18
C PHE B 65 36.56 34.11 -32.62
N HIS B 66 37.40 35.07 -32.96
CA HIS B 66 37.96 35.21 -34.30
C HIS B 66 39.47 35.26 -34.21
N ALA B 67 40.15 34.47 -35.05
CA ALA B 67 41.62 34.39 -35.06
C ALA B 67 42.09 34.58 -36.49
N ILE B 68 42.26 35.84 -36.89
CA ILE B 68 42.72 36.16 -38.24
C ILE B 68 43.16 37.63 -38.28
N ASP B 80 44.79 35.79 -29.98
CA ASP B 80 43.74 35.17 -30.78
C ASP B 80 43.23 33.91 -30.11
N ASN B 81 44.13 33.14 -29.51
CA ASN B 81 43.76 31.91 -28.82
C ASN B 81 43.92 32.12 -27.32
N PRO B 82 42.84 32.41 -26.59
CA PRO B 82 42.97 32.60 -25.14
C PRO B 82 42.83 31.30 -24.37
N VAL B 83 42.85 31.39 -23.04
CA VAL B 83 42.68 30.24 -22.17
C VAL B 83 41.30 30.33 -21.55
N LEU B 84 40.45 29.33 -21.85
CA LEU B 84 39.08 29.34 -21.37
C LEU B 84 38.87 28.23 -20.34
N PRO B 85 37.99 28.44 -19.37
CA PRO B 85 37.76 27.41 -18.34
C PRO B 85 36.97 26.23 -18.87
N PHE B 86 36.66 25.27 -17.99
CA PHE B 86 35.99 24.03 -18.37
C PHE B 86 35.04 23.67 -17.24
N ASN B 87 33.75 23.95 -17.43
CA ASN B 87 32.74 23.70 -16.41
C ASN B 87 31.74 22.68 -16.96
N ASP B 88 31.98 21.40 -16.67
CA ASP B 88 31.08 20.28 -16.88
C ASP B 88 30.84 19.95 -18.35
N GLY B 89 31.39 20.70 -19.29
CA GLY B 89 31.19 20.41 -20.69
C GLY B 89 31.39 21.64 -21.54
N VAL B 90 31.68 21.41 -22.82
CA VAL B 90 31.96 22.47 -23.77
C VAL B 90 31.39 22.08 -25.13
N TYR B 91 30.81 23.04 -25.83
CA TYR B 91 30.38 22.88 -27.21
C TYR B 91 31.35 23.60 -28.12
N PHE B 92 31.77 22.92 -29.18
CA PHE B 92 32.78 23.43 -30.10
C PHE B 92 32.25 23.37 -31.53
N ALA B 93 32.61 24.34 -32.34
CA ALA B 93 32.26 24.32 -33.76
C ALA B 93 33.25 25.19 -34.52
N SER B 94 33.37 24.92 -35.81
CA SER B 94 34.26 25.68 -36.68
C SER B 94 33.75 25.57 -38.11
N THR B 95 34.21 26.48 -38.96
CA THR B 95 33.81 26.50 -40.36
C THR B 95 34.91 27.19 -41.16
N GLU B 96 35.57 26.43 -42.04
CA GLU B 96 36.65 26.97 -42.84
C GLU B 96 36.85 26.10 -44.07
N LYS B 97 37.30 26.73 -45.16
CA LYS B 97 37.57 26.02 -46.40
C LYS B 97 38.94 25.35 -46.41
N SER B 98 39.82 25.69 -45.47
CA SER B 98 41.14 25.09 -45.36
C SER B 98 41.35 24.57 -43.96
N ASN B 99 42.31 23.66 -43.81
CA ASN B 99 42.55 22.98 -42.54
C ASN B 99 43.31 23.88 -41.57
N ILE B 100 42.66 24.99 -41.20
CA ILE B 100 43.24 25.88 -40.21
C ILE B 100 43.22 25.23 -38.82
N ILE B 101 42.10 24.62 -38.46
CA ILE B 101 41.97 24.02 -37.13
C ILE B 101 42.78 22.73 -37.07
N ARG B 102 43.57 22.57 -36.00
CA ARG B 102 44.44 21.43 -35.84
C ARG B 102 44.03 20.55 -34.67
N GLY B 103 43.91 21.10 -33.48
CA GLY B 103 43.64 20.26 -32.32
C GLY B 103 43.45 21.08 -31.06
N TRP B 104 43.54 20.39 -29.92
CA TRP B 104 43.24 20.98 -28.62
C TRP B 104 44.29 20.56 -27.61
N ILE B 105 44.43 21.36 -26.57
CA ILE B 105 45.37 21.10 -25.48
C ILE B 105 44.59 21.27 -24.17
N PHE B 106 44.13 20.16 -23.61
CA PHE B 106 43.38 20.19 -22.37
C PHE B 106 44.35 20.32 -21.18
N GLY B 107 43.79 20.38 -19.98
CA GLY B 107 44.59 20.43 -18.78
C GLY B 107 43.80 20.97 -17.62
N THR B 108 44.45 21.01 -16.46
CA THR B 108 43.88 21.57 -15.25
C THR B 108 44.68 22.74 -14.70
N THR B 109 45.99 22.59 -14.59
CA THR B 109 46.91 23.64 -14.15
C THR B 109 48.06 23.77 -15.15
N LEU B 110 47.70 23.97 -16.41
CA LEU B 110 48.60 23.76 -17.55
C LEU B 110 49.97 24.37 -17.36
N ASP B 111 50.98 23.50 -17.31
CA ASP B 111 52.39 23.85 -17.11
C ASP B 111 53.20 22.59 -17.35
N SER B 112 54.46 22.61 -16.91
CA SER B 112 55.32 21.44 -16.97
C SER B 112 55.43 20.73 -15.62
N LYS B 113 54.37 20.73 -14.81
CA LYS B 113 54.43 20.20 -13.46
C LYS B 113 53.37 19.17 -13.11
N THR B 114 52.32 18.99 -13.93
CA THR B 114 51.25 18.06 -13.61
C THR B 114 50.83 17.32 -14.88
N GLN B 115 49.80 16.49 -14.74
CA GLN B 115 49.30 15.70 -15.86
C GLN B 115 48.49 16.56 -16.81
N SER B 116 48.40 16.10 -18.05
CA SER B 116 47.76 16.89 -19.11
C SER B 116 47.17 15.93 -20.14
N LEU B 117 46.83 16.47 -21.30
CA LEU B 117 46.22 15.74 -22.41
C LEU B 117 46.41 16.55 -23.68
N LEU B 118 46.68 15.87 -24.79
CA LEU B 118 47.03 16.56 -26.01
C LEU B 118 46.49 15.78 -27.21
N ILE B 119 45.70 16.45 -28.04
CA ILE B 119 45.14 15.86 -29.26
C ILE B 119 45.46 16.80 -30.41
N VAL B 120 46.25 16.33 -31.37
CA VAL B 120 46.58 17.10 -32.56
C VAL B 120 46.52 16.19 -33.77
N ASN B 121 46.42 16.81 -34.94
CA ASN B 121 46.39 16.12 -36.23
C ASN B 121 47.33 16.85 -37.17
N ASN B 122 48.61 16.45 -37.18
CA ASN B 122 49.62 17.03 -38.05
C ASN B 122 49.88 16.18 -39.28
N ALA B 123 49.20 15.04 -39.42
CA ALA B 123 49.38 14.13 -40.54
C ALA B 123 48.07 13.41 -40.78
N THR B 124 48.12 12.28 -41.47
CA THR B 124 46.94 11.45 -41.67
C THR B 124 46.58 10.64 -40.43
N ASN B 125 47.16 10.98 -39.28
CA ASN B 125 46.98 10.23 -38.05
C ASN B 125 46.66 11.18 -36.91
N VAL B 126 46.04 10.65 -35.87
CA VAL B 126 45.77 11.38 -34.65
C VAL B 126 46.73 10.90 -33.56
N VAL B 127 46.75 11.63 -32.45
CA VAL B 127 47.63 11.29 -31.34
C VAL B 127 46.92 11.58 -30.04
N ILE B 128 47.24 10.79 -29.01
CA ILE B 128 46.73 10.98 -27.66
C ILE B 128 47.89 10.74 -26.69
N LYS B 129 47.97 11.54 -25.64
CA LYS B 129 49.00 11.40 -24.62
C LYS B 129 48.48 11.95 -23.31
N VAL B 130 49.08 11.50 -22.21
CA VAL B 130 48.61 11.88 -20.88
C VAL B 130 49.82 12.40 -20.07
N CYS B 131 50.91 12.72 -20.76
CA CYS B 131 52.10 13.22 -20.09
C CYS B 131 52.34 14.70 -20.37
N GLU B 132 52.50 15.09 -21.64
CA GLU B 132 52.72 16.47 -22.04
C GLU B 132 53.74 17.18 -21.15
N PHE B 133 53.25 18.03 -20.25
CA PHE B 133 54.08 18.75 -19.28
C PHE B 133 55.19 19.54 -19.98
N GLN B 134 54.81 20.27 -21.03
CA GLN B 134 55.75 21.06 -21.79
C GLN B 134 55.14 22.38 -22.23
N PHE B 135 54.26 22.95 -21.42
CA PHE B 135 53.44 24.08 -21.83
C PHE B 135 54.29 25.31 -22.15
N CYS B 136 53.67 26.26 -22.85
CA CYS B 136 54.31 27.51 -23.22
C CYS B 136 53.26 28.60 -23.26
N ASN B 137 53.70 29.83 -23.56
CA ASN B 137 52.81 30.97 -23.62
C ASN B 137 52.31 31.27 -25.02
N ASP B 138 52.72 30.49 -26.01
CA ASP B 138 52.30 30.70 -27.40
C ASP B 138 52.44 29.38 -28.15
N PRO B 139 51.47 28.49 -28.02
CA PRO B 139 51.56 27.18 -28.66
C PRO B 139 51.23 27.16 -30.15
N PHE B 140 51.21 28.32 -30.82
CA PHE B 140 50.88 28.38 -32.23
C PHE B 140 51.85 27.52 -33.05
N LEU B 141 51.34 26.46 -33.65
CA LEU B 141 52.17 25.54 -34.43
C LEU B 141 51.58 25.32 -35.82
N SER B 155 56.00 22.99 -41.15
CA SER B 155 55.83 21.89 -40.21
C SER B 155 56.26 22.30 -38.80
N GLU B 156 55.76 23.43 -38.34
CA GLU B 156 56.10 23.92 -37.01
C GLU B 156 55.44 23.05 -35.94
N PHE B 157 56.24 22.62 -34.96
CA PHE B 157 55.73 21.79 -33.87
C PHE B 157 56.31 22.26 -32.54
N ARG B 158 56.34 23.58 -32.32
CA ARG B 158 56.93 24.16 -31.11
C ARG B 158 55.88 24.23 -30.01
N VAL B 159 55.51 23.06 -29.51
CA VAL B 159 54.56 22.97 -28.40
C VAL B 159 55.18 22.14 -27.28
N TYR B 160 55.64 20.93 -27.61
CA TYR B 160 56.18 20.01 -26.62
C TYR B 160 57.67 20.23 -26.49
N SER B 161 58.07 21.03 -25.50
CA SER B 161 59.48 21.24 -25.22
C SER B 161 60.10 20.07 -24.47
N SER B 162 59.33 19.39 -23.62
CA SER B 162 59.86 18.35 -22.76
C SER B 162 58.88 17.16 -22.77
N ALA B 163 59.15 16.19 -21.89
CA ALA B 163 58.30 15.01 -21.76
C ALA B 163 58.54 14.41 -20.38
N ASN B 164 57.66 13.50 -19.99
CA ASN B 164 57.68 12.88 -18.67
C ASN B 164 56.95 11.55 -18.75
N ASN B 165 56.58 11.00 -17.59
CA ASN B 165 55.89 9.72 -17.51
C ASN B 165 54.64 9.72 -18.38
N CYS B 166 54.63 8.89 -19.43
CA CYS B 166 53.59 8.94 -20.45
C CYS B 166 52.62 7.78 -20.31
N THR B 167 51.61 7.79 -21.17
CA THR B 167 50.44 6.92 -21.06
C THR B 167 49.95 6.67 -22.49
N PHE B 168 48.65 6.33 -22.64
CA PHE B 168 48.07 5.76 -23.86
C PHE B 168 48.58 6.36 -25.17
N GLU B 169 48.68 5.50 -26.18
CA GLU B 169 49.34 5.76 -27.45
C GLU B 169 48.40 5.47 -28.61
N TYR B 170 47.22 6.08 -28.59
CA TYR B 170 46.12 5.77 -29.50
C TYR B 170 46.49 6.33 -30.88
N VAL B 171 47.78 6.59 -31.12
CA VAL B 171 48.23 6.99 -32.44
C VAL B 171 47.71 5.97 -33.44
N SER B 172 46.84 6.41 -34.33
CA SER B 172 46.06 5.50 -35.17
C SER B 172 45.58 6.27 -36.40
N GLN B 173 44.61 5.72 -37.10
CA GLN B 173 43.98 6.37 -38.25
C GLN B 173 43.53 7.80 -37.95
N LYS B 187 31.60 26.15 -47.09
CA LYS B 187 32.44 25.25 -46.31
C LYS B 187 31.61 24.16 -45.67
N ASN B 188 31.91 23.85 -44.40
CA ASN B 188 31.19 22.81 -43.67
C ASN B 188 31.41 22.99 -42.18
N LEU B 189 30.38 22.72 -41.40
CA LEU B 189 30.51 22.76 -39.95
C LEU B 189 31.14 21.49 -39.43
N ARG B 190 31.80 21.60 -38.28
CA ARG B 190 32.36 20.45 -37.58
C ARG B 190 32.16 20.69 -36.09
N GLU B 191 31.05 20.18 -35.55
CA GLU B 191 30.69 20.41 -34.16
C GLU B 191 31.12 19.25 -33.28
N PHE B 192 31.51 19.56 -32.05
CA PHE B 192 32.05 18.59 -31.12
C PHE B 192 31.47 18.84 -29.73
N VAL B 193 31.40 17.78 -28.93
CA VAL B 193 30.95 17.87 -27.54
C VAL B 193 31.94 17.11 -26.68
N PHE B 194 32.43 17.75 -25.62
CA PHE B 194 33.38 17.16 -24.70
C PHE B 194 32.82 17.17 -23.29
N LYS B 195 32.89 16.03 -22.62
CA LYS B 195 32.50 15.93 -21.22
C LYS B 195 33.36 14.87 -20.55
N ASN B 196 33.64 15.09 -19.27
CA ASN B 196 34.53 14.23 -18.49
C ASN B 196 33.84 13.88 -17.18
N ILE B 197 33.22 12.71 -17.12
CA ILE B 197 32.50 12.26 -15.93
C ILE B 197 32.84 10.81 -15.65
N ASP B 198 32.65 10.41 -14.38
CA ASP B 198 32.82 9.03 -13.94
C ASP B 198 34.21 8.49 -14.22
N GLY B 199 35.20 9.38 -14.30
CA GLY B 199 36.56 8.96 -14.57
C GLY B 199 36.84 8.59 -16.01
N TYR B 200 35.90 8.81 -16.91
CA TYR B 200 36.07 8.52 -18.33
C TYR B 200 35.93 9.80 -19.13
N PHE B 201 36.56 9.81 -20.31
CA PHE B 201 36.52 10.94 -21.23
C PHE B 201 35.79 10.51 -22.48
N LYS B 202 34.74 11.26 -22.84
CA LYS B 202 33.92 10.94 -24.00
C LYS B 202 33.83 12.15 -24.92
N ILE B 203 33.82 11.91 -26.23
CA ILE B 203 33.67 12.96 -27.22
C ILE B 203 32.60 12.56 -28.22
N TYR B 204 32.01 13.57 -28.86
CA TYR B 204 30.97 13.38 -29.86
C TYR B 204 31.25 14.31 -31.02
N SER B 205 30.76 13.94 -32.21
CA SER B 205 31.06 14.73 -33.39
C SER B 205 30.05 14.42 -34.49
N LYS B 206 30.03 15.30 -35.49
CA LYS B 206 29.23 15.15 -36.70
C LYS B 206 29.73 16.19 -37.70
N HIS B 207 29.58 15.88 -38.99
CA HIS B 207 29.95 16.80 -40.05
C HIS B 207 28.82 16.87 -41.07
N THR B 208 28.48 18.09 -41.49
CA THR B 208 27.37 18.31 -42.40
C THR B 208 27.75 19.36 -43.43
N PRO B 209 27.25 19.24 -44.66
CA PRO B 209 27.42 20.33 -45.63
C PRO B 209 26.71 21.58 -45.17
N ILE B 210 27.30 22.73 -45.49
CA ILE B 210 26.78 24.01 -45.01
C ILE B 210 27.21 25.11 -45.95
N ASN B 211 26.34 26.11 -46.11
CA ASN B 211 26.67 27.35 -46.80
C ASN B 211 26.04 28.49 -46.03
N LEU B 212 26.86 29.44 -45.61
CA LEU B 212 26.42 30.57 -44.80
C LEU B 212 27.52 31.62 -44.85
N VAL B 213 27.21 32.80 -44.30
CA VAL B 213 28.16 33.90 -44.37
C VAL B 213 28.49 34.47 -42.99
N ARG B 214 27.58 34.36 -42.02
CA ARG B 214 27.78 35.05 -40.75
C ARG B 214 27.90 34.12 -39.56
N ASP B 215 26.87 33.36 -39.19
CA ASP B 215 26.91 32.65 -37.91
C ASP B 215 26.68 31.15 -38.03
N LEU B 216 25.54 30.71 -38.53
CA LEU B 216 25.07 29.35 -38.33
C LEU B 216 23.81 29.15 -39.17
N PRO B 217 23.49 27.90 -39.54
CA PRO B 217 22.24 27.64 -40.25
C PRO B 217 21.09 27.32 -39.32
N GLN B 218 19.93 26.99 -39.90
CA GLN B 218 18.79 26.50 -39.14
C GLN B 218 18.73 24.98 -39.23
N GLY B 219 17.69 24.39 -38.65
CA GLY B 219 17.56 22.95 -38.61
C GLY B 219 18.51 22.35 -37.59
N PHE B 220 18.52 21.03 -37.52
CA PHE B 220 19.40 20.35 -36.59
C PHE B 220 19.54 18.88 -36.96
N SER B 221 20.57 18.27 -36.40
CA SER B 221 20.79 16.82 -36.48
C SER B 221 21.70 16.44 -35.32
N ALA B 222 21.44 15.27 -34.73
CA ALA B 222 22.13 14.89 -33.51
C ALA B 222 23.57 14.46 -33.81
N LEU B 223 24.36 14.36 -32.74
CA LEU B 223 25.75 13.93 -32.81
C LEU B 223 25.90 12.53 -32.27
N GLU B 224 26.84 11.77 -32.85
CA GLU B 224 27.07 10.38 -32.49
C GLU B 224 28.40 10.22 -31.77
N PRO B 225 28.50 9.27 -30.84
CA PRO B 225 29.76 9.06 -30.12
C PRO B 225 30.86 8.58 -31.04
N LEU B 226 32.10 8.96 -30.70
CA LEU B 226 33.27 8.57 -31.48
C LEU B 226 34.22 7.68 -30.70
N VAL B 227 34.71 8.11 -29.55
CA VAL B 227 35.73 7.37 -28.81
C VAL B 227 35.44 7.47 -27.31
N ASP B 228 36.31 6.85 -26.53
CA ASP B 228 36.25 6.88 -25.07
C ASP B 228 37.68 6.80 -24.56
N LEU B 229 37.92 7.34 -23.37
CA LEU B 229 39.25 7.37 -22.81
C LEU B 229 39.21 7.28 -21.29
N PRO B 230 39.76 6.22 -20.70
CA PRO B 230 39.83 6.11 -19.22
C PRO B 230 41.02 6.87 -18.65
N ILE B 231 40.99 8.19 -18.79
CA ILE B 231 42.12 9.02 -18.37
C ILE B 231 42.20 9.10 -16.85
N GLY B 232 41.16 9.64 -16.22
CA GLY B 232 41.17 9.87 -14.80
C GLY B 232 41.80 11.18 -14.35
N ILE B 233 42.26 12.00 -15.28
CA ILE B 233 42.93 13.25 -14.96
C ILE B 233 41.90 14.37 -14.89
N ASN B 234 41.91 15.12 -13.79
CA ASN B 234 41.02 16.26 -13.66
C ASN B 234 41.36 17.33 -14.68
N ILE B 235 40.33 17.98 -15.23
CA ILE B 235 40.51 19.00 -16.25
C ILE B 235 39.79 20.27 -15.79
N THR B 236 40.53 21.37 -15.71
CA THR B 236 39.95 22.68 -15.41
C THR B 236 40.58 23.74 -16.30
N ARG B 237 40.80 23.42 -17.56
CA ARG B 237 41.38 24.35 -18.53
C ARG B 237 41.09 23.84 -19.92
N PHE B 238 41.32 24.70 -20.90
CA PHE B 238 40.97 24.39 -22.29
C PHE B 238 41.62 25.40 -23.23
N GLN B 239 42.22 24.92 -24.31
CA GLN B 239 42.88 25.79 -25.28
C GLN B 239 42.58 25.29 -26.67
N THR B 240 43.19 25.94 -27.67
CA THR B 240 42.97 25.56 -29.06
C THR B 240 44.22 25.86 -29.87
N LEU B 241 44.33 25.20 -31.02
CA LEU B 241 45.46 25.35 -31.93
C LEU B 241 44.94 25.54 -33.33
N LEU B 242 45.50 26.50 -34.05
CA LEU B 242 45.11 26.81 -35.42
C LEU B 242 46.33 26.69 -36.34
N ALA B 243 46.12 27.00 -37.61
CA ALA B 243 47.18 26.96 -38.60
C ALA B 243 47.02 28.05 -39.64
N ALA B 263 39.27 31.90 -38.53
CA ALA B 263 37.97 31.78 -39.18
C ALA B 263 36.85 31.74 -38.16
N ALA B 264 36.18 30.59 -38.07
CA ALA B 264 35.05 30.39 -37.17
C ALA B 264 35.47 29.50 -36.02
N TYR B 265 35.21 29.96 -34.79
CA TYR B 265 35.56 29.18 -33.60
C TYR B 265 34.64 29.66 -32.47
N TYR B 266 33.63 28.86 -32.17
CA TYR B 266 32.63 29.19 -31.15
C TYR B 266 32.84 28.35 -29.89
N VAL B 267 32.26 28.81 -28.79
CA VAL B 267 32.36 28.16 -27.50
C VAL B 267 31.04 28.30 -26.76
N GLY B 268 30.58 27.21 -26.15
CA GLY B 268 29.39 27.23 -25.33
C GLY B 268 29.52 26.23 -24.20
N TYR B 269 28.71 26.41 -23.17
CA TYR B 269 28.81 25.61 -21.97
C TYR B 269 27.58 24.72 -21.79
N LEU B 270 27.67 23.81 -20.83
CA LEU B 270 26.66 22.80 -20.60
C LEU B 270 25.98 23.02 -19.25
N GLN B 271 24.78 22.45 -19.10
CA GLN B 271 23.98 22.65 -17.92
C GLN B 271 22.97 21.53 -17.78
N PRO B 272 22.68 21.05 -16.58
CA PRO B 272 21.66 19.99 -16.42
C PRO B 272 20.27 20.51 -16.71
N ARG B 273 19.61 19.91 -17.70
CA ARG B 273 18.25 20.27 -18.08
C ARG B 273 17.45 18.99 -18.29
N THR B 274 16.22 19.15 -18.77
CA THR B 274 15.35 18.02 -19.11
C THR B 274 14.75 18.27 -20.48
N PHE B 275 14.79 17.27 -21.33
CA PHE B 275 14.39 17.39 -22.73
C PHE B 275 13.29 16.38 -23.05
N LEU B 276 12.92 16.33 -24.33
CA LEU B 276 11.91 15.39 -24.81
C LEU B 276 12.18 15.15 -26.29
N LEU B 277 12.68 13.96 -26.61
CA LEU B 277 13.15 13.66 -27.96
C LEU B 277 12.18 12.71 -28.65
N LYS B 278 12.10 12.85 -29.98
CA LYS B 278 11.23 12.03 -30.82
C LYS B 278 12.07 11.23 -31.80
N TYR B 279 11.83 9.92 -31.85
CA TYR B 279 12.50 9.03 -32.78
C TYR B 279 11.55 8.62 -33.89
N ASN B 280 12.12 8.35 -35.06
CA ASN B 280 11.35 7.81 -36.18
C ASN B 280 11.60 6.30 -36.27
N GLU B 281 11.09 5.67 -37.33
CA GLU B 281 11.14 4.22 -37.43
C GLU B 281 12.56 3.70 -37.53
N ASN B 282 13.42 4.38 -38.30
CA ASN B 282 14.77 3.88 -38.51
C ASN B 282 15.63 4.03 -37.26
N GLY B 283 15.33 5.01 -36.41
CA GLY B 283 16.01 5.14 -35.14
C GLY B 283 16.89 6.37 -34.99
N THR B 284 16.50 7.46 -35.64
CA THR B 284 17.26 8.70 -35.58
C THR B 284 16.42 9.81 -34.94
N ILE B 285 17.05 10.62 -34.11
CA ILE B 285 16.38 11.78 -33.52
C ILE B 285 16.01 12.76 -34.63
N THR B 286 14.74 13.15 -34.69
CA THR B 286 14.26 14.05 -35.72
C THR B 286 13.63 15.33 -35.19
N ASP B 287 13.28 15.39 -33.91
CA ASP B 287 12.74 16.59 -33.31
C ASP B 287 13.01 16.57 -31.82
N ALA B 288 12.91 17.75 -31.19
CA ALA B 288 13.15 17.87 -29.76
C ALA B 288 12.48 19.13 -29.24
N VAL B 289 12.07 19.09 -27.98
CA VAL B 289 11.50 20.23 -27.29
C VAL B 289 12.11 20.32 -25.91
N ASP B 290 12.20 21.54 -25.40
CA ASP B 290 12.77 21.81 -24.10
C ASP B 290 11.68 21.87 -23.05
N CYS B 291 12.09 21.90 -21.78
CA CYS B 291 11.15 21.89 -20.67
C CYS B 291 11.16 23.17 -19.84
N ALA B 292 12.13 24.06 -20.05
CA ALA B 292 12.24 25.27 -19.24
C ALA B 292 12.49 26.48 -20.13
N LEU B 293 11.86 26.50 -21.30
CA LEU B 293 11.98 27.64 -22.22
C LEU B 293 10.77 28.54 -22.17
N ASP B 294 9.58 28.00 -22.40
CA ASP B 294 8.34 28.74 -22.42
C ASP B 294 7.25 27.89 -21.79
N PRO B 295 6.16 28.51 -21.32
CA PRO B 295 5.08 27.71 -20.71
C PRO B 295 4.49 26.66 -21.64
N LEU B 296 4.39 26.95 -22.93
CA LEU B 296 3.87 25.96 -23.88
C LEU B 296 4.73 24.71 -23.89
N SER B 297 6.05 24.88 -23.82
CA SER B 297 6.94 23.73 -23.75
C SER B 297 6.72 22.94 -22.47
N GLU B 298 6.47 23.63 -21.36
CA GLU B 298 6.18 22.94 -20.10
C GLU B 298 4.91 22.10 -20.24
N THR B 299 3.88 22.67 -20.87
CA THR B 299 2.65 21.92 -21.08
C THR B 299 2.88 20.69 -21.97
N LYS B 300 3.65 20.87 -23.05
CA LYS B 300 3.96 19.74 -23.91
C LYS B 300 4.70 18.65 -23.14
N CYS B 301 5.66 19.04 -22.32
CA CYS B 301 6.43 18.05 -21.56
C CYS B 301 5.58 17.34 -20.54
N THR B 302 4.67 18.06 -19.88
CA THR B 302 3.82 17.42 -18.88
C THR B 302 2.73 16.55 -19.50
N LEU B 303 2.35 16.81 -20.76
CA LEU B 303 1.35 15.99 -21.43
C LEU B 303 1.96 14.89 -22.29
N LYS B 304 3.28 14.89 -22.47
CA LYS B 304 3.97 13.88 -23.29
C LYS B 304 3.41 13.82 -24.70
N SER B 305 3.40 14.97 -25.37
CA SER B 305 2.96 15.06 -26.75
C SER B 305 3.48 16.35 -27.34
N PHE B 306 3.45 16.44 -28.67
CA PHE B 306 3.86 17.64 -29.37
C PHE B 306 2.70 18.53 -29.76
N THR B 307 1.47 18.01 -29.73
CA THR B 307 0.28 18.80 -30.01
C THR B 307 -0.64 18.74 -28.79
N VAL B 308 -1.15 19.90 -28.39
CA VAL B 308 -2.04 20.00 -27.23
C VAL B 308 -3.35 20.61 -27.68
N GLU B 309 -4.46 19.98 -27.30
CA GLU B 309 -5.79 20.49 -27.60
C GLU B 309 -6.19 21.55 -26.59
N LYS B 310 -7.26 22.27 -26.90
CA LYS B 310 -7.67 23.41 -26.08
C LYS B 310 -8.16 22.96 -24.71
N GLY B 311 -7.85 23.76 -23.70
CA GLY B 311 -8.28 23.44 -22.34
C GLY B 311 -7.43 24.19 -21.33
N ILE B 312 -7.48 23.70 -20.10
CA ILE B 312 -6.67 24.21 -19.00
C ILE B 312 -5.93 23.05 -18.37
N TYR B 313 -4.69 23.30 -17.95
CA TYR B 313 -3.82 22.24 -17.47
C TYR B 313 -3.04 22.71 -16.25
N GLN B 314 -2.67 21.75 -15.41
CA GLN B 314 -1.84 22.01 -14.25
C GLN B 314 -0.42 21.59 -14.58
N THR B 315 0.53 22.51 -14.44
CA THR B 315 1.89 22.33 -14.93
C THR B 315 2.91 22.20 -13.80
N SER B 316 2.98 23.19 -12.90
CA SER B 316 4.04 23.21 -11.91
C SER B 316 3.50 23.87 -10.64
N ASN B 317 4.40 24.27 -9.75
CA ASN B 317 4.04 24.97 -8.54
C ASN B 317 4.93 26.20 -8.40
N PHE B 318 4.51 27.11 -7.54
CA PHE B 318 5.16 28.41 -7.39
C PHE B 318 5.37 28.72 -5.92
N ARG B 319 6.58 29.15 -5.57
CA ARG B 319 6.90 29.47 -4.19
C ARG B 319 8.02 30.51 -4.18
N VAL B 320 8.13 31.24 -3.09
CA VAL B 320 9.08 32.33 -2.95
C VAL B 320 10.26 31.88 -2.11
N GLN B 321 11.47 32.28 -2.52
CA GLN B 321 12.72 31.95 -1.85
C GLN B 321 13.10 33.03 -0.85
N PRO B 322 13.82 32.68 0.21
CA PRO B 322 14.28 33.70 1.16
C PRO B 322 15.40 34.54 0.58
N THR B 323 15.66 35.66 1.26
CA THR B 323 16.65 36.64 0.80
C THR B 323 17.84 36.81 1.72
N GLU B 324 17.60 37.04 3.01
CA GLU B 324 18.66 37.31 3.98
C GLU B 324 18.66 36.20 5.03
N SER B 325 19.51 36.37 6.05
CA SER B 325 19.62 35.39 7.13
C SER B 325 19.75 36.11 8.46
N ILE B 326 19.20 35.49 9.52
CA ILE B 326 19.24 36.03 10.87
C ILE B 326 19.69 34.92 11.81
N VAL B 327 20.67 35.23 12.66
CA VAL B 327 21.34 34.22 13.48
C VAL B 327 21.34 34.63 14.96
N ARG B 328 20.30 35.33 15.40
CA ARG B 328 20.25 35.86 16.76
C ARG B 328 20.57 34.79 17.80
N PHE B 329 21.29 35.19 18.84
CA PHE B 329 21.92 34.29 19.78
C PHE B 329 22.01 34.99 21.12
N PRO B 330 22.25 34.25 22.22
CA PRO B 330 22.37 34.90 23.54
C PRO B 330 23.48 35.93 23.59
N ASN B 331 23.50 36.66 24.71
CA ASN B 331 24.35 37.83 24.91
C ASN B 331 25.65 37.52 25.65
N ILE B 332 25.60 36.64 26.66
CA ILE B 332 26.71 36.52 27.60
C ILE B 332 27.95 35.95 26.92
N THR B 333 29.10 36.20 27.53
CA THR B 333 30.37 35.67 27.06
C THR B 333 31.24 35.30 28.26
N ASN B 334 31.64 34.03 28.31
CA ASN B 334 32.52 33.51 29.35
C ASN B 334 33.01 32.13 28.93
N LEU B 335 34.31 31.88 28.98
CA LEU B 335 34.82 30.59 28.54
C LEU B 335 34.46 29.50 29.54
N CYS B 336 34.07 28.34 29.03
CA CYS B 336 33.69 27.23 29.89
C CYS B 336 34.90 26.66 30.61
N PRO B 337 34.79 26.35 31.89
CA PRO B 337 35.90 25.74 32.62
C PRO B 337 35.96 24.24 32.35
N PHE B 338 36.98 23.84 31.58
CA PHE B 338 37.24 22.43 31.31
C PHE B 338 38.54 21.93 31.93
N GLY B 339 39.37 22.84 32.46
CA GLY B 339 40.65 22.41 33.00
C GLY B 339 40.50 21.42 34.13
N GLU B 340 39.63 21.74 35.10
CA GLU B 340 39.37 20.81 36.19
C GLU B 340 38.57 19.59 35.75
N VAL B 341 38.05 19.60 34.52
CA VAL B 341 37.35 18.44 33.98
C VAL B 341 38.30 17.53 33.21
N PHE B 342 39.04 18.09 32.27
CA PHE B 342 39.92 17.31 31.40
C PHE B 342 41.36 17.27 31.87
N ASN B 343 41.92 18.41 32.27
CA ASN B 343 43.30 18.49 32.75
C ASN B 343 43.37 18.42 34.27
N ALA B 344 42.44 17.71 34.90
CA ALA B 344 42.43 17.61 36.36
C ALA B 344 43.66 16.88 36.86
N THR B 345 44.06 17.22 38.09
CA THR B 345 45.28 16.65 38.65
C THR B 345 45.06 15.23 39.14
N ARG B 346 44.15 15.05 40.10
CA ARG B 346 43.88 13.75 40.70
C ARG B 346 42.41 13.39 40.48
N PHE B 347 42.17 12.20 39.94
CA PHE B 347 40.83 11.72 39.67
C PHE B 347 40.23 11.07 40.91
N ALA B 348 39.08 10.42 40.73
CA ALA B 348 38.40 9.71 41.79
C ALA B 348 38.18 8.25 41.41
N SER B 349 37.69 7.48 42.37
CA SER B 349 37.42 6.07 42.14
C SER B 349 36.14 5.90 41.32
N VAL B 350 36.08 4.80 40.58
CA VAL B 350 34.94 4.55 39.70
C VAL B 350 33.67 4.40 40.50
N TYR B 351 33.71 3.65 41.61
CA TYR B 351 32.53 3.47 42.44
C TYR B 351 32.13 4.74 43.16
N ALA B 352 33.00 5.74 43.20
CA ALA B 352 32.66 7.03 43.81
C ALA B 352 32.81 8.14 42.77
N TRP B 353 32.27 7.91 41.58
CA TRP B 353 32.42 8.86 40.48
C TRP B 353 31.79 10.21 40.84
N ASN B 354 32.55 11.28 40.58
CA ASN B 354 32.08 12.63 40.88
C ASN B 354 31.13 13.12 39.80
N ARG B 355 30.44 14.21 40.10
CA ARG B 355 29.46 14.79 39.19
C ARG B 355 29.65 16.30 39.20
N LYS B 356 29.79 16.90 38.02
CA LYS B 356 30.07 18.32 37.89
C LYS B 356 29.04 18.98 36.98
N ARG B 357 28.76 20.24 37.26
CA ARG B 357 27.72 20.99 36.55
C ARG B 357 28.32 22.26 35.95
N ILE B 358 28.08 22.48 34.66
CA ILE B 358 28.57 23.65 33.94
C ILE B 358 27.37 24.41 33.40
N SER B 359 27.34 25.71 33.65
CA SER B 359 26.22 26.54 33.20
C SER B 359 26.72 27.96 32.95
N ASN B 360 25.80 28.81 32.47
CA ASN B 360 26.05 30.21 32.14
C ASN B 360 27.43 30.41 31.50
N CYS B 361 27.63 29.74 30.38
CA CYS B 361 28.91 29.82 29.69
C CYS B 361 28.71 29.65 28.19
N VAL B 362 29.73 30.08 27.44
CA VAL B 362 29.79 29.88 26.00
C VAL B 362 31.02 29.01 25.71
N ALA B 363 30.80 27.85 25.10
CA ALA B 363 31.85 26.86 24.91
C ALA B 363 32.46 26.96 23.51
N ASP B 364 33.53 26.21 23.31
CA ASP B 364 34.24 26.16 22.04
C ASP B 364 34.59 24.71 21.70
N TYR B 365 33.59 23.83 21.78
CA TYR B 365 33.74 22.39 21.69
C TYR B 365 34.74 21.90 20.63
N SER B 366 34.84 22.63 19.51
CA SER B 366 35.68 22.18 18.42
C SER B 366 37.14 22.05 18.83
N VAL B 367 37.58 22.80 19.85
CA VAL B 367 38.97 22.68 20.30
C VAL B 367 39.18 21.32 20.96
N LEU B 368 38.19 20.82 21.68
CA LEU B 368 38.32 19.49 22.28
C LEU B 368 38.35 18.40 21.22
N TYR B 369 37.63 18.60 20.11
CA TYR B 369 37.59 17.60 19.05
C TYR B 369 38.91 17.46 18.31
N ASN B 370 39.86 18.37 18.52
CA ASN B 370 41.17 18.25 17.91
C ASN B 370 42.26 17.98 18.95
N SER B 371 42.43 18.90 19.91
CA SER B 371 43.33 18.78 21.06
C SER B 371 44.50 17.83 20.84
N ALA B 372 44.60 16.81 21.69
CA ALA B 372 45.50 15.69 21.50
C ALA B 372 44.67 14.42 21.64
N SER B 373 44.51 13.68 20.54
CA SER B 373 43.61 12.54 20.49
C SER B 373 43.84 11.60 21.66
N PHE B 374 42.84 11.48 22.54
CA PHE B 374 43.05 10.76 23.79
C PHE B 374 42.88 9.26 23.61
N SER B 375 41.66 8.80 23.34
CA SER B 375 41.47 7.42 22.90
C SER B 375 40.52 7.31 21.72
N THR B 376 39.45 8.10 21.74
CA THR B 376 38.36 8.02 20.77
C THR B 376 37.37 9.12 21.08
N PHE B 377 36.41 9.31 20.17
CA PHE B 377 35.39 10.34 20.32
C PHE B 377 34.02 9.78 19.91
N LYS B 378 33.70 8.58 20.39
CA LYS B 378 32.41 7.97 20.10
C LYS B 378 31.28 8.81 20.67
N CYS B 379 30.39 9.30 19.80
CA CYS B 379 29.27 10.14 20.19
C CYS B 379 27.97 9.48 19.76
N TYR B 380 27.04 9.35 20.70
CA TYR B 380 25.76 8.69 20.47
C TYR B 380 24.65 9.74 20.50
N GLY B 381 23.88 9.82 19.42
CA GLY B 381 22.74 10.71 19.32
C GLY B 381 23.00 11.98 18.56
N VAL B 382 24.23 12.51 18.61
CA VAL B 382 24.58 13.76 17.96
C VAL B 382 25.86 13.53 17.16
N SER B 383 26.06 14.36 16.14
CA SER B 383 27.24 14.26 15.28
C SER B 383 28.36 15.13 15.82
N PRO B 384 29.54 14.58 16.11
CA PRO B 384 30.63 15.42 16.63
C PRO B 384 31.03 16.56 15.70
N THR B 385 31.04 16.33 14.39
CA THR B 385 31.54 17.33 13.46
C THR B 385 30.67 18.58 13.48
N LYS B 386 29.36 18.42 13.48
CA LYS B 386 28.43 19.55 13.57
C LYS B 386 27.93 19.64 15.00
N LEU B 387 28.76 20.23 15.86
CA LEU B 387 28.43 20.39 17.26
C LEU B 387 28.47 21.84 17.68
N ASN B 388 29.24 22.65 16.97
CA ASN B 388 29.45 24.05 17.37
C ASN B 388 28.41 24.97 16.73
N ASP B 389 27.15 24.56 16.82
CA ASP B 389 26.03 25.40 16.41
C ASP B 389 24.81 25.21 17.29
N LEU B 390 24.89 24.39 18.33
CA LEU B 390 23.72 24.00 19.12
C LEU B 390 23.81 24.61 20.51
N CYS B 391 22.65 24.96 21.05
CA CYS B 391 22.52 25.47 22.42
C CYS B 391 21.83 24.44 23.29
N PHE B 392 22.41 24.15 24.44
CA PHE B 392 21.87 23.17 25.38
C PHE B 392 21.44 23.86 26.67
N THR B 393 20.63 23.16 27.45
CA THR B 393 20.05 23.74 28.66
C THR B 393 20.77 23.32 29.93
N ASN B 394 21.40 22.15 29.96
CA ASN B 394 22.19 21.74 31.11
C ASN B 394 23.23 20.72 30.66
N VAL B 395 24.47 20.91 31.12
CA VAL B 395 25.59 20.06 30.74
C VAL B 395 26.18 19.44 32.00
N TYR B 396 26.20 18.10 32.04
CA TYR B 396 26.65 17.37 33.21
C TYR B 396 27.76 16.42 32.80
N ALA B 397 28.86 16.44 33.55
CA ALA B 397 30.05 15.67 33.23
C ALA B 397 30.47 14.85 34.43
N ASP B 398 30.75 13.57 34.22
CA ASP B 398 31.20 12.66 35.26
C ASP B 398 32.57 12.09 34.89
N SER B 399 33.42 11.91 35.89
CA SER B 399 34.77 11.40 35.70
C SER B 399 35.01 10.21 36.62
N PHE B 400 35.68 9.19 36.08
CA PHE B 400 36.03 8.00 36.85
C PHE B 400 37.22 7.31 36.20
N VAL B 401 37.77 6.33 36.92
CA VAL B 401 38.96 5.60 36.48
C VAL B 401 38.63 4.12 36.38
N ILE B 402 38.91 3.54 35.22
CA ILE B 402 38.74 2.12 34.96
C ILE B 402 39.92 1.63 34.13
N ARG B 403 39.91 0.35 33.79
CA ARG B 403 40.96 -0.25 32.98
C ARG B 403 40.54 -0.32 31.51
N GLY B 404 41.48 -0.75 30.68
CA GLY B 404 41.24 -0.76 29.24
C GLY B 404 40.19 -1.76 28.81
N ASP B 405 40.17 -2.93 29.43
CA ASP B 405 39.23 -3.97 29.02
C ASP B 405 37.78 -3.59 29.31
N GLU B 406 37.56 -2.74 30.31
CA GLU B 406 36.22 -2.32 30.69
C GLU B 406 35.75 -1.07 29.94
N VAL B 407 36.55 -0.57 29.01
CA VAL B 407 36.16 0.62 28.26
C VAL B 407 34.92 0.35 27.43
N ARG B 408 34.83 -0.84 26.83
CA ARG B 408 33.69 -1.17 25.99
C ARG B 408 32.39 -1.23 26.77
N GLN B 409 32.45 -1.30 28.10
CA GLN B 409 31.24 -1.33 28.91
C GLN B 409 30.63 0.05 29.12
N ILE B 410 31.32 1.12 28.75
CA ILE B 410 30.79 2.48 28.92
C ILE B 410 30.02 2.79 27.64
N ALA B 411 28.77 2.33 27.61
CA ALA B 411 27.86 2.55 26.48
C ALA B 411 26.46 2.08 26.87
N PRO B 412 25.41 2.68 26.30
CA PRO B 412 24.05 2.19 26.56
C PRO B 412 23.89 0.74 26.11
N GLY B 413 23.12 -0.01 26.86
CA GLY B 413 22.90 -1.42 26.55
C GLY B 413 24.15 -2.27 26.67
N GLN B 414 24.97 -2.04 27.69
CA GLN B 414 26.18 -2.80 27.92
C GLN B 414 26.11 -3.50 29.27
N THR B 415 26.75 -4.66 29.37
CA THR B 415 26.77 -5.46 30.58
C THR B 415 28.20 -5.67 31.06
N GLY B 416 28.36 -5.72 32.36
CA GLY B 416 29.66 -5.89 32.97
C GLY B 416 29.69 -5.29 34.36
N LYS B 417 30.74 -5.63 35.10
CA LYS B 417 30.86 -5.17 36.48
C LYS B 417 30.79 -3.65 36.56
N ILE B 418 31.52 -2.97 35.68
CA ILE B 418 31.41 -1.51 35.60
C ILE B 418 30.01 -1.10 35.15
N ALA B 419 29.45 -1.82 34.17
CA ALA B 419 28.13 -1.49 33.68
C ALA B 419 27.03 -1.86 34.67
N ASP B 420 27.28 -2.84 35.54
CA ASP B 420 26.24 -3.33 36.44
C ASP B 420 26.27 -2.62 37.79
N TYR B 421 27.45 -2.38 38.37
CA TYR B 421 27.54 -1.87 39.72
C TYR B 421 28.39 -0.62 39.85
N ASN B 422 28.87 -0.06 38.75
CA ASN B 422 29.68 1.15 38.81
C ASN B 422 29.06 2.31 38.06
N TYR B 423 28.59 2.10 36.83
CA TYR B 423 27.99 3.17 36.03
C TYR B 423 27.00 2.57 35.06
N LYS B 424 25.81 3.16 34.99
CA LYS B 424 24.75 2.70 34.09
C LYS B 424 24.31 3.86 33.21
N LEU B 425 24.20 3.60 31.90
CA LEU B 425 23.81 4.61 30.93
C LEU B 425 22.42 4.29 30.38
N PRO B 426 21.54 5.28 30.30
CA PRO B 426 20.22 5.03 29.72
C PRO B 426 20.31 4.76 28.23
N ASP B 427 19.31 4.03 27.72
CA ASP B 427 19.31 3.63 26.32
C ASP B 427 19.15 4.80 25.36
N ASP B 428 18.68 5.96 25.84
CA ASP B 428 18.49 7.14 25.01
C ASP B 428 19.53 8.21 25.34
N PHE B 429 20.77 7.79 25.59
CA PHE B 429 21.82 8.71 26.00
C PHE B 429 22.24 9.58 24.82
N THR B 430 22.05 10.89 24.94
CA THR B 430 22.47 11.85 23.92
C THR B 430 23.72 12.56 24.42
N GLY B 431 24.86 11.96 24.17
CA GLY B 431 26.11 12.52 24.63
C GLY B 431 27.30 11.94 23.91
N CYS B 432 28.47 12.07 24.55
CA CYS B 432 29.72 11.62 23.98
C CYS B 432 30.57 10.96 25.07
N VAL B 433 31.54 10.16 24.63
CA VAL B 433 32.44 9.45 25.53
C VAL B 433 33.87 9.70 25.09
N ILE B 434 34.68 10.24 26.00
CA ILE B 434 36.10 10.47 25.76
C ILE B 434 36.89 9.81 26.89
N ALA B 435 37.91 9.05 26.53
CA ALA B 435 38.78 8.38 27.49
C ALA B 435 40.23 8.51 27.03
N TRP B 436 41.17 8.14 27.90
CA TRP B 436 42.58 8.16 27.55
C TRP B 436 43.35 7.20 28.43
N ASN B 437 44.52 6.81 27.95
CA ASN B 437 45.42 5.92 28.68
C ASN B 437 46.34 6.74 29.57
N SER B 438 46.39 6.38 30.85
CA SER B 438 47.10 7.14 31.88
C SER B 438 48.08 6.24 32.62
N ASN B 439 48.87 5.48 31.87
CA ASN B 439 49.89 4.61 32.45
C ASN B 439 51.02 5.39 33.11
N ASN B 440 51.12 6.69 32.88
CA ASN B 440 52.23 7.48 33.40
C ASN B 440 51.91 8.20 34.70
N LEU B 441 50.64 8.27 35.11
CA LEU B 441 50.28 9.04 36.29
C LEU B 441 49.53 8.21 37.32
N ASP B 442 48.67 7.30 36.84
CA ASP B 442 47.86 6.47 37.73
C ASP B 442 48.49 5.13 38.01
N SER B 443 49.71 4.88 37.54
CA SER B 443 50.39 3.61 37.75
C SER B 443 51.76 3.87 38.36
N LYS B 444 52.06 3.14 39.45
CA LYS B 444 53.36 3.18 40.08
C LYS B 444 53.85 1.75 40.31
N VAL B 445 55.17 1.61 40.41
CA VAL B 445 55.77 0.29 40.58
C VAL B 445 55.26 -0.35 41.87
N GLY B 446 54.85 -1.62 41.76
CA GLY B 446 54.33 -2.36 42.90
C GLY B 446 52.82 -2.42 42.95
N GLY B 447 52.12 -1.62 42.17
CA GLY B 447 50.67 -1.62 42.19
C GLY B 447 50.10 -0.47 43.00
N ASN B 448 49.01 0.12 42.53
CA ASN B 448 48.35 1.23 43.20
C ASN B 448 47.02 0.76 43.75
N TYR B 449 46.88 0.81 45.08
CA TYR B 449 45.68 0.34 45.76
C TYR B 449 44.76 1.48 46.18
N ASN B 450 45.02 2.70 45.72
CA ASN B 450 44.14 3.81 46.05
C ASN B 450 42.78 3.69 45.38
N TYR B 451 42.72 3.02 44.23
CA TYR B 451 41.49 2.92 43.46
C TYR B 451 40.80 1.60 43.75
N LEU B 452 39.49 1.67 44.02
CA LEU B 452 38.69 0.49 44.34
C LEU B 452 37.45 0.49 43.45
N TYR B 453 36.96 -0.72 43.13
CA TYR B 453 35.77 -0.87 42.32
C TYR B 453 34.85 -1.90 42.94
N ARG B 454 33.55 -1.74 42.71
CA ARG B 454 32.54 -2.66 43.22
C ARG B 454 32.33 -3.79 42.22
N LEU B 455 32.13 -5.00 42.74
CA LEU B 455 32.00 -6.18 41.91
C LEU B 455 30.70 -6.96 42.09
N PHE B 456 29.94 -6.72 43.16
CA PHE B 456 28.61 -7.30 43.26
C PHE B 456 27.71 -6.38 44.09
N ARG B 457 26.41 -6.55 43.92
CA ARG B 457 25.40 -5.81 44.65
C ARG B 457 24.14 -6.67 44.75
N LYS B 458 23.14 -6.14 45.46
CA LYS B 458 21.85 -6.84 45.55
C LYS B 458 21.03 -6.69 44.27
N SER B 459 21.14 -5.55 43.59
CA SER B 459 20.36 -5.30 42.39
C SER B 459 21.17 -4.42 41.44
N ASN B 460 20.80 -4.45 40.17
CA ASN B 460 21.47 -3.65 39.17
C ASN B 460 21.20 -2.16 39.39
N LEU B 461 22.22 -1.36 39.11
CA LEU B 461 22.12 0.09 39.30
C LEU B 461 21.23 0.72 38.24
N LYS B 462 20.41 1.67 38.65
CA LYS B 462 19.64 2.47 37.72
C LYS B 462 20.58 3.41 36.96
N PRO B 463 20.16 3.86 35.77
CA PRO B 463 21.00 4.81 35.03
C PRO B 463 21.25 6.08 35.84
N PHE B 464 22.48 6.57 35.76
CA PHE B 464 22.91 7.76 36.49
C PHE B 464 22.65 7.64 37.99
N GLU B 465 22.99 6.50 38.56
CA GLU B 465 22.87 6.27 39.99
C GLU B 465 24.24 5.88 40.57
N ARG B 466 24.55 6.43 41.74
CA ARG B 466 25.84 6.20 42.39
C ARG B 466 25.61 5.49 43.72
N ASP B 467 26.41 4.48 43.99
CA ASP B 467 26.36 3.73 45.24
C ASP B 467 27.60 4.04 46.06
N ILE B 468 27.40 4.41 47.33
CA ILE B 468 28.50 4.75 48.22
C ILE B 468 28.56 3.86 49.45
N SER B 469 27.54 3.06 49.71
CA SER B 469 27.53 2.20 50.89
C SER B 469 28.64 1.16 50.82
N THR B 470 29.24 0.86 51.97
CA THR B 470 30.34 -0.09 52.06
C THR B 470 29.98 -1.27 52.96
N GLU B 471 28.70 -1.59 53.06
CA GLU B 471 28.26 -2.71 53.88
C GLU B 471 28.74 -4.03 53.30
N ILE B 472 28.98 -4.99 54.18
CA ILE B 472 29.42 -6.31 53.76
C ILE B 472 28.27 -7.03 53.06
N TYR B 473 28.52 -7.52 51.86
CA TYR B 473 27.50 -8.20 51.08
C TYR B 473 27.39 -9.66 51.52
N GLN B 474 26.16 -10.14 51.67
CA GLN B 474 25.88 -11.52 52.05
C GLN B 474 25.60 -12.32 50.78
N ALA B 475 26.56 -13.15 50.37
CA ALA B 475 26.45 -13.96 49.17
C ALA B 475 26.04 -15.40 49.44
N GLY B 476 25.63 -15.71 50.68
CA GLY B 476 25.26 -17.06 51.03
C GLY B 476 24.20 -17.08 52.11
N SER B 477 23.82 -18.29 52.51
CA SER B 477 22.79 -18.45 53.53
C SER B 477 23.26 -18.02 54.90
N THR B 478 24.54 -18.20 55.21
CA THR B 478 25.05 -17.87 56.53
C THR B 478 25.07 -16.36 56.72
N PRO B 479 24.38 -15.82 57.72
CA PRO B 479 24.35 -14.37 57.90
C PRO B 479 25.67 -13.84 58.47
N CYS B 480 25.93 -12.57 58.18
CA CYS B 480 27.08 -11.86 58.73
C CYS B 480 26.65 -10.46 59.12
N ASN B 481 27.33 -9.90 60.12
CA ASN B 481 26.99 -8.60 60.69
C ASN B 481 28.26 -7.75 60.76
N GLY B 482 28.53 -7.01 59.68
CA GLY B 482 29.68 -6.11 59.66
C GLY B 482 31.02 -6.78 59.71
N VAL B 483 31.10 -8.08 59.39
CA VAL B 483 32.34 -8.83 59.43
C VAL B 483 32.54 -9.53 58.09
N GLU B 484 33.74 -9.45 57.55
CA GLU B 484 34.08 -10.09 56.29
C GLU B 484 34.67 -11.47 56.55
N GLY B 485 34.36 -12.40 55.65
CA GLY B 485 34.83 -13.76 55.78
C GLY B 485 34.17 -14.73 54.82
N PHE B 486 33.79 -15.91 55.32
CA PHE B 486 33.18 -16.91 54.49
C PHE B 486 31.79 -16.48 54.05
N ASN B 487 31.52 -16.56 52.74
CA ASN B 487 30.23 -16.21 52.15
C ASN B 487 29.84 -14.76 52.39
N CYS B 488 30.80 -13.92 52.79
CA CYS B 488 30.55 -12.50 53.04
C CYS B 488 31.84 -11.76 52.73
N TYR B 489 31.88 -11.10 51.56
CA TYR B 489 33.07 -10.43 51.09
C TYR B 489 32.81 -8.93 50.97
N PHE B 490 33.88 -8.15 51.01
CA PHE B 490 33.77 -6.71 50.88
C PHE B 490 33.23 -6.35 49.50
N PRO B 491 32.29 -5.41 49.40
CA PRO B 491 31.73 -5.07 48.10
C PRO B 491 32.73 -4.45 47.13
N LEU B 492 33.85 -3.93 47.64
CA LEU B 492 34.83 -3.23 46.82
C LEU B 492 36.12 -4.04 46.71
N GLN B 493 36.72 -4.00 45.53
CA GLN B 493 38.01 -4.63 45.28
C GLN B 493 38.94 -3.61 44.63
N SER B 494 40.24 -3.82 44.80
CA SER B 494 41.24 -2.91 44.27
C SER B 494 41.81 -3.43 42.96
N TYR B 495 42.28 -2.49 42.14
CA TYR B 495 42.90 -2.84 40.86
C TYR B 495 44.40 -3.02 41.05
N GLY B 496 44.96 -4.02 40.36
CA GLY B 496 46.38 -4.26 40.40
C GLY B 496 47.12 -3.43 39.37
N PHE B 497 47.12 -2.11 39.55
CA PHE B 497 47.70 -1.18 38.58
C PHE B 497 49.21 -1.19 38.72
N GLN B 498 49.86 -2.13 38.04
CA GLN B 498 51.31 -2.22 38.00
C GLN B 498 51.82 -1.74 36.64
N PRO B 499 52.95 -1.04 36.61
CA PRO B 499 53.46 -0.51 35.33
C PRO B 499 53.86 -1.59 34.34
N THR B 500 54.07 -2.82 34.80
CA THR B 500 54.39 -3.93 33.92
C THR B 500 53.14 -4.58 33.34
N ASN B 501 51.96 -4.19 33.78
CA ASN B 501 50.73 -4.77 33.27
C ASN B 501 50.51 -4.39 31.81
N GLY B 502 49.73 -5.21 31.12
CA GLY B 502 49.45 -4.96 29.72
C GLY B 502 48.52 -3.79 29.50
N VAL B 503 48.38 -3.41 28.23
CA VAL B 503 47.49 -2.31 27.87
C VAL B 503 46.06 -2.63 28.26
N GLY B 504 45.70 -3.92 28.33
CA GLY B 504 44.40 -4.30 28.81
C GLY B 504 44.20 -4.07 30.29
N TYR B 505 45.29 -4.01 31.05
CA TYR B 505 45.24 -3.73 32.48
C TYR B 505 45.77 -2.35 32.84
N GLN B 506 46.22 -1.57 31.86
CA GLN B 506 46.72 -0.23 32.15
C GLN B 506 45.58 0.69 32.58
N PRO B 507 45.86 1.65 33.45
CA PRO B 507 44.80 2.55 33.93
C PRO B 507 44.26 3.44 32.81
N TYR B 508 42.98 3.80 32.93
CA TYR B 508 42.31 4.68 31.99
C TYR B 508 41.41 5.64 32.74
N ARG B 509 41.36 6.88 32.27
CA ARG B 509 40.44 7.90 32.78
C ARG B 509 39.39 8.18 31.72
N VAL B 510 38.12 8.08 32.10
CA VAL B 510 37.00 8.25 31.17
C VAL B 510 36.09 9.35 31.70
N VAL B 511 35.71 10.27 30.82
CA VAL B 511 34.80 11.36 31.14
C VAL B 511 33.63 11.31 30.17
N VAL B 512 32.42 11.42 30.69
CA VAL B 512 31.21 11.33 29.90
C VAL B 512 30.45 12.64 30.00
N LEU B 513 30.04 13.18 28.85
CA LEU B 513 29.24 14.39 28.78
C LEU B 513 27.82 14.02 28.38
N SER B 514 26.85 14.48 29.17
CA SER B 514 25.43 14.18 28.95
C SER B 514 24.73 15.49 28.57
N PHE B 515 24.67 15.74 27.26
CA PHE B 515 24.02 16.94 26.75
C PHE B 515 22.50 16.84 26.94
N ALA B 522 18.04 27.67 27.26
CA ALA B 522 19.41 27.24 27.00
C ALA B 522 20.41 28.17 27.67
N THR B 523 21.44 27.60 28.27
CA THR B 523 22.46 28.36 28.98
C THR B 523 23.86 28.16 28.41
N VAL B 524 24.20 26.93 28.01
CA VAL B 524 25.53 26.64 27.45
C VAL B 524 25.39 26.73 25.94
N CYS B 525 25.60 27.92 25.40
CA CYS B 525 25.50 28.16 23.97
C CYS B 525 26.86 27.92 23.31
N GLY B 526 26.98 28.33 22.05
CA GLY B 526 28.22 28.17 21.32
C GLY B 526 28.75 29.49 20.81
N PRO B 527 29.90 29.45 20.11
CA PRO B 527 30.52 30.68 19.59
C PRO B 527 29.89 31.14 18.27
N LYS B 528 28.78 31.85 18.40
CA LYS B 528 28.03 32.35 17.25
C LYS B 528 28.09 33.88 17.24
N LYS B 529 27.35 34.47 16.31
CA LYS B 529 27.27 35.92 16.19
C LYS B 529 25.81 36.38 16.23
N SER B 530 25.57 37.64 15.94
CA SER B 530 24.22 38.19 15.98
C SER B 530 23.94 38.93 14.67
N THR B 531 22.73 39.47 14.57
CA THR B 531 22.26 40.18 13.37
C THR B 531 20.97 40.88 13.72
N ASN B 532 20.81 42.10 13.21
CA ASN B 532 19.63 42.90 13.52
C ASN B 532 18.39 42.23 12.94
N LEU B 533 17.27 42.37 13.65
CA LEU B 533 16.02 41.73 13.28
C LEU B 533 15.25 42.58 12.28
N VAL B 534 14.58 41.92 11.33
CA VAL B 534 13.85 42.60 10.27
C VAL B 534 12.37 42.29 10.39
N LYS B 535 11.54 43.25 9.97
CA LYS B 535 10.09 43.13 10.03
C LYS B 535 9.52 43.07 8.62
N ASN B 536 8.46 42.30 8.44
CA ASN B 536 7.62 42.31 7.24
C ASN B 536 8.39 41.96 5.97
N LYS B 537 9.51 41.25 6.11
CA LYS B 537 10.28 40.78 4.98
C LYS B 537 10.20 39.25 4.95
N CYS B 538 10.77 38.63 3.92
CA CYS B 538 10.81 37.18 3.82
C CYS B 538 12.25 36.73 4.03
N VAL B 539 12.52 36.18 5.22
CA VAL B 539 13.86 35.77 5.60
C VAL B 539 13.79 34.40 6.26
N ASN B 540 14.93 33.73 6.32
CA ASN B 540 15.07 32.50 7.09
C ASN B 540 15.77 32.82 8.40
N PHE B 541 15.22 32.34 9.50
CA PHE B 541 15.71 32.65 10.84
C PHE B 541 16.49 31.47 11.40
N ASN B 542 17.48 31.78 12.23
CA ASN B 542 18.26 30.77 12.94
C ASN B 542 18.32 31.18 14.41
N PHE B 543 17.30 30.80 15.17
CA PHE B 543 17.29 31.02 16.61
C PHE B 543 18.06 29.89 17.30
N ASN B 544 17.95 29.81 18.62
CA ASN B 544 18.67 28.77 19.36
C ASN B 544 18.06 27.41 19.09
N GLY B 545 18.57 26.70 18.09
CA GLY B 545 18.07 25.37 17.77
C GLY B 545 16.78 25.33 16.99
N LEU B 546 16.27 26.48 16.55
CA LEU B 546 15.03 26.55 15.77
C LEU B 546 15.34 27.19 14.43
N THR B 547 14.87 26.56 13.36
CA THR B 547 15.17 27.04 12.01
C THR B 547 13.92 26.96 11.16
N GLY B 548 13.82 27.89 10.20
CA GLY B 548 12.71 27.89 9.29
C GLY B 548 12.67 29.19 8.50
N THR B 549 11.62 29.34 7.72
CA THR B 549 11.39 30.53 6.92
C THR B 549 10.01 31.09 7.24
N GLY B 550 9.89 32.41 7.13
CA GLY B 550 8.61 33.06 7.36
C GLY B 550 8.77 34.56 7.42
N VAL B 551 7.64 35.23 7.47
CA VAL B 551 7.60 36.68 7.57
C VAL B 551 7.37 37.06 9.03
N LEU B 552 8.29 37.85 9.59
CA LEU B 552 8.26 38.22 11.00
C LEU B 552 7.53 39.54 11.16
N THR B 553 6.54 39.57 12.05
CA THR B 553 5.75 40.76 12.31
C THR B 553 5.46 40.86 13.79
N GLU B 554 5.46 42.08 14.31
CA GLU B 554 4.99 42.31 15.67
C GLU B 554 3.48 42.09 15.71
N SER B 555 3.02 41.31 16.69
CA SER B 555 1.63 40.91 16.77
C SER B 555 1.08 41.14 18.17
N ASN B 556 -0.22 41.45 18.22
CA ASN B 556 -0.89 41.74 19.48
C ASN B 556 -1.31 40.46 20.19
N LYS B 557 -0.36 39.56 20.42
CA LYS B 557 -0.62 38.31 21.13
C LYS B 557 -0.43 38.58 22.62
N LYS B 558 -1.53 38.79 23.32
CA LYS B 558 -1.47 38.98 24.77
C LYS B 558 -0.90 37.72 25.41
N PHE B 559 0.09 37.89 26.28
CA PHE B 559 0.84 36.78 26.83
C PHE B 559 0.84 36.85 28.35
N LEU B 560 0.61 35.70 28.98
CA LEU B 560 0.87 35.59 30.41
C LEU B 560 2.37 35.75 30.63
N PRO B 561 2.80 36.53 31.62
CA PRO B 561 4.21 36.94 31.66
C PRO B 561 5.15 35.84 32.12
N PHE B 562 4.95 34.61 31.63
CA PHE B 562 5.94 33.56 31.83
C PHE B 562 6.12 32.65 30.62
N GLN B 563 5.37 32.85 29.53
CA GLN B 563 5.39 31.93 28.40
C GLN B 563 6.00 32.60 27.17
N GLN B 564 6.57 31.78 26.30
CA GLN B 564 7.21 32.28 25.08
C GLN B 564 6.58 31.76 23.80
N PHE B 565 6.42 30.44 23.65
CA PHE B 565 5.98 29.85 22.39
C PHE B 565 4.46 29.84 22.32
N GLY B 566 3.90 30.64 21.42
CA GLY B 566 2.47 30.65 21.17
C GLY B 566 2.13 29.75 19.99
N ARG B 567 1.03 29.01 20.13
CA ARG B 567 0.61 28.07 19.10
C ARG B 567 -0.90 28.21 18.87
N ASP B 568 -1.29 27.99 17.62
CA ASP B 568 -2.68 27.98 17.21
C ASP B 568 -3.18 26.53 17.20
N ILE B 569 -4.36 26.33 16.62
CA ILE B 569 -4.93 24.98 16.53
C ILE B 569 -4.01 24.11 15.67
N ALA B 570 -4.00 22.81 15.98
CA ALA B 570 -3.20 21.79 15.28
C ALA B 570 -1.70 22.00 15.46
N ASP B 571 -1.29 22.67 16.52
CA ASP B 571 0.12 22.76 16.93
C ASP B 571 0.99 23.39 15.83
N THR B 572 0.71 24.65 15.54
CA THR B 572 1.53 25.46 14.64
C THR B 572 2.24 26.53 15.45
N THR B 573 3.56 26.60 15.31
CA THR B 573 4.39 27.51 16.11
C THR B 573 4.38 28.88 15.45
N ASP B 574 3.70 29.84 16.08
CA ASP B 574 3.59 31.19 15.54
C ASP B 574 3.84 32.24 16.60
N ALA B 575 4.90 32.05 17.40
CA ALA B 575 5.34 33.07 18.35
C ALA B 575 6.71 32.68 18.88
N VAL B 576 7.64 33.63 18.91
CA VAL B 576 8.97 33.42 19.46
C VAL B 576 9.31 34.58 20.38
N ARG B 577 10.22 34.32 21.32
CA ARG B 577 10.78 35.35 22.20
C ARG B 577 12.26 35.48 21.89
N ASP B 578 12.71 36.70 21.65
CA ASP B 578 14.07 36.92 21.17
C ASP B 578 15.09 36.57 22.25
N PRO B 579 16.30 36.14 21.85
CA PRO B 579 17.33 35.82 22.84
C PRO B 579 18.09 37.03 23.35
N GLN B 580 17.91 38.20 22.75
CA GLN B 580 18.60 39.41 23.18
C GLN B 580 17.64 40.41 23.83
N THR B 581 16.59 40.81 23.13
CA THR B 581 15.54 41.62 23.70
C THR B 581 14.43 40.70 24.21
N LEU B 582 13.32 41.29 24.64
CA LEU B 582 12.15 40.54 25.11
C LEU B 582 10.94 41.07 24.36
N GLU B 583 10.68 40.51 23.17
CA GLU B 583 9.56 40.91 22.35
C GLU B 583 8.87 39.67 21.82
N ILE B 584 7.60 39.81 21.46
CA ILE B 584 6.80 38.70 20.95
C ILE B 584 6.44 38.98 19.50
N LEU B 585 6.76 38.03 18.63
CA LEU B 585 6.53 38.15 17.20
C LEU B 585 5.54 37.07 16.76
N ASP B 586 5.23 37.06 15.46
CA ASP B 586 4.42 36.03 14.85
C ASP B 586 5.14 35.48 13.64
N ILE B 587 4.92 34.20 13.35
CA ILE B 587 5.53 33.52 12.22
C ILE B 587 4.41 33.16 11.25
N THR B 588 4.43 33.78 10.07
CA THR B 588 3.51 33.47 9.00
C THR B 588 4.28 32.96 7.80
N PRO B 589 3.71 32.03 7.03
CA PRO B 589 4.49 31.38 5.97
C PRO B 589 4.69 32.24 4.74
N CYS B 590 5.33 31.67 3.73
CA CYS B 590 5.55 32.35 2.46
C CYS B 590 4.47 31.93 1.47
N SER B 591 4.11 32.85 0.59
CA SER B 591 3.03 32.58 -0.36
C SER B 591 3.40 31.46 -1.30
N PHE B 592 2.42 30.59 -1.58
CA PHE B 592 2.60 29.49 -2.51
C PHE B 592 1.27 29.21 -3.21
N GLY B 593 1.35 28.56 -4.35
CA GLY B 593 0.15 28.22 -5.10
C GLY B 593 0.51 27.49 -6.37
N GLY B 594 -0.54 27.06 -7.07
CA GLY B 594 -0.37 26.37 -8.33
C GLY B 594 -0.31 27.31 -9.52
N VAL B 595 0.14 26.77 -10.64
CA VAL B 595 0.23 27.50 -11.90
C VAL B 595 -0.49 26.71 -12.98
N SER B 596 -1.33 27.40 -13.75
CA SER B 596 -2.12 26.77 -14.80
C SER B 596 -2.01 27.57 -16.10
N VAL B 597 -2.10 26.87 -17.22
CA VAL B 597 -1.88 27.44 -18.54
C VAL B 597 -3.14 27.25 -19.38
N ILE B 598 -3.59 28.32 -20.02
CA ILE B 598 -4.77 28.31 -20.89
C ILE B 598 -4.31 28.46 -22.33
N THR B 599 -4.72 27.51 -23.18
CA THR B 599 -4.30 27.51 -24.57
C THR B 599 -5.49 27.30 -25.49
N PRO B 600 -5.51 27.93 -26.65
CA PRO B 600 -6.58 27.71 -27.63
C PRO B 600 -6.30 26.61 -28.64
N GLY B 601 -5.21 25.86 -28.50
CA GLY B 601 -4.89 24.80 -29.43
C GLY B 601 -3.59 25.04 -30.18
N THR B 602 -2.88 23.96 -30.53
CA THR B 602 -1.61 24.11 -31.23
C THR B 602 -1.81 24.58 -32.66
N ASN B 603 -2.76 23.98 -33.39
CA ASN B 603 -2.96 24.32 -34.78
C ASN B 603 -3.76 25.60 -34.99
N THR B 604 -4.25 26.21 -33.91
CA THR B 604 -4.91 27.51 -34.00
C THR B 604 -3.92 28.66 -33.87
N SER B 605 -3.14 28.68 -32.80
CA SER B 605 -2.13 29.71 -32.58
C SER B 605 -1.06 29.13 -31.65
N ASN B 606 -0.18 29.99 -31.14
CA ASN B 606 0.91 29.54 -30.29
C ASN B 606 1.14 30.46 -29.10
N GLN B 607 0.08 31.08 -28.57
CA GLN B 607 0.18 31.96 -27.43
C GLN B 607 -0.69 31.42 -26.29
N VAL B 608 -0.22 31.65 -25.06
CA VAL B 608 -0.88 31.12 -23.86
C VAL B 608 -1.07 32.25 -22.85
N ALA B 609 -1.86 31.95 -21.83
CA ALA B 609 -2.04 32.81 -20.66
C ALA B 609 -1.95 31.96 -19.40
N VAL B 610 -1.42 32.54 -18.34
CA VAL B 610 -1.16 31.81 -17.10
C VAL B 610 -2.03 32.37 -15.99
N LEU B 611 -2.37 31.50 -15.04
CA LEU B 611 -3.25 31.85 -13.92
C LEU B 611 -2.59 31.38 -12.63
N TYR B 612 -2.06 32.33 -11.86
CA TYR B 612 -1.47 32.02 -10.56
C TYR B 612 -2.59 31.93 -9.53
N GLN B 613 -2.84 30.72 -9.04
CA GLN B 613 -3.98 30.49 -8.16
C GLN B 613 -3.78 31.19 -6.82
N ASP B 614 -4.91 31.65 -6.26
CA ASP B 614 -5.03 32.26 -4.93
C ASP B 614 -3.81 33.06 -4.51
N VAL B 615 -3.32 33.91 -5.40
CA VAL B 615 -2.19 34.79 -5.12
C VAL B 615 -2.51 36.18 -5.62
N ASN B 616 -2.33 37.18 -4.77
CA ASN B 616 -2.61 38.56 -5.16
C ASN B 616 -1.57 39.05 -6.15
N CYS B 617 -1.96 40.02 -6.97
CA CYS B 617 -1.07 40.55 -7.99
C CYS B 617 -0.16 41.64 -7.42
N THR B 618 0.49 41.34 -6.30
CA THR B 618 1.46 42.23 -5.71
C THR B 618 2.74 41.53 -5.26
N GLU B 619 2.74 40.20 -5.16
CA GLU B 619 3.91 39.44 -4.77
C GLU B 619 4.35 38.49 -5.87
N VAL B 620 4.10 38.85 -7.12
CA VAL B 620 4.46 38.00 -8.25
C VAL B 620 5.31 38.80 -9.24
N PRO B 621 6.57 39.09 -8.91
CA PRO B 621 7.46 39.74 -9.86
C PRO B 621 8.21 38.73 -10.72
N VAL B 622 9.12 39.22 -11.55
CA VAL B 622 9.97 38.35 -12.36
C VAL B 622 10.80 37.43 -11.46
N SER B 637 5.03 36.87 -16.74
CA SER B 637 5.22 37.27 -15.35
C SER B 637 4.89 38.75 -15.16
N THR B 638 5.46 39.59 -16.02
CA THR B 638 5.21 41.03 -16.00
C THR B 638 4.78 41.47 -17.39
N GLY B 639 3.69 42.23 -17.46
CA GLY B 639 3.20 42.72 -18.73
C GLY B 639 2.16 43.79 -18.51
N SER B 640 1.66 44.32 -19.63
CA SER B 640 0.64 45.37 -19.57
C SER B 640 -0.70 44.82 -19.11
N ASN B 641 -0.97 43.54 -19.36
CA ASN B 641 -2.26 42.93 -19.05
C ASN B 641 -2.16 42.17 -17.74
N VAL B 642 -2.53 42.83 -16.65
CA VAL B 642 -2.63 42.20 -15.32
C VAL B 642 -4.05 42.40 -14.83
N PHE B 643 -4.75 41.30 -14.57
CA PHE B 643 -6.14 41.33 -14.15
C PHE B 643 -6.29 40.42 -12.94
N GLN B 644 -7.06 40.87 -11.96
CA GLN B 644 -7.27 40.13 -10.72
C GLN B 644 -8.68 39.59 -10.68
N THR B 645 -8.81 38.28 -10.46
CA THR B 645 -10.09 37.60 -10.35
C THR B 645 -10.20 36.97 -8.97
N ARG B 646 -11.27 36.21 -8.75
CA ARG B 646 -11.43 35.47 -7.50
C ARG B 646 -10.54 34.23 -7.46
N ALA B 647 -10.25 33.63 -8.61
CA ALA B 647 -9.38 32.47 -8.63
C ALA B 647 -7.91 32.85 -8.47
N GLY B 648 -7.50 34.00 -9.02
CA GLY B 648 -6.12 34.41 -8.90
C GLY B 648 -5.79 35.55 -9.84
N CYS B 649 -4.52 35.60 -10.25
CA CYS B 649 -4.01 36.63 -11.14
C CYS B 649 -3.87 36.07 -12.54
N LEU B 650 -4.46 36.75 -13.52
CA LEU B 650 -4.46 36.31 -14.91
C LEU B 650 -3.59 37.27 -15.72
N ILE B 651 -2.54 36.74 -16.33
CA ILE B 651 -1.57 37.53 -17.08
C ILE B 651 -1.59 37.07 -18.53
N GLY B 652 -2.03 37.96 -19.42
CA GLY B 652 -2.00 37.66 -20.84
C GLY B 652 -3.34 37.77 -21.54
N ALA B 653 -4.36 38.22 -20.82
CA ALA B 653 -5.71 38.32 -21.38
C ALA B 653 -6.30 39.68 -21.06
N GLU B 654 -7.19 40.14 -21.94
CA GLU B 654 -7.87 41.42 -21.77
C GLU B 654 -9.29 41.21 -21.23
N HIS B 655 -9.88 42.30 -20.76
CA HIS B 655 -11.21 42.29 -20.18
C HIS B 655 -12.20 42.97 -21.13
N VAL B 656 -13.35 42.32 -21.34
CA VAL B 656 -14.41 42.84 -22.17
C VAL B 656 -15.69 42.89 -21.34
N ASN B 657 -16.61 43.77 -21.73
CA ASN B 657 -17.82 44.03 -20.97
C ASN B 657 -19.06 43.42 -21.62
N ASN B 658 -18.89 42.44 -22.50
CA ASN B 658 -20.00 41.76 -23.15
C ASN B 658 -19.97 40.27 -22.82
N SER B 659 -21.15 39.66 -22.73
CA SER B 659 -21.28 38.29 -22.27
C SER B 659 -21.52 37.33 -23.43
N TYR B 660 -20.79 36.22 -23.43
CA TYR B 660 -20.90 35.16 -24.43
C TYR B 660 -21.33 33.87 -23.74
N GLU B 661 -21.36 32.78 -24.53
CA GLU B 661 -21.56 31.44 -24.02
C GLU B 661 -20.19 30.76 -23.98
N CYS B 662 -19.67 30.50 -22.79
CA CYS B 662 -18.25 30.26 -22.64
C CYS B 662 -17.90 28.78 -22.85
N ASP B 663 -16.63 28.55 -23.17
CA ASP B 663 -16.10 27.22 -23.45
C ASP B 663 -15.03 26.80 -22.45
N ILE B 664 -14.01 27.63 -22.25
CA ILE B 664 -12.90 27.30 -21.36
C ILE B 664 -13.24 27.83 -19.96
N PRO B 665 -13.37 26.98 -18.95
CA PRO B 665 -13.72 27.46 -17.61
C PRO B 665 -12.50 27.83 -16.78
N ILE B 666 -12.70 28.83 -15.92
CA ILE B 666 -11.63 29.30 -15.03
C ILE B 666 -12.10 29.21 -13.59
N GLY B 667 -13.21 29.85 -13.29
CA GLY B 667 -13.79 29.81 -11.95
C GLY B 667 -14.52 31.09 -11.63
N ALA B 668 -15.41 30.99 -10.65
CA ALA B 668 -16.21 32.12 -10.17
C ALA B 668 -17.02 32.76 -11.31
N GLY B 669 -17.46 31.92 -12.24
CA GLY B 669 -18.23 32.42 -13.38
C GLY B 669 -17.46 33.31 -14.33
N ILE B 670 -16.22 32.94 -14.64
CA ILE B 670 -15.39 33.66 -15.60
C ILE B 670 -14.80 32.64 -16.56
N CYS B 671 -14.88 32.93 -17.85
CA CYS B 671 -14.41 32.02 -18.90
C CYS B 671 -13.53 32.79 -19.88
N ALA B 672 -12.84 32.03 -20.72
CA ALA B 672 -11.89 32.59 -21.68
C ALA B 672 -12.13 31.97 -23.06
N SER B 673 -11.73 32.70 -24.09
CA SER B 673 -11.92 32.25 -25.47
C SER B 673 -10.87 32.91 -26.35
N TYR B 674 -11.03 32.76 -27.67
CA TYR B 674 -10.11 33.30 -28.66
C TYR B 674 -10.89 34.09 -29.70
N GLN B 675 -10.34 35.25 -30.07
CA GLN B 675 -10.95 36.11 -31.07
C GLN B 675 -10.37 35.93 -32.47
N THR B 676 -9.20 35.31 -32.59
CA THR B 676 -8.49 35.16 -33.86
C THR B 676 -8.22 36.51 -34.50
N SER B 691 -4.53 37.35 -28.86
CA SER B 691 -5.89 37.86 -28.79
C SER B 691 -6.77 36.95 -27.95
N ILE B 692 -6.40 36.77 -26.68
CA ILE B 692 -7.18 35.98 -25.74
C ILE B 692 -7.94 36.92 -24.83
N ILE B 693 -9.25 36.70 -24.70
CA ILE B 693 -10.11 37.58 -23.94
C ILE B 693 -10.72 36.81 -22.78
N ALA B 694 -11.07 37.55 -21.73
CA ALA B 694 -11.74 37.01 -20.56
C ALA B 694 -13.01 37.80 -20.30
N TYR B 695 -14.05 37.14 -19.84
CA TYR B 695 -15.37 37.75 -19.71
C TYR B 695 -16.18 36.97 -18.67
N THR B 696 -17.48 37.24 -18.65
CA THR B 696 -18.41 36.61 -17.72
C THR B 696 -19.45 35.82 -18.50
N MET B 697 -19.94 34.74 -17.88
CA MET B 697 -20.84 33.82 -18.56
C MET B 697 -22.22 34.45 -18.76
N SER B 698 -22.94 33.92 -19.73
CA SER B 698 -24.33 34.27 -19.99
C SER B 698 -25.16 32.99 -20.00
N LEU B 699 -26.21 32.96 -19.19
CA LEU B 699 -26.97 31.73 -19.02
C LEU B 699 -27.77 31.39 -20.27
N GLY B 700 -28.38 32.37 -20.90
CA GLY B 700 -29.16 32.10 -22.09
C GLY B 700 -29.89 33.33 -22.56
N ALA B 701 -30.72 33.13 -23.58
CA ALA B 701 -31.49 34.21 -24.17
C ALA B 701 -32.63 34.63 -23.25
N GLU B 702 -33.11 35.86 -23.48
CA GLU B 702 -34.23 36.40 -22.71
C GLU B 702 -35.53 36.11 -23.46
N ASN B 703 -36.52 35.62 -22.72
CA ASN B 703 -37.81 35.27 -23.30
C ASN B 703 -38.91 35.60 -22.31
N SER B 704 -40.12 35.79 -22.83
CA SER B 704 -41.28 36.11 -22.01
C SER B 704 -42.54 35.68 -22.74
N VAL B 705 -43.40 34.95 -22.05
CA VAL B 705 -44.66 34.50 -22.62
C VAL B 705 -45.76 35.49 -22.25
N ALA B 706 -46.56 35.89 -23.24
CA ALA B 706 -47.61 36.88 -23.04
C ALA B 706 -48.78 36.23 -22.31
N TYR B 707 -48.66 36.19 -20.99
CA TYR B 707 -49.71 35.61 -20.16
C TYR B 707 -50.92 36.53 -20.13
N SER B 708 -52.11 35.93 -20.12
CA SER B 708 -53.36 36.68 -20.06
C SER B 708 -54.43 35.78 -19.45
N ASN B 709 -55.54 36.41 -19.06
CA ASN B 709 -56.61 35.68 -18.41
C ASN B 709 -57.41 34.83 -19.39
N ASN B 710 -57.50 35.24 -20.65
CA ASN B 710 -58.35 34.55 -21.63
C ASN B 710 -57.63 34.38 -22.96
N SER B 711 -56.39 33.88 -22.93
CA SER B 711 -55.62 33.66 -24.13
C SER B 711 -54.97 32.29 -24.11
N ILE B 712 -54.91 31.65 -25.28
CA ILE B 712 -54.35 30.31 -25.42
C ILE B 712 -53.62 30.20 -26.75
N ALA B 713 -52.76 29.19 -26.85
CA ALA B 713 -51.99 28.93 -28.07
C ALA B 713 -52.07 27.45 -28.40
N ILE B 714 -52.27 27.15 -29.69
CA ILE B 714 -52.42 25.77 -30.15
C ILE B 714 -51.62 25.56 -31.43
N PRO B 715 -50.78 24.53 -31.50
CA PRO B 715 -49.99 24.29 -32.71
C PRO B 715 -50.83 23.84 -33.89
N THR B 716 -50.32 24.10 -35.09
CA THR B 716 -51.01 23.74 -36.32
C THR B 716 -50.21 22.78 -37.20
N ASN B 717 -49.04 22.33 -36.76
CA ASN B 717 -48.19 21.45 -37.56
C ASN B 717 -47.28 20.69 -36.60
N PHE B 718 -46.38 19.88 -37.16
CA PHE B 718 -45.50 19.07 -36.34
C PHE B 718 -44.27 18.67 -37.13
N THR B 719 -43.29 18.11 -36.42
CA THR B 719 -42.07 17.57 -37.02
C THR B 719 -41.70 16.27 -36.31
N ILE B 720 -40.82 15.51 -36.94
CA ILE B 720 -40.33 14.24 -36.42
C ILE B 720 -38.82 14.34 -36.27
N SER B 721 -38.29 13.93 -35.12
CA SER B 721 -36.89 14.07 -34.81
C SER B 721 -36.30 12.74 -34.35
N VAL B 722 -34.99 12.59 -34.55
CA VAL B 722 -34.24 11.41 -34.13
C VAL B 722 -33.03 11.87 -33.33
N THR B 723 -32.82 11.25 -32.16
CA THR B 723 -31.74 11.61 -31.25
C THR B 723 -31.06 10.34 -30.75
N THR B 724 -29.73 10.37 -30.69
CA THR B 724 -28.93 9.21 -30.30
C THR B 724 -28.48 9.32 -28.85
N GLU B 725 -28.03 8.18 -28.32
CA GLU B 725 -27.49 8.10 -26.96
C GLU B 725 -26.56 6.90 -26.88
N ILE B 726 -25.43 7.07 -26.18
CA ILE B 726 -24.38 6.07 -26.09
C ILE B 726 -24.11 5.74 -24.64
N LEU B 727 -24.00 4.43 -24.34
CA LEU B 727 -23.80 3.94 -22.97
C LEU B 727 -22.77 2.82 -22.95
N PRO B 728 -21.77 2.89 -22.06
CA PRO B 728 -20.86 1.74 -21.88
C PRO B 728 -21.53 0.61 -21.11
N VAL B 729 -21.03 -0.60 -21.33
CA VAL B 729 -21.61 -1.80 -20.73
C VAL B 729 -20.59 -2.62 -19.97
N SER B 730 -19.47 -2.96 -20.60
CA SER B 730 -18.49 -3.87 -20.01
C SER B 730 -17.07 -3.38 -20.26
N MET B 731 -16.14 -3.91 -19.47
CA MET B 731 -14.72 -3.60 -19.58
C MET B 731 -13.93 -4.88 -19.89
N THR B 732 -12.61 -4.77 -19.88
CA THR B 732 -11.72 -5.86 -20.25
C THR B 732 -11.34 -6.69 -19.04
N LYS B 733 -11.26 -8.01 -19.23
CA LYS B 733 -10.99 -8.95 -18.15
C LYS B 733 -9.49 -9.25 -18.08
N THR B 734 -8.91 -9.14 -16.89
CA THR B 734 -7.49 -9.30 -16.68
C THR B 734 -7.23 -10.22 -15.49
N SER B 735 -6.07 -10.86 -15.49
CA SER B 735 -5.64 -11.70 -14.39
C SER B 735 -4.13 -11.56 -14.23
N VAL B 736 -3.68 -11.49 -12.99
CA VAL B 736 -2.27 -11.25 -12.67
C VAL B 736 -1.79 -12.34 -11.73
N ASP B 737 -0.68 -12.98 -12.08
CA ASP B 737 -0.04 -13.95 -11.21
C ASP B 737 0.91 -13.24 -10.26
N CYS B 738 1.03 -13.79 -9.05
CA CYS B 738 1.84 -13.16 -8.01
C CYS B 738 3.31 -13.48 -8.16
N THR B 739 3.67 -14.75 -8.02
CA THR B 739 5.08 -15.12 -7.89
C THR B 739 5.89 -14.74 -9.13
N MET B 740 5.24 -14.69 -10.29
CA MET B 740 5.96 -14.25 -11.49
C MET B 740 6.19 -12.75 -11.48
N TYR B 741 5.22 -11.98 -10.98
CA TYR B 741 5.35 -10.54 -10.98
C TYR B 741 6.33 -10.07 -9.91
N ILE B 742 6.28 -10.68 -8.72
CA ILE B 742 7.11 -10.19 -7.62
C ILE B 742 8.51 -10.75 -7.71
N CYS B 743 8.66 -12.06 -7.60
CA CYS B 743 10.01 -12.64 -7.58
C CYS B 743 10.56 -12.81 -8.98
N GLY B 744 10.00 -13.75 -9.74
CA GLY B 744 10.35 -13.89 -11.13
C GLY B 744 11.50 -14.83 -11.35
N ASP B 745 11.21 -16.07 -11.77
CA ASP B 745 12.25 -17.03 -12.18
C ASP B 745 13.36 -17.15 -11.15
N SER B 746 13.01 -17.08 -9.87
CA SER B 746 14.00 -17.08 -8.80
C SER B 746 13.54 -17.99 -7.67
N THR B 747 14.47 -18.74 -7.10
CA THR B 747 14.16 -19.70 -6.05
C THR B 747 14.43 -19.14 -4.65
N GLU B 748 15.32 -18.16 -4.53
CA GLU B 748 15.61 -17.59 -3.22
C GLU B 748 14.51 -16.64 -2.78
N CYS B 749 13.93 -15.88 -3.72
CA CYS B 749 12.88 -14.93 -3.37
C CYS B 749 11.59 -15.64 -2.97
N SER B 750 11.27 -16.77 -3.60
CA SER B 750 10.01 -17.44 -3.33
C SER B 750 9.93 -17.92 -1.88
N ASN B 751 11.07 -18.29 -1.29
CA ASN B 751 11.07 -18.74 0.10
C ASN B 751 10.72 -17.60 1.05
N LEU B 752 11.22 -16.40 0.79
CA LEU B 752 10.97 -15.27 1.68
C LEU B 752 9.53 -14.77 1.61
N LEU B 753 8.74 -15.20 0.64
CA LEU B 753 7.39 -14.71 0.50
C LEU B 753 6.36 -15.56 1.25
N LEU B 754 6.73 -16.76 1.68
CA LEU B 754 5.77 -17.61 2.39
C LEU B 754 5.50 -17.13 3.81
N GLN B 755 6.35 -16.27 4.36
CA GLN B 755 6.11 -15.75 5.69
C GLN B 755 5.21 -14.53 5.70
N TYR B 756 4.75 -14.07 4.55
CA TYR B 756 3.79 -12.98 4.48
C TYR B 756 2.34 -13.47 4.52
N GLY B 757 2.13 -14.78 4.53
CA GLY B 757 0.78 -15.31 4.60
C GLY B 757 0.12 -15.41 3.24
N SER B 758 -1.22 -15.44 3.28
CA SER B 758 -2.02 -15.57 2.08
C SER B 758 -2.51 -14.21 1.61
N PHE B 759 -1.55 -13.38 1.22
CA PHE B 759 -1.85 -12.08 0.60
C PHE B 759 -1.98 -12.17 -0.90
N CYS B 760 -1.86 -13.36 -1.48
CA CYS B 760 -1.90 -13.52 -2.92
C CYS B 760 -3.07 -14.36 -3.43
N THR B 761 -3.63 -15.25 -2.61
CA THR B 761 -4.91 -15.85 -2.97
C THR B 761 -6.01 -14.81 -2.99
N GLN B 762 -5.96 -13.85 -2.06
CA GLN B 762 -6.99 -12.83 -1.96
C GLN B 762 -7.06 -11.97 -3.22
N LEU B 763 -5.91 -11.56 -3.74
CA LEU B 763 -5.90 -10.71 -4.92
C LEU B 763 -6.47 -11.44 -6.14
N ASN B 764 -6.09 -12.70 -6.32
CA ASN B 764 -6.63 -13.48 -7.42
C ASN B 764 -8.13 -13.68 -7.27
N ARG B 765 -8.59 -13.90 -6.04
CA ARG B 765 -10.03 -14.02 -5.81
C ARG B 765 -10.76 -12.76 -6.20
N ALA B 766 -10.22 -11.60 -5.82
CA ALA B 766 -10.88 -10.33 -6.16
C ALA B 766 -10.92 -10.11 -7.66
N LEU B 767 -9.80 -10.36 -8.35
CA LEU B 767 -9.79 -10.16 -9.80
C LEU B 767 -10.74 -11.12 -10.52
N THR B 768 -10.82 -12.37 -10.04
CA THR B 768 -11.75 -13.32 -10.64
C THR B 768 -13.19 -12.89 -10.42
N GLY B 769 -13.51 -12.40 -9.22
CA GLY B 769 -14.84 -11.89 -8.96
C GLY B 769 -15.21 -10.74 -9.87
N ILE B 770 -14.24 -9.85 -10.14
CA ILE B 770 -14.47 -8.78 -11.11
C ILE B 770 -14.73 -9.36 -12.50
N ALA B 771 -13.91 -10.33 -12.91
CA ALA B 771 -13.98 -10.85 -14.28
C ALA B 771 -15.30 -11.55 -14.55
N VAL B 772 -15.82 -12.30 -13.57
CA VAL B 772 -17.06 -13.02 -13.79
C VAL B 772 -18.22 -12.04 -13.99
N GLU B 773 -18.22 -10.94 -13.25
CA GLU B 773 -19.35 -10.01 -13.28
C GLU B 773 -19.47 -9.30 -14.62
N GLN B 774 -18.37 -9.13 -15.36
CA GLN B 774 -18.41 -8.47 -16.66
C GLN B 774 -18.98 -9.36 -17.75
N ASP B 775 -19.60 -10.49 -17.39
CA ASP B 775 -20.24 -11.37 -18.36
C ASP B 775 -21.72 -11.55 -18.13
N LYS B 776 -22.26 -11.09 -17.00
CA LYS B 776 -23.71 -11.06 -16.82
C LYS B 776 -24.32 -9.73 -17.20
N ASN B 777 -23.51 -8.68 -17.33
CA ASN B 777 -24.03 -7.41 -17.84
C ASN B 777 -24.51 -7.55 -19.27
N THR B 778 -23.70 -8.20 -20.11
CA THR B 778 -24.08 -8.41 -21.51
C THR B 778 -25.34 -9.24 -21.62
N GLN B 779 -25.46 -10.30 -20.80
CA GLN B 779 -26.65 -11.13 -20.81
C GLN B 779 -27.88 -10.34 -20.34
N GLU B 780 -27.72 -9.52 -19.30
CA GLU B 780 -28.85 -8.77 -18.79
C GLU B 780 -29.32 -7.71 -19.78
N VAL B 781 -28.41 -7.16 -20.58
CA VAL B 781 -28.80 -6.12 -21.51
C VAL B 781 -29.37 -6.72 -22.80
N PHE B 782 -28.67 -7.67 -23.41
CA PHE B 782 -29.02 -8.13 -24.75
C PHE B 782 -29.91 -9.36 -24.77
N ALA B 783 -29.75 -10.30 -23.85
CA ALA B 783 -30.48 -11.56 -23.87
C ALA B 783 -31.83 -11.37 -23.19
N GLN B 784 -32.78 -10.83 -23.94
CA GLN B 784 -34.13 -10.60 -23.45
C GLN B 784 -35.21 -11.19 -24.36
N VAL B 785 -34.84 -12.05 -25.31
CA VAL B 785 -35.79 -12.69 -26.20
C VAL B 785 -35.51 -14.18 -26.20
N LYS B 786 -36.57 -14.98 -26.09
CA LYS B 786 -36.43 -16.43 -26.12
C LYS B 786 -36.22 -16.96 -27.53
N GLN B 787 -36.77 -16.30 -28.54
CA GLN B 787 -36.73 -16.77 -29.92
C GLN B 787 -36.03 -15.75 -30.80
N ILE B 788 -35.67 -16.20 -32.01
CA ILE B 788 -34.98 -15.38 -32.99
C ILE B 788 -35.93 -15.14 -34.16
N TYR B 789 -36.24 -13.88 -34.43
CA TYR B 789 -37.19 -13.51 -35.44
C TYR B 789 -36.47 -13.05 -36.71
N LYS B 790 -37.15 -13.21 -37.85
CA LYS B 790 -36.60 -12.87 -39.15
C LYS B 790 -37.56 -11.93 -39.88
N THR B 791 -36.98 -11.09 -40.73
CA THR B 791 -37.77 -10.15 -41.51
C THR B 791 -38.37 -10.82 -42.75
N PRO B 792 -39.53 -10.33 -43.23
CA PRO B 792 -40.10 -10.90 -44.43
C PRO B 792 -39.24 -10.61 -45.63
N PRO B 793 -39.31 -11.45 -46.69
CA PRO B 793 -38.45 -11.22 -47.86
C PRO B 793 -38.75 -9.91 -48.58
N ILE B 794 -40.01 -9.66 -48.93
CA ILE B 794 -40.39 -8.44 -49.62
C ILE B 794 -40.50 -7.31 -48.59
N LYS B 795 -40.02 -6.13 -48.96
CA LYS B 795 -39.99 -4.97 -48.07
C LYS B 795 -40.90 -3.90 -48.63
N ASP B 796 -42.16 -3.89 -48.18
CA ASP B 796 -43.13 -2.84 -48.50
C ASP B 796 -43.87 -2.53 -47.21
N PHE B 797 -43.36 -1.56 -46.46
CA PHE B 797 -43.81 -1.27 -45.11
C PHE B 797 -44.72 -0.05 -45.03
N GLY B 798 -45.17 0.46 -46.18
CA GLY B 798 -46.08 1.59 -46.20
C GLY B 798 -45.46 2.91 -46.61
N GLY B 799 -44.25 2.91 -47.15
CA GLY B 799 -43.54 4.13 -47.49
C GLY B 799 -42.34 4.43 -46.62
N PHE B 800 -42.15 3.71 -45.52
CA PHE B 800 -41.01 3.90 -44.65
C PHE B 800 -39.84 3.04 -45.14
N ASN B 801 -38.64 3.59 -45.03
CA ASN B 801 -37.43 2.94 -45.49
C ASN B 801 -36.53 2.66 -44.29
N PHE B 802 -36.09 1.41 -44.16
CA PHE B 802 -35.34 0.95 -42.99
C PHE B 802 -33.97 0.41 -43.36
N SER B 803 -33.46 0.75 -44.55
CA SER B 803 -32.25 0.11 -45.05
C SER B 803 -30.99 0.53 -44.30
N GLN B 804 -31.03 1.57 -43.49
CA GLN B 804 -29.85 2.06 -42.80
C GLN B 804 -29.64 1.41 -41.44
N ILE B 805 -30.60 0.62 -40.95
CA ILE B 805 -30.44 -0.06 -39.68
C ILE B 805 -30.60 -1.57 -39.79
N LEU B 806 -31.17 -2.09 -40.87
CA LEU B 806 -31.30 -3.52 -41.06
C LEU B 806 -29.99 -4.10 -41.58
N PRO B 807 -29.69 -5.35 -41.25
CA PRO B 807 -28.44 -5.97 -41.73
C PRO B 807 -28.46 -6.17 -43.23
N ASP B 808 -27.26 -6.13 -43.82
CA ASP B 808 -27.14 -6.32 -45.26
C ASP B 808 -26.53 -7.69 -45.56
N PRO B 809 -26.94 -8.33 -46.66
CA PRO B 809 -26.38 -9.64 -47.01
C PRO B 809 -25.17 -9.60 -47.93
N SER B 810 -24.84 -8.44 -48.50
CA SER B 810 -23.73 -8.33 -49.43
C SER B 810 -22.38 -8.25 -48.73
N LYS B 811 -22.35 -8.02 -47.41
CA LYS B 811 -21.09 -7.88 -46.69
C LYS B 811 -20.82 -9.10 -45.84
N PRO B 812 -19.56 -9.53 -45.72
CA PRO B 812 -19.26 -10.74 -44.95
C PRO B 812 -19.58 -10.63 -43.46
N SER B 813 -19.44 -9.44 -42.87
CA SER B 813 -19.61 -9.30 -41.43
C SER B 813 -21.06 -9.38 -40.99
N LYS B 814 -22.01 -9.18 -41.91
CA LYS B 814 -23.44 -9.20 -41.60
C LYS B 814 -23.80 -8.13 -40.56
N ARG B 815 -23.43 -6.89 -40.86
CA ARG B 815 -23.69 -5.77 -39.96
C ARG B 815 -24.27 -4.60 -40.75
N SER B 816 -25.13 -3.84 -40.08
CA SER B 816 -25.78 -2.69 -40.69
C SER B 816 -24.75 -1.58 -40.95
N PRO B 817 -25.05 -0.67 -41.90
CA PRO B 817 -24.10 0.42 -42.19
C PRO B 817 -23.72 1.26 -40.99
N ILE B 818 -24.69 1.61 -40.13
CA ILE B 818 -24.38 2.44 -38.97
C ILE B 818 -23.46 1.69 -38.01
N GLU B 819 -23.71 0.39 -37.83
CA GLU B 819 -22.83 -0.42 -37.00
C GLU B 819 -21.43 -0.48 -37.60
N ASP B 820 -21.32 -0.57 -38.92
CA ASP B 820 -20.01 -0.57 -39.56
C ASP B 820 -19.27 0.74 -39.30
N LEU B 821 -19.96 1.86 -39.44
CA LEU B 821 -19.33 3.16 -39.19
C LEU B 821 -18.88 3.28 -37.75
N LEU B 822 -19.71 2.81 -36.81
CA LEU B 822 -19.33 2.85 -35.39
C LEU B 822 -18.11 1.98 -35.12
N PHE B 823 -18.07 0.78 -35.70
CA PHE B 823 -16.96 -0.14 -35.44
C PHE B 823 -15.68 0.30 -36.13
N ASN B 824 -15.77 1.10 -37.19
CA ASN B 824 -14.57 1.66 -37.78
C ASN B 824 -14.11 2.92 -37.07
N LYS B 825 -15.03 3.69 -36.47
CA LYS B 825 -14.65 4.95 -35.85
C LYS B 825 -13.72 4.75 -34.66
N VAL B 826 -14.10 3.88 -33.73
CA VAL B 826 -13.33 3.67 -32.51
C VAL B 826 -12.82 2.23 -32.49
N THR B 827 -11.68 2.04 -31.83
CA THR B 827 -11.07 0.73 -31.71
C THR B 827 -11.54 0.00 -30.46
N PHE B 855 3.78 -9.62 -21.09
CA PHE B 855 4.65 -10.46 -20.25
C PHE B 855 4.51 -10.08 -18.78
N ASN B 856 5.45 -10.55 -17.97
CA ASN B 856 5.49 -10.27 -16.53
C ASN B 856 4.23 -10.76 -15.83
N GLY B 857 3.68 -11.87 -16.31
CA GLY B 857 2.52 -12.46 -15.66
C GLY B 857 1.21 -11.75 -15.89
N LEU B 858 1.09 -10.96 -16.96
CA LEU B 858 -0.14 -10.25 -17.28
C LEU B 858 -0.85 -10.96 -18.42
N THR B 859 -2.11 -11.33 -18.22
CA THR B 859 -2.90 -12.05 -19.20
C THR B 859 -4.20 -11.32 -19.45
N VAL B 860 -4.79 -11.58 -20.61
CA VAL B 860 -6.10 -11.06 -20.98
C VAL B 860 -6.97 -12.22 -21.40
N LEU B 861 -8.17 -12.31 -20.83
CA LEU B 861 -9.10 -13.39 -21.14
C LEU B 861 -10.08 -12.94 -22.21
N PRO B 862 -10.58 -13.86 -23.04
CA PRO B 862 -11.54 -13.50 -24.07
C PRO B 862 -12.95 -13.48 -23.51
N PRO B 863 -13.85 -12.70 -24.11
CA PRO B 863 -15.24 -12.69 -23.64
C PRO B 863 -16.00 -13.93 -24.07
N LEU B 864 -17.14 -14.15 -23.43
CA LEU B 864 -17.96 -15.32 -23.73
C LEU B 864 -18.70 -15.15 -25.05
N LEU B 865 -19.58 -14.15 -25.12
CA LEU B 865 -20.32 -13.88 -26.34
C LEU B 865 -19.48 -13.09 -27.31
N THR B 866 -19.52 -13.48 -28.58
CA THR B 866 -18.79 -12.78 -29.62
C THR B 866 -19.64 -11.66 -30.21
N ASP B 867 -19.03 -10.88 -31.10
CA ASP B 867 -19.73 -9.77 -31.73
C ASP B 867 -20.85 -10.24 -32.64
N GLU B 868 -20.65 -11.37 -33.32
CA GLU B 868 -21.68 -11.90 -34.22
C GLU B 868 -22.96 -12.23 -33.46
N MET B 869 -22.84 -12.84 -32.29
CA MET B 869 -24.02 -13.18 -31.50
C MET B 869 -24.77 -11.94 -31.04
N ILE B 870 -24.04 -10.90 -30.65
CA ILE B 870 -24.68 -9.65 -30.27
C ILE B 870 -25.41 -9.04 -31.46
N ALA B 871 -24.80 -9.12 -32.65
CA ALA B 871 -25.47 -8.65 -33.86
C ALA B 871 -26.76 -9.43 -34.11
N GLN B 872 -26.72 -10.75 -33.91
CA GLN B 872 -27.92 -11.55 -34.10
C GLN B 872 -29.03 -11.15 -33.14
N TYR B 873 -28.67 -10.92 -31.87
CA TYR B 873 -29.66 -10.48 -30.89
C TYR B 873 -30.29 -9.15 -31.28
N THR B 874 -29.45 -8.20 -31.72
CA THR B 874 -29.97 -6.89 -32.12
C THR B 874 -30.89 -7.01 -33.33
N SER B 875 -30.52 -7.82 -34.31
CA SER B 875 -31.36 -8.00 -35.49
C SER B 875 -32.69 -8.64 -35.11
N ALA B 876 -32.66 -9.60 -34.19
CA ALA B 876 -33.91 -10.22 -33.74
C ALA B 876 -34.82 -9.21 -33.08
N LEU B 877 -34.27 -8.35 -32.22
CA LEU B 877 -35.09 -7.33 -31.57
C LEU B 877 -35.69 -6.38 -32.60
N LEU B 878 -34.89 -5.95 -33.58
CA LEU B 878 -35.40 -5.02 -34.59
C LEU B 878 -36.50 -5.65 -35.43
N ALA B 879 -36.31 -6.90 -35.87
CA ALA B 879 -37.34 -7.57 -36.65
C ALA B 879 -38.62 -7.73 -35.86
N GLY B 880 -38.51 -8.11 -34.58
CA GLY B 880 -39.69 -8.24 -33.75
C GLY B 880 -40.44 -6.92 -33.59
N THR B 881 -39.71 -5.84 -33.32
CA THR B 881 -40.37 -4.56 -33.14
C THR B 881 -40.95 -4.02 -34.45
N ILE B 882 -40.44 -4.44 -35.59
CA ILE B 882 -40.97 -3.95 -36.86
C ILE B 882 -42.23 -4.72 -37.25
N THR B 883 -42.20 -6.04 -37.16
CA THR B 883 -43.29 -6.84 -37.70
C THR B 883 -44.40 -7.17 -36.70
N SER B 884 -44.24 -6.84 -35.41
CA SER B 884 -45.20 -7.31 -34.43
C SER B 884 -45.61 -6.30 -33.37
N GLY B 885 -45.17 -5.05 -33.46
CA GLY B 885 -45.55 -4.10 -32.43
C GLY B 885 -44.86 -4.38 -31.12
N TRP B 886 -45.56 -4.13 -30.02
CA TRP B 886 -45.03 -4.35 -28.68
C TRP B 886 -45.58 -5.61 -28.03
N THR B 887 -46.18 -6.50 -28.82
CA THR B 887 -46.86 -7.67 -28.28
C THR B 887 -45.92 -8.83 -27.98
N PHE B 888 -44.68 -8.80 -28.47
CA PHE B 888 -43.77 -9.93 -28.31
C PHE B 888 -42.98 -9.89 -27.01
N GLY B 889 -43.11 -8.83 -26.23
CA GLY B 889 -42.50 -8.77 -24.92
C GLY B 889 -43.40 -9.18 -23.78
N ALA B 890 -44.66 -9.51 -24.07
CA ALA B 890 -45.63 -9.90 -23.06
C ALA B 890 -46.43 -11.12 -23.49
N GLY B 891 -45.82 -12.01 -24.26
CA GLY B 891 -46.50 -13.19 -24.74
C GLY B 891 -46.18 -13.50 -26.18
N PRO B 892 -47.08 -14.20 -26.85
CA PRO B 892 -46.85 -14.56 -28.26
C PRO B 892 -46.84 -13.33 -29.15
N ALA B 893 -46.05 -13.41 -30.22
CA ALA B 893 -45.94 -12.31 -31.16
C ALA B 893 -47.15 -12.29 -32.09
N LEU B 894 -47.75 -11.12 -32.25
CA LEU B 894 -48.94 -10.94 -33.07
C LEU B 894 -48.65 -9.95 -34.19
N GLN B 895 -49.04 -10.31 -35.40
CA GLN B 895 -48.78 -9.49 -36.56
C GLN B 895 -49.72 -8.27 -36.60
N ILE B 896 -49.21 -7.18 -37.17
CA ILE B 896 -49.99 -5.96 -37.36
C ILE B 896 -49.30 -5.08 -38.39
N PRO B 897 -50.00 -4.55 -39.39
CA PRO B 897 -49.36 -3.67 -40.37
C PRO B 897 -48.80 -2.41 -39.72
N PHE B 898 -47.72 -1.89 -40.32
CA PHE B 898 -46.95 -0.83 -39.67
C PHE B 898 -47.71 0.48 -39.51
N PRO B 899 -48.41 1.01 -40.51
CA PRO B 899 -49.15 2.27 -40.28
C PRO B 899 -50.19 2.16 -39.18
N MET B 900 -50.82 1.00 -39.00
CA MET B 900 -51.76 0.83 -37.91
C MET B 900 -51.05 0.90 -36.55
N GLN B 901 -49.85 0.32 -36.45
CA GLN B 901 -49.07 0.43 -35.24
C GLN B 901 -48.70 1.89 -34.96
N MET B 902 -48.29 2.61 -35.99
CA MET B 902 -47.96 4.03 -35.81
C MET B 902 -49.18 4.82 -35.39
N ALA B 903 -50.37 4.46 -35.90
CA ALA B 903 -51.59 5.13 -35.49
C ALA B 903 -51.94 4.81 -34.04
N TYR B 904 -51.66 3.58 -33.59
CA TYR B 904 -51.83 3.26 -32.18
C TYR B 904 -50.92 4.12 -31.32
N ARG B 905 -49.68 4.31 -31.75
CA ARG B 905 -48.74 5.09 -30.94
C ARG B 905 -49.10 6.57 -30.90
N PHE B 906 -49.75 7.08 -31.95
CA PHE B 906 -50.24 8.46 -31.91
C PHE B 906 -51.33 8.63 -30.85
N ASN B 907 -52.16 7.61 -30.65
CA ASN B 907 -53.20 7.67 -29.63
C ASN B 907 -52.63 7.74 -28.21
N GLY B 908 -51.40 7.28 -28.00
CA GLY B 908 -50.81 7.30 -26.68
C GLY B 908 -50.24 8.62 -26.25
N ILE B 909 -50.22 9.61 -27.14
CA ILE B 909 -49.73 10.94 -26.80
C ILE B 909 -50.82 12.00 -26.84
N GLY B 910 -51.97 11.72 -27.43
CA GLY B 910 -53.07 12.66 -27.41
C GLY B 910 -53.46 13.19 -28.78
N VAL B 911 -53.24 12.42 -29.83
CA VAL B 911 -53.59 12.81 -31.19
C VAL B 911 -54.40 11.68 -31.82
N THR B 912 -55.52 12.04 -32.44
CA THR B 912 -56.42 11.05 -33.01
C THR B 912 -55.79 10.37 -34.23
N GLN B 913 -56.32 9.19 -34.56
CA GLN B 913 -55.74 8.38 -35.64
C GLN B 913 -55.90 9.02 -36.99
N ASN B 914 -56.94 9.84 -37.19
CA ASN B 914 -57.16 10.45 -38.50
C ASN B 914 -56.03 11.37 -38.92
N VAL B 915 -55.27 11.91 -37.96
CA VAL B 915 -54.17 12.81 -38.32
C VAL B 915 -53.07 12.05 -39.05
N LEU B 916 -52.83 10.80 -38.67
CA LEU B 916 -51.80 10.01 -39.34
C LEU B 916 -52.23 9.61 -40.74
N TYR B 917 -53.45 9.12 -40.90
CA TYR B 917 -53.85 8.54 -42.17
C TYR B 917 -53.97 9.59 -43.27
N GLU B 918 -54.26 10.83 -42.92
CA GLU B 918 -54.36 11.91 -43.89
C GLU B 918 -53.05 12.66 -44.08
N ASN B 919 -51.96 12.23 -43.43
CA ASN B 919 -50.65 12.83 -43.60
C ASN B 919 -49.58 11.75 -43.68
N GLN B 920 -49.88 10.65 -44.34
CA GLN B 920 -48.96 9.52 -44.37
C GLN B 920 -47.68 9.84 -45.12
N LYS B 921 -47.81 10.46 -46.30
CA LYS B 921 -46.64 10.72 -47.13
C LYS B 921 -45.69 11.69 -46.46
N LEU B 922 -46.22 12.75 -45.86
CA LEU B 922 -45.38 13.73 -45.19
C LEU B 922 -44.61 13.12 -44.03
N ILE B 923 -45.29 12.31 -43.21
CA ILE B 923 -44.63 11.67 -42.07
C ILE B 923 -43.55 10.71 -42.56
N ALA B 924 -43.85 9.93 -43.60
CA ALA B 924 -42.85 9.01 -44.14
C ALA B 924 -41.64 9.75 -44.66
N ASN B 925 -41.85 10.86 -45.37
CA ASN B 925 -40.73 11.63 -45.90
C ASN B 925 -39.88 12.21 -44.78
N GLN B 926 -40.53 12.76 -43.74
CA GLN B 926 -39.77 13.33 -42.63
C GLN B 926 -38.96 12.25 -41.91
N PHE B 927 -39.57 11.08 -41.68
CA PHE B 927 -38.85 10.00 -41.03
C PHE B 927 -37.66 9.54 -41.87
N ASN B 928 -37.85 9.41 -43.19
CA ASN B 928 -36.75 8.99 -44.04
C ASN B 928 -35.63 10.03 -44.08
N SER B 929 -35.98 11.31 -43.98
CA SER B 929 -34.95 12.34 -43.93
C SER B 929 -34.21 12.34 -42.60
N ALA B 930 -34.89 12.03 -41.50
CA ALA B 930 -34.26 12.05 -40.19
C ALA B 930 -33.16 11.00 -40.08
N ILE B 931 -33.40 9.81 -40.64
CA ILE B 931 -32.43 8.72 -40.50
C ILE B 931 -31.15 9.04 -41.25
N GLY B 932 -31.26 9.69 -42.42
CA GLY B 932 -30.10 9.92 -43.26
C GLY B 932 -29.07 10.86 -42.68
N LYS B 933 -29.45 11.70 -41.72
CA LYS B 933 -28.54 12.67 -41.15
C LYS B 933 -27.76 12.14 -39.96
N ILE B 934 -28.07 10.94 -39.48
CA ILE B 934 -27.30 10.37 -38.37
C ILE B 934 -25.91 9.97 -38.83
N GLN B 935 -25.80 9.40 -40.04
CA GLN B 935 -24.51 8.96 -40.54
C GLN B 935 -23.55 10.13 -40.70
N ASP B 936 -24.02 11.24 -41.25
CA ASP B 936 -23.16 12.41 -41.41
C ASP B 936 -22.75 12.99 -40.07
N SER B 937 -23.69 13.06 -39.11
CA SER B 937 -23.37 13.62 -37.80
C SER B 937 -22.38 12.75 -37.04
N LEU B 938 -22.46 11.42 -37.21
CA LEU B 938 -21.46 10.55 -36.59
C LEU B 938 -20.14 10.60 -37.33
N SER B 939 -20.16 10.83 -38.64
CA SER B 939 -18.94 11.05 -39.40
C SER B 939 -18.33 12.42 -39.14
N SER B 940 -19.01 13.27 -38.38
CA SER B 940 -18.51 14.56 -37.96
C SER B 940 -17.52 14.39 -36.81
N THR B 941 -17.23 15.49 -36.10
CA THR B 941 -16.22 15.58 -35.05
C THR B 941 -16.15 14.31 -34.21
N PRO B 942 -14.95 13.73 -34.05
CA PRO B 942 -14.83 12.44 -33.36
C PRO B 942 -15.16 12.49 -31.87
N SER B 943 -15.57 13.63 -31.34
CA SER B 943 -15.99 13.73 -29.94
C SER B 943 -17.36 13.11 -29.68
N ALA B 944 -17.98 12.51 -30.70
CA ALA B 944 -19.30 11.93 -30.52
C ALA B 944 -19.23 10.70 -29.61
N LEU B 945 -18.30 9.79 -29.88
CA LEU B 945 -18.15 8.58 -29.07
C LEU B 945 -17.13 8.79 -27.95
N GLY B 946 -17.32 9.86 -27.18
CA GLY B 946 -16.39 10.16 -26.11
C GLY B 946 -16.45 9.16 -24.96
N LYS B 947 -17.66 8.76 -24.57
CA LYS B 947 -17.81 7.96 -23.35
C LYS B 947 -17.11 6.61 -23.47
N LEU B 948 -17.25 5.94 -24.61
CA LEU B 948 -16.65 4.62 -24.75
C LEU B 948 -15.13 4.66 -24.89
N GLN B 949 -14.58 5.74 -25.45
CA GLN B 949 -13.14 5.81 -25.59
C GLN B 949 -12.44 5.98 -24.24
N ASP B 950 -13.06 6.67 -23.29
CA ASP B 950 -12.42 6.88 -21.99
C ASP B 950 -12.27 5.59 -21.21
N VAL B 951 -13.15 4.61 -21.42
CA VAL B 951 -13.01 3.34 -20.74
C VAL B 951 -11.78 2.58 -21.22
N VAL B 952 -11.51 2.64 -22.53
CA VAL B 952 -10.33 1.97 -23.09
C VAL B 952 -9.06 2.64 -22.58
N ASN B 953 -9.03 3.97 -22.59
CA ASN B 953 -7.81 4.69 -22.22
C ASN B 953 -7.47 4.51 -20.74
N GLN B 954 -8.46 4.61 -19.86
CA GLN B 954 -8.20 4.46 -18.44
C GLN B 954 -7.70 3.06 -18.11
N ASN B 955 -8.26 2.04 -18.75
CA ASN B 955 -7.84 0.67 -18.49
C ASN B 955 -6.49 0.33 -19.08
N ALA B 956 -5.93 1.21 -19.92
CA ALA B 956 -4.60 0.99 -20.47
C ALA B 956 -3.53 1.84 -19.81
N GLN B 957 -3.89 3.01 -19.30
CA GLN B 957 -2.94 3.80 -18.53
C GLN B 957 -2.55 3.10 -17.23
N ALA B 958 -3.52 2.48 -16.57
CA ALA B 958 -3.25 1.80 -15.30
C ALA B 958 -2.32 0.62 -15.50
N LEU B 959 -2.49 -0.13 -16.58
CA LEU B 959 -1.66 -1.30 -16.82
C LEU B 959 -0.24 -0.91 -17.21
N ASN B 960 -0.05 0.26 -17.81
CA ASN B 960 1.29 0.72 -18.13
C ASN B 960 2.04 1.14 -16.87
N THR B 961 1.35 1.82 -15.96
CA THR B 961 2.01 2.28 -14.73
C THR B 961 2.47 1.10 -13.88
N LEU B 962 1.73 0.00 -13.90
CA LEU B 962 2.10 -1.16 -13.10
C LEU B 962 3.41 -1.76 -13.58
N VAL B 963 3.59 -1.88 -14.90
CA VAL B 963 4.81 -2.47 -15.43
C VAL B 963 6.01 -1.55 -15.19
N LYS B 964 5.81 -0.23 -15.34
CA LYS B 964 6.90 0.71 -15.13
C LYS B 964 7.39 0.73 -13.69
N GLN B 965 6.57 0.29 -12.74
CA GLN B 965 6.97 0.30 -11.34
C GLN B 965 7.87 -0.87 -10.98
N LEU B 966 8.20 -1.73 -11.94
CA LEU B 966 9.15 -2.82 -11.74
C LEU B 966 10.59 -2.38 -11.89
N SER B 967 10.84 -1.10 -12.20
CA SER B 967 12.18 -0.57 -12.40
C SER B 967 12.50 0.52 -11.40
N SER B 968 12.17 0.29 -10.13
CA SER B 968 12.49 1.24 -9.06
C SER B 968 13.13 0.50 -7.89
N ASN B 969 14.03 1.18 -7.20
CA ASN B 969 14.82 0.56 -6.14
C ASN B 969 14.04 0.37 -4.85
N PHE B 970 13.17 1.31 -4.51
CA PHE B 970 12.45 1.32 -3.24
C PHE B 970 13.41 1.36 -2.05
N GLY B 971 14.57 1.99 -2.23
CA GLY B 971 15.53 2.10 -1.16
C GLY B 971 16.54 0.97 -1.11
N ALA B 972 16.93 0.45 -2.27
CA ALA B 972 17.89 -0.64 -2.34
C ALA B 972 19.07 -0.28 -3.23
N ILE B 973 19.94 -1.24 -3.51
CA ILE B 973 21.12 -0.97 -4.33
C ILE B 973 20.80 -1.09 -5.82
N SER B 974 20.04 -2.11 -6.22
CA SER B 974 19.75 -2.35 -7.62
C SER B 974 18.30 -2.82 -7.78
N SER B 975 17.79 -2.64 -8.99
CA SER B 975 16.42 -3.05 -9.31
C SER B 975 16.33 -4.50 -9.79
N VAL B 976 17.41 -5.04 -10.35
CA VAL B 976 17.43 -6.41 -10.83
C VAL B 976 17.94 -7.32 -9.71
N LEU B 977 17.36 -8.51 -9.62
CA LEU B 977 17.72 -9.44 -8.55
C LEU B 977 19.02 -10.19 -8.82
N ASN B 978 19.45 -10.28 -10.08
CA ASN B 978 20.63 -11.07 -10.41
C ASN B 978 21.93 -10.33 -10.12
N ASP B 979 21.88 -9.05 -9.77
CA ASP B 979 23.06 -8.33 -9.31
C ASP B 979 23.10 -8.16 -7.81
N ILE B 980 21.96 -8.23 -7.12
CA ILE B 980 21.97 -8.23 -5.66
C ILE B 980 22.62 -9.51 -5.14
N LEU B 981 22.20 -10.66 -5.68
CA LEU B 981 22.77 -11.93 -5.25
C LEU B 981 24.22 -12.08 -5.68
N SER B 982 24.52 -11.70 -6.93
CA SER B 982 25.85 -11.90 -7.49
C SER B 982 26.86 -10.86 -7.02
N ARG B 983 26.54 -10.05 -6.01
CA ARG B 983 27.52 -9.12 -5.47
C ARG B 983 27.52 -9.12 -3.95
N LEU B 984 26.57 -9.80 -3.30
CA LEU B 984 26.51 -9.87 -1.85
C LEU B 984 26.32 -11.33 -1.43
N ASP B 985 26.83 -11.65 -0.25
CA ASP B 985 26.72 -12.94 0.40
C ASP B 985 25.44 -13.02 1.25
N PRO B 986 24.88 -14.21 1.40
CA PRO B 986 23.45 -14.32 1.78
C PRO B 986 23.07 -13.64 3.09
N PRO B 987 23.88 -13.67 4.14
CA PRO B 987 23.37 -13.16 5.44
C PRO B 987 22.83 -11.75 5.41
N GLU B 988 23.44 -10.85 4.63
CA GLU B 988 22.94 -9.49 4.53
C GLU B 988 22.42 -9.14 3.14
N ALA B 989 22.53 -10.04 2.17
CA ALA B 989 21.82 -9.86 0.91
C ALA B 989 20.31 -10.03 1.07
N GLU B 990 19.87 -10.67 2.16
CA GLU B 990 18.45 -10.90 2.38
C GLU B 990 17.71 -9.66 2.88
N VAL B 991 18.39 -8.76 3.58
CA VAL B 991 17.70 -7.55 4.06
C VAL B 991 17.37 -6.64 2.88
N GLN B 992 18.17 -6.66 1.83
CA GLN B 992 17.92 -5.84 0.65
C GLN B 992 16.88 -6.44 -0.28
N ILE B 993 16.51 -7.70 -0.09
CA ILE B 993 15.45 -8.30 -0.90
C ILE B 993 14.08 -8.03 -0.29
N ASP B 994 13.98 -7.98 1.04
CA ASP B 994 12.71 -7.67 1.67
C ASP B 994 12.24 -6.25 1.36
N ARG B 995 13.16 -5.36 1.00
CA ARG B 995 12.77 -4.00 0.65
C ARG B 995 12.15 -3.91 -0.73
N LEU B 996 12.57 -4.76 -1.66
CA LEU B 996 11.92 -4.84 -2.97
C LEU B 996 10.59 -5.57 -2.91
N ILE B 997 10.41 -6.48 -1.95
CA ILE B 997 9.16 -7.22 -1.84
C ILE B 997 8.06 -6.35 -1.27
N THR B 998 8.37 -5.54 -0.27
CA THR B 998 7.35 -4.64 0.30
C THR B 998 6.87 -3.63 -0.73
N GLY B 999 7.79 -3.05 -1.49
CA GLY B 999 7.39 -2.08 -2.50
C GLY B 999 6.59 -2.71 -3.63
N ARG B 1000 7.03 -3.86 -4.13
CA ARG B 1000 6.34 -4.53 -5.22
C ARG B 1000 5.01 -5.14 -4.79
N LEU B 1001 4.73 -5.21 -3.48
CA LEU B 1001 3.48 -5.74 -2.99
C LEU B 1001 2.41 -4.67 -2.85
N GLN B 1002 2.75 -3.52 -2.28
CA GLN B 1002 1.78 -2.44 -2.16
C GLN B 1002 1.52 -1.72 -3.47
N SER B 1003 2.33 -1.98 -4.49
CA SER B 1003 2.00 -1.50 -5.83
C SER B 1003 0.91 -2.34 -6.47
N LEU B 1004 0.78 -3.61 -6.07
CA LEU B 1004 -0.29 -4.47 -6.56
C LEU B 1004 -1.61 -4.15 -5.88
N GLN B 1005 -1.58 -3.80 -4.60
CA GLN B 1005 -2.81 -3.52 -3.87
C GLN B 1005 -3.47 -2.23 -4.34
N THR B 1006 -2.67 -1.24 -4.75
CA THR B 1006 -3.23 -0.04 -5.34
C THR B 1006 -3.96 -0.37 -6.64
N TYR B 1007 -3.40 -1.26 -7.45
CA TYR B 1007 -4.03 -1.64 -8.71
C TYR B 1007 -5.36 -2.33 -8.47
N VAL B 1008 -5.42 -3.25 -7.51
CA VAL B 1008 -6.64 -4.04 -7.31
C VAL B 1008 -7.75 -3.18 -6.70
N THR B 1009 -7.39 -2.28 -5.76
CA THR B 1009 -8.40 -1.46 -5.12
C THR B 1009 -9.08 -0.52 -6.11
N GLN B 1010 -8.30 0.10 -7.00
CA GLN B 1010 -8.88 1.03 -7.97
C GLN B 1010 -9.75 0.33 -8.99
N GLN B 1011 -9.41 -0.92 -9.35
CA GLN B 1011 -10.22 -1.65 -10.32
C GLN B 1011 -11.61 -1.93 -9.77
N LEU B 1012 -11.71 -2.24 -8.48
CA LEU B 1012 -13.01 -2.50 -7.88
C LEU B 1012 -13.89 -1.25 -7.91
N ILE B 1013 -13.31 -0.09 -7.64
CA ILE B 1013 -14.08 1.15 -7.66
C ILE B 1013 -14.57 1.46 -9.07
N ARG B 1014 -13.76 1.16 -10.08
CA ARG B 1014 -14.17 1.39 -11.46
C ARG B 1014 -15.19 0.35 -11.92
N ALA B 1015 -15.17 -0.85 -11.35
CA ALA B 1015 -16.16 -1.86 -11.70
C ALA B 1015 -17.52 -1.57 -11.08
N ALA B 1016 -17.57 -0.75 -10.03
CA ALA B 1016 -18.85 -0.33 -9.48
C ALA B 1016 -19.52 0.74 -10.32
N GLU B 1017 -18.73 1.55 -11.02
CA GLU B 1017 -19.30 2.61 -11.85
C GLU B 1017 -19.94 2.04 -13.11
N ILE B 1018 -19.31 1.02 -13.71
CA ILE B 1018 -19.86 0.44 -14.94
C ILE B 1018 -21.15 -0.33 -14.65
N ARG B 1019 -21.21 -1.02 -13.52
CA ARG B 1019 -22.43 -1.76 -13.19
C ARG B 1019 -23.63 -0.84 -13.05
N ALA B 1020 -23.41 0.40 -12.60
CA ALA B 1020 -24.49 1.38 -12.60
C ALA B 1020 -24.94 1.70 -14.02
N SER B 1021 -23.99 1.83 -14.95
CA SER B 1021 -24.33 2.10 -16.34
C SER B 1021 -25.02 0.90 -16.98
N ALA B 1022 -24.58 -0.31 -16.64
CA ALA B 1022 -25.18 -1.51 -17.21
C ALA B 1022 -26.63 -1.67 -16.76
N ASN B 1023 -26.93 -1.33 -15.50
CA ASN B 1023 -28.29 -1.45 -15.01
C ASN B 1023 -29.21 -0.38 -15.58
N LEU B 1024 -28.66 0.70 -16.12
CA LEU B 1024 -29.48 1.72 -16.75
C LEU B 1024 -29.76 1.40 -18.21
N ALA B 1025 -28.91 0.59 -18.84
CA ALA B 1025 -29.17 0.19 -20.23
C ALA B 1025 -30.25 -0.88 -20.29
N ALA B 1026 -30.30 -1.78 -19.30
CA ALA B 1026 -31.32 -2.81 -19.27
C ALA B 1026 -32.70 -2.21 -19.08
N THR B 1027 -32.81 -1.19 -18.21
CA THR B 1027 -34.09 -0.53 -17.99
C THR B 1027 -34.57 0.19 -19.26
N LYS B 1028 -33.65 0.82 -19.98
CA LYS B 1028 -34.02 1.53 -21.20
C LYS B 1028 -34.51 0.58 -22.28
N MET B 1029 -33.88 -0.59 -22.39
CA MET B 1029 -34.29 -1.54 -23.42
C MET B 1029 -35.70 -2.06 -23.17
N SER B 1030 -36.06 -2.28 -21.92
CA SER B 1030 -37.38 -2.81 -21.63
C SER B 1030 -38.47 -1.76 -21.80
N GLU B 1031 -38.20 -0.52 -21.37
CA GLU B 1031 -39.24 0.50 -21.30
C GLU B 1031 -39.28 1.41 -22.51
N CYS B 1032 -38.20 1.53 -23.28
CA CYS B 1032 -38.20 2.41 -24.45
C CYS B 1032 -38.10 1.66 -25.77
N VAL B 1033 -37.85 0.35 -25.76
CA VAL B 1033 -37.81 -0.45 -26.97
C VAL B 1033 -38.96 -1.44 -27.04
N LEU B 1034 -39.30 -2.06 -25.91
CA LEU B 1034 -40.42 -3.00 -25.84
C LEU B 1034 -41.70 -2.34 -25.34
N GLY B 1035 -41.83 -1.04 -25.51
CA GLY B 1035 -43.02 -0.35 -25.06
C GLY B 1035 -42.92 1.13 -25.38
N GLN B 1036 -43.97 1.85 -25.01
CA GLN B 1036 -44.05 3.29 -25.15
C GLN B 1036 -44.00 3.90 -23.76
N SER B 1037 -43.05 4.80 -23.53
CA SER B 1037 -42.82 5.36 -22.21
C SER B 1037 -43.51 6.71 -22.06
N LYS B 1038 -44.13 6.91 -20.90
CA LYS B 1038 -44.74 8.18 -20.55
C LYS B 1038 -43.91 8.96 -19.54
N ARG B 1039 -42.73 8.47 -19.19
CA ARG B 1039 -41.83 9.20 -18.30
C ARG B 1039 -41.17 10.33 -19.07
N VAL B 1040 -41.21 11.53 -18.51
CA VAL B 1040 -40.71 12.71 -19.21
C VAL B 1040 -39.19 12.68 -19.26
N ASP B 1041 -38.65 12.88 -20.46
CA ASP B 1041 -37.22 13.01 -20.73
C ASP B 1041 -36.43 11.74 -20.42
N PHE B 1042 -37.10 10.59 -20.27
CA PHE B 1042 -36.37 9.36 -19.99
C PHE B 1042 -35.62 8.88 -21.22
N CYS B 1043 -36.27 8.90 -22.39
CA CYS B 1043 -35.60 8.55 -23.64
C CYS B 1043 -36.10 9.51 -24.71
N GLY B 1044 -35.36 10.60 -24.93
CA GLY B 1044 -35.65 11.58 -25.94
C GLY B 1044 -36.18 12.88 -25.33
N LYS B 1045 -36.15 13.93 -26.15
CA LYS B 1045 -36.65 15.25 -25.76
C LYS B 1045 -37.93 15.52 -26.57
N GLY B 1046 -39.07 15.31 -25.93
CA GLY B 1046 -40.36 15.46 -26.59
C GLY B 1046 -41.33 14.38 -26.20
N TYR B 1047 -42.16 13.93 -27.14
CA TYR B 1047 -43.11 12.86 -26.91
C TYR B 1047 -42.63 11.59 -27.60
N HIS B 1048 -42.52 10.50 -26.83
CA HIS B 1048 -41.92 9.29 -27.33
C HIS B 1048 -42.83 8.57 -28.32
N LEU B 1049 -42.22 8.03 -29.39
CA LEU B 1049 -42.94 7.17 -30.33
C LEU B 1049 -42.36 5.76 -30.38
N MET B 1050 -41.07 5.61 -30.67
CA MET B 1050 -40.43 4.30 -30.73
C MET B 1050 -38.91 4.47 -30.78
N SER B 1051 -38.20 3.37 -30.52
CA SER B 1051 -36.75 3.39 -30.45
C SER B 1051 -36.18 2.11 -31.06
N PHE B 1052 -34.92 2.19 -31.52
CA PHE B 1052 -34.22 1.10 -32.16
C PHE B 1052 -32.81 0.96 -31.57
N PRO B 1053 -32.38 -0.27 -31.27
CA PRO B 1053 -31.03 -0.48 -30.73
C PRO B 1053 -30.00 -0.82 -31.80
N GLN B 1054 -28.76 -0.40 -31.53
CA GLN B 1054 -27.60 -0.74 -32.34
C GLN B 1054 -26.43 -1.06 -31.42
N SER B 1055 -25.50 -1.87 -31.91
CA SER B 1055 -24.40 -2.37 -31.10
C SER B 1055 -23.11 -1.61 -31.40
N ALA B 1056 -22.31 -1.43 -30.35
CA ALA B 1056 -21.06 -0.68 -30.40
C ALA B 1056 -19.92 -1.59 -29.93
N PRO B 1057 -18.65 -1.18 -30.08
CA PRO B 1057 -17.55 -2.06 -29.67
C PRO B 1057 -17.62 -2.52 -28.22
N HIS B 1058 -18.03 -1.65 -27.29
CA HIS B 1058 -18.14 -2.07 -25.91
C HIS B 1058 -19.42 -1.58 -25.24
N GLY B 1059 -20.40 -1.09 -25.98
CA GLY B 1059 -21.60 -0.54 -25.41
C GLY B 1059 -22.78 -0.70 -26.33
N VAL B 1060 -23.70 0.27 -26.28
CA VAL B 1060 -24.93 0.21 -27.05
C VAL B 1060 -25.34 1.62 -27.43
N VAL B 1061 -25.95 1.77 -28.60
CA VAL B 1061 -26.42 3.04 -29.11
C VAL B 1061 -27.93 2.94 -29.37
N PHE B 1062 -28.68 3.90 -28.85
CA PHE B 1062 -30.12 3.96 -29.05
C PHE B 1062 -30.47 5.06 -30.06
N LEU B 1063 -31.58 4.88 -30.74
CA LEU B 1063 -32.08 5.86 -31.71
C LEU B 1063 -33.54 6.16 -31.37
N HIS B 1064 -33.77 7.34 -30.79
CA HIS B 1064 -35.09 7.71 -30.30
C HIS B 1064 -35.87 8.48 -31.36
N VAL B 1065 -37.15 8.17 -31.49
CA VAL B 1065 -38.06 8.86 -32.41
C VAL B 1065 -39.07 9.63 -31.58
N THR B 1066 -39.30 10.90 -31.94
CA THR B 1066 -40.00 11.83 -31.07
C THR B 1066 -40.88 12.78 -31.89
N TYR B 1067 -42.02 13.13 -31.33
CA TYR B 1067 -42.98 14.06 -31.91
C TYR B 1067 -42.78 15.46 -31.33
N VAL B 1068 -42.68 16.46 -32.19
CA VAL B 1068 -42.46 17.84 -31.77
C VAL B 1068 -43.43 18.78 -32.48
N PRO B 1069 -44.12 19.65 -31.76
CA PRO B 1069 -45.06 20.59 -32.42
C PRO B 1069 -44.35 21.82 -32.96
N ALA B 1070 -45.09 22.57 -33.78
CA ALA B 1070 -44.57 23.78 -34.40
C ALA B 1070 -45.72 24.61 -34.97
N GLN B 1071 -45.40 25.84 -35.38
CA GLN B 1071 -46.31 26.76 -36.06
C GLN B 1071 -47.53 27.07 -35.20
N GLU B 1072 -47.27 27.77 -34.11
CA GLU B 1072 -48.30 28.10 -33.13
C GLU B 1072 -49.22 29.19 -33.66
N LYS B 1073 -50.31 29.43 -32.93
CA LYS B 1073 -51.25 30.50 -33.26
C LYS B 1073 -51.96 30.95 -32.00
N ASN B 1074 -52.61 32.10 -32.08
CA ASN B 1074 -53.20 32.78 -30.93
C ASN B 1074 -54.71 32.59 -30.97
N PHE B 1075 -55.33 32.52 -29.79
CA PHE B 1075 -56.78 32.33 -29.71
C PHE B 1075 -57.31 32.93 -28.42
N THR B 1076 -58.63 32.92 -28.27
CA THR B 1076 -59.34 33.35 -27.07
C THR B 1076 -60.16 32.19 -26.55
N THR B 1077 -60.20 32.02 -25.23
CA THR B 1077 -60.77 30.83 -24.61
C THR B 1077 -61.73 31.20 -23.48
N ALA B 1078 -62.62 30.26 -23.18
CA ALA B 1078 -63.59 30.35 -22.09
C ALA B 1078 -63.73 28.98 -21.43
N PRO B 1079 -64.08 28.94 -20.14
CA PRO B 1079 -64.17 27.64 -19.46
C PRO B 1079 -65.49 26.91 -19.64
N ALA B 1080 -66.58 27.63 -19.90
CA ALA B 1080 -67.89 27.00 -20.01
C ALA B 1080 -68.81 27.90 -20.83
N ILE B 1081 -69.95 27.32 -21.23
CA ILE B 1081 -70.94 28.01 -22.05
C ILE B 1081 -72.31 27.87 -21.39
N CYS B 1082 -73.04 28.99 -21.27
CA CYS B 1082 -74.35 28.99 -20.67
C CYS B 1082 -75.42 29.00 -21.76
N HIS B 1083 -76.36 28.06 -21.67
CA HIS B 1083 -77.41 27.91 -22.67
C HIS B 1083 -78.68 27.43 -21.98
N ASP B 1084 -79.73 28.24 -22.03
CA ASP B 1084 -80.99 27.94 -21.38
C ASP B 1084 -80.81 27.65 -19.89
N GLY B 1085 -80.00 28.47 -19.23
CA GLY B 1085 -79.74 28.31 -17.82
C GLY B 1085 -79.04 27.04 -17.43
N LYS B 1086 -78.08 26.58 -18.25
CA LYS B 1086 -77.29 25.40 -17.97
C LYS B 1086 -75.84 25.69 -18.29
N ALA B 1087 -74.95 24.92 -17.66
CA ALA B 1087 -73.52 25.05 -17.87
C ALA B 1087 -73.02 23.86 -18.68
N HIS B 1088 -72.30 24.14 -19.75
CA HIS B 1088 -71.82 23.12 -20.67
C HIS B 1088 -70.30 23.06 -20.63
N PHE B 1089 -69.75 21.86 -20.50
CA PHE B 1089 -68.32 21.64 -20.40
C PHE B 1089 -67.83 20.71 -21.50
N PRO B 1090 -66.63 20.91 -22.00
CA PRO B 1090 -66.10 20.01 -23.03
C PRO B 1090 -65.79 18.63 -22.47
N ARG B 1091 -65.94 17.62 -23.32
CA ARG B 1091 -65.60 16.26 -22.90
C ARG B 1091 -64.10 16.02 -22.97
N GLU B 1092 -63.52 16.14 -24.18
CA GLU B 1092 -62.06 16.10 -24.36
C GLU B 1092 -61.72 17.20 -25.36
N GLY B 1093 -61.40 18.38 -24.86
CA GLY B 1093 -61.02 19.47 -25.75
C GLY B 1093 -61.04 20.80 -25.03
N VAL B 1094 -60.89 21.85 -25.83
CA VAL B 1094 -60.82 23.22 -25.35
C VAL B 1094 -61.78 24.07 -26.21
N PHE B 1095 -62.43 25.04 -25.57
CA PHE B 1095 -63.25 26.00 -26.29
C PHE B 1095 -62.37 27.11 -26.85
N VAL B 1096 -62.58 27.44 -28.13
CA VAL B 1096 -61.79 28.45 -28.81
C VAL B 1096 -62.73 29.38 -29.58
N SER B 1097 -62.19 30.51 -30.02
CA SER B 1097 -62.96 31.50 -30.76
C SER B 1097 -62.09 32.18 -31.80
N ASN B 1098 -62.60 32.30 -33.02
CA ASN B 1098 -61.90 33.01 -34.09
C ASN B 1098 -62.08 34.52 -34.02
N GLY B 1099 -63.03 35.00 -33.21
CA GLY B 1099 -63.32 36.41 -33.14
C GLY B 1099 -64.81 36.67 -33.28
N THR B 1100 -65.51 35.79 -33.99
CA THR B 1100 -66.95 35.90 -34.16
C THR B 1100 -67.71 34.60 -33.95
N HIS B 1101 -67.02 33.48 -33.73
CA HIS B 1101 -67.68 32.19 -33.60
C HIS B 1101 -66.89 31.32 -32.64
N TRP B 1102 -67.54 30.28 -32.11
CA TRP B 1102 -66.96 29.40 -31.12
C TRP B 1102 -66.90 27.98 -31.64
N PHE B 1103 -65.86 27.26 -31.24
CA PHE B 1103 -65.59 25.91 -31.72
C PHE B 1103 -65.07 25.05 -30.57
N VAL B 1104 -64.83 23.78 -30.87
CA VAL B 1104 -64.19 22.85 -29.94
C VAL B 1104 -63.11 22.09 -30.70
N THR B 1105 -61.91 22.01 -30.11
CA THR B 1105 -60.76 21.38 -30.75
C THR B 1105 -60.01 20.56 -29.71
N GLN B 1106 -59.20 19.62 -30.20
CA GLN B 1106 -58.31 18.86 -29.33
C GLN B 1106 -57.16 19.74 -28.87
N ARG B 1107 -56.44 19.25 -27.85
CA ARG B 1107 -55.48 20.08 -27.14
C ARG B 1107 -54.10 20.17 -27.80
N ASN B 1108 -53.79 19.30 -28.77
CA ASN B 1108 -52.46 19.26 -29.35
C ASN B 1108 -52.42 19.50 -30.85
N PHE B 1109 -53.55 19.52 -31.54
CA PHE B 1109 -53.59 19.78 -32.97
C PHE B 1109 -54.85 20.55 -33.29
N TYR B 1110 -54.71 21.59 -34.10
CA TYR B 1110 -55.85 22.44 -34.43
C TYR B 1110 -56.81 21.70 -35.35
N GLU B 1111 -58.05 21.54 -34.91
CA GLU B 1111 -59.09 20.88 -35.68
C GLU B 1111 -60.46 21.33 -35.19
N PRO B 1112 -60.98 22.45 -35.67
CA PRO B 1112 -62.23 23.00 -35.13
C PRO B 1112 -63.43 22.15 -35.50
N GLN B 1113 -64.46 22.23 -34.65
CA GLN B 1113 -65.70 21.51 -34.84
C GLN B 1113 -66.84 22.29 -34.18
N ILE B 1114 -68.06 21.92 -34.52
CA ILE B 1114 -69.25 22.63 -34.07
C ILE B 1114 -69.71 22.05 -32.74
N ILE B 1115 -70.09 22.93 -31.81
CA ILE B 1115 -70.49 22.51 -30.48
C ILE B 1115 -71.86 21.85 -30.54
N THR B 1116 -71.97 20.65 -29.98
CA THR B 1116 -73.22 19.90 -29.95
C THR B 1116 -73.34 19.21 -28.59
N THR B 1117 -74.46 18.53 -28.39
CA THR B 1117 -74.66 17.76 -27.17
C THR B 1117 -73.85 16.46 -27.18
N ASP B 1118 -73.36 16.02 -28.34
CA ASP B 1118 -72.59 14.80 -28.41
C ASP B 1118 -71.19 14.94 -27.83
N ASN B 1119 -70.63 16.15 -27.82
CA ASN B 1119 -69.30 16.36 -27.27
C ASN B 1119 -69.33 17.34 -26.11
N THR B 1120 -70.29 17.17 -25.21
CA THR B 1120 -70.48 18.09 -24.10
C THR B 1120 -71.33 17.40 -23.04
N PHE B 1121 -71.06 17.70 -21.77
CA PHE B 1121 -71.90 17.26 -20.67
C PHE B 1121 -72.33 18.47 -19.84
N VAL B 1122 -73.46 18.32 -19.15
CA VAL B 1122 -74.12 19.43 -18.47
C VAL B 1122 -74.12 19.18 -16.97
N SER B 1123 -73.87 20.24 -16.20
CA SER B 1123 -73.90 20.13 -14.73
C SER B 1123 -74.13 21.52 -14.14
N GLY B 1124 -75.29 21.72 -13.52
CA GLY B 1124 -75.57 22.93 -12.77
C GLY B 1124 -76.02 24.09 -13.65
N ASN B 1125 -76.37 25.18 -12.98
CA ASN B 1125 -76.75 26.42 -13.65
C ASN B 1125 -75.52 27.30 -13.85
N CYS B 1126 -75.71 28.39 -14.59
CA CYS B 1126 -74.60 29.21 -15.07
C CYS B 1126 -74.45 30.51 -14.29
N ASP B 1127 -74.65 30.47 -12.97
CA ASP B 1127 -74.48 31.65 -12.12
C ASP B 1127 -73.43 31.44 -11.03
N VAL B 1128 -72.55 30.44 -11.20
CA VAL B 1128 -71.53 30.12 -10.21
C VAL B 1128 -70.13 30.24 -10.78
N VAL B 1129 -69.90 29.73 -11.99
CA VAL B 1129 -68.57 29.72 -12.58
C VAL B 1129 -68.13 31.15 -12.89
N ILE B 1130 -66.82 31.37 -12.85
CA ILE B 1130 -66.21 32.65 -13.19
C ILE B 1130 -65.71 32.58 -14.63
N GLY B 1131 -66.12 33.55 -15.44
CA GLY B 1131 -65.69 33.61 -16.82
C GLY B 1131 -66.60 32.93 -17.82
N ILE B 1132 -67.87 32.71 -17.48
CA ILE B 1132 -68.76 32.01 -18.39
C ILE B 1132 -69.20 32.93 -19.53
N VAL B 1133 -69.61 32.33 -20.64
CA VAL B 1133 -69.95 33.04 -21.86
C VAL B 1133 -71.27 32.51 -22.40
N ASN B 1134 -71.86 33.29 -23.30
CA ASN B 1134 -73.16 32.99 -23.89
C ASN B 1134 -72.95 32.51 -25.33
N ASN B 1135 -73.62 31.43 -25.69
CA ASN B 1135 -73.57 30.90 -27.06
C ASN B 1135 -74.71 29.90 -27.22
N THR B 1136 -74.70 29.18 -28.34
CA THR B 1136 -75.75 28.24 -28.68
C THR B 1136 -75.18 26.84 -28.84
N VAL B 1137 -76.04 25.84 -28.60
CA VAL B 1137 -75.66 24.43 -28.68
C VAL B 1137 -76.64 23.73 -29.61
N TYR B 1138 -76.10 23.04 -30.61
CA TYR B 1138 -76.93 22.40 -31.63
C TYR B 1138 -77.09 20.90 -31.36
N TYR C 28 -11.50 15.55 57.92
CA TYR C 28 -11.45 14.96 56.59
C TYR C 28 -12.38 15.69 55.64
N THR C 29 -11.81 16.33 54.62
CA THR C 29 -12.59 17.06 53.63
C THR C 29 -12.14 16.65 52.24
N ASN C 30 -13.11 16.45 51.35
CA ASN C 30 -12.81 16.07 49.98
C ASN C 30 -12.47 17.28 49.12
N SER C 31 -11.86 17.01 47.96
CA SER C 31 -11.53 18.08 47.04
C SER C 31 -12.80 18.68 46.44
N PHE C 32 -12.74 19.99 46.18
CA PHE C 32 -13.88 20.72 45.65
C PHE C 32 -13.53 21.36 44.31
N THR C 33 -12.95 20.56 43.41
CA THR C 33 -12.50 21.04 42.10
C THR C 33 -11.41 22.11 42.26
N ARG C 34 -10.27 21.66 42.79
CA ARG C 34 -9.14 22.54 43.04
C ARG C 34 -7.84 21.75 42.93
N GLY C 35 -6.81 22.41 42.41
CA GLY C 35 -5.49 21.78 42.31
C GLY C 35 -4.94 21.58 40.91
N VAL C 36 -5.26 22.49 39.99
CA VAL C 36 -4.76 22.41 38.62
C VAL C 36 -3.67 23.43 38.42
N TYR C 37 -2.71 23.11 37.54
CA TYR C 37 -1.59 23.99 37.24
C TYR C 37 -1.33 23.98 35.74
N TYR C 38 -0.26 24.66 35.32
CA TYR C 38 0.14 24.72 33.92
C TYR C 38 1.30 23.75 33.71
N PRO C 39 1.10 22.63 33.01
CA PRO C 39 2.17 21.63 32.91
C PRO C 39 3.43 22.14 32.21
N ASP C 40 3.30 22.99 31.20
CA ASP C 40 4.45 23.39 30.40
C ASP C 40 4.37 24.88 30.08
N LYS C 41 5.52 25.42 29.68
CA LYS C 41 5.64 26.85 29.35
C LYS C 41 5.42 27.10 27.86
N VAL C 42 4.29 26.63 27.34
CA VAL C 42 3.94 26.77 25.93
C VAL C 42 2.56 27.41 25.84
N PHE C 43 2.44 28.46 25.05
CA PHE C 43 1.21 29.23 24.98
C PHE C 43 0.25 28.59 23.98
N ARG C 44 -0.98 28.34 24.44
CA ARG C 44 -2.05 27.82 23.59
C ARG C 44 -3.34 28.55 23.92
N SER C 45 -4.15 28.82 22.92
CA SER C 45 -5.40 29.54 23.09
C SER C 45 -6.53 28.86 22.34
N SER C 46 -7.71 28.85 22.96
CA SER C 46 -8.94 28.33 22.34
C SER C 46 -8.75 26.89 21.86
N VAL C 47 -8.08 26.08 22.67
CA VAL C 47 -7.79 24.69 22.32
C VAL C 47 -8.15 23.80 23.51
N LEU C 48 -8.80 22.68 23.22
CA LEU C 48 -9.18 21.72 24.25
C LEU C 48 -8.12 20.61 24.32
N HIS C 49 -6.97 20.99 24.86
CA HIS C 49 -5.82 20.09 24.92
C HIS C 49 -6.05 18.98 25.95
N SER C 50 -5.27 17.92 25.82
CA SER C 50 -5.30 16.78 26.73
C SER C 50 -3.91 16.54 27.29
N THR C 51 -3.85 16.18 28.58
CA THR C 51 -2.58 15.94 29.26
C THR C 51 -2.62 14.59 29.97
N GLN C 52 -1.44 14.06 30.24
CA GLN C 52 -1.26 12.76 30.88
C GLN C 52 -0.19 12.85 31.96
N ASP C 53 -0.29 13.85 32.83
CA ASP C 53 0.69 14.08 33.87
C ASP C 53 0.09 13.80 35.25
N LEU C 54 0.97 13.62 36.22
CA LEU C 54 0.55 13.40 37.59
C LEU C 54 -0.29 14.58 38.08
N PHE C 55 -1.39 14.25 38.78
CA PHE C 55 -2.36 15.26 39.18
C PHE C 55 -3.00 14.82 40.49
N LEU C 56 -3.90 15.67 40.99
CA LEU C 56 -4.66 15.35 42.18
C LEU C 56 -5.99 14.74 41.78
N PRO C 57 -6.28 13.48 42.15
CA PRO C 57 -7.59 12.90 41.83
C PRO C 57 -8.71 13.71 42.46
N PHE C 58 -9.80 13.86 41.72
CA PHE C 58 -10.87 14.74 42.14
C PHE C 58 -11.74 14.05 43.18
N PHE C 59 -12.28 14.86 44.09
CA PHE C 59 -13.20 14.39 45.13
C PHE C 59 -12.56 13.31 45.99
N SER C 60 -11.39 13.63 46.53
CA SER C 60 -10.64 12.73 47.40
C SER C 60 -10.41 13.41 48.75
N ASN C 61 -10.56 12.65 49.82
CA ASN C 61 -10.43 13.19 51.16
C ASN C 61 -8.97 13.49 51.49
N VAL C 62 -8.78 14.52 52.32
CA VAL C 62 -7.45 14.93 52.77
C VAL C 62 -7.47 15.05 54.28
N THR C 63 -6.28 14.94 54.87
CA THR C 63 -6.13 15.04 56.32
C THR C 63 -6.23 16.49 56.77
N TRP C 64 -6.65 16.68 58.01
CA TRP C 64 -6.79 18.01 58.59
C TRP C 64 -6.03 18.07 59.90
N PHE C 65 -5.26 19.14 60.08
CA PHE C 65 -4.49 19.35 61.30
C PHE C 65 -4.72 20.77 61.81
N HIS C 66 -4.74 20.92 63.13
CA HIS C 66 -4.89 22.22 63.75
C HIS C 66 -4.24 22.23 65.13
N PHE C 79 -2.94 22.95 68.61
CA PHE C 79 -1.51 23.05 68.84
C PHE C 79 -0.81 21.72 68.56
N ASP C 80 -0.89 21.27 67.32
CA ASP C 80 -0.30 20.01 66.90
C ASP C 80 0.34 20.16 65.53
N ASN C 81 1.51 19.55 65.35
CA ASN C 81 2.22 19.56 64.08
C ASN C 81 3.16 18.36 63.99
N PRO C 82 2.62 17.16 63.73
CA PRO C 82 3.47 15.97 63.69
C PRO C 82 4.14 15.75 62.35
N VAL C 83 4.82 14.62 62.19
CA VAL C 83 5.47 14.30 60.92
C VAL C 83 4.42 13.98 59.87
N LEU C 84 4.73 14.29 58.62
CA LEU C 84 3.85 14.01 57.48
C LEU C 84 4.66 13.53 56.29
N PRO C 85 4.41 12.32 55.80
CA PRO C 85 5.18 11.82 54.65
C PRO C 85 4.90 12.62 53.38
N PHE C 86 5.91 12.66 52.50
CA PHE C 86 5.80 13.41 51.26
C PHE C 86 4.99 12.64 50.21
N ASN C 87 5.49 11.47 49.81
CA ASN C 87 4.75 10.52 48.98
C ASN C 87 4.31 11.12 47.64
N ASP C 88 5.31 11.51 46.84
CA ASP C 88 5.12 11.84 45.43
C ASP C 88 4.04 12.91 45.22
N GLY C 89 4.21 14.03 45.89
CA GLY C 89 3.34 15.17 45.63
C GLY C 89 2.57 15.64 46.84
N VAL C 90 2.22 16.92 46.86
CA VAL C 90 1.49 17.52 47.97
C VAL C 90 0.65 18.67 47.44
N TYR C 91 -0.62 18.73 47.86
CA TYR C 91 -1.44 19.92 47.71
C TYR C 91 -1.52 20.59 49.08
N PHE C 92 -0.54 21.44 49.36
CA PHE C 92 -0.46 22.14 50.64
C PHE C 92 -1.25 23.43 50.57
N ALA C 93 -2.00 23.72 51.64
CA ALA C 93 -2.82 24.92 51.68
C ALA C 93 -3.10 25.27 53.13
N SER C 94 -2.86 26.52 53.50
CA SER C 94 -3.12 27.02 54.83
C SER C 94 -3.87 28.34 54.74
N THR C 95 -4.86 28.50 55.62
CA THR C 95 -5.69 29.69 55.65
C THR C 95 -5.53 30.38 56.99
N GLU C 96 -5.23 31.67 56.97
CA GLU C 96 -5.09 32.44 58.19
C GLU C 96 -5.25 33.92 57.87
N LYS C 97 -5.77 34.67 58.83
CA LYS C 97 -5.89 36.11 58.72
C LYS C 97 -4.69 36.85 59.29
N SER C 98 -3.73 36.12 59.87
CA SER C 98 -2.52 36.71 60.43
C SER C 98 -1.31 35.88 60.00
N ASN C 99 -0.16 36.54 59.95
CA ASN C 99 1.08 35.88 59.53
C ASN C 99 1.52 34.94 60.63
N ILE C 100 1.30 33.64 60.44
CA ILE C 100 1.68 32.60 61.39
C ILE C 100 2.64 31.60 60.76
N ILE C 101 2.29 31.08 59.58
CA ILE C 101 3.14 30.10 58.92
C ILE C 101 4.46 30.73 58.52
N ARG C 102 5.56 30.02 58.76
CA ARG C 102 6.90 30.54 58.52
C ARG C 102 7.62 29.81 57.39
N GLY C 103 7.75 28.49 57.48
CA GLY C 103 8.52 27.78 56.48
C GLY C 103 8.31 26.29 56.55
N TRP C 104 9.12 25.58 55.76
CA TRP C 104 9.03 24.13 55.64
C TRP C 104 10.41 23.52 55.74
N ILE C 105 10.45 22.28 56.23
CA ILE C 105 11.66 21.47 56.25
C ILE C 105 11.30 20.09 55.73
N PHE C 106 12.24 19.47 55.03
CA PHE C 106 12.01 18.21 54.36
C PHE C 106 13.04 17.18 54.85
N GLY C 107 13.10 16.04 54.18
CA GLY C 107 14.11 15.05 54.48
C GLY C 107 13.63 13.66 54.15
N THR C 108 14.59 12.73 54.15
CA THR C 108 14.31 11.31 53.95
C THR C 108 14.47 10.49 55.22
N THR C 109 15.36 10.87 56.12
CA THR C 109 15.51 10.19 57.40
C THR C 109 15.51 11.11 58.60
N LEU C 110 15.66 12.43 58.42
CA LEU C 110 15.52 13.41 59.50
C LEU C 110 16.55 13.16 60.60
N ASP C 111 17.81 13.03 60.21
CA ASP C 111 18.92 12.83 61.13
C ASP C 111 19.94 13.94 60.93
N SER C 112 21.09 13.81 61.61
CA SER C 112 22.18 14.76 61.48
C SER C 112 23.09 14.44 60.31
N LYS C 113 22.61 13.67 59.34
CA LYS C 113 23.42 13.26 58.20
C LYS C 113 22.68 13.53 56.90
N THR C 114 21.34 13.54 56.96
CA THR C 114 20.52 13.65 55.77
C THR C 114 20.62 15.05 55.15
N GLN C 115 20.35 15.11 53.85
CA GLN C 115 20.33 16.36 53.09
C GLN C 115 18.89 16.73 52.79
N SER C 116 18.53 17.99 53.08
CA SER C 116 17.16 18.45 52.89
C SER C 116 17.16 19.97 52.80
N LEU C 117 15.99 20.53 52.54
CA LEU C 117 15.81 21.96 52.42
C LEU C 117 15.57 22.61 53.78
N LEU C 118 15.75 23.93 53.81
CA LEU C 118 15.49 24.74 54.99
C LEU C 118 14.77 26.02 54.59
N ILE C 119 13.75 25.88 53.74
CA ILE C 119 13.05 27.04 53.22
C ILE C 119 12.40 27.81 54.36
N VAL C 120 12.88 29.03 54.60
CA VAL C 120 12.31 29.93 55.59
C VAL C 120 12.08 31.29 54.95
N ASN C 121 11.24 32.09 55.59
CA ASN C 121 10.87 33.42 55.10
C ASN C 121 11.38 34.47 56.08
N ASN C 122 12.11 35.45 55.55
CA ASN C 122 12.61 36.55 56.35
C ASN C 122 11.58 37.68 56.39
N ALA C 123 11.92 38.77 57.08
CA ALA C 123 11.01 39.90 57.17
C ALA C 123 10.79 40.54 55.81
N THR C 124 11.85 40.67 55.01
CA THR C 124 11.76 41.29 53.70
C THR C 124 12.26 40.40 52.57
N ASN C 125 12.97 39.32 52.86
CA ASN C 125 13.54 38.44 51.85
C ASN C 125 13.12 37.00 52.12
N VAL C 126 13.64 36.09 51.32
CA VAL C 126 13.41 34.66 51.48
C VAL C 126 14.76 33.95 51.47
N VAL C 127 14.79 32.77 52.09
CA VAL C 127 16.03 32.01 52.22
C VAL C 127 15.76 30.59 51.74
N ILE C 128 16.61 30.10 50.85
CA ILE C 128 16.57 28.72 50.37
C ILE C 128 17.93 28.10 50.63
N LYS C 129 17.94 26.93 51.26
CA LYS C 129 19.18 26.26 51.61
C LYS C 129 18.93 24.76 51.68
N VAL C 130 19.37 24.04 50.65
CA VAL C 130 19.28 22.58 50.64
C VAL C 130 20.68 22.07 50.98
N CYS C 131 20.90 21.83 52.27
CA CYS C 131 22.22 21.51 52.78
C CYS C 131 22.07 20.52 53.93
N GLU C 132 23.18 20.20 54.58
CA GLU C 132 23.20 19.31 55.74
C GLU C 132 23.38 20.15 56.99
N PHE C 133 22.57 19.86 58.01
CA PHE C 133 22.58 20.65 59.24
C PHE C 133 22.23 19.73 60.40
N GLN C 134 21.90 20.33 61.54
CA GLN C 134 21.50 19.61 62.74
C GLN C 134 19.98 19.58 62.83
N PHE C 135 19.43 18.39 63.00
CA PHE C 135 17.99 18.22 63.16
C PHE C 135 17.59 18.36 64.62
N CYS C 136 16.31 18.61 64.84
CA CYS C 136 15.74 18.76 66.18
C CYS C 136 14.63 17.75 66.38
N ASN C 137 14.54 17.20 67.59
CA ASN C 137 13.44 16.29 67.90
C ASN C 137 12.10 17.00 67.84
N ASP C 138 12.02 18.21 68.38
CA ASP C 138 10.81 19.02 68.35
C ASP C 138 11.16 20.44 67.93
N PRO C 139 11.50 20.65 66.67
CA PRO C 139 11.80 22.00 66.19
C PRO C 139 10.56 22.89 66.23
N PHE C 140 10.79 24.18 66.46
CA PHE C 140 9.70 25.14 66.57
C PHE C 140 10.23 26.50 66.11
N LEU C 141 9.47 27.55 66.40
CA LEU C 141 9.88 28.91 66.07
C LEU C 141 9.09 29.93 66.89
N MET C 153 6.21 35.26 70.53
CA MET C 153 7.23 34.61 69.73
C MET C 153 7.90 35.61 68.78
N GLU C 154 9.07 36.11 69.19
CA GLU C 154 9.81 37.10 68.41
C GLU C 154 10.97 36.48 67.64
N SER C 155 11.80 35.68 68.31
CA SER C 155 12.95 35.06 67.66
C SER C 155 13.31 33.79 68.43
N GLU C 156 13.28 32.66 67.74
CA GLU C 156 13.61 31.37 68.33
C GLU C 156 14.66 30.67 67.47
N PHE C 157 15.73 30.19 68.12
CA PHE C 157 16.81 29.48 67.44
C PHE C 157 17.11 28.21 68.23
N ARG C 158 16.31 27.16 68.00
CA ARG C 158 16.54 25.88 68.67
C ARG C 158 16.35 24.69 67.73
N VAL C 159 16.46 24.91 66.42
CA VAL C 159 16.18 23.85 65.44
C VAL C 159 17.43 23.42 64.68
N TYR C 160 18.53 24.13 64.80
CA TYR C 160 19.72 23.82 64.02
C TYR C 160 20.97 24.33 64.73
N SER C 161 22.04 23.54 64.66
CA SER C 161 23.31 23.95 65.22
C SER C 161 24.50 23.57 64.34
N SER C 162 24.25 23.10 63.11
CA SER C 162 25.31 22.72 62.19
C SER C 162 25.06 23.36 60.83
N ALA C 163 26.16 23.63 60.12
CA ALA C 163 26.08 24.15 58.76
C ALA C 163 27.12 23.53 57.84
N ASN C 164 27.63 22.35 58.19
CA ASN C 164 28.70 21.72 57.44
C ASN C 164 28.17 21.10 56.15
N ASN C 165 29.03 21.10 55.13
CA ASN C 165 28.75 20.48 53.83
C ASN C 165 27.46 21.04 53.22
N CYS C 166 27.48 22.33 52.96
CA CYS C 166 26.33 23.03 52.39
C CYS C 166 26.60 23.36 50.93
N THR C 167 25.56 23.24 50.11
CA THR C 167 25.71 23.27 48.66
C THR C 167 25.06 24.49 48.02
N PHE C 168 23.77 24.71 48.23
CA PHE C 168 23.02 25.69 47.46
C PHE C 168 22.41 26.72 48.40
N GLU C 169 22.64 28.00 48.10
CA GLU C 169 21.95 29.11 48.74
C GLU C 169 21.36 30.00 47.66
N TYR C 170 20.08 30.33 47.81
CA TYR C 170 19.35 31.09 46.77
C TYR C 170 18.51 32.20 47.41
N VAL C 171 19.13 32.98 48.29
CA VAL C 171 18.43 34.14 48.84
C VAL C 171 18.03 35.07 47.70
N SER C 172 16.74 35.35 47.59
CA SER C 172 16.22 36.17 46.51
C SER C 172 14.97 36.89 47.00
N GLN C 173 14.22 37.46 46.06
CA GLN C 173 12.99 38.16 46.41
C GLN C 173 11.93 37.15 46.87
N PRO C 174 10.98 37.59 47.72
CA PRO C 174 9.89 36.72 48.19
C PRO C 174 9.01 36.22 47.05
N PHE C 186 -10.10 32.66 57.76
CA PHE C 186 -11.04 32.53 56.65
C PHE C 186 -11.11 33.82 55.83
N LYS C 187 -9.96 34.42 55.58
CA LYS C 187 -9.87 35.65 54.81
C LYS C 187 -8.95 35.57 53.61
N ASN C 188 -7.89 34.77 53.67
CA ASN C 188 -6.97 34.61 52.56
C ASN C 188 -6.57 33.15 52.43
N LEU C 189 -6.64 32.63 51.21
CA LEU C 189 -6.24 31.26 50.93
C LEU C 189 -4.83 31.26 50.34
N ARG C 190 -3.97 30.43 50.88
CA ARG C 190 -2.60 30.28 50.37
C ARG C 190 -2.39 28.81 50.03
N GLU C 191 -2.50 28.48 48.75
CA GLU C 191 -2.36 27.12 48.25
C GLU C 191 -1.09 26.94 47.45
N PHE C 192 -0.30 25.93 47.81
CA PHE C 192 1.00 25.63 47.21
C PHE C 192 1.02 24.17 46.78
N VAL C 193 1.78 23.90 45.72
CA VAL C 193 1.90 22.55 45.18
C VAL C 193 3.37 22.24 44.93
N PHE C 194 3.85 21.14 45.49
CA PHE C 194 5.23 20.71 45.35
C PHE C 194 5.27 19.39 44.57
N LYS C 195 6.44 19.08 44.03
CA LYS C 195 6.68 17.78 43.40
C LYS C 195 8.17 17.61 43.20
N ASN C 196 8.61 16.35 43.26
CA ASN C 196 10.03 16.00 43.09
C ASN C 196 10.11 14.86 42.07
N ILE C 197 10.67 15.13 40.90
CA ILE C 197 10.73 14.15 39.83
C ILE C 197 11.74 14.61 38.80
N ASP C 198 12.29 13.65 38.04
CA ASP C 198 13.15 13.92 36.88
C ASP C 198 14.37 14.74 37.26
N GLY C 199 14.94 14.47 38.43
CA GLY C 199 16.10 15.21 38.89
C GLY C 199 15.82 16.68 39.10
N TYR C 200 14.62 17.01 39.56
CA TYR C 200 14.24 18.40 39.77
C TYR C 200 13.16 18.46 40.84
N PHE C 201 13.03 19.65 41.44
CA PHE C 201 12.01 19.94 42.44
C PHE C 201 11.33 21.24 42.05
N LYS C 202 10.04 21.16 41.74
CA LYS C 202 9.30 22.30 41.22
C LYS C 202 8.30 22.80 42.25
N ILE C 203 8.17 24.12 42.37
CA ILE C 203 7.27 24.75 43.29
C ILE C 203 6.27 25.58 42.50
N TYR C 204 4.98 25.41 42.78
CA TYR C 204 3.93 26.21 42.18
C TYR C 204 3.09 26.83 43.28
N SER C 205 2.52 28.00 42.98
CA SER C 205 1.73 28.70 43.96
C SER C 205 0.88 29.76 43.28
N LYS C 206 -0.10 30.26 44.02
CA LYS C 206 -1.01 31.32 43.62
C LYS C 206 -1.85 31.65 44.85
N HIS C 207 -2.28 32.90 44.95
CA HIS C 207 -3.08 33.35 46.08
C HIS C 207 -4.25 34.21 45.60
N THR C 208 -5.32 34.21 46.41
CA THR C 208 -6.52 34.97 46.08
C THR C 208 -7.31 35.25 47.36
N PRO C 209 -7.93 36.42 47.49
CA PRO C 209 -8.78 36.67 48.66
C PRO C 209 -10.06 35.84 48.61
N ILE C 210 -10.59 35.55 49.80
CA ILE C 210 -11.81 34.77 49.94
C ILE C 210 -12.73 35.47 50.92
N ASN C 211 -14.02 35.56 50.58
CA ASN C 211 -15.04 36.10 51.46
C ASN C 211 -16.00 34.95 51.80
N LEU C 212 -15.62 34.17 52.81
CA LEU C 212 -16.38 33.02 53.26
C LEU C 212 -15.77 32.53 54.56
N VAL C 213 -16.60 31.87 55.37
CA VAL C 213 -16.16 31.39 56.68
C VAL C 213 -16.55 29.92 56.87
N ARG C 214 -16.90 29.25 55.78
CA ARG C 214 -17.36 27.86 55.83
C ARG C 214 -16.25 26.88 55.46
N ASP C 215 -15.73 26.97 54.25
CA ASP C 215 -14.72 26.04 53.74
C ASP C 215 -14.14 26.64 52.46
N LEU C 216 -13.36 25.83 51.75
CA LEU C 216 -12.83 26.26 50.46
C LEU C 216 -13.98 26.50 49.48
N PRO C 217 -13.93 27.58 48.70
CA PRO C 217 -15.06 27.95 47.85
C PRO C 217 -15.16 27.05 46.62
N GLN C 218 -16.12 27.39 45.75
CA GLN C 218 -16.31 26.68 44.50
C GLN C 218 -15.35 27.20 43.45
N GLY C 219 -15.37 26.57 42.28
CA GLY C 219 -14.50 26.98 41.19
C GLY C 219 -13.06 26.60 41.45
N PHE C 220 -12.18 27.11 40.58
CA PHE C 220 -10.75 26.86 40.71
C PHE C 220 -9.99 27.92 39.94
N SER C 221 -8.70 28.02 40.27
CA SER C 221 -7.76 28.82 39.50
C SER C 221 -6.47 28.03 39.36
N ALA C 222 -5.81 28.20 38.22
CA ALA C 222 -4.63 27.40 37.92
C ALA C 222 -3.43 27.84 38.76
N LEU C 223 -2.36 27.07 38.66
CA LEU C 223 -1.11 27.35 39.38
C LEU C 223 0.03 27.48 38.40
N GLU C 224 1.03 28.30 38.76
CA GLU C 224 2.12 28.62 37.88
C GLU C 224 3.46 28.33 38.55
N PRO C 225 4.49 28.00 37.77
CA PRO C 225 5.81 27.74 38.37
C PRO C 225 6.43 29.01 38.95
N LEU C 226 7.25 28.81 39.97
CA LEU C 226 7.97 29.90 40.61
C LEU C 226 9.48 29.78 40.47
N VAL C 227 10.05 28.63 40.85
CA VAL C 227 11.49 28.42 40.85
C VAL C 227 11.78 27.01 40.34
N ASP C 228 13.06 26.68 40.33
CA ASP C 228 13.51 25.33 40.02
C ASP C 228 14.86 25.12 40.71
N LEU C 229 15.10 23.90 41.17
CA LEU C 229 16.29 23.57 41.95
C LEU C 229 16.88 22.27 41.42
N PRO C 230 17.94 22.34 40.60
CA PRO C 230 18.56 21.10 40.12
C PRO C 230 19.33 20.38 41.22
N ILE C 231 18.74 19.31 41.76
CA ILE C 231 19.31 18.56 42.86
C ILE C 231 19.03 17.08 42.63
N GLY C 232 19.84 16.23 43.26
CA GLY C 232 19.51 14.82 43.34
C GLY C 232 19.43 14.35 44.78
N ILE C 233 18.21 14.05 45.25
CA ILE C 233 17.98 13.63 46.62
C ILE C 233 16.71 12.79 46.68
N ASN C 234 16.47 12.16 47.83
CA ASN C 234 15.23 11.48 48.15
C ASN C 234 14.60 12.11 49.37
N ILE C 235 13.27 12.10 49.41
CA ILE C 235 12.53 12.72 50.51
C ILE C 235 11.40 11.78 50.94
N THR C 236 11.30 11.52 52.24
CA THR C 236 10.24 10.68 52.79
C THR C 236 9.52 11.33 53.96
N ARG C 237 9.75 12.62 54.23
CA ARG C 237 9.07 13.30 55.31
C ARG C 237 8.92 14.78 54.96
N PHE C 238 7.96 15.41 55.62
CA PHE C 238 7.65 16.83 55.36
C PHE C 238 6.86 17.37 56.54
N GLN C 239 7.42 18.35 57.24
CA GLN C 239 6.75 19.00 58.35
C GLN C 239 6.90 20.51 58.24
N THR C 240 5.83 21.23 58.55
CA THR C 240 5.82 22.68 58.47
C THR C 240 6.30 23.28 59.79
N LEU C 241 6.28 24.61 59.86
CA LEU C 241 6.69 25.33 61.06
C LEU C 241 6.08 26.72 61.01
N LEU C 242 5.23 27.03 61.98
CA LEU C 242 4.58 28.33 62.04
C LEU C 242 5.40 29.27 62.91
N ALA C 243 4.84 30.43 63.24
CA ALA C 243 5.53 31.41 64.08
C ALA C 243 5.59 30.93 65.52
N GLY C 261 -4.61 25.50 68.96
CA GLY C 261 -4.05 26.83 68.79
C GLY C 261 -3.27 27.00 67.51
N ALA C 262 -2.76 25.88 66.98
CA ALA C 262 -2.00 25.92 65.74
C ALA C 262 -2.90 26.29 64.56
N ALA C 263 -2.31 26.97 63.59
CA ALA C 263 -3.05 27.38 62.40
C ALA C 263 -3.45 26.16 61.57
N ALA C 264 -4.66 26.20 61.02
CA ALA C 264 -5.19 25.08 60.27
C ALA C 264 -4.54 24.97 58.90
N TYR C 265 -4.47 23.74 58.40
CA TYR C 265 -3.94 23.47 57.07
C TYR C 265 -4.35 22.06 56.65
N TYR C 266 -4.20 21.79 55.35
CA TYR C 266 -4.57 20.50 54.78
C TYR C 266 -3.39 19.92 54.01
N VAL C 267 -3.42 18.61 53.82
CA VAL C 267 -2.39 17.90 53.06
C VAL C 267 -3.06 16.85 52.19
N GLY C 268 -2.74 16.85 50.89
CA GLY C 268 -3.24 15.84 49.98
C GLY C 268 -2.10 15.31 49.13
N TYR C 269 -2.34 14.15 48.52
CA TYR C 269 -1.34 13.47 47.73
C TYR C 269 -1.69 13.54 46.25
N LEU C 270 -0.76 13.06 45.42
CA LEU C 270 -0.90 13.09 43.97
C LEU C 270 -0.89 11.67 43.41
N GLN C 271 -1.63 11.48 42.31
CA GLN C 271 -1.74 10.19 41.66
C GLN C 271 -1.72 10.37 40.16
N PRO C 272 -1.07 9.48 39.41
CA PRO C 272 -1.12 9.56 37.94
C PRO C 272 -2.55 9.43 37.44
N ARG C 273 -2.89 10.27 36.47
CA ARG C 273 -4.24 10.35 35.94
C ARG C 273 -4.16 10.79 34.48
N THR C 274 -5.30 11.22 33.94
CA THR C 274 -5.36 11.82 32.60
C THR C 274 -6.48 12.85 32.61
N PHE C 275 -6.14 14.09 32.31
CA PHE C 275 -7.07 15.21 32.39
C PHE C 275 -7.44 15.69 31.00
N LEU C 276 -8.25 16.74 30.96
CA LEU C 276 -8.62 17.40 29.70
C LEU C 276 -8.97 18.85 30.03
N LEU C 277 -8.06 19.76 29.75
CA LEU C 277 -8.19 21.15 30.17
C LEU C 277 -8.64 22.02 29.01
N LYS C 278 -9.20 23.18 29.36
CA LYS C 278 -9.67 24.16 28.40
C LYS C 278 -8.86 25.44 28.56
N TYR C 279 -8.34 25.95 27.46
CA TYR C 279 -7.63 27.23 27.43
C TYR C 279 -8.55 28.29 26.83
N ASN C 280 -8.71 29.40 27.54
CA ASN C 280 -9.53 30.50 27.03
C ASN C 280 -8.71 31.30 26.01
N GLU C 281 -9.28 32.42 25.54
CA GLU C 281 -8.63 33.20 24.50
C GLU C 281 -7.29 33.75 24.97
N ASN C 282 -7.25 34.28 26.19
CA ASN C 282 -6.01 34.88 26.70
C ASN C 282 -4.94 33.85 27.00
N GLY C 283 -5.32 32.59 27.22
CA GLY C 283 -4.35 31.55 27.51
C GLY C 283 -4.36 31.10 28.95
N THR C 284 -5.54 31.19 29.60
CA THR C 284 -5.70 30.81 30.99
C THR C 284 -6.61 29.59 31.08
N ILE C 285 -6.23 28.64 31.93
CA ILE C 285 -7.00 27.43 32.13
C ILE C 285 -8.19 27.74 33.04
N THR C 286 -9.40 27.49 32.54
CA THR C 286 -10.61 27.78 33.30
C THR C 286 -11.51 26.56 33.50
N ASP C 287 -11.12 25.39 32.99
CA ASP C 287 -11.95 24.20 33.14
C ASP C 287 -11.11 22.96 32.90
N ALA C 288 -11.47 21.88 33.59
CA ALA C 288 -10.78 20.61 33.44
C ALA C 288 -11.71 19.50 33.91
N VAL C 289 -11.56 18.32 33.30
CA VAL C 289 -12.37 17.17 33.63
C VAL C 289 -11.46 15.95 33.79
N ASP C 290 -11.92 14.98 34.57
CA ASP C 290 -11.22 13.74 34.79
C ASP C 290 -11.73 12.66 33.85
N CYS C 291 -11.04 11.52 33.83
CA CYS C 291 -11.39 10.41 32.97
C CYS C 291 -11.68 9.13 33.73
N ALA C 292 -11.65 9.15 35.07
CA ALA C 292 -11.90 7.95 35.84
C ALA C 292 -12.76 8.24 37.06
N LEU C 293 -13.61 9.27 36.98
CA LEU C 293 -14.50 9.60 38.10
C LEU C 293 -15.88 8.96 37.92
N ASP C 294 -16.56 9.28 36.82
CA ASP C 294 -17.89 8.80 36.53
C ASP C 294 -17.97 8.49 35.04
N PRO C 295 -18.92 7.65 34.62
CA PRO C 295 -19.01 7.31 33.18
C PRO C 295 -19.20 8.50 32.27
N LEU C 296 -20.00 9.49 32.68
CA LEU C 296 -20.23 10.65 31.84
C LEU C 296 -18.93 11.39 31.53
N SER C 297 -18.01 11.44 32.50
CA SER C 297 -16.70 12.02 32.24
C SER C 297 -15.94 11.23 31.18
N GLU C 298 -16.08 9.91 31.19
CA GLU C 298 -15.43 9.10 30.16
C GLU C 298 -16.03 9.37 28.79
N THR C 299 -17.35 9.52 28.70
CA THR C 299 -17.95 9.87 27.42
C THR C 299 -17.47 11.24 26.95
N LYS C 300 -17.36 12.19 27.88
CA LYS C 300 -16.83 13.51 27.52
C LYS C 300 -15.41 13.40 26.99
N CYS C 301 -14.58 12.58 27.63
CA CYS C 301 -13.21 12.41 27.17
C CYS C 301 -13.15 11.78 25.80
N THR C 302 -13.96 10.75 25.56
CA THR C 302 -13.95 10.07 24.27
C THR C 302 -14.44 10.98 23.15
N LEU C 303 -15.52 11.74 23.40
CA LEU C 303 -16.05 12.65 22.39
C LEU C 303 -15.26 13.95 22.31
N LYS C 304 -14.42 14.25 23.29
CA LYS C 304 -13.56 15.44 23.28
C LYS C 304 -14.39 16.72 23.18
N SER C 305 -15.31 16.88 24.12
CA SER C 305 -16.17 18.07 24.16
C SER C 305 -16.68 18.24 25.58
N PHE C 306 -17.32 19.39 25.83
CA PHE C 306 -17.87 19.70 27.14
C PHE C 306 -19.38 19.60 27.18
N THR C 307 -20.04 19.33 26.06
CA THR C 307 -21.47 19.09 26.02
C THR C 307 -21.73 17.90 25.11
N VAL C 308 -22.46 16.92 25.60
CA VAL C 308 -22.78 15.70 24.85
C VAL C 308 -24.28 15.68 24.58
N GLU C 309 -24.64 15.40 23.34
CA GLU C 309 -26.04 15.37 22.93
C GLU C 309 -26.65 14.01 23.25
N LYS C 310 -27.91 13.83 22.87
CA LYS C 310 -28.62 12.60 23.15
C LYS C 310 -28.08 11.46 22.29
N GLY C 311 -28.24 10.24 22.79
CA GLY C 311 -27.88 9.05 22.05
C GLY C 311 -27.15 8.06 22.93
N ILE C 312 -26.58 7.05 22.29
CA ILE C 312 -25.82 6.00 22.96
C ILE C 312 -24.41 5.99 22.38
N TYR C 313 -23.41 5.99 23.25
CA TYR C 313 -22.02 6.10 22.84
C TYR C 313 -21.21 4.93 23.41
N GLN C 314 -20.17 4.56 22.69
CA GLN C 314 -19.27 3.48 23.09
C GLN C 314 -18.03 4.10 23.74
N THR C 315 -17.76 3.71 24.98
CA THR C 315 -16.74 4.37 25.78
C THR C 315 -15.42 3.59 25.82
N SER C 316 -15.46 2.36 26.31
CA SER C 316 -14.22 1.62 26.56
C SER C 316 -14.52 0.13 26.57
N ASN C 317 -13.53 -0.66 26.97
CA ASN C 317 -13.63 -2.10 27.05
C ASN C 317 -13.68 -2.55 28.51
N PHE C 318 -13.68 -3.86 28.70
CA PHE C 318 -13.88 -4.45 30.02
C PHE C 318 -13.20 -5.81 30.06
N ARG C 319 -12.49 -6.08 31.16
CA ARG C 319 -11.72 -7.31 31.32
C ARG C 319 -11.79 -7.76 32.78
N VAL C 320 -11.12 -8.87 33.07
CA VAL C 320 -10.95 -9.37 34.43
C VAL C 320 -9.46 -9.51 34.70
N GLN C 321 -9.08 -9.38 35.96
CA GLN C 321 -7.68 -9.53 36.32
C GLN C 321 -7.46 -10.88 37.02
N PRO C 322 -6.27 -11.47 36.86
CA PRO C 322 -6.02 -12.76 37.52
C PRO C 322 -5.80 -12.62 39.01
N THR C 323 -5.65 -13.74 39.71
CA THR C 323 -5.46 -13.74 41.16
C THR C 323 -4.03 -14.07 41.57
N GLU C 324 -3.49 -15.20 41.12
CA GLU C 324 -2.12 -15.56 41.44
C GLU C 324 -1.53 -16.34 40.26
N SER C 325 -0.30 -16.81 40.43
CA SER C 325 0.42 -17.53 39.40
C SER C 325 0.77 -18.93 39.88
N ILE C 326 0.82 -19.88 38.95
CA ILE C 326 1.21 -21.25 39.23
C ILE C 326 2.36 -21.64 38.32
N VAL C 327 3.36 -22.30 38.89
CA VAL C 327 4.52 -22.79 38.16
C VAL C 327 4.68 -24.27 38.45
N ARG C 328 4.88 -25.06 37.40
CA ARG C 328 4.98 -26.52 37.53
C ARG C 328 6.13 -27.00 36.66
N PHE C 329 7.13 -27.62 37.29
CA PHE C 329 8.29 -28.19 36.60
C PHE C 329 8.43 -29.66 36.95
N PRO C 330 9.09 -30.45 36.10
CA PRO C 330 9.32 -31.85 36.44
C PRO C 330 10.20 -32.00 37.67
N ASN C 331 10.20 -33.21 38.23
CA ASN C 331 10.99 -33.49 39.43
C ASN C 331 12.47 -33.29 39.15
N ILE C 332 13.04 -34.14 38.28
CA ILE C 332 14.43 -34.14 37.83
C ILE C 332 15.43 -33.62 38.86
N THR C 333 16.19 -34.53 39.46
CA THR C 333 17.15 -34.17 40.51
C THR C 333 18.50 -34.79 40.16
N ASN C 334 19.33 -34.03 39.45
CA ASN C 334 20.73 -34.35 39.17
C ASN C 334 21.33 -33.16 38.44
N LEU C 335 22.65 -33.03 38.55
CA LEU C 335 23.36 -31.88 38.02
C LEU C 335 24.12 -32.27 36.76
N CYS C 336 24.20 -31.33 35.82
CA CYS C 336 24.79 -31.62 34.52
C CYS C 336 26.29 -31.82 34.62
N PRO C 337 26.86 -32.65 33.74
CA PRO C 337 28.32 -32.85 33.72
C PRO C 337 29.06 -31.68 33.05
N PHE C 338 28.90 -30.50 33.63
CA PHE C 338 29.52 -29.31 33.06
C PHE C 338 31.03 -29.31 33.28
N GLY C 339 31.48 -29.70 34.48
CA GLY C 339 32.90 -29.61 34.80
C GLY C 339 33.76 -30.46 33.89
N GLU C 340 33.36 -31.71 33.67
CA GLU C 340 34.13 -32.60 32.82
C GLU C 340 34.25 -32.08 31.39
N VAL C 341 33.34 -31.21 30.97
CA VAL C 341 33.44 -30.57 29.67
C VAL C 341 34.36 -29.35 29.73
N PHE C 342 34.19 -28.53 30.77
CA PHE C 342 34.96 -27.29 30.85
C PHE C 342 36.33 -27.50 31.49
N ASN C 343 36.47 -28.51 32.35
CA ASN C 343 37.73 -28.77 33.06
C ASN C 343 38.45 -30.00 32.51
N ALA C 344 38.33 -30.26 31.21
CA ALA C 344 38.99 -31.41 30.61
C ALA C 344 40.46 -31.10 30.38
N THR C 345 41.32 -32.03 30.79
CA THR C 345 42.77 -31.83 30.64
C THR C 345 43.18 -31.82 29.17
N ARG C 346 42.60 -32.72 28.36
CA ARG C 346 42.95 -32.85 26.96
C ARG C 346 41.79 -32.36 26.10
N PHE C 347 42.09 -31.54 25.09
CA PHE C 347 41.11 -31.04 24.16
C PHE C 347 41.45 -31.51 22.76
N ALA C 348 40.41 -31.66 21.92
CA ALA C 348 40.57 -32.16 20.57
C ALA C 348 41.04 -31.03 19.64
N SER C 349 41.02 -31.29 18.35
CA SER C 349 41.44 -30.31 17.35
C SER C 349 40.22 -29.65 16.71
N VAL C 350 40.48 -28.55 16.01
CA VAL C 350 39.40 -27.82 15.35
C VAL C 350 38.83 -28.64 14.19
N TYR C 351 39.69 -29.36 13.47
CA TYR C 351 39.23 -30.15 12.33
C TYR C 351 38.57 -31.45 12.74
N ALA C 352 38.71 -31.86 14.00
CA ALA C 352 38.14 -33.10 14.51
C ALA C 352 37.45 -32.83 15.85
N TRP C 353 36.62 -31.80 15.89
CA TRP C 353 35.98 -31.39 17.14
C TRP C 353 35.11 -32.52 17.69
N ASN C 354 35.15 -32.68 19.01
CA ASN C 354 34.33 -33.67 19.68
C ASN C 354 33.06 -33.04 20.21
N ARG C 355 32.01 -33.84 20.26
CA ARG C 355 30.70 -33.38 20.71
C ARG C 355 30.19 -34.28 21.82
N LYS C 356 29.48 -33.69 22.77
CA LYS C 356 28.96 -34.41 23.93
C LYS C 356 27.48 -34.10 24.09
N ARG C 357 26.71 -35.12 24.41
CA ARG C 357 25.26 -35.01 24.55
C ARG C 357 24.91 -34.85 26.02
N ILE C 358 24.01 -33.90 26.31
CA ILE C 358 23.53 -33.65 27.66
C ILE C 358 22.01 -33.75 27.63
N SER C 359 21.45 -34.50 28.57
CA SER C 359 20.00 -34.65 28.62
C SER C 359 19.59 -35.11 30.02
N ASN C 360 18.31 -34.87 30.34
CA ASN C 360 17.72 -35.23 31.63
C ASN C 360 18.57 -34.74 32.80
N CYS C 361 18.66 -33.42 32.91
CA CYS C 361 19.45 -32.82 33.97
C CYS C 361 18.92 -31.43 34.31
N VAL C 362 19.34 -30.93 35.47
CA VAL C 362 19.06 -29.57 35.90
C VAL C 362 20.35 -28.78 35.86
N ALA C 363 20.38 -27.73 35.04
CA ALA C 363 21.56 -26.92 34.84
C ALA C 363 21.32 -25.52 35.38
N ASP C 364 22.27 -25.01 36.16
CA ASP C 364 22.23 -23.64 36.65
C ASP C 364 23.29 -22.86 35.90
N TYR C 365 22.85 -21.94 35.04
CA TYR C 365 23.78 -21.17 34.23
C TYR C 365 24.36 -19.97 34.99
N SER C 366 23.80 -19.64 36.15
CA SER C 366 24.36 -18.54 36.95
C SER C 366 25.78 -18.87 37.39
N VAL C 367 25.98 -20.07 37.95
CA VAL C 367 27.33 -20.48 38.33
C VAL C 367 28.20 -20.68 37.10
N LEU C 368 27.58 -21.01 35.96
CA LEU C 368 28.35 -21.26 34.74
C LEU C 368 29.13 -20.02 34.32
N TYR C 369 28.50 -18.84 34.38
CA TYR C 369 29.21 -17.62 34.05
C TYR C 369 30.25 -17.28 35.10
N ASN C 370 29.94 -17.52 36.38
CA ASN C 370 30.79 -17.11 37.48
C ASN C 370 31.88 -18.13 37.81
N SER C 371 31.94 -19.25 37.09
CA SER C 371 32.96 -20.26 37.37
C SER C 371 34.36 -19.75 37.08
N ALA C 372 34.53 -18.98 36.01
CA ALA C 372 35.83 -18.46 35.62
C ALA C 372 35.63 -17.18 34.81
N SER C 373 36.73 -16.46 34.62
CA SER C 373 36.72 -15.21 33.87
C SER C 373 36.95 -15.54 32.40
N PHE C 374 35.88 -15.52 31.62
CA PHE C 374 35.96 -15.78 30.18
C PHE C 374 36.22 -14.48 29.43
N SER C 375 36.94 -14.60 28.32
CA SER C 375 37.34 -13.44 27.53
C SER C 375 36.27 -12.98 26.54
N THR C 376 35.23 -13.79 26.29
CA THR C 376 34.20 -13.42 25.34
C THR C 376 32.94 -14.22 25.63
N PHE C 377 31.84 -13.52 25.92
CA PHE C 377 30.53 -14.15 26.10
C PHE C 377 29.52 -13.26 25.38
N LYS C 378 29.32 -13.54 24.10
CA LYS C 378 28.37 -12.79 23.27
C LYS C 378 27.59 -13.81 22.47
N CYS C 379 26.34 -14.06 22.87
CA CYS C 379 25.59 -15.18 22.34
C CYS C 379 24.21 -14.73 21.91
N TYR C 380 23.63 -15.49 20.98
CA TYR C 380 22.51 -15.04 20.16
C TYR C 380 21.27 -15.89 20.41
N GLY C 381 20.11 -15.23 20.37
CA GLY C 381 18.83 -15.89 20.42
C GLY C 381 18.15 -15.87 21.77
N VAL C 382 18.92 -15.98 22.85
CA VAL C 382 18.39 -16.01 24.20
C VAL C 382 19.18 -15.04 25.06
N SER C 383 18.48 -14.23 25.83
CA SER C 383 19.15 -13.33 26.77
C SER C 383 19.69 -14.15 27.95
N PRO C 384 20.96 -13.99 28.31
CA PRO C 384 21.53 -14.83 29.39
C PRO C 384 20.84 -14.66 30.73
N THR C 385 20.18 -13.54 30.99
CA THR C 385 19.48 -13.36 32.25
C THR C 385 18.29 -14.31 32.36
N LYS C 386 17.55 -14.50 31.26
CA LYS C 386 16.37 -15.35 31.25
C LYS C 386 16.69 -16.83 31.06
N LEU C 387 17.97 -17.18 30.91
CA LEU C 387 18.33 -18.58 30.67
C LEU C 387 17.96 -19.49 31.83
N ASN C 388 17.76 -18.93 33.02
CA ASN C 388 17.43 -19.73 34.19
C ASN C 388 15.98 -20.18 34.21
N ASP C 389 15.13 -19.62 33.34
CA ASP C 389 13.70 -19.90 33.36
C ASP C 389 13.19 -20.43 32.03
N LEU C 390 13.98 -21.26 31.35
CA LEU C 390 13.58 -21.87 30.09
C LEU C 390 13.94 -23.35 30.10
N CYS C 391 13.13 -24.14 29.39
CA CYS C 391 13.33 -25.58 29.27
C CYS C 391 13.46 -25.94 27.81
N PHE C 392 14.51 -26.70 27.48
CA PHE C 392 14.78 -27.15 26.12
C PHE C 392 14.63 -28.67 26.05
N THR C 393 14.95 -29.21 24.88
CA THR C 393 14.89 -30.65 24.65
C THR C 393 16.26 -31.31 24.63
N ASN C 394 17.30 -30.60 24.22
CA ASN C 394 18.64 -31.18 24.14
C ASN C 394 19.67 -30.06 24.15
N VAL C 395 20.88 -30.41 24.58
CA VAL C 395 22.01 -29.50 24.58
C VAL C 395 23.16 -30.22 23.89
N TYR C 396 23.45 -29.84 22.65
CA TYR C 396 24.51 -30.44 21.85
C TYR C 396 25.78 -29.61 22.02
N ALA C 397 26.57 -29.95 23.04
CA ALA C 397 27.80 -29.23 23.30
C ALA C 397 28.93 -29.75 22.42
N ASP C 398 29.84 -28.85 22.03
CA ASP C 398 31.03 -29.24 21.29
C ASP C 398 32.15 -28.27 21.62
N SER C 399 33.38 -28.77 21.54
CA SER C 399 34.55 -28.01 21.95
C SER C 399 35.70 -28.25 20.97
N PHE C 400 36.60 -27.28 20.89
CA PHE C 400 37.74 -27.33 19.99
C PHE C 400 38.69 -26.19 20.36
N VAL C 401 39.77 -26.05 19.58
CA VAL C 401 40.81 -25.06 19.84
C VAL C 401 41.23 -24.44 18.52
N ILE C 402 41.39 -23.11 18.51
CA ILE C 402 41.79 -22.36 17.34
C ILE C 402 42.95 -21.43 17.70
N ARG C 403 43.38 -20.64 16.74
CA ARG C 403 44.56 -19.79 16.87
C ARG C 403 44.14 -18.33 16.95
N GLY C 404 44.15 -17.79 18.17
CA GLY C 404 44.06 -16.36 18.40
C GLY C 404 42.88 -15.65 17.78
N ASP C 405 43.15 -14.79 16.79
CA ASP C 405 42.16 -13.94 16.17
C ASP C 405 41.16 -14.71 15.30
N GLU C 406 41.25 -16.03 15.23
CA GLU C 406 40.29 -16.82 14.48
C GLU C 406 38.93 -16.90 15.15
N VAL C 407 38.79 -16.33 16.35
CA VAL C 407 37.54 -16.36 17.08
C VAL C 407 36.45 -15.63 16.30
N ARG C 408 36.81 -14.54 15.63
CA ARG C 408 35.81 -13.71 14.96
C ARG C 408 35.04 -14.48 13.89
N GLN C 409 35.59 -15.58 13.39
CA GLN C 409 34.85 -16.41 12.43
C GLN C 409 33.84 -17.33 13.09
N ILE C 410 33.89 -17.48 14.42
CA ILE C 410 32.94 -18.36 15.11
C ILE C 410 31.72 -17.48 15.43
N ALA C 411 30.86 -17.33 14.43
CA ALA C 411 29.64 -16.53 14.46
C ALA C 411 28.91 -16.75 13.15
N PRO C 412 27.58 -16.61 13.12
CA PRO C 412 26.87 -16.82 11.86
C PRO C 412 27.21 -15.74 10.84
N GLY C 413 27.15 -16.12 9.57
CA GLY C 413 27.42 -15.21 8.47
C GLY C 413 28.84 -14.67 8.44
N GLN C 414 29.82 -15.55 8.60
CA GLN C 414 31.22 -15.16 8.61
C GLN C 414 32.01 -16.01 7.62
N THR C 415 33.10 -15.44 7.12
CA THR C 415 33.97 -16.09 6.15
C THR C 415 35.40 -16.15 6.69
N GLY C 416 36.02 -17.31 6.56
CA GLY C 416 37.38 -17.50 7.04
C GLY C 416 37.76 -18.96 6.96
N LYS C 417 39.03 -19.22 7.24
CA LYS C 417 39.53 -20.59 7.19
C LYS C 417 38.76 -21.49 8.14
N ILE C 418 38.63 -21.07 9.40
CA ILE C 418 37.88 -21.84 10.38
C ILE C 418 36.41 -21.89 10.00
N ALA C 419 35.87 -20.77 9.50
CA ALA C 419 34.46 -20.72 9.15
C ALA C 419 34.15 -21.56 7.91
N ASP C 420 35.12 -21.72 7.01
CA ASP C 420 34.87 -22.43 5.76
C ASP C 420 35.22 -23.91 5.86
N TYR C 421 36.48 -24.21 6.16
CA TYR C 421 36.97 -25.58 6.04
C TYR C 421 36.94 -26.36 7.35
N ASN C 422 36.53 -25.75 8.46
CA ASN C 422 36.58 -26.43 9.75
C ASN C 422 35.22 -26.58 10.41
N TYR C 423 34.47 -25.48 10.57
CA TYR C 423 33.29 -25.50 11.42
C TYR C 423 32.37 -24.37 10.99
N LYS C 424 31.18 -24.71 10.50
CA LYS C 424 30.24 -23.74 9.98
C LYS C 424 29.09 -23.57 10.96
N LEU C 425 28.74 -22.32 11.24
CA LEU C 425 27.63 -22.02 12.14
C LEU C 425 26.40 -21.65 11.32
N PRO C 426 25.33 -22.45 11.39
CA PRO C 426 24.13 -22.12 10.60
C PRO C 426 23.51 -20.80 11.05
N ASP C 427 22.85 -20.12 10.12
CA ASP C 427 22.29 -18.81 10.40
C ASP C 427 21.14 -18.85 11.39
N ASP C 428 20.52 -20.02 11.58
CA ASP C 428 19.44 -20.18 12.54
C ASP C 428 19.94 -20.69 13.89
N PHE C 429 21.21 -20.44 14.19
CA PHE C 429 21.80 -20.90 15.44
C PHE C 429 21.21 -20.13 16.62
N THR C 430 20.76 -20.85 17.64
CA THR C 430 20.09 -20.27 18.80
C THR C 430 20.74 -20.75 20.08
N GLY C 431 22.06 -20.71 20.14
CA GLY C 431 22.78 -21.13 21.33
C GLY C 431 23.74 -20.08 21.83
N CYS C 432 24.81 -20.49 22.51
CA CYS C 432 25.78 -19.53 23.03
C CYS C 432 27.19 -20.07 22.88
N VAL C 433 28.14 -19.13 22.82
CA VAL C 433 29.55 -19.44 22.61
C VAL C 433 30.36 -18.84 23.75
N ILE C 434 31.24 -19.65 24.34
CA ILE C 434 32.07 -19.23 25.46
C ILE C 434 33.54 -19.50 25.10
N ALA C 435 34.38 -18.49 25.23
CA ALA C 435 35.79 -18.59 24.88
C ALA C 435 36.65 -17.96 25.96
N TRP C 436 37.86 -18.51 26.12
CA TRP C 436 38.84 -17.98 27.07
C TRP C 436 40.22 -18.46 26.65
N ASN C 437 41.23 -17.69 27.06
CA ASN C 437 42.62 -18.07 26.80
C ASN C 437 43.20 -18.79 28.00
N SER C 438 44.22 -19.62 27.74
CA SER C 438 45.01 -20.22 28.81
C SER C 438 46.43 -20.39 28.26
N ASN C 439 47.26 -19.38 28.49
CA ASN C 439 48.67 -19.50 28.15
C ASN C 439 49.36 -20.53 29.02
N ASN C 440 49.01 -20.57 30.30
CA ASN C 440 49.63 -21.51 31.23
C ASN C 440 48.85 -22.82 31.30
N LEU C 441 48.50 -23.35 30.13
CA LEU C 441 48.03 -24.74 30.04
C LEU C 441 48.61 -25.52 28.88
N ASP C 442 48.98 -24.89 27.76
CA ASP C 442 49.46 -25.60 26.59
C ASP C 442 50.60 -24.84 25.92
N SER C 443 51.54 -24.34 26.71
CA SER C 443 52.66 -23.56 26.20
C SER C 443 53.95 -24.33 26.45
N LYS C 444 54.52 -24.89 25.39
CA LYS C 444 55.81 -25.57 25.46
C LYS C 444 56.82 -24.80 24.60
N VAL C 445 58.07 -24.79 25.05
CA VAL C 445 59.12 -24.04 24.36
C VAL C 445 59.39 -24.67 23.01
N GLY C 446 59.54 -23.83 21.99
CA GLY C 446 59.82 -24.29 20.65
C GLY C 446 58.61 -24.54 19.78
N GLY C 447 57.40 -24.42 20.33
CA GLY C 447 56.20 -24.61 19.56
C GLY C 447 55.42 -25.86 19.92
N ASN C 448 54.11 -25.71 20.13
CA ASN C 448 53.23 -26.84 20.38
C ASN C 448 52.63 -27.29 19.06
N TYR C 449 53.06 -28.46 18.59
CA TYR C 449 52.65 -28.98 17.28
C TYR C 449 51.54 -30.02 17.38
N ASN C 450 50.96 -30.21 18.57
CA ASN C 450 49.91 -31.21 18.71
C ASN C 450 48.59 -30.74 18.11
N TYR C 451 48.42 -29.43 17.93
CA TYR C 451 47.19 -28.87 17.39
C TYR C 451 47.36 -28.54 15.91
N LEU C 452 46.47 -29.08 15.08
CA LEU C 452 46.52 -28.89 13.64
C LEU C 452 45.19 -28.35 13.14
N TYR C 453 45.23 -27.62 12.03
CA TYR C 453 44.03 -27.06 11.44
C TYR C 453 44.05 -27.26 9.93
N ARG C 454 42.85 -27.49 9.38
CA ARG C 454 42.70 -27.84 7.97
C ARG C 454 43.07 -26.66 7.07
N LEU C 455 43.54 -26.98 5.87
CA LEU C 455 43.94 -26.00 4.86
C LEU C 455 43.17 -26.26 3.58
N PHE C 456 43.63 -25.67 2.47
CA PHE C 456 42.96 -25.65 1.18
C PHE C 456 42.21 -26.94 0.85
N ARG C 457 40.95 -26.81 0.42
CA ARG C 457 40.08 -27.93 0.14
C ARG C 457 39.30 -27.64 -1.14
N LYS C 458 38.26 -28.43 -1.39
CA LYS C 458 37.49 -28.33 -2.63
C LYS C 458 36.28 -27.42 -2.48
N SER C 459 35.37 -27.76 -1.57
CA SER C 459 34.10 -27.05 -1.42
C SER C 459 33.97 -26.49 0.00
N ASN C 460 32.80 -25.94 0.28
CA ASN C 460 32.50 -25.36 1.58
C ASN C 460 31.79 -26.37 2.46
N LEU C 461 32.21 -26.44 3.72
CA LEU C 461 31.59 -27.37 4.66
C LEU C 461 30.18 -26.93 5.01
N LYS C 462 29.26 -27.89 5.04
CA LYS C 462 27.91 -27.63 5.50
C LYS C 462 27.91 -27.44 7.02
N PRO C 463 26.91 -26.74 7.56
CA PRO C 463 26.86 -26.51 9.00
C PRO C 463 26.79 -27.83 9.78
N PHE C 464 27.42 -27.83 10.95
CA PHE C 464 27.44 -28.98 11.85
C PHE C 464 27.92 -30.24 11.13
N GLU C 465 29.00 -30.10 10.36
CA GLU C 465 29.61 -31.22 9.66
C GLU C 465 31.09 -31.30 10.02
N ARG C 466 31.58 -32.53 10.20
CA ARG C 466 32.96 -32.77 10.58
C ARG C 466 33.66 -33.55 9.48
N ASP C 467 34.86 -33.11 9.10
CA ASP C 467 35.70 -33.80 8.14
C ASP C 467 36.86 -34.45 8.88
N ILE C 468 37.04 -35.75 8.68
CA ILE C 468 38.07 -36.51 9.38
C ILE C 468 39.19 -36.97 8.47
N SER C 469 39.03 -36.86 7.15
CA SER C 469 40.05 -37.29 6.23
C SER C 469 41.31 -36.44 6.36
N THR C 470 42.47 -37.11 6.34
CA THR C 470 43.76 -36.43 6.39
C THR C 470 44.67 -36.84 5.23
N GLU C 471 44.10 -37.47 4.20
CA GLU C 471 44.88 -37.92 3.07
C GLU C 471 45.36 -36.73 2.24
N ILE C 472 46.48 -36.93 1.53
CA ILE C 472 47.07 -35.88 0.71
C ILE C 472 46.10 -35.52 -0.41
N TYR C 473 45.82 -34.24 -0.54
CA TYR C 473 44.90 -33.75 -1.56
C TYR C 473 45.68 -33.11 -2.70
N GLN C 474 45.19 -33.30 -3.92
CA GLN C 474 45.84 -32.79 -5.12
C GLN C 474 45.21 -31.46 -5.52
N ALA C 475 46.06 -30.45 -5.74
CA ALA C 475 45.62 -29.12 -6.16
C ALA C 475 46.51 -28.68 -7.32
N GLY C 476 46.08 -28.99 -8.54
CA GLY C 476 46.83 -28.62 -9.71
C GLY C 476 46.42 -29.46 -10.90
N SER C 477 47.05 -29.15 -12.04
CA SER C 477 46.74 -29.87 -13.27
C SER C 477 47.35 -31.27 -13.27
N THR C 478 48.53 -31.43 -12.70
CA THR C 478 49.20 -32.73 -12.67
C THR C 478 48.52 -33.64 -11.65
N PRO C 479 48.00 -34.79 -12.05
CA PRO C 479 47.36 -35.69 -11.09
C PRO C 479 48.36 -36.60 -10.41
N CYS C 480 48.48 -36.50 -9.09
CA CYS C 480 49.38 -37.32 -8.30
C CYS C 480 48.56 -38.31 -7.47
N ASN C 481 49.16 -39.46 -7.19
CA ASN C 481 48.49 -40.56 -6.49
C ASN C 481 49.28 -40.91 -5.24
N GLY C 482 48.75 -40.53 -4.08
CA GLY C 482 49.36 -40.90 -2.82
C GLY C 482 50.70 -40.28 -2.53
N VAL C 483 51.11 -39.26 -3.29
CA VAL C 483 52.40 -38.62 -3.09
C VAL C 483 52.20 -37.14 -2.85
N GLU C 484 53.30 -36.42 -2.61
CA GLU C 484 53.24 -34.98 -2.34
C GLU C 484 54.34 -34.31 -3.15
N GLY C 485 54.57 -33.02 -2.86
CA GLY C 485 55.55 -32.25 -3.60
C GLY C 485 54.94 -31.04 -4.26
N PHE C 486 54.91 -31.03 -5.59
CA PHE C 486 54.30 -29.96 -6.36
C PHE C 486 52.88 -30.37 -6.75
N ASN C 487 51.95 -29.42 -6.64
CA ASN C 487 50.52 -29.61 -6.90
C ASN C 487 49.89 -30.66 -5.98
N CYS C 488 50.61 -31.12 -4.96
CA CYS C 488 50.11 -32.11 -4.02
C CYS C 488 50.75 -31.84 -2.68
N TYR C 489 49.95 -31.49 -1.68
CA TYR C 489 50.46 -31.08 -0.38
C TYR C 489 49.64 -31.75 0.73
N PHE C 490 50.29 -31.91 1.88
CA PHE C 490 49.61 -32.47 3.04
C PHE C 490 48.49 -31.53 3.46
N PRO C 491 47.25 -32.02 3.61
CA PRO C 491 46.11 -31.11 3.81
C PRO C 491 46.20 -30.26 5.06
N LEU C 492 46.78 -30.77 6.14
CA LEU C 492 46.78 -30.07 7.41
C LEU C 492 48.06 -29.26 7.57
N GLN C 493 48.17 -28.57 8.70
CA GLN C 493 49.32 -27.71 8.97
C GLN C 493 49.42 -27.55 10.47
N SER C 494 50.66 -27.56 10.97
CA SER C 494 50.92 -27.59 12.40
C SER C 494 50.92 -26.17 12.97
N TYR C 495 50.05 -25.93 13.96
CA TYR C 495 49.98 -24.61 14.57
C TYR C 495 51.26 -24.30 15.34
N GLY C 496 51.74 -23.06 15.20
CA GLY C 496 52.93 -22.62 15.90
C GLY C 496 52.63 -21.95 17.23
N PHE C 497 52.18 -22.72 18.21
CA PHE C 497 51.84 -22.20 19.53
C PHE C 497 53.12 -22.14 20.36
N GLN C 498 53.55 -20.92 20.69
CA GLN C 498 54.79 -20.71 21.41
C GLN C 498 54.55 -19.73 22.56
N PRO C 499 55.18 -19.97 23.72
CA PRO C 499 54.89 -19.11 24.89
C PRO C 499 55.24 -17.65 24.69
N THR C 500 56.20 -17.32 23.83
CA THR C 500 56.58 -15.94 23.59
C THR C 500 55.88 -15.33 22.39
N ASN C 501 54.98 -16.08 21.75
CA ASN C 501 54.21 -15.54 20.63
C ASN C 501 53.22 -14.50 21.13
N GLY C 502 52.82 -13.61 20.23
CA GLY C 502 51.85 -12.59 20.57
C GLY C 502 50.46 -13.18 20.74
N VAL C 503 49.57 -12.36 21.32
CA VAL C 503 48.20 -12.80 21.55
C VAL C 503 47.48 -13.06 20.23
N GLY C 504 47.94 -12.43 19.15
CA GLY C 504 47.37 -12.71 17.85
C GLY C 504 47.59 -14.14 17.39
N TYR C 505 48.74 -14.71 17.71
CA TYR C 505 49.05 -16.09 17.41
C TYR C 505 48.96 -17.01 18.62
N GLN C 506 48.52 -16.51 19.77
CA GLN C 506 48.40 -17.33 20.96
C GLN C 506 47.22 -18.30 20.83
N PRO C 507 47.29 -19.43 21.53
CA PRO C 507 46.16 -20.37 21.51
C PRO C 507 44.95 -19.82 22.23
N TYR C 508 43.82 -20.49 22.04
CA TYR C 508 42.55 -20.08 22.64
C TYR C 508 41.69 -21.30 22.89
N ARG C 509 40.96 -21.27 24.01
CA ARG C 509 40.07 -22.35 24.42
C ARG C 509 38.63 -21.90 24.21
N VAL C 510 37.87 -22.68 23.45
CA VAL C 510 36.50 -22.32 23.11
C VAL C 510 35.61 -23.55 23.17
N VAL C 511 34.35 -23.33 23.59
CA VAL C 511 33.33 -24.36 23.63
C VAL C 511 32.01 -23.72 23.25
N VAL C 512 31.23 -24.41 22.41
CA VAL C 512 29.98 -23.88 21.88
C VAL C 512 28.83 -24.71 22.42
N LEU C 513 27.80 -24.04 22.92
CA LEU C 513 26.56 -24.69 23.34
C LEU C 513 25.48 -24.42 22.30
N SER C 514 24.84 -25.47 21.81
CA SER C 514 23.73 -25.36 20.87
C SER C 514 22.45 -25.80 21.57
N PHE C 515 21.39 -25.02 21.41
CA PHE C 515 20.13 -25.29 22.07
C PHE C 515 19.09 -25.78 21.08
N ALA C 522 10.44 -32.00 26.96
CA ALA C 522 11.50 -31.20 27.56
C ALA C 522 12.35 -32.05 28.52
N THR C 523 13.66 -31.87 28.47
CA THR C 523 14.57 -32.65 29.28
C THR C 523 15.45 -31.83 30.20
N VAL C 524 15.98 -30.69 29.76
CA VAL C 524 16.86 -29.87 30.56
C VAL C 524 16.07 -28.65 31.04
N CYS C 525 15.89 -28.55 32.36
CA CYS C 525 15.16 -27.45 32.97
C CYS C 525 16.01 -26.81 34.06
N GLY C 526 15.59 -25.64 34.49
CA GLY C 526 16.30 -24.90 35.52
C GLY C 526 15.61 -25.00 36.87
N PRO C 527 16.21 -24.41 37.89
CA PRO C 527 15.62 -24.48 39.23
C PRO C 527 14.32 -23.70 39.30
N LYS C 528 13.36 -24.26 40.03
CA LYS C 528 12.05 -23.63 40.21
C LYS C 528 11.36 -24.31 41.38
N LYS C 529 10.07 -24.01 41.53
CA LYS C 529 9.24 -24.67 42.55
C LYS C 529 8.01 -25.26 41.88
N SER C 530 7.05 -25.73 42.66
CA SER C 530 5.83 -26.28 42.10
C SER C 530 4.69 -26.04 43.09
N THR C 531 3.91 -24.99 42.84
CA THR C 531 2.75 -24.69 43.66
C THR C 531 1.58 -25.57 43.26
N ASN C 532 0.75 -25.91 44.26
CA ASN C 532 -0.39 -26.76 44.01
C ASN C 532 -1.35 -26.10 43.03
N LEU C 533 -1.95 -26.91 42.17
CA LEU C 533 -2.73 -26.38 41.05
C LEU C 533 -4.15 -26.02 41.47
N VAL C 534 -4.61 -24.87 40.99
CA VAL C 534 -5.96 -24.38 41.29
C VAL C 534 -6.90 -24.82 40.18
N LYS C 535 -8.21 -24.79 40.47
CA LYS C 535 -9.19 -25.43 39.62
C LYS C 535 -10.37 -24.55 39.20
N ASN C 536 -10.58 -23.38 39.79
CA ASN C 536 -11.79 -22.63 39.48
C ASN C 536 -11.61 -21.14 39.28
N LYS C 537 -10.41 -20.59 39.44
CA LYS C 537 -10.17 -19.16 39.29
C LYS C 537 -9.24 -18.93 38.12
N CYS C 538 -9.58 -17.97 37.26
CA CYS C 538 -8.74 -17.67 36.10
C CYS C 538 -7.47 -16.98 36.57
N VAL C 539 -6.32 -17.60 36.27
CA VAL C 539 -5.03 -17.23 36.85
C VAL C 539 -3.95 -17.38 35.79
N ASN C 540 -2.73 -16.97 36.15
CA ASN C 540 -1.58 -17.16 35.28
C ASN C 540 -1.02 -18.56 35.43
N PHE C 541 -0.41 -19.07 34.36
CA PHE C 541 0.20 -20.39 34.39
C PHE C 541 1.48 -20.41 33.59
N ASN C 542 2.39 -21.30 33.98
CA ASN C 542 3.68 -21.53 33.32
C ASN C 542 3.92 -23.01 33.20
N PHE C 543 2.93 -23.73 32.65
CA PHE C 543 2.84 -25.18 32.79
C PHE C 543 4.14 -25.89 32.45
N ASN C 544 4.58 -25.81 31.19
CA ASN C 544 5.91 -26.30 30.85
C ASN C 544 6.79 -25.20 30.27
N GLY C 545 6.34 -24.54 29.21
CA GLY C 545 7.03 -23.39 28.67
C GLY C 545 6.06 -22.32 28.23
N LEU C 546 4.77 -22.63 28.32
CA LEU C 546 3.71 -21.75 27.85
C LEU C 546 3.27 -20.81 28.98
N THR C 547 3.17 -19.53 28.67
CA THR C 547 2.71 -18.51 29.61
C THR C 547 1.41 -17.91 29.10
N GLY C 548 0.43 -17.80 29.99
CA GLY C 548 -0.85 -17.24 29.59
C GLY C 548 -1.79 -17.17 30.77
N THR C 549 -3.02 -16.76 30.48
CA THR C 549 -4.06 -16.60 31.48
C THR C 549 -5.32 -17.33 31.05
N GLY C 550 -6.13 -17.70 32.02
CA GLY C 550 -7.40 -18.33 31.74
C GLY C 550 -7.82 -19.24 32.88
N VAL C 551 -8.98 -19.86 32.69
CA VAL C 551 -9.51 -20.81 33.66
C VAL C 551 -8.96 -22.20 33.38
N LEU C 552 -9.01 -23.06 34.40
CA LEU C 552 -8.53 -24.43 34.31
C LEU C 552 -9.61 -25.37 34.85
N THR C 553 -10.46 -25.88 33.97
CA THR C 553 -11.46 -26.87 34.34
C THR C 553 -11.15 -28.19 33.64
N GLU C 554 -11.71 -29.27 34.19
CA GLU C 554 -11.41 -30.60 33.66
C GLU C 554 -11.94 -30.75 32.24
N SER C 555 -11.21 -31.50 31.43
CA SER C 555 -11.56 -31.74 30.03
C SER C 555 -11.90 -33.21 29.83
N ASN C 556 -12.99 -33.47 29.11
CA ASN C 556 -13.43 -34.82 28.81
C ASN C 556 -13.13 -35.22 27.36
N LYS C 557 -12.22 -34.50 26.70
CA LYS C 557 -11.83 -34.82 25.34
C LYS C 557 -10.73 -35.87 25.42
N LYS C 558 -11.09 -37.12 25.13
CA LYS C 558 -10.17 -38.24 25.32
C LYS C 558 -8.91 -38.06 24.47
N PHE C 559 -7.77 -38.22 25.11
CA PHE C 559 -6.47 -38.09 24.46
C PHE C 559 -5.89 -39.47 24.19
N LEU C 560 -5.16 -39.59 23.08
CA LEU C 560 -4.44 -40.81 22.81
C LEU C 560 -3.31 -40.98 23.80
N PRO C 561 -2.87 -42.22 24.05
CA PRO C 561 -1.91 -42.46 25.14
C PRO C 561 -0.55 -41.81 24.96
N PHE C 562 -0.36 -41.01 23.91
CA PHE C 562 0.93 -40.38 23.67
C PHE C 562 0.88 -38.90 23.34
N GLN C 563 -0.30 -38.30 23.18
CA GLN C 563 -0.37 -36.89 22.85
C GLN C 563 -0.19 -36.02 24.11
N GLN C 564 0.20 -34.77 23.88
CA GLN C 564 0.37 -33.82 24.97
C GLN C 564 -0.60 -32.65 24.89
N PHE C 565 -0.61 -31.91 23.78
CA PHE C 565 -1.40 -30.69 23.68
C PHE C 565 -2.67 -30.94 22.88
N GLY C 566 -3.42 -29.87 22.66
CA GLY C 566 -4.62 -29.93 21.84
C GLY C 566 -4.95 -28.57 21.30
N ARG C 567 -5.49 -28.54 20.07
CA ARG C 567 -5.80 -27.30 19.40
C ARG C 567 -7.09 -27.44 18.62
N ASP C 568 -7.92 -26.40 18.68
CA ASP C 568 -9.22 -26.38 18.02
C ASP C 568 -9.11 -25.66 16.67
N ILE C 569 -10.27 -25.38 16.07
CA ILE C 569 -10.30 -24.67 14.79
C ILE C 569 -9.56 -23.34 14.91
N ALA C 570 -8.87 -22.96 13.83
CA ALA C 570 -8.10 -21.72 13.72
C ALA C 570 -6.87 -21.70 14.61
N ASP C 571 -6.42 -22.88 15.06
CA ASP C 571 -5.15 -23.03 15.77
C ASP C 571 -5.11 -22.17 17.04
N THR C 572 -6.01 -22.49 17.97
CA THR C 572 -6.05 -21.85 19.28
C THR C 572 -5.54 -22.83 20.32
N THR C 573 -4.65 -22.35 21.19
CA THR C 573 -4.12 -23.20 22.25
C THR C 573 -5.24 -23.63 23.19
N ASP C 574 -5.10 -24.84 23.72
CA ASP C 574 -6.23 -25.51 24.37
C ASP C 574 -5.68 -26.55 25.34
N ALA C 575 -6.53 -27.52 25.71
CA ALA C 575 -6.28 -28.52 26.73
C ALA C 575 -4.83 -29.00 26.82
N VAL C 576 -4.28 -29.01 28.03
CA VAL C 576 -2.90 -29.38 28.27
C VAL C 576 -2.87 -30.52 29.29
N ARG C 577 -1.77 -31.26 29.28
CA ARG C 577 -1.59 -32.42 30.13
C ARG C 577 -0.66 -32.07 31.29
N ASP C 578 -1.12 -32.33 32.51
CA ASP C 578 -0.35 -31.97 33.69
C ASP C 578 0.85 -32.89 33.85
N PRO C 579 2.06 -32.35 34.01
CA PRO C 579 3.24 -33.22 34.17
C PRO C 579 3.19 -34.11 35.40
N GLN C 580 2.59 -33.64 36.50
CA GLN C 580 2.61 -34.41 37.74
C GLN C 580 1.65 -35.59 37.69
N THR C 581 0.37 -35.32 37.52
CA THR C 581 -0.64 -36.35 37.36
C THR C 581 -1.11 -36.39 35.91
N LEU C 582 -1.31 -37.59 35.39
CA LEU C 582 -1.77 -37.72 34.02
C LEU C 582 -3.22 -37.27 33.94
N GLU C 583 -3.42 -35.97 33.66
CA GLU C 583 -4.75 -35.40 33.59
C GLU C 583 -4.74 -34.28 32.55
N ILE C 584 -5.92 -34.02 32.00
CA ILE C 584 -6.10 -33.03 30.94
C ILE C 584 -7.12 -32.01 31.41
N LEU C 585 -6.72 -30.74 31.42
CA LEU C 585 -7.58 -29.64 31.82
C LEU C 585 -8.09 -28.90 30.58
N ASP C 586 -8.75 -27.77 30.78
CA ASP C 586 -9.19 -26.91 29.70
C ASP C 586 -8.69 -25.50 29.94
N ILE C 587 -8.41 -24.78 28.86
CA ILE C 587 -7.94 -23.41 28.92
C ILE C 587 -8.97 -22.52 28.23
N THR C 588 -9.41 -21.48 28.93
CA THR C 588 -10.36 -20.49 28.41
C THR C 588 -10.10 -19.15 29.07
N PRO C 589 -9.83 -18.11 28.30
CA PRO C 589 -9.46 -16.82 28.89
C PRO C 589 -10.62 -16.17 29.63
N CYS C 590 -10.26 -15.29 30.56
CA CYS C 590 -11.25 -14.62 31.39
C CYS C 590 -12.14 -13.74 30.52
N SER C 591 -13.35 -13.47 31.03
CA SER C 591 -14.38 -12.82 30.23
C SER C 591 -13.99 -11.41 29.83
N PHE C 592 -14.47 -10.98 28.66
CA PHE C 592 -14.22 -9.65 28.14
C PHE C 592 -15.46 -9.18 27.40
N GLY C 593 -15.56 -7.86 27.22
CA GLY C 593 -16.71 -7.30 26.55
C GLY C 593 -16.58 -5.84 26.15
N GLY C 594 -17.69 -5.13 26.09
CA GLY C 594 -17.69 -3.73 25.73
C GLY C 594 -18.73 -2.98 26.52
N VAL C 595 -18.48 -1.68 26.70
CA VAL C 595 -19.27 -0.83 27.58
C VAL C 595 -19.82 0.33 26.77
N SER C 596 -21.11 0.60 26.92
CA SER C 596 -21.77 1.72 26.26
C SER C 596 -22.55 2.51 27.29
N VAL C 597 -22.65 3.82 27.06
CA VAL C 597 -23.28 4.75 27.99
C VAL C 597 -24.45 5.43 27.28
N ILE C 598 -25.62 5.42 27.92
CA ILE C 598 -26.81 6.06 27.41
C ILE C 598 -27.00 7.37 28.17
N THR C 599 -27.13 8.47 27.44
CA THR C 599 -27.26 9.80 28.05
C THR C 599 -28.49 10.49 27.48
N PRO C 600 -29.37 11.01 28.33
CA PRO C 600 -30.48 11.84 27.82
C PRO C 600 -30.03 13.17 27.24
N GLY C 601 -28.84 13.65 27.58
CA GLY C 601 -28.36 14.94 27.11
C GLY C 601 -28.06 15.84 28.29
N THR C 602 -26.86 16.43 28.27
CA THR C 602 -26.42 17.27 29.39
C THR C 602 -27.27 18.53 29.49
N ASN C 603 -27.86 19.00 28.38
CA ASN C 603 -28.71 20.17 28.44
C ASN C 603 -29.93 19.93 29.33
N THR C 604 -30.39 18.68 29.42
CA THR C 604 -31.56 18.36 30.22
C THR C 604 -31.20 17.88 31.63
N SER C 605 -30.41 16.81 31.73
CA SER C 605 -30.11 16.21 33.02
C SER C 605 -28.71 15.63 32.97
N ASN C 606 -28.38 14.79 33.97
CA ASN C 606 -27.01 14.33 34.13
C ASN C 606 -26.90 12.82 34.32
N GLN C 607 -27.95 12.18 34.82
CA GLN C 607 -27.86 10.76 35.14
C GLN C 607 -27.76 9.92 33.87
N VAL C 608 -27.03 8.79 33.99
CA VAL C 608 -26.74 7.93 32.85
C VAL C 608 -27.04 6.48 33.22
N ALA C 609 -27.13 5.64 32.19
CA ALA C 609 -27.27 4.20 32.35
C ALA C 609 -26.18 3.50 31.53
N VAL C 610 -25.78 2.33 31.98
CA VAL C 610 -24.63 1.62 31.44
C VAL C 610 -25.05 0.23 30.97
N LEU C 611 -24.53 -0.18 29.81
CA LEU C 611 -24.84 -1.46 29.22
C LEU C 611 -23.55 -2.24 28.97
N TYR C 612 -23.54 -3.50 29.39
CA TYR C 612 -22.43 -4.41 29.15
C TYR C 612 -22.83 -5.40 28.07
N GLN C 613 -22.01 -5.53 27.04
CA GLN C 613 -22.39 -6.22 25.82
C GLN C 613 -22.10 -7.72 25.93
N ASP C 614 -23.13 -8.53 25.70
CA ASP C 614 -23.01 -9.99 25.60
C ASP C 614 -22.36 -10.59 26.84
N VAL C 615 -22.76 -10.10 28.01
CA VAL C 615 -22.21 -10.57 29.29
C VAL C 615 -23.36 -10.79 30.25
N ASN C 616 -23.45 -11.99 30.80
CA ASN C 616 -24.42 -12.27 31.85
C ASN C 616 -23.86 -11.72 33.15
N CYS C 617 -24.39 -10.58 33.60
CA CYS C 617 -23.76 -9.88 34.71
C CYS C 617 -24.03 -10.57 36.03
N THR C 618 -23.52 -11.80 36.16
CA THR C 618 -23.42 -12.46 37.45
C THR C 618 -22.06 -12.27 38.10
N GLU C 619 -21.11 -11.67 37.37
CA GLU C 619 -19.76 -11.46 37.88
C GLU C 619 -19.41 -9.98 38.06
N VAL C 620 -20.20 -9.06 37.50
CA VAL C 620 -19.82 -7.64 37.52
C VAL C 620 -19.66 -7.05 38.91
N PRO C 621 -20.57 -7.31 39.90
CA PRO C 621 -20.70 -6.37 41.04
C PRO C 621 -19.40 -6.00 41.76
N VAL C 622 -18.63 -6.97 42.24
CA VAL C 622 -17.53 -6.64 43.15
C VAL C 622 -16.22 -7.32 42.77
N ALA C 623 -16.22 -8.65 42.71
CA ALA C 623 -14.98 -9.43 42.73
C ALA C 623 -14.38 -9.68 41.36
N ILE C 624 -15.02 -9.24 40.28
CA ILE C 624 -14.57 -9.52 38.93
C ILE C 624 -14.37 -8.25 38.12
N HIS C 625 -15.38 -7.40 38.06
CA HIS C 625 -15.32 -6.16 37.27
C HIS C 625 -14.69 -5.02 38.07
N ALA C 626 -13.49 -5.25 38.58
CA ALA C 626 -12.71 -4.21 39.28
C ALA C 626 -11.29 -4.24 38.72
N ASP C 627 -11.11 -3.65 37.55
CA ASP C 627 -9.79 -3.59 36.94
C ASP C 627 -9.42 -2.15 36.58
N GLN C 628 -10.41 -1.37 36.14
CA GLN C 628 -10.20 0.01 35.76
C GLN C 628 -11.22 0.98 36.34
N LEU C 629 -12.20 0.48 37.09
CA LEU C 629 -13.29 1.31 37.59
C LEU C 629 -13.03 1.69 39.05
N THR C 630 -13.20 2.97 39.36
CA THR C 630 -13.13 3.43 40.73
C THR C 630 -14.35 2.95 41.51
N PRO C 631 -14.29 2.95 42.84
CA PRO C 631 -15.46 2.54 43.63
C PRO C 631 -16.70 3.37 43.37
N THR C 632 -16.55 4.58 42.81
CA THR C 632 -17.71 5.36 42.41
C THR C 632 -18.53 4.65 41.33
N TRP C 633 -17.87 3.86 40.48
CA TRP C 633 -18.55 3.10 39.44
C TRP C 633 -19.35 1.92 39.99
N ARG C 634 -19.18 1.58 41.27
CA ARG C 634 -19.85 0.41 41.82
C ARG C 634 -21.37 0.58 41.78
N VAL C 635 -21.86 1.78 42.07
CA VAL C 635 -23.29 2.03 42.02
C VAL C 635 -23.84 1.89 40.61
N TYR C 636 -22.99 2.08 39.60
CA TYR C 636 -23.39 1.89 38.21
C TYR C 636 -23.05 0.49 37.68
N SER C 637 -22.45 -0.36 38.52
CA SER C 637 -22.18 -1.74 38.16
C SER C 637 -23.07 -2.74 38.88
N THR C 638 -23.68 -2.34 40.00
CA THR C 638 -24.60 -3.19 40.73
C THR C 638 -25.52 -2.30 41.55
N GLY C 639 -26.67 -2.86 41.94
CA GLY C 639 -27.63 -2.12 42.72
C GLY C 639 -28.97 -2.81 42.86
N SER C 640 -30.05 -2.04 42.81
CA SER C 640 -31.39 -2.58 42.98
C SER C 640 -32.07 -2.92 41.67
N ASN C 641 -31.81 -2.14 40.62
CA ASN C 641 -32.46 -2.32 39.32
C ASN C 641 -31.43 -2.86 38.33
N VAL C 642 -31.53 -4.15 38.02
CA VAL C 642 -30.72 -4.79 36.98
C VAL C 642 -31.66 -5.60 36.10
N PHE C 643 -31.62 -5.34 34.80
CA PHE C 643 -32.54 -5.93 33.84
C PHE C 643 -31.73 -6.60 32.75
N GLN C 644 -32.08 -7.84 32.43
CA GLN C 644 -31.35 -8.64 31.46
C GLN C 644 -32.06 -8.61 30.12
N THR C 645 -31.37 -8.14 29.09
CA THR C 645 -31.85 -8.13 27.71
C THR C 645 -31.03 -9.12 26.88
N ARG C 646 -31.31 -9.14 25.58
CA ARG C 646 -30.56 -10.01 24.69
C ARG C 646 -29.21 -9.42 24.27
N ALA C 647 -29.01 -8.12 24.48
CA ALA C 647 -27.75 -7.47 24.15
C ALA C 647 -26.81 -7.39 25.35
N GLY C 648 -27.19 -7.99 26.47
CA GLY C 648 -26.40 -7.90 27.69
C GLY C 648 -27.30 -7.68 28.88
N CYS C 649 -26.85 -6.87 29.85
CA CYS C 649 -27.71 -6.47 30.94
C CYS C 649 -27.54 -4.98 31.20
N LEU C 650 -28.64 -4.31 31.53
CA LEU C 650 -28.70 -2.88 31.72
C LEU C 650 -28.74 -2.55 33.20
N ILE C 651 -27.90 -1.63 33.64
CA ILE C 651 -27.83 -1.21 35.03
C ILE C 651 -28.10 0.29 35.09
N GLY C 652 -29.15 0.65 35.82
CA GLY C 652 -29.52 2.04 36.00
C GLY C 652 -30.85 2.44 35.40
N ALA C 653 -31.60 1.50 34.85
CA ALA C 653 -32.89 1.79 34.24
C ALA C 653 -33.93 0.80 34.76
N GLU C 654 -35.17 1.24 34.80
CA GLU C 654 -36.27 0.42 35.30
C GLU C 654 -37.12 -0.09 34.15
N HIS C 655 -37.75 -1.24 34.36
CA HIS C 655 -38.49 -1.96 33.33
C HIS C 655 -39.98 -1.71 33.50
N VAL C 656 -40.62 -1.15 32.49
CA VAL C 656 -42.05 -0.93 32.47
C VAL C 656 -42.70 -1.93 31.50
N ASN C 657 -44.02 -1.99 31.54
CA ASN C 657 -44.79 -2.91 30.71
C ASN C 657 -45.34 -2.24 29.46
N ASN C 658 -45.97 -1.09 29.59
CA ASN C 658 -46.56 -0.41 28.44
C ASN C 658 -45.49 0.03 27.45
N SER C 659 -45.87 0.08 26.18
CA SER C 659 -44.94 0.30 25.08
C SER C 659 -45.33 1.54 24.29
N TYR C 660 -44.34 2.35 23.94
CA TYR C 660 -44.53 3.55 23.14
C TYR C 660 -43.56 3.51 21.96
N GLU C 661 -43.66 4.52 21.10
CA GLU C 661 -42.65 4.72 20.07
C GLU C 661 -41.33 5.07 20.74
N CYS C 662 -40.25 4.48 20.26
CA CYS C 662 -38.99 4.49 21.01
C CYS C 662 -38.03 5.52 20.43
N ASP C 663 -37.13 6.01 21.30
CA ASP C 663 -36.24 7.12 20.98
C ASP C 663 -34.78 6.68 20.84
N ILE C 664 -34.23 6.01 21.85
CA ILE C 664 -32.84 5.58 21.83
C ILE C 664 -32.82 4.07 21.62
N PRO C 665 -32.21 3.57 20.55
CA PRO C 665 -32.20 2.12 20.32
C PRO C 665 -31.14 1.42 21.16
N ILE C 666 -31.41 0.15 21.46
CA ILE C 666 -30.46 -0.70 22.16
C ILE C 666 -30.24 -1.97 21.36
N GLY C 667 -31.30 -2.68 21.07
CA GLY C 667 -31.24 -3.90 20.28
C GLY C 667 -32.29 -4.90 20.72
N ALA C 668 -32.60 -5.83 19.82
CA ALA C 668 -33.58 -6.89 20.07
C ALA C 668 -34.93 -6.33 20.49
N GLY C 669 -35.34 -5.22 19.87
CA GLY C 669 -36.63 -4.63 20.14
C GLY C 669 -36.78 -4.03 21.53
N ILE C 670 -35.74 -3.36 22.03
CA ILE C 670 -35.78 -2.68 23.32
C ILE C 670 -35.21 -1.28 23.14
N CYS C 671 -35.90 -0.28 23.66
CA CYS C 671 -35.50 1.11 23.52
C CYS C 671 -35.62 1.81 24.87
N ALA C 672 -34.91 2.92 25.00
CA ALA C 672 -34.87 3.68 26.24
C ALA C 672 -35.16 5.15 25.97
N SER C 673 -35.64 5.84 27.00
CA SER C 673 -36.02 7.24 26.88
C SER C 673 -35.92 7.90 28.25
N TYR C 674 -36.39 9.14 28.34
CA TYR C 674 -36.40 9.90 29.59
C TYR C 674 -37.84 10.22 29.96
N GLN C 675 -38.19 9.97 31.22
CA GLN C 675 -39.51 10.28 31.74
C GLN C 675 -39.49 11.25 32.91
N THR C 676 -38.31 11.60 33.44
CA THR C 676 -38.16 12.51 34.58
C THR C 676 -38.99 12.06 35.78
N SER C 691 -36.58 9.78 35.75
CA SER C 691 -35.85 8.52 35.69
C SER C 691 -35.72 8.03 34.25
N ILE C 692 -34.94 6.98 34.07
CA ILE C 692 -34.68 6.41 32.75
C ILE C 692 -35.52 5.15 32.60
N ILE C 693 -36.22 5.03 31.47
CA ILE C 693 -37.24 4.02 31.24
C ILE C 693 -36.81 3.15 30.08
N ALA C 694 -36.88 1.83 30.27
CA ALA C 694 -36.58 0.86 29.22
C ALA C 694 -37.80 -0.01 28.99
N TYR C 695 -38.18 -0.19 27.72
CA TYR C 695 -39.44 -0.83 27.38
C TYR C 695 -39.27 -1.57 26.05
N THR C 696 -40.41 -1.93 25.45
CA THR C 696 -40.45 -2.62 24.17
C THR C 696 -41.07 -1.70 23.12
N MET C 697 -40.69 -1.92 21.86
CA MET C 697 -41.17 -1.07 20.78
C MET C 697 -42.64 -1.34 20.47
N SER C 698 -43.30 -0.34 19.88
CA SER C 698 -44.66 -0.46 19.41
C SER C 698 -44.69 -0.11 17.92
N LEU C 699 -45.27 -1.01 17.12
CA LEU C 699 -45.23 -0.84 15.68
C LEU C 699 -46.20 0.24 15.21
N GLY C 700 -47.39 0.30 15.81
CA GLY C 700 -48.36 1.29 15.42
C GLY C 700 -49.67 1.08 16.14
N ALA C 701 -50.69 1.80 15.67
CA ALA C 701 -52.02 1.71 16.24
C ALA C 701 -52.73 0.48 15.70
N GLU C 702 -54.01 0.33 16.02
CA GLU C 702 -54.81 -0.80 15.57
C GLU C 702 -55.96 -0.30 14.70
N ASN C 703 -56.32 -1.09 13.70
CA ASN C 703 -57.37 -0.71 12.77
C ASN C 703 -57.90 -1.96 12.09
N SER C 704 -59.21 -2.16 12.13
CA SER C 704 -59.87 -3.29 11.49
C SER C 704 -60.85 -2.74 10.46
N VAL C 705 -60.56 -2.97 9.18
CA VAL C 705 -61.41 -2.46 8.11
C VAL C 705 -62.67 -3.32 8.02
N ALA C 706 -63.82 -2.66 8.00
CA ALA C 706 -65.10 -3.35 7.93
C ALA C 706 -65.28 -3.91 6.53
N TYR C 707 -65.04 -5.20 6.36
CA TYR C 707 -65.20 -5.86 5.07
C TYR C 707 -66.55 -6.54 4.99
N SER C 708 -67.20 -6.40 3.83
CA SER C 708 -68.49 -7.03 3.58
C SER C 708 -68.60 -7.34 2.09
N ASN C 709 -69.55 -8.21 1.76
CA ASN C 709 -69.76 -8.62 0.39
C ASN C 709 -70.19 -7.46 -0.50
N ASN C 710 -71.05 -6.58 -0.01
CA ASN C 710 -71.71 -5.56 -0.83
C ASN C 710 -71.67 -4.20 -0.16
N SER C 711 -70.50 -3.77 0.30
CA SER C 711 -70.34 -2.48 0.95
C SER C 711 -69.17 -1.72 0.35
N ILE C 712 -69.33 -0.40 0.19
CA ILE C 712 -68.30 0.47 -0.37
C ILE C 712 -68.22 1.75 0.44
N ALA C 713 -67.09 2.45 0.29
CA ALA C 713 -66.87 3.74 0.93
C ALA C 713 -66.37 4.74 -0.10
N ILE C 714 -66.97 5.93 -0.13
CA ILE C 714 -66.62 6.96 -1.11
C ILE C 714 -66.47 8.31 -0.41
N PRO C 715 -65.39 9.05 -0.66
CA PRO C 715 -65.20 10.34 0.01
C PRO C 715 -66.13 11.41 -0.54
N THR C 716 -66.36 12.43 0.30
CA THR C 716 -67.22 13.55 -0.05
C THR C 716 -66.53 14.91 0.07
N ASN C 717 -65.21 14.93 0.27
CA ASN C 717 -64.48 16.19 0.43
C ASN C 717 -62.99 15.88 0.28
N PHE C 718 -62.18 16.93 0.23
CA PHE C 718 -60.75 16.76 -0.03
C PHE C 718 -59.95 17.82 0.72
N THR C 719 -58.63 17.73 0.60
CA THR C 719 -57.72 18.72 1.16
C THR C 719 -56.46 18.76 0.29
N ILE C 720 -55.72 19.87 0.40
CA ILE C 720 -54.51 20.10 -0.35
C ILE C 720 -53.34 20.19 0.63
N SER C 721 -52.27 19.44 0.34
CA SER C 721 -51.14 19.32 1.24
C SER C 721 -49.83 19.65 0.52
N VAL C 722 -48.85 20.11 1.28
CA VAL C 722 -47.52 20.45 0.76
C VAL C 722 -46.48 19.78 1.64
N THR C 723 -45.51 19.12 1.01
CA THR C 723 -44.43 18.43 1.70
C THR C 723 -43.09 18.80 1.08
N THR C 724 -42.03 18.65 1.88
CA THR C 724 -40.68 19.02 1.49
C THR C 724 -39.81 17.79 1.25
N GLU C 725 -38.64 18.03 0.66
CA GLU C 725 -37.68 16.97 0.37
C GLU C 725 -36.32 17.60 0.09
N ILE C 726 -35.29 17.15 0.80
CA ILE C 726 -33.94 17.71 0.68
C ILE C 726 -33.00 16.64 0.16
N LEU C 727 -32.12 17.03 -0.77
CA LEU C 727 -31.14 16.13 -1.37
C LEU C 727 -29.84 16.86 -1.63
N PRO C 728 -28.69 16.26 -1.32
CA PRO C 728 -27.40 16.89 -1.64
C PRO C 728 -26.97 16.62 -3.07
N VAL C 729 -26.21 17.58 -3.61
CA VAL C 729 -25.82 17.53 -5.02
C VAL C 729 -24.31 17.59 -5.20
N SER C 730 -23.61 18.22 -4.26
CA SER C 730 -22.18 18.46 -4.47
C SER C 730 -21.47 18.61 -3.14
N MET C 731 -20.14 18.47 -3.19
CA MET C 731 -19.28 18.65 -2.04
C MET C 731 -18.07 19.50 -2.42
N THR C 732 -17.19 19.75 -1.46
CA THR C 732 -16.15 20.77 -1.61
C THR C 732 -14.93 20.20 -2.31
N LYS C 733 -14.39 20.97 -3.25
CA LYS C 733 -13.16 20.59 -3.93
C LYS C 733 -11.95 20.80 -3.02
N THR C 734 -10.98 19.91 -3.14
CA THR C 734 -9.80 19.94 -2.28
C THR C 734 -8.60 19.45 -3.07
N SER C 735 -7.49 20.17 -2.98
CA SER C 735 -6.24 19.79 -3.63
C SER C 735 -5.14 19.72 -2.59
N VAL C 736 -4.39 18.62 -2.60
CA VAL C 736 -3.30 18.40 -1.67
C VAL C 736 -2.02 18.19 -2.46
N ASP C 737 -0.97 18.90 -2.08
CA ASP C 737 0.32 18.78 -2.75
C ASP C 737 1.10 17.60 -2.20
N CYS C 738 1.59 16.75 -3.10
CA CYS C 738 2.39 15.59 -2.77
C CYS C 738 3.65 15.91 -1.98
N THR C 739 4.58 16.64 -2.59
CA THR C 739 5.90 16.81 -2.00
C THR C 739 5.88 17.68 -0.75
N MET C 740 5.00 18.68 -0.71
CA MET C 740 4.96 19.57 0.45
C MET C 740 4.55 18.84 1.71
N TYR C 741 3.63 17.89 1.58
CA TYR C 741 3.11 17.20 2.76
C TYR C 741 4.16 16.29 3.40
N ILE C 742 4.91 15.54 2.59
CA ILE C 742 5.80 14.53 3.13
C ILE C 742 7.24 14.97 3.27
N CYS C 743 7.65 16.05 2.61
CA CYS C 743 9.03 16.52 2.69
C CYS C 743 9.15 17.89 3.32
N GLY C 744 8.34 18.86 2.91
CA GLY C 744 8.37 20.15 3.54
C GLY C 744 9.62 20.95 3.24
N ASP C 745 9.74 21.41 2.00
CA ASP C 745 10.82 22.27 1.49
C ASP C 745 12.18 21.94 2.12
N SER C 746 12.56 20.67 1.95
CA SER C 746 13.89 20.19 2.32
C SER C 746 14.48 19.51 1.10
N THR C 747 15.65 19.98 0.66
CA THR C 747 16.28 19.41 -0.53
C THR C 747 16.92 18.05 -0.25
N GLU C 748 17.10 17.69 1.02
CA GLU C 748 17.62 16.38 1.36
C GLU C 748 16.54 15.31 1.42
N CYS C 749 15.27 15.70 1.40
CA CYS C 749 14.14 14.77 1.44
C CYS C 749 13.57 14.46 0.07
N SER C 750 13.61 15.43 -0.85
CA SER C 750 12.98 15.24 -2.15
C SER C 750 13.64 14.11 -2.95
N ASN C 751 14.98 14.06 -2.91
CA ASN C 751 15.69 13.05 -3.70
C ASN C 751 15.44 11.64 -3.15
N LEU C 752 15.31 11.51 -1.84
CA LEU C 752 15.00 10.22 -1.24
C LEU C 752 13.59 9.75 -1.59
N LEU C 753 12.75 10.64 -2.10
CA LEU C 753 11.39 10.27 -2.51
C LEU C 753 11.31 9.81 -3.95
N LEU C 754 12.25 10.25 -4.81
CA LEU C 754 12.22 9.87 -6.21
C LEU C 754 12.47 8.39 -6.41
N GLN C 755 13.10 7.72 -5.44
CA GLN C 755 13.38 6.30 -5.58
C GLN C 755 12.12 5.45 -5.48
N TYR C 756 11.04 5.98 -4.92
CA TYR C 756 9.82 5.20 -4.76
C TYR C 756 9.02 5.10 -6.05
N GLY C 757 9.08 6.11 -6.91
CA GLY C 757 8.50 5.99 -8.23
C GLY C 757 7.36 6.92 -8.54
N SER C 758 6.26 6.37 -9.07
CA SER C 758 5.11 7.14 -9.52
C SER C 758 3.98 7.14 -8.50
N PHE C 759 4.26 6.76 -7.25
CA PHE C 759 3.26 6.81 -6.20
C PHE C 759 2.82 8.23 -5.87
N CYS C 760 3.56 9.22 -6.35
CA CYS C 760 3.31 10.61 -6.00
C CYS C 760 2.45 11.34 -7.02
N THR C 761 2.58 10.99 -8.30
CA THR C 761 1.78 11.62 -9.35
C THR C 761 0.50 10.86 -9.64
N GLN C 762 0.27 9.73 -8.99
CA GLN C 762 -0.97 8.98 -9.13
C GLN C 762 -2.05 9.44 -8.16
N LEU C 763 -1.74 10.36 -7.25
CA LEU C 763 -2.69 10.89 -6.29
C LEU C 763 -3.31 12.21 -6.73
N ASN C 764 -2.52 13.08 -7.37
CA ASN C 764 -3.05 14.33 -7.87
C ASN C 764 -4.11 14.09 -8.93
N ARG C 765 -3.89 13.10 -9.80
CA ARG C 765 -4.88 12.79 -10.83
C ARG C 765 -6.19 12.32 -10.22
N ALA C 766 -6.11 11.45 -9.21
CA ALA C 766 -7.31 10.96 -8.54
C ALA C 766 -8.05 12.10 -7.85
N LEU C 767 -7.31 13.06 -7.27
CA LEU C 767 -7.97 14.17 -6.61
C LEU C 767 -8.54 15.16 -7.60
N THR C 768 -7.98 15.24 -8.81
CA THR C 768 -8.55 16.12 -9.83
C THR C 768 -9.81 15.54 -10.45
N GLY C 769 -9.90 14.22 -10.52
CA GLY C 769 -11.10 13.59 -11.07
C GLY C 769 -12.36 13.99 -10.30
N ILE C 770 -12.30 13.98 -8.98
CA ILE C 770 -13.45 14.35 -8.16
C ILE C 770 -13.81 15.82 -8.38
N ALA C 771 -12.80 16.68 -8.45
CA ALA C 771 -13.05 18.10 -8.69
C ALA C 771 -13.73 18.32 -10.02
N VAL C 772 -13.34 17.55 -11.05
CA VAL C 772 -14.01 17.66 -12.34
C VAL C 772 -15.45 17.18 -12.23
N GLU C 773 -15.69 16.09 -11.49
CA GLU C 773 -17.03 15.53 -11.41
C GLU C 773 -18.00 16.45 -10.69
N GLN C 774 -17.53 17.16 -9.66
CA GLN C 774 -18.44 18.02 -8.90
C GLN C 774 -18.63 19.40 -9.50
N ASP C 775 -18.79 19.47 -10.82
CA ASP C 775 -19.35 20.56 -11.62
C ASP C 775 -20.38 20.01 -12.59
N LYS C 776 -20.10 18.87 -13.21
CA LYS C 776 -21.09 18.17 -14.01
C LYS C 776 -22.24 17.71 -13.15
N ASN C 777 -21.98 17.40 -11.87
CA ASN C 777 -23.08 17.05 -10.96
C ASN C 777 -24.10 18.18 -10.88
N THR C 778 -23.65 19.42 -10.75
CA THR C 778 -24.56 20.55 -10.67
C THR C 778 -25.18 20.89 -12.01
N GLN C 779 -24.39 20.80 -13.08
CA GLN C 779 -24.91 21.14 -14.41
C GLN C 779 -26.03 20.19 -14.82
N GLU C 780 -25.90 18.90 -14.50
CA GLU C 780 -26.94 17.95 -14.87
C GLU C 780 -28.27 18.26 -14.21
N VAL C 781 -28.26 18.95 -13.06
CA VAL C 781 -29.47 19.16 -12.29
C VAL C 781 -30.10 20.51 -12.58
N PHE C 782 -29.30 21.58 -12.58
CA PHE C 782 -29.87 22.91 -12.65
C PHE C 782 -29.94 23.48 -14.06
N ALA C 783 -28.95 23.20 -14.90
CA ALA C 783 -28.90 23.76 -16.26
C ALA C 783 -29.49 22.74 -17.22
N GLN C 784 -30.82 22.75 -17.34
CA GLN C 784 -31.48 21.92 -18.35
C GLN C 784 -32.57 22.67 -19.10
N VAL C 785 -32.71 23.97 -18.90
CA VAL C 785 -33.56 24.82 -19.73
C VAL C 785 -32.66 25.75 -20.52
N LYS C 786 -32.98 25.92 -21.80
CA LYS C 786 -32.11 26.66 -22.71
C LYS C 786 -32.43 28.15 -22.79
N GLN C 787 -33.56 28.58 -22.22
CA GLN C 787 -33.97 29.98 -22.28
C GLN C 787 -34.35 30.45 -20.88
N ILE C 788 -34.31 31.78 -20.70
CA ILE C 788 -34.63 32.42 -19.43
C ILE C 788 -35.99 33.08 -19.57
N TYR C 789 -36.94 32.65 -18.74
CA TYR C 789 -38.30 33.18 -18.75
C TYR C 789 -38.49 34.15 -17.60
N LYS C 790 -39.51 35.00 -17.75
CA LYS C 790 -39.82 36.04 -16.77
C LYS C 790 -41.30 36.07 -16.47
N THR C 791 -41.63 36.32 -15.21
CA THR C 791 -43.00 36.42 -14.74
C THR C 791 -43.62 37.76 -15.14
N PRO C 792 -44.87 37.78 -15.57
CA PRO C 792 -45.49 39.04 -15.97
C PRO C 792 -45.56 40.01 -14.80
N PRO C 793 -45.53 41.32 -15.08
CA PRO C 793 -45.51 42.29 -13.97
C PRO C 793 -46.76 42.25 -13.10
N ILE C 794 -47.94 42.23 -13.71
CA ILE C 794 -49.16 42.11 -12.92
C ILE C 794 -49.32 40.67 -12.43
N LYS C 795 -50.12 40.50 -11.39
CA LYS C 795 -50.31 39.21 -10.73
C LYS C 795 -51.79 38.94 -10.57
N ASP C 796 -52.40 38.29 -11.56
CA ASP C 796 -53.80 37.90 -11.52
C ASP C 796 -53.84 36.43 -11.93
N PHE C 797 -53.67 35.53 -10.95
CA PHE C 797 -53.61 34.10 -11.20
C PHE C 797 -54.84 33.36 -10.68
N GLY C 798 -55.93 34.08 -10.43
CA GLY C 798 -57.16 33.44 -9.99
C GLY C 798 -57.32 33.30 -8.49
N GLY C 799 -56.57 34.06 -7.70
CA GLY C 799 -56.62 33.97 -6.25
C GLY C 799 -55.45 33.25 -5.63
N PHE C 800 -54.71 32.47 -6.41
CA PHE C 800 -53.49 31.85 -5.90
C PHE C 800 -52.42 32.90 -5.68
N ASN C 801 -51.60 32.72 -4.65
CA ASN C 801 -50.59 33.70 -4.24
C ASN C 801 -49.24 33.00 -4.18
N PHE C 802 -48.33 33.40 -5.07
CA PHE C 802 -47.00 32.79 -5.17
C PHE C 802 -45.91 33.71 -4.65
N SER C 803 -46.25 34.62 -3.73
CA SER C 803 -45.29 35.63 -3.31
C SER C 803 -44.16 35.06 -2.46
N GLN C 804 -44.35 33.89 -1.87
CA GLN C 804 -43.35 33.33 -0.95
C GLN C 804 -42.32 32.46 -1.64
N ILE C 805 -42.46 32.18 -2.93
CA ILE C 805 -41.48 31.40 -3.67
C ILE C 805 -40.91 32.16 -4.86
N LEU C 806 -41.38 33.36 -5.13
CA LEU C 806 -40.87 34.18 -6.22
C LEU C 806 -39.85 35.18 -5.69
N PRO C 807 -38.90 35.61 -6.53
CA PRO C 807 -37.89 36.58 -6.06
C PRO C 807 -38.51 37.93 -5.74
N ASP C 808 -37.87 38.64 -4.81
CA ASP C 808 -38.35 39.94 -4.38
C ASP C 808 -37.43 41.05 -4.84
N PRO C 809 -37.97 42.19 -5.26
CA PRO C 809 -37.15 43.31 -5.72
C PRO C 809 -36.71 44.28 -4.62
N SER C 810 -37.07 44.02 -3.37
CA SER C 810 -36.73 44.90 -2.25
C SER C 810 -35.59 44.34 -1.42
N LYS C 811 -34.62 43.68 -2.06
CA LYS C 811 -33.47 43.12 -1.37
C LYS C 811 -32.38 42.88 -2.39
N PRO C 812 -31.11 43.21 -2.09
CA PRO C 812 -30.04 42.99 -3.07
C PRO C 812 -29.80 41.53 -3.41
N SER C 813 -30.23 40.60 -2.56
CA SER C 813 -29.91 39.20 -2.79
C SER C 813 -30.68 38.61 -3.97
N LYS C 814 -31.85 39.17 -4.27
CA LYS C 814 -32.72 38.66 -5.33
C LYS C 814 -33.07 37.19 -5.08
N ARG C 815 -33.45 36.89 -3.84
CA ARG C 815 -33.76 35.53 -3.41
C ARG C 815 -35.08 35.51 -2.67
N SER C 816 -35.81 34.41 -2.83
CA SER C 816 -37.10 34.27 -2.17
C SER C 816 -36.92 34.13 -0.66
N PRO C 817 -37.92 34.54 0.12
CA PRO C 817 -37.80 34.42 1.59
C PRO C 817 -37.49 33.02 2.08
N ILE C 818 -38.07 31.99 1.46
CA ILE C 818 -37.74 30.61 1.83
C ILE C 818 -36.26 30.34 1.58
N GLU C 819 -35.75 30.80 0.43
CA GLU C 819 -34.33 30.66 0.15
C GLU C 819 -33.49 31.44 1.15
N ASP C 820 -33.96 32.61 1.59
CA ASP C 820 -33.24 33.37 2.60
C ASP C 820 -33.12 32.58 3.90
N LEU C 821 -34.23 31.98 4.33
CA LEU C 821 -34.21 31.16 5.54
C LEU C 821 -33.26 29.99 5.40
N LEU C 822 -33.30 29.32 4.25
CA LEU C 822 -32.42 28.18 4.02
C LEU C 822 -30.96 28.60 4.03
N PHE C 823 -30.65 29.74 3.43
CA PHE C 823 -29.28 30.25 3.42
C PHE C 823 -28.81 30.59 4.83
N ASN C 824 -29.66 31.22 5.63
CA ASN C 824 -29.26 31.60 6.98
C ASN C 824 -29.24 30.43 7.96
N LYS C 825 -29.92 29.33 7.64
CA LYS C 825 -29.92 28.18 8.55
C LYS C 825 -28.57 27.48 8.57
N VAL C 826 -27.99 27.23 7.40
CA VAL C 826 -26.74 26.47 7.26
C VAL C 826 -25.68 27.39 6.66
N THR C 827 -24.51 27.42 7.30
CA THR C 827 -23.41 28.24 6.81
C THR C 827 -22.62 27.49 5.75
N LEU C 828 -22.36 28.15 4.64
CA LEU C 828 -21.61 27.54 3.54
C LEU C 828 -20.12 27.45 3.88
N ALA C 852 -9.13 21.11 8.12
CA ALA C 852 -9.58 22.04 7.09
C ALA C 852 -8.91 23.40 7.26
N GLN C 853 -7.58 23.40 7.25
CA GLN C 853 -6.79 24.61 7.40
C GLN C 853 -5.83 24.77 6.23
N LYS C 854 -5.20 25.94 6.17
CA LYS C 854 -4.19 26.21 5.15
C LYS C 854 -2.86 25.59 5.58
N PHE C 855 -1.78 26.02 4.94
CA PHE C 855 -0.42 25.49 5.13
C PHE C 855 -0.34 24.05 4.63
N ASN C 856 0.88 23.51 4.60
CA ASN C 856 1.12 22.09 4.32
C ASN C 856 0.54 21.66 2.97
N GLY C 857 0.42 22.60 2.04
CA GLY C 857 -0.02 22.26 0.69
C GLY C 857 -1.45 21.77 0.57
N LEU C 858 -2.39 22.39 1.26
CA LEU C 858 -3.81 22.09 1.13
C LEU C 858 -4.54 23.34 0.66
N THR C 859 -5.30 23.20 -0.42
CA THR C 859 -6.00 24.32 -1.03
C THR C 859 -7.44 23.92 -1.36
N VAL C 860 -8.29 24.92 -1.47
CA VAL C 860 -9.70 24.75 -1.83
C VAL C 860 -9.97 25.60 -3.06
N LEU C 861 -10.51 24.97 -4.11
CA LEU C 861 -10.81 25.64 -5.36
C LEU C 861 -12.25 26.14 -5.38
N PRO C 862 -12.53 27.23 -6.08
CA PRO C 862 -13.89 27.78 -6.09
C PRO C 862 -14.75 27.10 -7.13
N PRO C 863 -16.04 26.98 -6.89
CA PRO C 863 -16.93 26.35 -7.89
C PRO C 863 -17.09 27.22 -9.11
N LEU C 864 -17.40 26.57 -10.24
CA LEU C 864 -17.51 27.28 -11.51
C LEU C 864 -18.74 28.18 -11.54
N LEU C 865 -19.86 27.71 -10.98
CA LEU C 865 -21.10 28.46 -10.94
C LEU C 865 -21.31 29.04 -9.55
N THR C 866 -21.70 30.31 -9.49
CA THR C 866 -21.95 30.97 -8.22
C THR C 866 -23.37 30.66 -7.76
N ASP C 867 -23.83 31.37 -6.73
CA ASP C 867 -25.18 31.19 -6.23
C ASP C 867 -26.19 32.09 -6.93
N GLU C 868 -25.77 33.29 -7.33
CA GLU C 868 -26.63 34.20 -8.05
C GLU C 868 -27.03 33.67 -9.43
N MET C 869 -26.36 32.64 -9.92
CA MET C 869 -26.72 32.00 -11.17
C MET C 869 -27.69 30.83 -10.97
N ILE C 870 -27.49 30.05 -9.90
CA ILE C 870 -28.45 29.02 -9.56
C ILE C 870 -29.80 29.64 -9.23
N ALA C 871 -29.78 30.80 -8.57
CA ALA C 871 -31.04 31.51 -8.32
C ALA C 871 -31.74 31.87 -9.63
N GLN C 872 -30.98 32.34 -10.62
CA GLN C 872 -31.56 32.67 -11.91
C GLN C 872 -32.17 31.44 -12.58
N TYR C 873 -31.45 30.32 -12.53
CA TYR C 873 -31.96 29.09 -13.14
C TYR C 873 -33.28 28.66 -12.49
N THR C 874 -33.32 28.67 -11.15
CA THR C 874 -34.53 28.24 -10.48
C THR C 874 -35.69 29.20 -10.69
N SER C 875 -35.42 30.50 -10.79
CA SER C 875 -36.47 31.45 -11.12
C SER C 875 -37.01 31.22 -12.52
N ALA C 876 -36.12 30.89 -13.47
CA ALA C 876 -36.58 30.60 -14.83
C ALA C 876 -37.48 29.37 -14.86
N LEU C 877 -37.10 28.32 -14.12
CA LEU C 877 -37.95 27.15 -14.06
C LEU C 877 -39.32 27.46 -13.46
N LEU C 878 -39.34 28.26 -12.37
CA LEU C 878 -40.61 28.63 -11.74
C LEU C 878 -41.50 29.42 -12.69
N ALA C 879 -40.92 30.41 -13.37
CA ALA C 879 -41.71 31.21 -14.31
C ALA C 879 -42.25 30.35 -15.43
N GLY C 880 -41.44 29.42 -15.94
CA GLY C 880 -41.89 28.54 -17.01
C GLY C 880 -43.04 27.65 -16.58
N THR C 881 -42.97 27.07 -15.37
CA THR C 881 -44.05 26.18 -14.97
C THR C 881 -45.31 26.96 -14.61
N ILE C 882 -45.18 28.20 -14.16
CA ILE C 882 -46.37 28.97 -13.83
C ILE C 882 -47.08 29.45 -15.09
N THR C 883 -46.34 30.01 -16.04
CA THR C 883 -46.98 30.69 -17.16
C THR C 883 -47.29 29.78 -18.34
N SER C 884 -46.75 28.57 -18.39
CA SER C 884 -46.95 27.76 -19.59
C SER C 884 -47.50 26.36 -19.30
N GLY C 885 -47.10 25.74 -18.21
CA GLY C 885 -47.54 24.40 -17.91
C GLY C 885 -46.43 23.38 -18.09
N TRP C 886 -46.73 22.27 -18.77
CA TRP C 886 -45.74 21.25 -19.08
C TRP C 886 -45.23 21.35 -20.51
N THR C 887 -45.64 22.38 -21.25
CA THR C 887 -45.34 22.46 -22.67
C THR C 887 -43.90 22.88 -22.92
N PHE C 888 -43.32 23.72 -22.06
CA PHE C 888 -42.01 24.28 -22.33
C PHE C 888 -40.89 23.26 -22.20
N GLY C 889 -41.16 22.06 -21.69
CA GLY C 889 -40.18 21.02 -21.62
C GLY C 889 -40.17 20.04 -22.77
N ALA C 890 -41.08 20.19 -23.72
CA ALA C 890 -41.17 19.29 -24.87
C ALA C 890 -41.36 20.06 -26.16
N GLY C 891 -40.75 21.24 -26.26
CA GLY C 891 -40.88 22.08 -27.43
C GLY C 891 -41.09 23.53 -27.08
N PRO C 892 -41.74 24.27 -27.98
CA PRO C 892 -41.99 25.70 -27.71
C PRO C 892 -42.97 25.88 -26.55
N ALA C 893 -42.85 27.04 -25.90
CA ALA C 893 -43.70 27.35 -24.75
C ALA C 893 -45.02 27.94 -25.23
N LEU C 894 -46.13 27.33 -24.78
CA LEU C 894 -47.47 27.76 -25.13
C LEU C 894 -48.19 28.22 -23.88
N GLN C 895 -48.82 29.39 -23.96
CA GLN C 895 -49.45 30.01 -22.81
C GLN C 895 -50.80 29.37 -22.50
N ILE C 896 -51.19 29.44 -21.23
CA ILE C 896 -52.48 28.92 -20.77
C ILE C 896 -52.78 29.49 -19.39
N PRO C 897 -54.02 29.92 -19.11
CA PRO C 897 -54.35 30.42 -17.78
C PRO C 897 -54.25 29.34 -16.72
N PHE C 898 -53.95 29.77 -15.49
CA PHE C 898 -53.63 28.83 -14.41
C PHE C 898 -54.80 27.95 -14.00
N PRO C 899 -56.02 28.46 -13.78
CA PRO C 899 -57.12 27.55 -13.41
C PRO C 899 -57.41 26.49 -14.46
N MET C 900 -57.25 26.78 -15.75
CA MET C 900 -57.41 25.75 -16.76
C MET C 900 -56.35 24.67 -16.62
N GLN C 901 -55.11 25.06 -16.30
CA GLN C 901 -54.06 24.08 -16.04
C GLN C 901 -54.40 23.21 -14.84
N MET C 902 -54.96 23.82 -13.79
CA MET C 902 -55.38 23.03 -12.64
C MET C 902 -56.50 22.07 -13.00
N ALA C 903 -57.41 22.49 -13.88
CA ALA C 903 -58.45 21.59 -14.36
C ALA C 903 -57.85 20.41 -15.11
N TYR C 904 -56.86 20.67 -15.97
CA TYR C 904 -56.20 19.59 -16.67
C TYR C 904 -55.54 18.62 -15.70
N ARG C 905 -54.89 19.15 -14.66
CA ARG C 905 -54.21 18.30 -13.70
C ARG C 905 -55.19 17.52 -12.84
N PHE C 906 -56.36 18.10 -12.53
CA PHE C 906 -57.41 17.36 -11.85
C PHE C 906 -57.93 16.21 -12.71
N ASN C 907 -58.10 16.47 -14.01
CA ASN C 907 -58.54 15.40 -14.91
C ASN C 907 -57.52 14.29 -15.03
N GLY C 908 -56.28 14.51 -14.63
CA GLY C 908 -55.25 13.50 -14.72
C GLY C 908 -55.21 12.50 -13.58
N ILE C 909 -56.01 12.71 -12.53
CA ILE C 909 -56.07 11.79 -11.41
C ILE C 909 -57.42 11.11 -11.30
N GLY C 910 -58.37 11.42 -12.18
CA GLY C 910 -59.64 10.74 -12.23
C GLY C 910 -60.83 11.53 -11.73
N VAL C 911 -60.68 12.83 -11.46
CA VAL C 911 -61.77 13.68 -11.00
C VAL C 911 -62.16 14.61 -12.15
N THR C 912 -63.47 14.76 -12.36
CA THR C 912 -63.97 15.60 -13.43
C THR C 912 -63.62 17.07 -13.17
N GLN C 913 -63.57 17.84 -14.26
CA GLN C 913 -63.05 19.20 -14.20
C GLN C 913 -64.08 20.20 -13.71
N ASN C 914 -65.36 19.85 -13.68
CA ASN C 914 -66.35 20.77 -13.12
C ASN C 914 -66.26 20.86 -11.61
N VAL C 915 -65.55 19.93 -10.96
CA VAL C 915 -65.36 20.01 -9.52
C VAL C 915 -64.51 21.22 -9.16
N LEU C 916 -63.43 21.46 -9.90
CA LEU C 916 -62.55 22.58 -9.60
C LEU C 916 -63.25 23.92 -9.80
N TYR C 917 -64.00 24.06 -10.89
CA TYR C 917 -64.59 25.35 -11.21
C TYR C 917 -65.66 25.75 -10.20
N GLU C 918 -66.30 24.78 -9.56
CA GLU C 918 -67.32 25.07 -8.57
C GLU C 918 -66.78 25.23 -7.16
N ASN C 919 -65.49 24.99 -6.95
CA ASN C 919 -64.85 25.15 -5.64
C ASN C 919 -63.51 25.84 -5.78
N GLN C 920 -63.46 26.90 -6.60
CA GLN C 920 -62.20 27.55 -6.90
C GLN C 920 -61.66 28.30 -5.69
N LYS C 921 -62.51 29.08 -5.02
CA LYS C 921 -62.06 29.90 -3.90
C LYS C 921 -61.56 29.04 -2.74
N LEU C 922 -62.26 27.95 -2.45
CA LEU C 922 -61.83 27.08 -1.35
C LEU C 922 -60.47 26.45 -1.63
N ILE C 923 -60.26 25.98 -2.86
CA ILE C 923 -58.98 25.38 -3.21
C ILE C 923 -57.88 26.41 -3.16
N ALA C 924 -58.16 27.63 -3.63
CA ALA C 924 -57.15 28.69 -3.57
C ALA C 924 -56.78 29.04 -2.14
N ASN C 925 -57.78 29.12 -1.26
CA ASN C 925 -57.50 29.43 0.14
C ASN C 925 -56.69 28.32 0.80
N GLN C 926 -57.03 27.07 0.52
CA GLN C 926 -56.26 25.95 1.08
C GLN C 926 -54.83 25.97 0.58
N PHE C 927 -54.62 26.26 -0.71
CA PHE C 927 -53.27 26.35 -1.24
C PHE C 927 -52.49 27.48 -0.58
N ASN C 928 -53.13 28.63 -0.38
CA ASN C 928 -52.44 29.76 0.22
C ASN C 928 -52.10 29.47 1.68
N SER C 929 -53.00 28.81 2.41
CA SER C 929 -52.73 28.50 3.81
C SER C 929 -51.65 27.43 3.95
N ALA C 930 -51.62 26.47 3.04
CA ALA C 930 -50.62 25.40 3.13
C ALA C 930 -49.21 25.94 2.94
N ILE C 931 -49.03 26.86 1.99
CA ILE C 931 -47.70 27.40 1.72
C ILE C 931 -47.20 28.31 2.83
N GLY C 932 -48.10 28.82 3.68
CA GLY C 932 -47.72 29.69 4.76
C GLY C 932 -47.24 29.00 6.01
N LYS C 933 -47.24 27.67 6.04
CA LYS C 933 -46.78 26.91 7.18
C LYS C 933 -45.41 26.27 6.98
N ILE C 934 -44.85 26.34 5.77
CA ILE C 934 -43.53 25.78 5.52
C ILE C 934 -42.46 26.61 6.23
N GLN C 935 -42.62 27.94 6.22
CA GLN C 935 -41.66 28.81 6.91
C GLN C 935 -41.59 28.47 8.39
N ASP C 936 -42.74 28.30 9.04
CA ASP C 936 -42.76 27.92 10.45
C ASP C 936 -42.17 26.52 10.65
N SER C 937 -42.55 25.57 9.79
CA SER C 937 -42.06 24.21 9.92
C SER C 937 -40.56 24.10 9.68
N LEU C 938 -39.94 25.11 9.08
CA LEU C 938 -38.49 25.12 8.94
C LEU C 938 -37.80 25.92 10.04
N SER C 939 -38.37 27.06 10.42
CA SER C 939 -37.73 27.94 11.40
C SER C 939 -38.01 27.54 12.84
N SER C 940 -38.91 26.58 13.07
CA SER C 940 -39.18 26.09 14.41
C SER C 940 -38.46 24.79 14.73
N THR C 941 -37.94 24.10 13.72
CA THR C 941 -37.21 22.85 13.91
C THR C 941 -35.78 23.02 13.44
N PRO C 942 -34.82 23.24 14.35
CA PRO C 942 -33.42 23.38 13.95
C PRO C 942 -32.73 22.08 13.59
N SER C 943 -33.48 20.97 13.47
CA SER C 943 -32.94 19.68 13.08
C SER C 943 -33.55 19.19 11.78
N ALA C 944 -34.00 20.12 10.94
CA ALA C 944 -34.63 19.78 9.67
C ALA C 944 -33.61 19.60 8.55
N LEU C 945 -32.73 20.57 8.36
CA LEU C 945 -31.71 20.50 7.32
C LEU C 945 -30.53 19.66 7.78
N GLY C 946 -30.79 18.44 8.24
CA GLY C 946 -29.73 17.59 8.74
C GLY C 946 -28.93 16.87 7.68
N LYS C 947 -29.56 16.51 6.57
CA LYS C 947 -28.85 15.76 5.53
C LYS C 947 -27.75 16.60 4.89
N LEU C 948 -27.92 17.92 4.85
CA LEU C 948 -26.91 18.79 4.25
C LEU C 948 -25.82 19.21 5.22
N GLN C 949 -26.05 19.05 6.53
CA GLN C 949 -25.01 19.32 7.52
C GLN C 949 -24.04 18.16 7.68
N ASP C 950 -24.48 16.93 7.40
CA ASP C 950 -23.60 15.77 7.58
C ASP C 950 -22.50 15.70 6.54
N VAL C 951 -22.77 16.15 5.31
CA VAL C 951 -21.71 16.16 4.30
C VAL C 951 -20.64 17.18 4.64
N VAL C 952 -21.02 18.32 5.21
CA VAL C 952 -20.05 19.33 5.61
C VAL C 952 -19.24 18.85 6.80
N ASN C 953 -19.90 18.24 7.79
CA ASN C 953 -19.19 17.78 8.98
C ASN C 953 -18.19 16.68 8.67
N GLN C 954 -18.57 15.72 7.83
CA GLN C 954 -17.70 14.57 7.59
C GLN C 954 -16.44 14.95 6.82
N ASN C 955 -16.52 15.94 5.93
CA ASN C 955 -15.34 16.36 5.18
C ASN C 955 -14.34 17.07 6.08
N ALA C 956 -14.81 17.82 7.08
CA ALA C 956 -13.91 18.53 7.97
C ALA C 956 -13.17 17.55 8.89
N GLN C 957 -13.85 16.49 9.33
CA GLN C 957 -13.20 15.53 10.23
C GLN C 957 -12.07 14.78 9.52
N ALA C 958 -12.27 14.42 8.26
CA ALA C 958 -11.24 13.72 7.51
C ALA C 958 -10.01 14.60 7.30
N LEU C 959 -10.21 15.88 7.03
CA LEU C 959 -9.10 16.80 6.83
C LEU C 959 -8.43 17.21 8.14
N ASN C 960 -9.13 17.09 9.26
CA ASN C 960 -8.53 17.44 10.55
C ASN C 960 -7.55 16.38 11.03
N THR C 961 -7.82 15.11 10.70
CA THR C 961 -6.92 14.04 11.09
C THR C 961 -5.65 14.03 10.25
N LEU C 962 -5.75 14.37 8.98
CA LEU C 962 -4.58 14.38 8.11
C LEU C 962 -3.53 15.39 8.54
N VAL C 963 -3.92 16.40 9.32
CA VAL C 963 -2.96 17.38 9.80
C VAL C 963 -2.42 17.01 11.18
N LYS C 964 -3.17 16.25 11.97
CA LYS C 964 -2.67 15.78 13.25
C LYS C 964 -1.68 14.63 13.11
N GLN C 965 -1.64 13.96 11.97
CA GLN C 965 -0.72 12.86 11.75
C GLN C 965 0.69 13.32 11.42
N LEU C 966 0.92 14.62 11.29
CA LEU C 966 2.23 15.15 11.03
C LEU C 966 3.06 15.32 12.30
N SER C 967 2.49 15.03 13.46
CA SER C 967 3.18 15.14 14.74
C SER C 967 3.42 13.77 15.37
N SER C 968 3.78 12.80 14.55
CA SER C 968 4.00 11.44 15.00
C SER C 968 5.39 10.97 14.59
N ASN C 969 6.05 10.23 15.49
CA ASN C 969 7.43 9.82 15.26
C ASN C 969 7.53 8.67 14.26
N PHE C 970 6.60 7.72 14.32
CA PHE C 970 6.66 6.49 13.53
C PHE C 970 7.94 5.70 13.81
N GLY C 971 8.52 5.89 14.99
CA GLY C 971 9.73 5.20 15.36
C GLY C 971 11.00 5.96 15.05
N ALA C 972 11.02 7.26 15.33
CA ALA C 972 12.16 8.10 15.04
C ALA C 972 12.47 8.97 16.23
N ILE C 973 13.65 9.60 16.20
CA ILE C 973 14.07 10.44 17.31
C ILE C 973 13.22 11.69 17.44
N SER C 974 12.69 12.21 16.34
CA SER C 974 11.86 13.41 16.39
C SER C 974 10.90 13.38 15.20
N SER C 975 9.85 14.20 15.30
CA SER C 975 8.84 14.30 14.27
C SER C 975 9.01 15.51 13.38
N VAL C 976 10.11 16.25 13.53
CA VAL C 976 10.41 17.42 12.73
C VAL C 976 11.69 17.17 11.96
N LEU C 977 11.66 17.42 10.65
CA LEU C 977 12.79 17.11 9.79
C LEU C 977 13.95 18.08 9.96
N ASN C 978 13.73 19.24 10.57
CA ASN C 978 14.81 20.19 10.78
C ASN C 978 15.77 19.72 11.87
N ASP C 979 15.23 19.23 12.99
CA ASP C 979 16.09 18.81 14.10
C ASP C 979 16.93 17.59 13.73
N ILE C 980 16.34 16.62 13.02
CA ILE C 980 17.08 15.44 12.63
C ILE C 980 18.24 15.80 11.72
N LEU C 981 18.00 16.69 10.76
CA LEU C 981 19.04 17.07 9.81
C LEU C 981 20.17 17.82 10.51
N SER C 982 19.84 18.84 11.28
CA SER C 982 20.87 19.60 11.99
C SER C 982 21.13 19.05 13.38
N ARG C 983 21.28 17.73 13.46
CA ARG C 983 21.87 17.07 14.61
C ARG C 983 22.66 15.84 14.22
N LEU C 984 22.77 15.53 12.93
CA LEU C 984 23.34 14.27 12.46
C LEU C 984 23.88 14.48 11.06
N ASP C 985 24.71 13.54 10.63
CA ASP C 985 25.34 13.54 9.32
C ASP C 985 24.66 12.54 8.38
N PRO C 986 24.84 12.69 7.07
CA PRO C 986 24.02 11.92 6.10
C PRO C 986 24.00 10.42 6.35
N PRO C 987 25.14 9.74 6.47
CA PRO C 987 25.11 8.26 6.40
C PRO C 987 24.27 7.61 7.48
N GLU C 988 24.05 8.26 8.62
CA GLU C 988 23.15 7.72 9.65
C GLU C 988 21.91 8.58 9.84
N ALA C 989 21.63 9.46 8.89
CA ALA C 989 20.38 10.21 8.88
C ALA C 989 19.37 9.68 7.88
N GLU C 990 19.82 8.90 6.90
CA GLU C 990 18.88 8.31 5.94
C GLU C 990 18.02 7.25 6.59
N VAL C 991 18.49 6.63 7.68
CA VAL C 991 17.69 5.61 8.36
C VAL C 991 16.50 6.24 9.07
N GLN C 992 16.70 7.40 9.71
CA GLN C 992 15.61 8.04 10.44
C GLN C 992 14.61 8.68 9.48
N ILE C 993 15.11 9.32 8.41
CA ILE C 993 14.22 9.98 7.46
C ILE C 993 13.34 8.95 6.75
N ASP C 994 13.91 7.83 6.35
CA ASP C 994 13.15 6.83 5.60
C ASP C 994 12.00 6.28 6.43
N ARG C 995 12.12 6.26 7.75
CA ARG C 995 11.04 5.79 8.59
C ARG C 995 9.91 6.79 8.72
N LEU C 996 10.09 8.03 8.25
CA LEU C 996 9.04 9.03 8.24
C LEU C 996 8.36 9.16 6.88
N ILE C 997 9.08 8.87 5.79
CA ILE C 997 8.45 8.84 4.46
C ILE C 997 7.61 7.60 4.26
N THR C 998 7.74 6.60 5.12
CA THR C 998 6.91 5.40 5.05
C THR C 998 5.57 5.61 5.73
N GLY C 999 5.57 6.20 6.92
CA GLY C 999 4.33 6.45 7.63
C GLY C 999 3.53 7.62 7.10
N ARG C 1000 4.22 8.62 6.55
CA ARG C 1000 3.53 9.79 6.01
C ARG C 1000 2.95 9.55 4.63
N LEU C 1001 3.29 8.44 3.98
CA LEU C 1001 2.70 8.07 2.71
C LEU C 1001 1.47 7.20 2.86
N GLN C 1002 1.41 6.41 3.93
CA GLN C 1002 0.20 5.64 4.21
C GLN C 1002 -0.95 6.53 4.64
N SER C 1003 -0.65 7.62 5.34
CA SER C 1003 -1.70 8.54 5.75
C SER C 1003 -2.36 9.21 4.57
N LEU C 1004 -1.60 9.47 3.50
CA LEU C 1004 -2.18 10.07 2.30
C LEU C 1004 -2.97 9.06 1.49
N GLN C 1005 -2.50 7.81 1.43
CA GLN C 1005 -3.21 6.78 0.68
C GLN C 1005 -4.56 6.48 1.28
N THR C 1006 -4.65 6.47 2.62
CA THR C 1006 -5.94 6.24 3.27
C THR C 1006 -6.92 7.38 2.99
N TYR C 1007 -6.43 8.62 2.96
CA TYR C 1007 -7.32 9.75 2.74
C TYR C 1007 -7.93 9.73 1.34
N VAL C 1008 -7.14 9.38 0.33
CA VAL C 1008 -7.64 9.43 -1.04
C VAL C 1008 -8.66 8.33 -1.29
N THR C 1009 -8.42 7.13 -0.76
CA THR C 1009 -9.33 6.01 -1.00
C THR C 1009 -10.69 6.27 -0.39
N GLN C 1010 -10.73 6.86 0.81
CA GLN C 1010 -12.01 7.13 1.45
C GLN C 1010 -12.80 8.21 0.72
N GLN C 1011 -12.11 9.14 0.05
CA GLN C 1011 -12.81 10.17 -0.69
C GLN C 1011 -13.37 9.64 -2.00
N LEU C 1012 -12.69 8.70 -2.63
CA LEU C 1012 -13.21 8.10 -3.86
C LEU C 1012 -14.50 7.33 -3.60
N ILE C 1013 -14.57 6.65 -2.46
CA ILE C 1013 -15.80 5.94 -2.09
C ILE C 1013 -16.90 6.94 -1.74
N ARG C 1014 -16.56 7.99 -0.98
CA ARG C 1014 -17.56 8.94 -0.53
C ARG C 1014 -18.12 9.76 -1.68
N ALA C 1015 -17.35 9.97 -2.75
CA ALA C 1015 -17.86 10.69 -3.90
C ALA C 1015 -18.81 9.86 -4.74
N ALA C 1016 -18.72 8.54 -4.66
CA ALA C 1016 -19.68 7.68 -5.34
C ALA C 1016 -21.07 7.71 -4.70
N GLU C 1017 -21.20 8.32 -3.53
CA GLU C 1017 -22.48 8.44 -2.87
C GLU C 1017 -23.20 9.74 -3.25
N ILE C 1018 -22.45 10.81 -3.50
CA ILE C 1018 -23.06 12.05 -3.97
C ILE C 1018 -23.51 11.91 -5.42
N ARG C 1019 -22.77 11.13 -6.22
CA ARG C 1019 -23.17 10.93 -7.61
C ARG C 1019 -24.50 10.19 -7.70
N ALA C 1020 -24.71 9.21 -6.83
CA ALA C 1020 -25.99 8.51 -6.79
C ALA C 1020 -27.11 9.45 -6.40
N SER C 1021 -26.86 10.35 -5.43
CA SER C 1021 -27.88 11.30 -5.03
C SER C 1021 -28.08 12.41 -6.08
N ALA C 1022 -27.02 12.78 -6.78
CA ALA C 1022 -27.16 13.79 -7.82
C ALA C 1022 -27.96 13.26 -9.01
N ASN C 1023 -27.77 12.00 -9.36
CA ASN C 1023 -28.51 11.41 -10.48
C ASN C 1023 -29.99 11.28 -10.16
N LEU C 1024 -30.33 11.01 -8.90
CA LEU C 1024 -31.74 10.92 -8.52
C LEU C 1024 -32.42 12.28 -8.57
N ALA C 1025 -31.69 13.35 -8.22
CA ALA C 1025 -32.27 14.68 -8.26
C ALA C 1025 -32.56 15.13 -9.69
N ALA C 1026 -31.80 14.62 -10.66
CA ALA C 1026 -32.06 14.96 -12.05
C ALA C 1026 -33.35 14.30 -12.55
N THR C 1027 -33.64 13.09 -12.05
CA THR C 1027 -34.88 12.43 -12.43
C THR C 1027 -36.09 13.16 -11.86
N LYS C 1028 -36.00 13.63 -10.62
CA LYS C 1028 -37.13 14.29 -9.98
C LYS C 1028 -37.47 15.61 -10.66
N MET C 1029 -36.45 16.38 -11.07
CA MET C 1029 -36.72 17.66 -11.72
C MET C 1029 -37.44 17.47 -13.06
N SER C 1030 -37.09 16.42 -13.81
CA SER C 1030 -37.71 16.19 -15.10
C SER C 1030 -39.11 15.60 -14.97
N GLU C 1031 -39.34 14.76 -13.96
CA GLU C 1031 -40.59 14.02 -13.84
C GLU C 1031 -41.54 14.59 -12.79
N CYS C 1032 -41.14 15.61 -12.05
CA CYS C 1032 -42.02 16.24 -11.08
C CYS C 1032 -42.23 17.72 -11.32
N VAL C 1033 -41.29 18.41 -11.96
CA VAL C 1033 -41.39 19.83 -12.21
C VAL C 1033 -41.78 20.06 -13.66
N LEU C 1034 -41.35 19.18 -14.55
CA LEU C 1034 -41.61 19.31 -15.97
C LEU C 1034 -42.73 18.39 -16.44
N GLY C 1035 -43.50 17.82 -15.52
CA GLY C 1035 -44.61 16.96 -15.91
C GLY C 1035 -45.32 16.43 -14.69
N GLN C 1036 -46.38 15.66 -14.95
CA GLN C 1036 -47.16 15.01 -13.92
C GLN C 1036 -46.84 13.52 -13.90
N SER C 1037 -46.50 13.00 -12.74
CA SER C 1037 -46.07 11.62 -12.58
C SER C 1037 -47.23 10.77 -12.06
N LYS C 1038 -47.28 9.52 -12.53
CA LYS C 1038 -48.32 8.59 -12.14
C LYS C 1038 -47.81 7.48 -11.21
N ARG C 1039 -46.53 7.50 -10.87
CA ARG C 1039 -46.00 6.52 -9.93
C ARG C 1039 -46.39 6.90 -8.50
N VAL C 1040 -46.15 5.97 -7.57
CA VAL C 1040 -46.59 6.11 -6.20
C VAL C 1040 -45.37 6.35 -5.32
N ASP C 1041 -45.48 7.31 -4.40
CA ASP C 1041 -44.49 7.67 -3.39
C ASP C 1041 -43.22 8.26 -4.01
N PHE C 1042 -43.13 8.39 -5.33
CA PHE C 1042 -41.97 9.01 -5.94
C PHE C 1042 -41.96 10.52 -5.76
N CYS C 1043 -43.14 11.13 -5.68
CA CYS C 1043 -43.23 12.59 -5.68
C CYS C 1043 -44.16 13.04 -4.57
N GLY C 1044 -44.09 12.35 -3.42
CA GLY C 1044 -44.85 12.69 -2.24
C GLY C 1044 -46.05 11.78 -2.02
N LYS C 1045 -46.65 11.93 -0.85
CA LYS C 1045 -47.86 11.19 -0.50
C LYS C 1045 -49.06 11.74 -1.27
N GLY C 1046 -50.13 10.95 -1.32
CA GLY C 1046 -51.30 11.41 -2.03
C GLY C 1046 -51.14 11.30 -3.55
N TYR C 1047 -51.95 12.08 -4.24
CA TYR C 1047 -51.96 12.12 -5.70
C TYR C 1047 -51.28 13.39 -6.19
N HIS C 1048 -50.30 13.23 -7.07
CA HIS C 1048 -49.43 14.34 -7.45
C HIS C 1048 -50.17 15.36 -8.31
N LEU C 1049 -49.95 16.64 -8.03
CA LEU C 1049 -50.46 17.72 -8.84
C LEU C 1049 -49.35 18.54 -9.49
N MET C 1050 -48.41 19.08 -8.69
CA MET C 1050 -47.32 19.88 -9.24
C MET C 1050 -46.21 19.98 -8.18
N SER C 1051 -45.07 20.53 -8.60
CA SER C 1051 -43.91 20.65 -7.73
C SER C 1051 -43.14 21.92 -8.08
N PHE C 1052 -42.39 22.43 -7.10
CA PHE C 1052 -41.61 23.64 -7.26
C PHE C 1052 -40.21 23.45 -6.70
N PRO C 1053 -39.18 23.94 -7.39
CA PRO C 1053 -37.81 23.80 -6.91
C PRO C 1053 -37.33 25.00 -6.10
N GLN C 1054 -36.36 24.72 -5.23
CA GLN C 1054 -35.70 25.76 -4.43
C GLN C 1054 -34.22 25.44 -4.33
N SER C 1055 -33.43 26.46 -4.03
CA SER C 1055 -31.98 26.36 -4.00
C SER C 1055 -31.47 26.28 -2.57
N ALA C 1056 -30.45 25.45 -2.36
CA ALA C 1056 -29.81 25.22 -1.08
C ALA C 1056 -28.30 25.38 -1.25
N PRO C 1057 -27.57 25.60 -0.16
CA PRO C 1057 -26.12 25.84 -0.29
C PRO C 1057 -25.36 24.74 -1.01
N HIS C 1058 -25.72 23.47 -0.80
CA HIS C 1058 -25.09 22.39 -1.54
C HIS C 1058 -26.11 21.34 -1.95
N GLY C 1059 -27.34 21.75 -2.21
CA GLY C 1059 -28.38 20.80 -2.54
C GLY C 1059 -29.60 21.46 -3.10
N VAL C 1060 -30.70 20.72 -3.10
CA VAL C 1060 -31.96 21.16 -3.67
C VAL C 1060 -33.08 20.83 -2.69
N VAL C 1061 -34.17 21.59 -2.78
CA VAL C 1061 -35.36 21.39 -1.95
C VAL C 1061 -36.58 21.39 -2.86
N PHE C 1062 -37.45 20.40 -2.69
CA PHE C 1062 -38.64 20.24 -3.51
C PHE C 1062 -39.89 20.39 -2.63
N LEU C 1063 -40.83 21.21 -3.08
CA LEU C 1063 -42.12 21.37 -2.42
C LEU C 1063 -43.19 20.77 -3.32
N HIS C 1064 -43.84 19.71 -2.84
CA HIS C 1064 -44.82 18.97 -3.62
C HIS C 1064 -46.23 19.38 -3.20
N VAL C 1065 -47.13 19.44 -4.18
CA VAL C 1065 -48.55 19.73 -3.96
C VAL C 1065 -49.35 18.51 -4.38
N THR C 1066 -50.16 17.98 -3.46
CA THR C 1066 -50.84 16.71 -3.67
C THR C 1066 -52.30 16.80 -3.24
N TYR C 1067 -53.04 15.72 -3.45
CA TYR C 1067 -54.48 15.65 -3.26
C TYR C 1067 -54.80 14.50 -2.31
N VAL C 1068 -55.63 14.77 -1.29
CA VAL C 1068 -55.96 13.78 -0.27
C VAL C 1068 -57.46 13.77 0.01
N PRO C 1069 -58.11 12.61 -0.02
CA PRO C 1069 -59.55 12.55 0.26
C PRO C 1069 -59.87 12.69 1.74
N ALA C 1070 -61.15 12.93 2.03
CA ALA C 1070 -61.62 13.09 3.39
C ALA C 1070 -63.13 12.85 3.45
N GLN C 1071 -63.62 12.64 4.67
CA GLN C 1071 -65.05 12.59 4.98
C GLN C 1071 -65.78 11.50 4.20
N GLU C 1072 -65.42 10.26 4.52
CA GLU C 1072 -65.96 9.09 3.85
C GLU C 1072 -67.35 8.72 4.37
N LYS C 1073 -68.07 7.97 3.55
CA LYS C 1073 -69.39 7.45 3.88
C LYS C 1073 -69.56 6.09 3.21
N ASN C 1074 -70.46 5.28 3.76
CA ASN C 1074 -70.62 3.90 3.30
C ASN C 1074 -71.97 3.71 2.62
N PHE C 1075 -71.98 2.94 1.53
CA PHE C 1075 -73.18 2.67 0.75
C PHE C 1075 -73.32 1.17 0.45
N THR C 1076 -74.27 0.82 -0.42
CA THR C 1076 -74.50 -0.55 -0.85
C THR C 1076 -74.42 -0.61 -2.37
N THR C 1077 -73.68 -1.60 -2.89
CA THR C 1077 -73.34 -1.65 -4.30
C THR C 1077 -73.67 -3.01 -4.90
N ALA C 1078 -73.84 -3.01 -6.22
CA ALA C 1078 -74.08 -4.20 -7.02
C ALA C 1078 -73.28 -4.12 -8.31
N PRO C 1079 -72.90 -5.26 -8.88
CA PRO C 1079 -72.07 -5.22 -10.10
C PRO C 1079 -72.84 -4.94 -11.39
N ALA C 1080 -74.14 -5.21 -11.45
CA ALA C 1080 -74.88 -5.02 -12.70
C ALA C 1080 -76.35 -4.83 -12.39
N ILE C 1081 -77.11 -4.51 -13.43
CA ILE C 1081 -78.55 -4.28 -13.34
C ILE C 1081 -79.23 -5.01 -14.48
N CYS C 1082 -80.29 -5.76 -14.16
CA CYS C 1082 -81.07 -6.50 -15.15
C CYS C 1082 -82.37 -5.77 -15.42
N HIS C 1083 -82.67 -5.56 -16.70
CA HIS C 1083 -83.87 -4.82 -17.10
C HIS C 1083 -84.22 -5.24 -18.51
N ASP C 1084 -85.45 -5.76 -18.68
CA ASP C 1084 -85.92 -6.29 -19.96
C ASP C 1084 -84.96 -7.39 -20.44
N GLY C 1085 -84.57 -8.26 -19.51
CA GLY C 1085 -83.74 -9.39 -19.84
C GLY C 1085 -82.35 -9.07 -20.30
N LYS C 1086 -81.84 -7.88 -20.01
CA LYS C 1086 -80.49 -7.50 -20.41
C LYS C 1086 -79.70 -7.00 -19.20
N ALA C 1087 -78.40 -7.28 -19.22
CA ALA C 1087 -77.50 -6.89 -18.15
C ALA C 1087 -76.83 -5.56 -18.52
N HIS C 1088 -76.88 -4.62 -17.59
CA HIS C 1088 -76.36 -3.28 -17.81
C HIS C 1088 -75.14 -3.04 -16.94
N PHE C 1089 -74.10 -2.46 -17.53
CA PHE C 1089 -72.83 -2.21 -16.85
C PHE C 1089 -72.49 -0.72 -16.91
N PRO C 1090 -71.78 -0.20 -15.92
CA PRO C 1090 -71.39 1.22 -15.95
C PRO C 1090 -70.24 1.46 -16.91
N ARG C 1091 -70.23 2.68 -17.46
CA ARG C 1091 -69.14 3.07 -18.35
C ARG C 1091 -67.91 3.48 -17.58
N GLU C 1092 -68.02 4.54 -16.78
CA GLU C 1092 -66.97 4.98 -15.87
C GLU C 1092 -67.64 5.38 -14.56
N GLY C 1093 -67.80 4.42 -13.65
CA GLY C 1093 -68.43 4.70 -12.38
C GLY C 1093 -68.79 3.42 -11.65
N VAL C 1094 -69.59 3.59 -10.61
CA VAL C 1094 -70.08 2.49 -9.79
C VAL C 1094 -71.56 2.68 -9.51
N PHE C 1095 -72.20 1.58 -9.10
CA PHE C 1095 -73.62 1.59 -8.73
C PHE C 1095 -73.72 1.66 -7.21
N VAL C 1096 -74.44 2.66 -6.72
CA VAL C 1096 -74.57 2.88 -5.28
C VAL C 1096 -76.04 3.05 -4.93
N SER C 1097 -76.34 2.85 -3.64
CA SER C 1097 -77.70 2.97 -3.13
C SER C 1097 -77.68 3.56 -1.74
N ASN C 1098 -78.68 4.41 -1.45
CA ASN C 1098 -78.85 5.00 -0.14
C ASN C 1098 -79.92 4.30 0.69
N GLY C 1099 -80.35 3.11 0.27
CA GLY C 1099 -81.34 2.33 0.97
C GLY C 1099 -82.67 2.20 0.24
N THR C 1100 -82.97 3.13 -0.67
CA THR C 1100 -84.26 3.09 -1.36
C THR C 1100 -84.10 3.20 -2.87
N HIS C 1101 -83.07 3.91 -3.32
CA HIS C 1101 -82.89 4.21 -4.74
C HIS C 1101 -81.48 3.88 -5.17
N TRP C 1102 -81.28 3.75 -6.48
CA TRP C 1102 -79.99 3.45 -7.07
C TRP C 1102 -79.53 4.61 -7.94
N PHE C 1103 -78.20 4.81 -7.97
CA PHE C 1103 -77.59 5.91 -8.70
C PHE C 1103 -76.31 5.43 -9.35
N VAL C 1104 -75.57 6.37 -9.93
CA VAL C 1104 -74.26 6.11 -10.52
C VAL C 1104 -73.35 7.31 -10.23
N THR C 1105 -72.11 7.03 -9.85
CA THR C 1105 -71.20 8.09 -9.42
C THR C 1105 -69.77 7.74 -9.80
N GLN C 1106 -68.93 8.76 -9.83
CA GLN C 1106 -67.50 8.55 -10.03
C GLN C 1106 -66.87 8.02 -8.74
N ARG C 1107 -65.67 7.47 -8.88
CA ARG C 1107 -65.08 6.67 -7.81
C ARG C 1107 -64.33 7.49 -6.77
N ASN C 1108 -63.77 8.64 -7.15
CA ASN C 1108 -62.99 9.45 -6.23
C ASN C 1108 -63.76 10.61 -5.64
N PHE C 1109 -65.05 10.76 -5.97
CA PHE C 1109 -65.86 11.86 -5.47
C PHE C 1109 -67.32 11.45 -5.55
N TYR C 1110 -68.11 11.88 -4.58
CA TYR C 1110 -69.51 11.52 -4.51
C TYR C 1110 -70.34 12.55 -5.26
N GLU C 1111 -70.98 12.13 -6.34
CA GLU C 1111 -71.82 13.01 -7.16
C GLU C 1111 -72.85 12.14 -7.86
N PRO C 1112 -73.98 11.88 -7.22
CA PRO C 1112 -74.93 10.89 -7.76
C PRO C 1112 -75.62 11.37 -9.03
N GLN C 1113 -76.06 10.41 -9.83
CA GLN C 1113 -76.74 10.69 -11.08
C GLN C 1113 -77.74 9.59 -11.36
N ILE C 1114 -78.65 9.87 -12.28
CA ILE C 1114 -79.73 8.94 -12.62
C ILE C 1114 -79.24 7.96 -13.68
N ILE C 1115 -79.52 6.67 -13.49
CA ILE C 1115 -79.10 5.65 -14.42
C ILE C 1115 -79.92 5.76 -15.69
N THR C 1116 -79.23 5.84 -16.83
CA THR C 1116 -79.88 5.96 -18.13
C THR C 1116 -79.02 5.25 -19.17
N THR C 1117 -79.35 5.46 -20.45
CA THR C 1117 -78.67 4.74 -21.52
C THR C 1117 -77.28 5.30 -21.82
N ASP C 1118 -77.13 6.62 -21.77
CA ASP C 1118 -75.88 7.23 -22.23
C ASP C 1118 -74.72 7.01 -21.26
N ASN C 1119 -74.97 6.53 -20.05
CA ASN C 1119 -73.92 6.22 -19.10
C ASN C 1119 -73.93 4.74 -18.74
N THR C 1120 -74.21 3.89 -19.73
CA THR C 1120 -74.38 2.46 -19.49
C THR C 1120 -74.30 1.72 -20.82
N PHE C 1121 -73.59 0.60 -20.83
CA PHE C 1121 -73.54 -0.27 -22.00
C PHE C 1121 -73.99 -1.68 -21.60
N VAL C 1122 -74.62 -2.36 -22.55
CA VAL C 1122 -75.32 -3.63 -22.30
C VAL C 1122 -74.54 -4.77 -22.94
N SER C 1123 -74.45 -5.89 -22.23
CA SER C 1123 -73.78 -7.08 -22.76
C SER C 1123 -74.38 -8.32 -22.12
N GLY C 1124 -75.20 -9.05 -22.88
CA GLY C 1124 -75.70 -10.34 -22.45
C GLY C 1124 -76.98 -10.26 -21.64
N ASN C 1125 -77.39 -11.43 -21.14
CA ASN C 1125 -78.56 -11.56 -20.30
C ASN C 1125 -78.14 -11.60 -18.84
N CYS C 1126 -79.12 -11.61 -17.94
CA CYS C 1126 -78.89 -11.48 -16.51
C CYS C 1126 -79.03 -12.80 -15.76
N ASP C 1127 -78.57 -13.90 -16.38
CA ASP C 1127 -78.60 -15.21 -15.73
C ASP C 1127 -77.22 -15.84 -15.65
N VAL C 1128 -76.16 -15.04 -15.65
CA VAL C 1128 -74.79 -15.52 -15.53
C VAL C 1128 -74.06 -14.86 -14.37
N VAL C 1129 -74.16 -13.54 -14.25
CA VAL C 1129 -73.45 -12.80 -13.22
C VAL C 1129 -74.01 -13.13 -11.84
N ILE C 1130 -73.15 -13.08 -10.83
CA ILE C 1130 -73.54 -13.30 -9.44
C ILE C 1130 -73.69 -11.95 -8.76
N GLY C 1131 -74.86 -11.70 -8.19
CA GLY C 1131 -75.12 -10.47 -7.48
C GLY C 1131 -75.90 -9.42 -8.25
N ILE C 1132 -76.56 -9.78 -9.34
CA ILE C 1132 -77.30 -8.80 -10.13
C ILE C 1132 -78.56 -8.37 -9.38
N VAL C 1133 -78.93 -7.10 -9.55
CA VAL C 1133 -80.10 -6.53 -8.91
C VAL C 1133 -81.05 -5.99 -9.98
N ASN C 1134 -82.30 -5.78 -9.59
CA ASN C 1134 -83.36 -5.35 -10.49
C ASN C 1134 -83.62 -3.86 -10.29
N ASN C 1135 -83.75 -3.13 -11.40
CA ASN C 1135 -84.07 -1.71 -11.37
C ASN C 1135 -84.52 -1.29 -12.76
N THR C 1136 -84.76 -0.01 -12.95
CA THR C 1136 -85.23 0.54 -14.21
C THR C 1136 -84.21 1.50 -14.80
N VAL C 1137 -84.16 1.54 -16.13
CA VAL C 1137 -83.21 2.37 -16.85
C VAL C 1137 -83.97 3.33 -17.74
N TYR C 1138 -83.68 4.62 -17.60
CA TYR C 1138 -84.32 5.65 -18.40
C TYR C 1138 -83.80 5.61 -19.83
N TYR D 28 5.59 -58.00 -7.90
CA TYR D 28 5.26 -56.58 -7.97
C TYR D 28 3.77 -56.34 -7.75
N THR D 29 3.46 -55.44 -6.82
CA THR D 29 2.08 -55.09 -6.53
C THR D 29 2.04 -53.64 -6.07
N ASN D 30 0.86 -53.02 -6.17
CA ASN D 30 0.68 -51.64 -5.73
C ASN D 30 -0.19 -51.57 -4.48
N SER D 31 -0.09 -50.44 -3.79
CA SER D 31 -0.72 -50.24 -2.49
C SER D 31 -2.06 -49.55 -2.63
N PHE D 32 -3.10 -50.16 -2.06
CA PHE D 32 -4.46 -49.61 -2.12
C PHE D 32 -4.67 -48.66 -0.95
N THR D 33 -4.05 -47.48 -1.07
CA THR D 33 -4.19 -46.40 -0.09
C THR D 33 -3.87 -46.86 1.33
N ARG D 34 -2.61 -47.24 1.52
CA ARG D 34 -2.09 -47.59 2.84
C ARG D 34 -0.75 -46.90 3.05
N GLY D 35 -0.46 -46.57 4.31
CA GLY D 35 0.82 -45.99 4.65
C GLY D 35 0.75 -44.61 5.28
N VAL D 36 -0.33 -44.33 6.01
CA VAL D 36 -0.49 -43.06 6.69
C VAL D 36 -0.20 -43.23 8.16
N TYR D 37 0.09 -42.12 8.84
CA TYR D 37 0.42 -42.14 10.26
C TYR D 37 0.14 -40.76 10.84
N TYR D 38 0.55 -40.55 12.09
CA TYR D 38 0.27 -39.30 12.80
C TYR D 38 1.53 -38.45 12.83
N PRO D 39 1.59 -37.36 12.06
CA PRO D 39 2.86 -36.61 11.96
C PRO D 39 3.34 -35.99 13.26
N ASP D 40 2.44 -35.52 14.13
CA ASP D 40 2.84 -34.73 15.29
C ASP D 40 2.02 -35.11 16.51
N LYS D 41 2.55 -34.77 17.68
CA LYS D 41 1.91 -35.06 18.96
C LYS D 41 1.05 -33.89 19.44
N VAL D 42 0.14 -33.43 18.59
CA VAL D 42 -0.81 -32.38 18.94
C VAL D 42 -2.20 -32.86 18.56
N PHE D 43 -3.13 -32.75 19.51
CA PHE D 43 -4.49 -33.25 19.28
C PHE D 43 -5.26 -32.32 18.37
N ARG D 44 -6.06 -32.91 17.48
CA ARG D 44 -7.01 -32.19 16.64
C ARG D 44 -8.28 -33.01 16.53
N SER D 45 -9.39 -32.34 16.23
CA SER D 45 -10.66 -33.03 16.11
C SER D 45 -11.56 -32.32 15.10
N SER D 46 -12.07 -33.10 14.14
CA SER D 46 -13.06 -32.61 13.18
C SER D 46 -12.55 -31.41 12.37
N VAL D 47 -11.26 -31.44 12.05
CA VAL D 47 -10.62 -30.37 11.28
C VAL D 47 -9.82 -30.99 10.15
N LEU D 48 -10.02 -30.50 8.94
CA LEU D 48 -9.22 -30.93 7.80
C LEU D 48 -7.92 -30.13 7.78
N HIS D 49 -6.80 -30.84 7.62
CA HIS D 49 -5.48 -30.23 7.74
C HIS D 49 -4.59 -30.68 6.60
N SER D 50 -3.55 -29.89 6.33
CA SER D 50 -2.61 -30.15 5.26
C SER D 50 -1.20 -30.20 5.83
N THR D 51 -0.43 -31.21 5.43
CA THR D 51 0.93 -31.42 5.91
C THR D 51 1.89 -31.52 4.72
N GLN D 52 3.17 -31.34 5.01
CA GLN D 52 4.22 -31.26 3.99
C GLN D 52 5.42 -32.12 4.38
N ASP D 53 5.16 -33.37 4.76
CA ASP D 53 6.20 -34.30 5.16
C ASP D 53 6.18 -35.55 4.25
N LEU D 54 6.97 -36.55 4.62
CA LEU D 54 7.15 -37.73 3.79
C LEU D 54 6.02 -38.73 3.99
N PHE D 55 5.58 -39.35 2.89
CA PHE D 55 4.56 -40.37 2.91
C PHE D 55 4.88 -41.40 1.84
N LEU D 56 3.98 -42.38 1.70
CA LEU D 56 4.05 -43.35 0.62
C LEU D 56 3.00 -43.00 -0.42
N PRO D 57 3.39 -42.63 -1.64
CA PRO D 57 2.39 -42.22 -2.63
C PRO D 57 1.39 -43.32 -2.91
N PHE D 58 0.13 -42.92 -3.08
CA PHE D 58 -0.95 -43.88 -3.25
C PHE D 58 -0.86 -44.54 -4.61
N PHE D 59 -1.31 -45.79 -4.67
CA PHE D 59 -1.23 -46.62 -5.88
C PHE D 59 0.21 -46.64 -6.42
N SER D 60 1.12 -47.13 -5.59
CA SER D 60 2.53 -47.20 -5.93
C SER D 60 3.01 -48.64 -5.80
N ASN D 61 3.88 -49.04 -6.74
CA ASN D 61 4.37 -50.41 -6.78
C ASN D 61 5.17 -50.75 -5.53
N VAL D 62 4.98 -51.98 -5.03
CA VAL D 62 5.78 -52.53 -3.95
C VAL D 62 6.32 -53.88 -4.39
N THR D 63 7.43 -54.28 -3.77
CA THR D 63 8.08 -55.53 -4.11
C THR D 63 7.50 -56.67 -3.29
N TRP D 64 7.48 -57.87 -3.89
CA TRP D 64 6.98 -59.07 -3.24
C TRP D 64 8.12 -60.07 -3.10
N PHE D 65 8.33 -60.54 -1.88
CA PHE D 65 9.40 -61.50 -1.57
C PHE D 65 8.80 -62.75 -0.98
N HIS D 66 9.30 -63.91 -1.40
CA HIS D 66 8.87 -65.18 -0.84
C HIS D 66 9.97 -66.22 -0.96
N PHE D 79 12.43 -69.67 0.35
CA PHE D 79 13.35 -69.24 1.40
C PHE D 79 14.37 -68.26 0.83
N ASP D 80 13.96 -67.00 0.68
CA ASP D 80 14.82 -65.95 0.13
C ASP D 80 14.72 -64.72 1.02
N ASN D 81 15.87 -64.11 1.29
CA ASN D 81 15.94 -62.89 2.10
C ASN D 81 17.20 -62.11 1.73
N PRO D 82 17.20 -61.48 0.56
CA PRO D 82 18.38 -60.70 0.13
C PRO D 82 18.47 -59.37 0.85
N VAL D 83 19.42 -58.53 0.44
CA VAL D 83 19.64 -57.22 1.05
C VAL D 83 19.21 -56.14 0.05
N LEU D 84 18.50 -55.13 0.56
CA LEU D 84 17.91 -54.07 -0.25
C LEU D 84 18.27 -52.71 0.33
N PRO D 85 18.27 -51.66 -0.49
CA PRO D 85 18.63 -50.33 0.00
C PRO D 85 17.56 -49.72 0.89
N PHE D 86 18.00 -48.77 1.73
CA PHE D 86 17.09 -48.05 2.63
C PHE D 86 16.41 -46.88 1.93
N ASN D 87 17.21 -45.90 1.49
CA ASN D 87 16.75 -44.78 0.66
C ASN D 87 15.63 -43.98 1.34
N ASP D 88 16.01 -43.35 2.45
CA ASP D 88 15.20 -42.31 3.10
C ASP D 88 13.78 -42.76 3.38
N GLY D 89 13.65 -43.93 4.00
CA GLY D 89 12.34 -44.41 4.39
C GLY D 89 12.05 -45.81 3.90
N VAL D 90 11.11 -46.48 4.54
CA VAL D 90 10.77 -47.85 4.18
C VAL D 90 9.41 -48.18 4.79
N TYR D 91 8.61 -48.91 4.03
CA TYR D 91 7.31 -49.40 4.49
C TYR D 91 7.40 -50.93 4.52
N PHE D 92 7.52 -51.48 5.72
CA PHE D 92 7.66 -52.91 5.92
C PHE D 92 6.31 -53.53 6.24
N ALA D 93 6.02 -54.66 5.62
CA ALA D 93 4.77 -55.38 5.86
C ALA D 93 5.06 -56.88 5.91
N SER D 94 4.24 -57.60 6.66
CA SER D 94 4.36 -59.04 6.78
C SER D 94 2.97 -59.63 6.99
N THR D 95 2.68 -60.71 6.28
CA THR D 95 1.37 -61.38 6.35
C THR D 95 1.62 -62.86 6.63
N GLU D 96 1.53 -63.24 7.91
CA GLU D 96 1.73 -64.63 8.29
C GLU D 96 1.07 -64.89 9.64
N LYS D 97 0.81 -66.16 9.91
CA LYS D 97 0.27 -66.58 11.20
C LYS D 97 1.30 -67.26 12.08
N SER D 98 2.44 -67.66 11.54
CA SER D 98 3.51 -68.30 12.30
C SER D 98 4.70 -67.37 12.42
N ASN D 99 5.31 -67.34 13.60
CA ASN D 99 6.44 -66.45 13.85
C ASN D 99 7.65 -66.91 13.06
N ILE D 100 8.04 -66.14 12.05
CA ILE D 100 9.24 -66.42 11.26
C ILE D 100 10.14 -65.20 11.27
N ILE D 101 9.58 -64.04 10.88
CA ILE D 101 10.35 -62.82 10.84
C ILE D 101 10.69 -62.37 12.25
N ARG D 102 11.96 -62.04 12.47
CA ARG D 102 12.44 -61.69 13.80
C ARG D 102 12.88 -60.23 13.90
N GLY D 103 13.77 -59.78 13.05
CA GLY D 103 14.28 -58.43 13.17
C GLY D 103 15.06 -58.02 11.93
N TRP D 104 15.72 -56.88 12.04
CA TRP D 104 16.42 -56.27 10.92
C TRP D 104 17.71 -55.63 11.41
N ILE D 105 18.66 -55.47 10.50
CA ILE D 105 19.93 -54.83 10.78
C ILE D 105 20.14 -53.72 9.78
N PHE D 106 20.88 -52.69 10.20
CA PHE D 106 21.05 -51.49 9.41
C PHE D 106 22.50 -51.04 9.48
N GLY D 107 23.05 -50.59 8.36
CA GLY D 107 24.44 -50.16 8.34
C GLY D 107 24.74 -49.34 7.11
N THR D 108 25.80 -48.52 7.24
CA THR D 108 26.22 -47.68 6.12
C THR D 108 27.14 -48.43 5.16
N THR D 109 27.87 -49.43 5.66
CA THR D 109 28.71 -50.25 4.80
C THR D 109 28.61 -51.74 5.10
N LEU D 110 27.84 -52.13 6.13
CA LEU D 110 27.71 -53.54 6.52
C LEU D 110 29.07 -54.16 6.78
N ASP D 111 29.97 -53.39 7.39
CA ASP D 111 31.31 -53.84 7.71
C ASP D 111 31.63 -53.52 9.15
N SER D 112 32.52 -54.31 9.74
CA SER D 112 32.89 -54.13 11.14
C SER D 112 33.62 -52.82 11.39
N LYS D 113 34.15 -52.17 10.35
CA LYS D 113 34.86 -50.91 10.54
C LYS D 113 33.93 -49.83 11.07
N THR D 114 32.72 -49.73 10.53
CA THR D 114 31.77 -48.73 10.95
C THR D 114 30.87 -49.26 12.06
N GLN D 115 29.88 -48.46 12.45
CA GLN D 115 28.95 -48.81 13.51
C GLN D 115 27.58 -49.08 12.89
N SER D 116 27.14 -50.34 12.94
CA SER D 116 25.82 -50.72 12.46
C SER D 116 24.80 -50.50 13.57
N LEU D 117 23.58 -51.00 13.36
CA LEU D 117 22.52 -50.89 14.34
C LEU D 117 21.67 -52.15 14.30
N LEU D 118 21.40 -52.73 15.47
CA LEU D 118 20.76 -54.04 15.55
C LEU D 118 19.51 -53.95 16.40
N ILE D 119 18.42 -54.50 15.88
CA ILE D 119 17.18 -54.68 16.63
C ILE D 119 16.72 -56.11 16.42
N VAL D 120 16.60 -56.87 17.51
CA VAL D 120 16.21 -58.27 17.45
C VAL D 120 15.22 -58.55 18.57
N ASN D 121 14.15 -59.27 18.25
CA ASN D 121 13.12 -59.58 19.22
C ASN D 121 13.52 -60.80 20.05
N ASN D 122 12.99 -60.86 21.28
CA ASN D 122 13.24 -61.97 22.18
C ASN D 122 11.92 -62.56 22.68
N ALA D 123 12.00 -63.43 23.68
CA ALA D 123 10.79 -64.09 24.18
C ALA D 123 9.80 -63.07 24.75
N THR D 124 10.27 -62.11 25.53
CA THR D 124 9.37 -61.13 26.13
C THR D 124 9.95 -59.72 26.13
N ASN D 125 10.96 -59.44 25.31
CA ASN D 125 11.59 -58.13 25.28
C ASN D 125 12.33 -57.97 23.97
N VAL D 126 12.96 -56.80 23.79
CA VAL D 126 13.73 -56.48 22.60
C VAL D 126 15.04 -55.84 23.02
N VAL D 127 16.12 -56.19 22.34
CA VAL D 127 17.46 -55.70 22.64
C VAL D 127 17.96 -54.89 21.47
N ILE D 128 18.36 -53.66 21.73
CA ILE D 128 18.85 -52.75 20.70
C ILE D 128 20.23 -52.25 21.10
N LYS D 129 21.20 -52.40 20.20
CA LYS D 129 22.55 -51.90 20.41
C LYS D 129 23.10 -51.36 19.10
N VAL D 130 23.71 -50.19 19.15
CA VAL D 130 24.26 -49.53 17.97
C VAL D 130 25.77 -49.52 18.11
N CYS D 131 26.43 -50.39 17.36
CA CYS D 131 27.89 -50.53 17.38
C CYS D 131 28.30 -51.44 16.25
N GLU D 132 29.60 -51.74 16.19
CA GLU D 132 30.09 -52.73 15.26
C GLU D 132 29.81 -54.13 15.80
N PHE D 133 29.88 -55.11 14.90
CA PHE D 133 29.66 -56.49 15.25
C PHE D 133 30.33 -57.38 14.23
N GLN D 134 30.56 -58.64 14.60
CA GLN D 134 31.17 -59.61 13.70
C GLN D 134 30.10 -60.15 12.75
N PHE D 135 29.72 -59.28 11.82
CA PHE D 135 28.75 -59.65 10.79
C PHE D 135 29.28 -60.82 9.97
N CYS D 136 28.39 -61.76 9.68
CA CYS D 136 28.74 -62.83 8.77
C CYS D 136 28.56 -62.37 7.32
N ASN D 137 29.14 -63.14 6.39
CA ASN D 137 28.91 -62.87 4.99
C ASN D 137 27.43 -63.02 4.63
N ASP D 138 26.79 -64.06 5.15
CA ASP D 138 25.35 -64.28 5.00
C ASP D 138 24.76 -64.65 6.35
N PRO D 139 24.66 -63.69 7.26
CA PRO D 139 24.14 -64.00 8.60
C PRO D 139 22.66 -64.35 8.55
N PHE D 140 22.25 -65.17 9.51
CA PHE D 140 20.87 -65.66 9.58
C PHE D 140 20.50 -65.86 11.04
N LEU D 141 19.41 -66.58 11.27
CA LEU D 141 18.97 -66.87 12.64
C LEU D 141 18.23 -68.21 12.70
N GLU D 154 16.65 -73.74 17.80
CA GLU D 154 16.52 -72.99 19.06
C GLU D 154 17.01 -71.56 18.88
N SER D 155 18.33 -71.40 18.74
CA SER D 155 18.91 -70.08 18.55
C SER D 155 20.29 -70.25 17.91
N GLU D 156 20.79 -69.16 17.33
CA GLU D 156 22.10 -69.15 16.71
C GLU D 156 22.73 -67.78 16.94
N PHE D 157 23.83 -67.75 17.69
CA PHE D 157 24.56 -66.52 17.97
C PHE D 157 25.73 -66.30 17.02
N ARG D 158 25.87 -67.14 16.00
CA ARG D 158 26.95 -66.99 15.03
C ARG D 158 26.77 -65.77 14.14
N VAL D 159 25.60 -65.10 14.20
CA VAL D 159 25.39 -63.89 13.42
C VAL D 159 26.40 -62.82 13.82
N TYR D 160 26.66 -62.68 15.12
CA TYR D 160 27.64 -61.73 15.61
C TYR D 160 28.50 -62.39 16.68
N SER D 161 29.82 -62.17 16.59
CA SER D 161 30.74 -62.61 17.63
C SER D 161 31.63 -61.47 18.09
N SER D 162 31.24 -60.22 17.80
CA SER D 162 31.94 -59.04 18.28
C SER D 162 30.95 -58.10 18.94
N ALA D 163 31.33 -57.55 20.10
CA ALA D 163 30.49 -56.63 20.83
C ALA D 163 31.30 -55.47 21.39
N ASN D 164 32.40 -55.11 20.73
CA ASN D 164 33.28 -54.06 21.21
C ASN D 164 32.75 -52.68 20.82
N ASN D 165 33.00 -51.71 21.69
CA ASN D 165 32.68 -50.30 21.44
C ASN D 165 31.19 -50.10 21.17
N CYS D 166 30.38 -50.57 22.12
CA CYS D 166 28.93 -50.43 22.03
C CYS D 166 28.44 -49.35 22.99
N THR D 167 27.51 -48.52 22.50
CA THR D 167 27.12 -47.31 23.21
C THR D 167 25.61 -47.20 23.40
N PHE D 168 24.91 -48.32 23.58
CA PHE D 168 23.47 -48.23 23.80
C PHE D 168 22.93 -49.52 24.38
N GLU D 169 21.94 -49.38 25.28
CA GLU D 169 21.17 -50.52 25.78
C GLU D 169 19.87 -49.96 26.33
N TYR D 170 18.76 -50.24 25.65
CA TYR D 170 17.44 -49.72 26.01
C TYR D 170 16.40 -50.83 25.96
N VAL D 171 16.70 -51.96 26.59
CA VAL D 171 15.77 -53.07 26.64
C VAL D 171 14.46 -52.61 27.26
N SER D 172 13.36 -52.87 26.56
CA SER D 172 12.04 -52.44 27.00
C SER D 172 11.02 -53.46 26.53
N GLN D 173 9.74 -53.08 26.60
CA GLN D 173 8.65 -53.96 26.19
C GLN D 173 8.65 -54.19 24.69
N LYS D 187 -2.36 -64.28 12.01
CA LYS D 187 -2.89 -63.71 10.78
C LYS D 187 -3.13 -62.21 10.95
N ASN D 188 -2.20 -61.54 11.62
CA ASN D 188 -2.27 -60.10 11.85
C ASN D 188 -1.16 -59.41 11.08
N LEU D 189 -1.52 -58.46 10.22
CA LEU D 189 -0.54 -57.71 9.46
C LEU D 189 0.24 -56.79 10.38
N ARG D 190 1.54 -56.67 10.13
CA ARG D 190 2.42 -55.80 10.91
C ARG D 190 3.03 -54.78 9.95
N GLU D 191 2.47 -53.58 9.93
CA GLU D 191 2.91 -52.51 9.03
C GLU D 191 3.81 -51.56 9.81
N PHE D 192 5.07 -51.46 9.40
CA PHE D 192 6.05 -50.60 10.04
C PHE D 192 6.47 -49.48 9.10
N VAL D 193 7.02 -48.42 9.69
CA VAL D 193 7.54 -47.27 8.94
C VAL D 193 8.78 -46.77 9.67
N PHE D 194 9.92 -46.77 8.98
CA PHE D 194 11.19 -46.33 9.54
C PHE D 194 11.70 -45.14 8.77
N LYS D 195 12.09 -44.09 9.47
CA LYS D 195 12.71 -42.93 8.87
C LYS D 195 13.74 -42.36 9.84
N ASN D 196 14.79 -41.77 9.27
CA ASN D 196 15.89 -41.21 10.07
C ASN D 196 16.13 -39.77 9.62
N ILE D 197 15.69 -38.81 10.44
CA ILE D 197 15.81 -37.40 10.11
C ILE D 197 16.06 -36.62 11.39
N ASP D 198 16.82 -35.53 11.27
CA ASP D 198 17.08 -34.60 12.37
C ASP D 198 17.75 -35.28 13.56
N GLY D 199 18.56 -36.30 13.30
CA GLY D 199 19.28 -36.98 14.37
C GLY D 199 18.39 -37.63 15.40
N TYR D 200 17.30 -38.27 14.96
CA TYR D 200 16.37 -38.95 15.85
C TYR D 200 15.71 -40.07 15.07
N PHE D 201 16.15 -41.30 15.29
CA PHE D 201 15.55 -42.45 14.63
C PHE D 201 14.13 -42.64 15.13
N LYS D 202 13.18 -42.81 14.20
CA LYS D 202 11.76 -42.85 14.53
C LYS D 202 11.13 -44.09 13.94
N ILE D 203 10.23 -44.71 14.71
CA ILE D 203 9.57 -45.96 14.33
C ILE D 203 8.07 -45.80 14.56
N TYR D 204 7.28 -46.25 13.59
CA TYR D 204 5.83 -46.28 13.72
C TYR D 204 5.35 -47.67 13.30
N SER D 205 4.22 -48.09 13.86
CA SER D 205 3.72 -49.43 13.57
C SER D 205 2.25 -49.53 13.95
N LYS D 206 1.61 -50.58 13.44
CA LYS D 206 0.24 -50.92 13.80
C LYS D 206 -0.02 -52.36 13.40
N HIS D 207 -1.05 -52.95 13.99
CA HIS D 207 -1.41 -54.33 13.72
C HIS D 207 -2.92 -54.45 13.58
N THR D 208 -3.35 -55.40 12.74
CA THR D 208 -4.77 -55.64 12.52
C THR D 208 -4.97 -57.04 11.98
N PRO D 209 -6.03 -57.75 12.41
CA PRO D 209 -6.29 -59.08 11.85
C PRO D 209 -6.84 -58.98 10.43
N ILE D 210 -6.18 -59.68 9.51
CA ILE D 210 -6.56 -59.68 8.10
C ILE D 210 -6.70 -61.12 7.63
N ASN D 211 -7.80 -61.42 6.95
CA ASN D 211 -8.06 -62.75 6.40
C ASN D 211 -8.08 -62.75 4.89
N LEU D 212 -7.75 -61.63 4.25
CA LEU D 212 -7.70 -61.55 2.79
C LEU D 212 -6.32 -62.05 2.35
N VAL D 213 -6.26 -63.33 1.96
CA VAL D 213 -4.97 -63.94 1.63
C VAL D 213 -4.45 -63.53 0.26
N ARG D 214 -5.30 -62.94 -0.59
CA ARG D 214 -4.86 -62.59 -1.94
C ARG D 214 -3.82 -61.49 -1.92
N ASP D 215 -4.10 -60.40 -1.20
CA ASP D 215 -3.21 -59.24 -1.14
C ASP D 215 -3.67 -58.35 0.01
N LEU D 216 -3.10 -57.16 0.10
CA LEU D 216 -3.50 -56.22 1.12
C LEU D 216 -4.95 -55.78 0.89
N PRO D 217 -5.75 -55.69 1.94
CA PRO D 217 -7.19 -55.41 1.78
C PRO D 217 -7.44 -53.92 1.57
N GLN D 218 -8.73 -53.58 1.51
CA GLN D 218 -9.15 -52.19 1.39
C GLN D 218 -9.11 -51.52 2.75
N GLY D 219 -9.55 -50.26 2.79
CA GLY D 219 -9.51 -49.50 4.02
C GLY D 219 -8.09 -49.15 4.41
N PHE D 220 -7.96 -48.53 5.58
CA PHE D 220 -6.67 -48.12 6.08
C PHE D 220 -6.82 -47.64 7.52
N SER D 221 -5.70 -47.60 8.23
CA SER D 221 -5.67 -47.10 9.61
C SER D 221 -4.29 -46.53 9.86
N ALA D 222 -4.23 -45.27 10.27
CA ALA D 222 -2.95 -44.60 10.42
C ALA D 222 -2.15 -45.21 11.57
N LEU D 223 -0.83 -45.15 11.44
CA LEU D 223 0.05 -45.72 12.44
C LEU D 223 0.34 -44.70 13.55
N GLU D 224 0.73 -45.22 14.71
CA GLU D 224 1.03 -44.39 15.86
C GLU D 224 2.48 -44.57 16.29
N PRO D 225 3.16 -43.49 16.66
CA PRO D 225 4.59 -43.59 17.00
C PRO D 225 4.81 -44.46 18.23
N LEU D 226 5.95 -45.15 18.25
CA LEU D 226 6.29 -46.07 19.33
C LEU D 226 7.48 -45.58 20.15
N VAL D 227 8.62 -45.35 19.52
CA VAL D 227 9.83 -44.95 20.23
C VAL D 227 10.61 -43.97 19.35
N ASP D 228 10.97 -42.82 19.90
CA ASP D 228 11.84 -41.86 19.24
C ASP D 228 13.26 -42.09 19.73
N LEU D 229 14.04 -42.84 18.96
CA LEU D 229 15.38 -43.22 19.37
C LEU D 229 16.35 -42.05 19.18
N PRO D 230 17.09 -41.64 20.21
CA PRO D 230 18.08 -40.55 20.07
C PRO D 230 19.47 -41.05 19.68
N ILE D 231 19.63 -41.45 18.43
CA ILE D 231 20.90 -41.91 17.89
C ILE D 231 21.21 -41.12 16.63
N GLY D 232 22.46 -40.69 16.50
CA GLY D 232 22.91 -39.99 15.30
C GLY D 232 23.72 -40.87 14.37
N ILE D 233 23.30 -42.12 14.19
CA ILE D 233 24.01 -43.07 13.36
C ILE D 233 23.67 -42.85 11.90
N ASN D 234 24.43 -43.48 11.01
CA ASN D 234 24.26 -43.36 9.56
C ASN D 234 23.87 -44.71 9.01
N ILE D 235 22.74 -44.76 8.29
CA ILE D 235 22.18 -45.99 7.77
C ILE D 235 21.83 -45.79 6.30
N THR D 236 22.30 -46.70 5.44
CA THR D 236 21.96 -46.65 4.03
C THR D 236 21.75 -48.03 3.41
N ARG D 237 21.73 -49.10 4.20
CA ARG D 237 21.69 -50.46 3.68
C ARG D 237 20.96 -51.34 4.68
N PHE D 238 20.00 -52.11 4.19
CA PHE D 238 18.99 -52.73 5.04
C PHE D 238 18.88 -54.20 4.68
N GLN D 239 18.94 -55.07 5.68
CA GLN D 239 18.76 -56.50 5.50
C GLN D 239 17.96 -57.07 6.68
N THR D 240 17.05 -57.97 6.39
CA THR D 240 16.19 -58.58 7.40
C THR D 240 16.65 -59.99 7.71
N LEU D 241 16.30 -60.47 8.90
CA LEU D 241 16.65 -61.81 9.35
C LEU D 241 15.45 -62.50 9.95
N LEU D 242 15.32 -63.80 9.68
CA LEU D 242 14.20 -64.58 10.15
C LEU D 242 14.63 -65.57 11.23
N GLY D 261 9.61 -70.71 -0.10
CA GLY D 261 9.70 -71.31 1.21
C GLY D 261 9.71 -70.30 2.34
N ALA D 262 9.86 -69.03 1.98
CA ALA D 262 9.86 -67.95 2.96
C ALA D 262 8.43 -67.49 3.22
N ALA D 263 8.28 -66.38 3.92
CA ALA D 263 6.98 -65.81 4.25
C ALA D 263 6.84 -64.44 3.59
N ALA D 264 5.74 -63.75 3.89
CA ALA D 264 5.47 -62.46 3.27
C ALA D 264 6.51 -61.43 3.71
N TYR D 265 6.98 -60.64 2.74
CA TYR D 265 8.01 -59.64 3.00
C TYR D 265 7.87 -58.57 1.92
N TYR D 266 7.26 -57.44 2.27
CA TYR D 266 7.02 -56.33 1.36
C TYR D 266 7.93 -55.16 1.71
N VAL D 267 8.31 -54.40 0.69
CA VAL D 267 9.20 -53.25 0.85
C VAL D 267 8.67 -52.11 0.01
N GLY D 268 8.60 -50.91 0.61
CA GLY D 268 8.22 -49.72 -0.12
C GLY D 268 9.15 -48.57 0.24
N TYR D 269 9.12 -47.54 -0.59
CA TYR D 269 10.00 -46.39 -0.45
C TYR D 269 9.16 -45.13 -0.29
N LEU D 270 9.70 -44.16 0.45
CA LEU D 270 8.99 -42.96 0.83
C LEU D 270 9.60 -41.74 0.14
N GLN D 271 8.74 -40.79 -0.23
CA GLN D 271 9.14 -39.57 -0.90
C GLN D 271 8.32 -38.42 -0.35
N PRO D 272 8.82 -37.18 -0.47
CA PRO D 272 8.08 -36.04 0.10
C PRO D 272 6.86 -35.68 -0.73
N ARG D 273 5.73 -35.47 -0.05
CA ARG D 273 4.46 -35.21 -0.70
C ARG D 273 3.66 -34.23 0.16
N THR D 274 2.46 -33.92 -0.30
CA THR D 274 1.53 -33.06 0.41
C THR D 274 0.19 -33.78 0.53
N PHE D 275 -0.42 -33.71 1.71
CA PHE D 275 -1.59 -34.50 2.03
C PHE D 275 -2.66 -33.63 2.66
N LEU D 276 -3.89 -34.12 2.61
CA LEU D 276 -5.02 -33.49 3.29
C LEU D 276 -5.71 -34.57 4.13
N LEU D 277 -5.53 -34.51 5.44
CA LEU D 277 -6.01 -35.54 6.34
C LEU D 277 -7.29 -35.11 7.03
N LYS D 278 -8.24 -36.03 7.16
CA LYS D 278 -9.50 -35.78 7.84
C LYS D 278 -9.52 -36.52 9.17
N TYR D 279 -9.89 -35.81 10.23
CA TYR D 279 -10.09 -36.40 11.55
C TYR D 279 -11.57 -36.59 11.83
N ASN D 280 -11.87 -37.05 13.03
CA ASN D 280 -13.24 -37.15 13.52
C ASN D 280 -13.34 -36.49 14.89
N GLU D 281 -14.51 -36.62 15.52
CA GLU D 281 -14.71 -36.04 16.84
C GLU D 281 -13.91 -36.78 17.90
N ASN D 282 -13.75 -38.10 17.75
CA ASN D 282 -12.91 -38.84 18.68
C ASN D 282 -11.46 -38.40 18.57
N GLY D 283 -11.00 -38.13 17.35
CA GLY D 283 -9.63 -37.71 17.12
C GLY D 283 -8.85 -38.72 16.31
N THR D 284 -9.53 -39.43 15.42
CA THR D 284 -8.94 -40.50 14.64
C THR D 284 -8.97 -40.14 13.16
N ILE D 285 -7.90 -40.49 12.45
CA ILE D 285 -7.83 -40.27 11.01
C ILE D 285 -8.66 -41.33 10.30
N THR D 286 -9.55 -40.89 9.41
CA THR D 286 -10.43 -41.80 8.70
C THR D 286 -10.44 -41.64 7.19
N ASP D 287 -9.84 -40.57 6.65
CA ASP D 287 -9.75 -40.40 5.21
C ASP D 287 -8.58 -39.48 4.90
N ALA D 288 -8.03 -39.62 3.70
CA ALA D 288 -6.90 -38.81 3.28
C ALA D 288 -6.88 -38.73 1.76
N VAL D 289 -6.35 -37.61 1.25
CA VAL D 289 -6.23 -37.38 -0.18
C VAL D 289 -4.89 -36.75 -0.48
N ASP D 290 -4.26 -37.17 -1.57
CA ASP D 290 -2.96 -36.68 -1.98
C ASP D 290 -3.14 -35.61 -3.06
N CYS D 291 -2.06 -34.89 -3.32
CA CYS D 291 -2.10 -33.74 -4.22
C CYS D 291 -1.21 -33.92 -5.44
N ALA D 292 -0.88 -35.17 -5.81
CA ALA D 292 -0.04 -35.41 -6.97
C ALA D 292 -0.50 -36.60 -7.80
N LEU D 293 -1.72 -37.08 -7.58
CA LEU D 293 -2.18 -38.28 -8.27
C LEU D 293 -2.96 -37.96 -9.54
N ASP D 294 -4.04 -37.22 -9.43
CA ASP D 294 -4.93 -36.92 -10.54
C ASP D 294 -5.41 -35.49 -10.42
N PRO D 295 -5.86 -34.88 -11.53
CA PRO D 295 -6.34 -33.49 -11.45
C PRO D 295 -7.49 -33.28 -10.49
N LEU D 296 -8.39 -34.26 -10.36
CA LEU D 296 -9.53 -34.12 -9.47
C LEU D 296 -9.08 -33.92 -8.03
N SER D 297 -8.06 -34.66 -7.59
CA SER D 297 -7.52 -34.48 -6.25
C SER D 297 -6.88 -33.10 -6.10
N GLU D 298 -6.22 -32.61 -7.15
CA GLU D 298 -5.65 -31.28 -7.10
C GLU D 298 -6.72 -30.22 -6.91
N THR D 299 -7.86 -30.38 -7.60
CA THR D 299 -8.97 -29.45 -7.38
C THR D 299 -9.56 -29.62 -5.99
N LYS D 300 -9.60 -30.85 -5.49
CA LYS D 300 -10.13 -31.09 -4.15
C LYS D 300 -9.31 -30.38 -3.10
N CYS D 301 -8.00 -30.33 -3.30
CA CYS D 301 -7.12 -29.72 -2.31
C CYS D 301 -7.39 -28.23 -2.15
N THR D 302 -7.59 -27.51 -3.26
CA THR D 302 -7.58 -26.06 -3.21
C THR D 302 -8.84 -25.48 -2.58
N LEU D 303 -9.97 -26.19 -2.67
CA LEU D 303 -11.18 -25.74 -2.00
C LEU D 303 -11.32 -26.34 -0.61
N LYS D 304 -10.39 -27.19 -0.17
CA LYS D 304 -10.38 -27.74 1.18
C LYS D 304 -11.69 -28.44 1.49
N SER D 305 -12.11 -29.33 0.60
CA SER D 305 -13.35 -30.06 0.77
C SER D 305 -13.25 -31.39 0.04
N PHE D 306 -14.12 -32.33 0.43
CA PHE D 306 -14.11 -33.66 -0.14
C PHE D 306 -15.13 -33.85 -1.26
N THR D 307 -16.02 -32.89 -1.47
CA THR D 307 -17.00 -32.95 -2.54
C THR D 307 -17.00 -31.61 -3.27
N VAL D 308 -16.99 -31.66 -4.60
CA VAL D 308 -16.91 -30.46 -5.42
C VAL D 308 -18.14 -30.39 -6.30
N GLU D 309 -18.66 -29.17 -6.46
CA GLU D 309 -19.84 -28.95 -7.28
C GLU D 309 -19.43 -28.68 -8.72
N LYS D 310 -20.44 -28.64 -9.60
CA LYS D 310 -20.19 -28.46 -11.02
C LYS D 310 -19.63 -27.07 -11.31
N GLY D 311 -18.63 -27.01 -12.16
CA GLY D 311 -18.05 -25.74 -12.55
C GLY D 311 -16.65 -25.92 -13.12
N ILE D 312 -15.99 -24.78 -13.32
CA ILE D 312 -14.62 -24.74 -13.81
C ILE D 312 -13.79 -23.97 -12.80
N TYR D 313 -12.64 -24.54 -12.41
CA TYR D 313 -11.82 -23.99 -11.34
C TYR D 313 -10.39 -23.79 -11.81
N GLN D 314 -9.68 -22.92 -11.11
CA GLN D 314 -8.27 -22.64 -11.38
C GLN D 314 -7.42 -23.31 -10.31
N THR D 315 -6.52 -24.20 -10.73
CA THR D 315 -5.74 -25.01 -9.80
C THR D 315 -4.28 -24.58 -9.70
N SER D 316 -3.57 -24.52 -10.81
CA SER D 316 -2.13 -24.29 -10.76
C SER D 316 -1.70 -23.52 -12.02
N ASN D 317 -0.40 -23.50 -12.28
CA ASN D 317 0.18 -22.74 -13.37
C ASN D 317 1.05 -23.64 -14.23
N PHE D 318 1.44 -23.11 -15.39
CA PHE D 318 2.21 -23.84 -16.37
C PHE D 318 3.36 -22.97 -16.86
N ARG D 319 4.52 -23.59 -17.06
CA ARG D 319 5.72 -22.85 -17.43
C ARG D 319 6.72 -23.78 -18.08
N VAL D 320 7.23 -23.40 -19.25
CA VAL D 320 8.24 -24.19 -19.93
C VAL D 320 9.61 -23.91 -19.29
N GLN D 321 10.38 -24.97 -19.08
CA GLN D 321 11.64 -24.78 -18.38
C GLN D 321 12.81 -24.75 -19.35
N PRO D 322 13.85 -23.97 -19.03
CA PRO D 322 14.99 -23.84 -19.96
C PRO D 322 15.85 -25.09 -19.99
N THR D 323 16.66 -25.19 -21.05
CA THR D 323 17.53 -26.33 -21.24
C THR D 323 19.00 -25.97 -21.27
N GLU D 324 19.41 -25.02 -22.09
CA GLU D 324 20.82 -24.66 -22.26
C GLU D 324 21.11 -23.28 -21.68
N SER D 325 22.39 -22.97 -21.57
CA SER D 325 22.88 -21.77 -20.88
C SER D 325 23.96 -21.08 -21.71
N ILE D 326 23.68 -20.82 -22.98
CA ILE D 326 24.67 -20.23 -23.87
C ILE D 326 25.14 -18.86 -23.35
N VAL D 327 26.40 -18.54 -23.60
CA VAL D 327 27.03 -17.30 -23.16
C VAL D 327 28.02 -16.86 -24.23
N ARG D 328 27.99 -15.58 -24.60
CA ARG D 328 28.87 -15.06 -25.64
C ARG D 328 29.53 -13.76 -25.19
N PHE D 329 30.75 -13.55 -25.67
CA PHE D 329 31.57 -12.39 -25.37
C PHE D 329 32.37 -12.03 -26.61
N PRO D 330 32.83 -10.79 -26.72
CA PRO D 330 33.56 -10.38 -27.93
C PRO D 330 34.92 -11.07 -28.06
N ASN D 331 35.42 -11.09 -29.28
CA ASN D 331 36.70 -11.71 -29.58
C ASN D 331 37.84 -10.94 -28.93
N ILE D 332 38.88 -11.66 -28.51
CA ILE D 332 39.95 -11.05 -27.73
C ILE D 332 40.84 -10.20 -28.64
N THR D 333 41.60 -10.87 -29.50
CA THR D 333 42.42 -10.25 -30.55
C THR D 333 43.36 -9.16 -30.04
N ASN D 334 43.73 -9.20 -28.75
CA ASN D 334 44.83 -8.34 -28.37
C ASN D 334 46.01 -9.10 -27.76
N LEU D 335 45.80 -9.66 -26.57
CA LEU D 335 46.81 -10.43 -25.83
C LEU D 335 47.97 -9.52 -25.43
N CYS D 336 48.40 -9.56 -24.16
CA CYS D 336 49.49 -8.69 -23.75
C CYS D 336 50.76 -9.52 -23.60
N PRO D 337 51.83 -9.21 -24.34
CA PRO D 337 53.07 -9.98 -24.20
C PRO D 337 53.64 -9.87 -22.80
N PHE D 338 54.22 -10.98 -22.32
CA PHE D 338 54.80 -11.06 -20.99
C PHE D 338 56.21 -11.62 -21.02
N GLY D 339 56.97 -11.32 -22.08
CA GLY D 339 58.31 -11.86 -22.22
C GLY D 339 59.28 -11.39 -21.15
N GLU D 340 59.60 -12.28 -20.22
CA GLU D 340 60.52 -11.98 -19.12
C GLU D 340 60.90 -13.26 -18.37
N ASN D 343 61.12 -16.26 -24.07
CA ASN D 343 60.94 -15.17 -23.13
C ASN D 343 61.73 -13.93 -23.53
N ALA D 344 62.54 -13.44 -22.60
CA ALA D 344 63.29 -12.20 -22.78
C ALA D 344 64.66 -12.51 -23.39
N THR D 345 65.55 -11.51 -23.37
CA THR D 345 66.86 -11.60 -23.99
C THR D 345 67.91 -11.25 -22.93
N ARG D 346 69.16 -11.00 -23.35
CA ARG D 346 70.26 -10.68 -22.45
C ARG D 346 69.82 -9.76 -21.32
N PHE D 347 70.29 -10.07 -20.11
CA PHE D 347 69.67 -9.61 -18.89
C PHE D 347 70.66 -8.79 -18.06
N ALA D 348 70.13 -7.82 -17.32
CA ALA D 348 70.91 -6.95 -16.46
C ALA D 348 71.10 -7.57 -15.08
N SER D 349 71.94 -6.92 -14.27
CA SER D 349 72.30 -7.44 -12.96
C SER D 349 71.25 -7.08 -11.91
N VAL D 350 71.44 -7.65 -10.71
CA VAL D 350 70.52 -7.39 -9.61
C VAL D 350 70.65 -5.95 -9.11
N TYR D 351 71.88 -5.42 -9.08
CA TYR D 351 72.08 -4.05 -8.64
C TYR D 351 71.46 -3.03 -9.58
N ALA D 352 71.17 -3.43 -10.82
CA ALA D 352 70.55 -2.59 -11.83
C ALA D 352 69.31 -3.27 -12.39
N TRP D 353 68.47 -3.79 -11.49
CA TRP D 353 67.29 -4.54 -11.91
C TRP D 353 66.36 -3.67 -12.75
N ASN D 354 65.89 -4.24 -13.85
CA ASN D 354 65.01 -3.53 -14.77
C ASN D 354 63.55 -3.72 -14.37
N ARG D 355 62.75 -2.68 -14.57
CA ARG D 355 61.34 -2.69 -14.24
C ARG D 355 60.54 -2.31 -15.47
N LYS D 356 59.50 -3.10 -15.78
CA LYS D 356 58.62 -2.84 -16.90
C LYS D 356 57.18 -2.75 -16.40
N ARG D 357 56.44 -1.78 -16.93
CA ARG D 357 55.06 -1.53 -16.52
C ARG D 357 54.10 -2.14 -17.53
N ILE D 358 53.09 -2.84 -17.03
CA ILE D 358 52.08 -3.50 -17.86
C ILE D 358 50.72 -2.91 -17.53
N SER D 359 50.00 -2.45 -18.55
CA SER D 359 48.69 -1.86 -18.35
C SER D 359 47.92 -1.88 -19.66
N ASN D 360 46.59 -1.85 -19.54
CA ASN D 360 45.67 -1.74 -20.68
C ASN D 360 45.87 -2.85 -21.69
N CYS D 361 46.04 -4.08 -21.22
CA CYS D 361 46.13 -5.24 -22.10
C CYS D 361 45.73 -6.50 -21.34
N VAL D 362 45.49 -7.57 -22.11
CA VAL D 362 44.97 -8.81 -21.58
C VAL D 362 46.12 -9.73 -21.20
N ALA D 363 46.13 -10.19 -19.95
CA ALA D 363 47.18 -11.06 -19.44
C ALA D 363 46.60 -12.42 -19.09
N ASP D 364 47.23 -13.48 -19.59
CA ASP D 364 46.84 -14.86 -19.31
C ASP D 364 47.77 -15.40 -18.23
N TYR D 365 47.35 -15.28 -16.97
CA TYR D 365 48.21 -15.66 -15.86
C TYR D 365 48.42 -17.17 -15.80
N SER D 366 47.38 -17.96 -16.08
CA SER D 366 47.50 -19.40 -16.00
C SER D 366 48.52 -19.94 -16.99
N VAL D 367 48.51 -19.40 -18.21
CA VAL D 367 49.46 -19.85 -19.24
C VAL D 367 50.90 -19.49 -18.85
N LEU D 368 51.08 -18.48 -18.00
CA LEU D 368 52.44 -18.06 -17.64
C LEU D 368 53.18 -19.18 -16.92
N TYR D 369 52.52 -19.87 -16.00
CA TYR D 369 53.16 -20.97 -15.30
C TYR D 369 53.36 -22.17 -16.21
N ASN D 370 52.49 -22.36 -17.19
CA ASN D 370 52.57 -23.52 -18.07
C ASN D 370 53.52 -23.33 -19.23
N SER D 371 54.07 -22.13 -19.42
CA SER D 371 55.00 -21.89 -20.52
C SER D 371 56.29 -22.69 -20.34
N ALA D 372 56.81 -22.75 -19.11
CA ALA D 372 58.03 -23.47 -18.82
C ALA D 372 57.94 -24.01 -17.39
N SER D 373 59.08 -24.44 -16.85
CA SER D 373 59.14 -24.97 -15.49
C SER D 373 59.94 -24.01 -14.61
N PHE D 374 59.35 -23.64 -13.49
CA PHE D 374 59.96 -22.70 -12.54
C PHE D 374 60.20 -23.41 -11.23
N SER D 375 61.44 -23.36 -10.74
CA SER D 375 61.77 -23.98 -9.47
C SER D 375 61.13 -23.25 -8.28
N THR D 376 60.94 -21.93 -8.40
CA THR D 376 60.35 -21.13 -7.33
C THR D 376 59.13 -20.41 -7.87
N PHE D 377 57.99 -20.58 -7.18
CA PHE D 377 56.76 -19.88 -7.53
C PHE D 377 55.98 -19.66 -6.23
N LYS D 378 56.18 -18.48 -5.64
CA LYS D 378 55.54 -18.12 -4.38
C LYS D 378 54.78 -16.81 -4.57
N CYS D 379 53.50 -16.83 -4.22
CA CYS D 379 52.64 -15.66 -4.33
C CYS D 379 52.22 -15.20 -2.94
N TYR D 380 52.45 -13.93 -2.64
CA TYR D 380 52.12 -13.33 -1.35
C TYR D 380 50.86 -12.49 -1.52
N GLY D 381 49.77 -12.92 -0.89
CA GLY D 381 48.50 -12.22 -1.00
C GLY D 381 47.74 -12.49 -2.29
N VAL D 382 48.22 -13.37 -3.15
CA VAL D 382 47.59 -13.68 -4.42
C VAL D 382 47.38 -15.19 -4.49
N SER D 383 46.18 -15.61 -4.87
CA SER D 383 45.88 -17.03 -5.00
C SER D 383 46.28 -17.51 -6.38
N PRO D 384 47.24 -18.43 -6.50
CA PRO D 384 47.63 -18.93 -7.84
C PRO D 384 46.48 -19.59 -8.59
N THR D 385 45.58 -20.26 -7.88
CA THR D 385 44.45 -20.89 -8.55
C THR D 385 43.56 -19.86 -9.23
N LYS D 386 43.28 -18.74 -8.55
CA LYS D 386 42.46 -17.68 -9.10
C LYS D 386 43.30 -16.56 -9.72
N LEU D 387 44.46 -16.91 -10.28
CA LEU D 387 45.33 -15.90 -10.88
C LEU D 387 44.63 -15.19 -12.04
N ASN D 388 43.92 -15.95 -12.87
CA ASN D 388 43.15 -15.33 -13.96
C ASN D 388 41.92 -14.60 -13.44
N ASP D 389 41.47 -14.90 -12.22
CA ASP D 389 40.29 -14.26 -11.65
C ASP D 389 40.65 -13.00 -10.86
N LEU D 390 41.38 -12.09 -11.50
CA LEU D 390 41.78 -10.84 -10.88
C LEU D 390 41.60 -9.70 -11.87
N CYS D 391 41.38 -8.50 -11.33
CA CYS D 391 41.21 -7.31 -12.16
C CYS D 391 41.78 -6.12 -11.39
N PHE D 392 43.02 -5.76 -11.67
CA PHE D 392 43.69 -4.65 -11.02
C PHE D 392 44.10 -3.61 -12.07
N THR D 393 44.84 -2.60 -11.61
CA THR D 393 45.18 -1.44 -12.43
C THR D 393 46.65 -1.39 -12.82
N ASN D 394 47.55 -1.47 -11.85
CA ASN D 394 48.98 -1.30 -12.10
C ASN D 394 49.69 -2.64 -11.99
N VAL D 395 50.51 -2.96 -12.99
CA VAL D 395 51.32 -4.17 -13.00
C VAL D 395 52.77 -3.77 -13.20
N TYR D 396 53.65 -4.28 -12.34
CA TYR D 396 55.09 -4.03 -12.44
C TYR D 396 55.82 -5.36 -12.40
N ALA D 397 56.71 -5.57 -13.35
CA ALA D 397 57.50 -6.80 -13.45
C ALA D 397 58.96 -6.45 -13.21
N ASP D 398 59.42 -6.70 -11.98
CA ASP D 398 60.82 -6.45 -11.61
C ASP D 398 61.60 -7.75 -11.72
N SER D 399 62.76 -7.69 -12.35
CA SER D 399 63.56 -8.86 -12.64
C SER D 399 65.03 -8.61 -12.30
N PHE D 400 65.71 -9.64 -11.83
CA PHE D 400 67.10 -9.52 -11.40
C PHE D 400 67.73 -10.91 -11.41
N VAL D 401 69.06 -10.94 -11.36
CA VAL D 401 69.84 -12.18 -11.36
C VAL D 401 70.58 -12.29 -10.03
N ILE D 402 70.40 -13.42 -9.35
CA ILE D 402 71.11 -13.74 -8.11
C ILE D 402 71.50 -15.21 -8.14
N ARG D 403 72.16 -15.67 -7.09
CA ARG D 403 72.53 -17.07 -6.97
C ARG D 403 71.40 -17.84 -6.28
N GLY D 404 71.59 -19.15 -6.15
CA GLY D 404 70.56 -19.99 -5.58
C GLY D 404 70.28 -19.68 -4.12
N ASP D 405 71.33 -19.40 -3.34
CA ASP D 405 71.17 -19.17 -1.91
C ASP D 405 70.57 -17.79 -1.61
N GLU D 406 70.66 -16.85 -2.54
CA GLU D 406 70.05 -15.53 -2.37
C GLU D 406 68.60 -15.49 -2.79
N VAL D 407 68.06 -16.60 -3.30
CA VAL D 407 66.66 -16.64 -3.71
C VAL D 407 65.74 -16.45 -2.51
N ARG D 408 66.08 -17.06 -1.37
CA ARG D 408 65.23 -16.98 -0.19
C ARG D 408 65.13 -15.56 0.36
N GLN D 409 66.06 -14.68 0.02
CA GLN D 409 66.03 -13.30 0.50
C GLN D 409 65.00 -12.45 -0.22
N ILE D 410 64.43 -12.93 -1.32
CA ILE D 410 63.44 -12.15 -2.08
C ILE D 410 62.07 -12.50 -1.50
N ALA D 411 61.72 -11.81 -0.42
CA ALA D 411 60.45 -11.99 0.28
C ALA D 411 60.27 -10.85 1.27
N PRO D 412 59.03 -10.48 1.61
CA PRO D 412 58.83 -9.45 2.63
C PRO D 412 59.41 -9.88 3.97
N GLY D 413 60.01 -8.92 4.66
CA GLY D 413 60.63 -9.22 5.95
C GLY D 413 61.83 -10.13 5.87
N GLN D 414 62.69 -9.93 4.87
CA GLN D 414 63.89 -10.72 4.69
C GLN D 414 65.12 -9.84 4.83
N THR D 415 66.22 -10.44 5.28
CA THR D 415 67.46 -9.72 5.53
C THR D 415 68.61 -10.40 4.79
N GLY D 416 69.60 -9.60 4.45
CA GLY D 416 70.76 -10.10 3.72
C GLY D 416 71.39 -8.98 2.92
N LYS D 417 72.45 -9.34 2.20
CA LYS D 417 73.12 -8.36 1.35
C LYS D 417 72.20 -7.85 0.25
N ILE D 418 71.57 -8.78 -0.48
CA ILE D 418 70.68 -8.39 -1.57
C ILE D 418 69.45 -7.68 -1.04
N ALA D 419 68.87 -8.19 0.05
CA ALA D 419 67.64 -7.61 0.58
C ALA D 419 67.85 -6.20 1.12
N ASP D 420 69.08 -5.88 1.55
CA ASP D 420 69.34 -4.58 2.15
C ASP D 420 70.08 -3.62 1.24
N TYR D 421 70.68 -4.09 0.15
CA TYR D 421 71.49 -3.23 -0.71
C TYR D 421 71.17 -3.33 -2.19
N ASN D 422 70.41 -4.33 -2.64
CA ASN D 422 70.12 -4.49 -4.06
C ASN D 422 68.65 -4.34 -4.38
N TYR D 423 67.78 -5.07 -3.69
CA TYR D 423 66.35 -5.00 -3.95
C TYR D 423 65.59 -5.29 -2.66
N LYS D 424 64.59 -4.47 -2.37
CA LYS D 424 63.79 -4.59 -1.16
C LYS D 424 62.33 -4.77 -1.51
N LEU D 425 61.67 -5.72 -0.83
CA LEU D 425 60.26 -5.97 -0.98
C LEU D 425 59.51 -5.45 0.23
N PRO D 426 58.43 -4.69 0.05
CA PRO D 426 57.71 -4.16 1.22
C PRO D 426 57.05 -5.28 2.01
N ASP D 427 56.85 -5.02 3.31
CA ASP D 427 56.23 -6.00 4.18
C ASP D 427 54.79 -6.30 3.75
N ASP D 428 54.13 -5.33 3.14
CA ASP D 428 52.77 -5.49 2.63
C ASP D 428 52.74 -5.81 1.14
N PHE D 429 53.75 -6.53 0.65
CA PHE D 429 53.83 -6.86 -0.77
C PHE D 429 52.65 -7.73 -1.18
N THR D 430 52.04 -7.40 -2.32
CA THR D 430 50.90 -8.13 -2.86
C THR D 430 51.27 -8.53 -4.30
N GLY D 431 51.85 -9.72 -4.44
CA GLY D 431 52.26 -10.20 -5.74
C GLY D 431 52.80 -11.62 -5.71
N CYS D 432 53.70 -11.93 -6.64
CA CYS D 432 54.27 -13.27 -6.74
C CYS D 432 55.77 -13.17 -6.94
N VAL D 433 56.46 -14.25 -6.57
CA VAL D 433 57.89 -14.39 -6.79
C VAL D 433 58.11 -15.65 -7.63
N ILE D 434 58.75 -15.49 -8.78
CA ILE D 434 59.01 -16.58 -9.70
C ILE D 434 60.49 -16.61 -10.02
N ALA D 435 61.11 -17.78 -9.86
CA ALA D 435 62.53 -17.93 -10.11
C ALA D 435 62.81 -19.30 -10.72
N TRP D 436 63.91 -19.40 -11.46
CA TRP D 436 64.34 -20.65 -12.05
C TRP D 436 65.83 -20.59 -12.30
N ASN D 437 66.47 -21.75 -12.29
CA ASN D 437 67.91 -21.83 -12.51
C ASN D 437 68.25 -21.37 -13.92
N SER D 438 69.40 -20.71 -14.05
CA SER D 438 69.86 -20.18 -15.34
C SER D 438 71.33 -20.50 -15.55
N ASN D 439 71.71 -21.75 -15.27
CA ASN D 439 73.10 -22.16 -15.42
C ASN D 439 73.48 -22.50 -16.85
N ASN D 440 72.53 -22.51 -17.78
CA ASN D 440 72.81 -22.86 -19.17
C ASN D 440 73.10 -21.62 -20.02
N LEU D 441 72.13 -20.71 -20.09
CA LEU D 441 72.26 -19.53 -20.93
C LEU D 441 72.80 -18.31 -20.18
N ASP D 442 72.65 -18.27 -18.86
CA ASP D 442 73.10 -17.13 -18.06
C ASP D 442 74.30 -17.48 -17.18
N SER D 443 75.16 -18.38 -17.66
CA SER D 443 76.36 -18.77 -16.93
C SER D 443 77.49 -18.98 -17.92
N LYS D 444 78.42 -18.04 -17.98
CA LYS D 444 79.58 -18.18 -18.84
C LYS D 444 80.58 -19.17 -18.22
N VAL D 445 81.38 -19.80 -19.08
CA VAL D 445 82.32 -20.81 -18.63
C VAL D 445 83.51 -20.13 -17.96
N GLY D 446 83.52 -20.11 -16.63
CA GLY D 446 84.64 -19.60 -15.88
C GLY D 446 84.44 -18.21 -15.33
N GLY D 447 84.06 -18.12 -14.05
CA GLY D 447 83.93 -16.87 -13.33
C GLY D 447 83.27 -15.74 -14.10
N ASN D 448 82.00 -15.91 -14.47
CA ASN D 448 81.29 -14.90 -15.23
C ASN D 448 81.26 -13.58 -14.47
N TYR D 449 81.95 -12.58 -14.98
CA TYR D 449 82.13 -11.31 -14.30
C TYR D 449 81.15 -10.23 -14.76
N ASN D 450 80.22 -10.56 -15.65
CA ASN D 450 79.26 -9.56 -16.11
C ASN D 450 78.29 -9.15 -15.00
N TYR D 451 77.88 -10.09 -14.17
CA TYR D 451 76.92 -9.82 -13.11
C TYR D 451 77.64 -9.37 -11.85
N LEU D 452 77.18 -8.27 -11.26
CA LEU D 452 77.74 -7.70 -10.05
C LEU D 452 76.62 -7.48 -9.04
N TYR D 453 77.02 -7.26 -7.78
CA TYR D 453 76.06 -7.02 -6.72
C TYR D 453 76.66 -6.08 -5.70
N ARG D 454 75.79 -5.41 -4.95
CA ARG D 454 76.21 -4.46 -3.93
C ARG D 454 76.36 -5.17 -2.59
N LEU D 455 77.41 -4.81 -1.85
CA LEU D 455 77.75 -5.47 -0.60
C LEU D 455 77.48 -4.62 0.64
N PHE D 456 77.56 -3.29 0.51
CA PHE D 456 77.37 -2.41 1.66
C PHE D 456 76.87 -1.05 1.18
N ARG D 457 76.24 -0.32 2.11
CA ARG D 457 75.75 1.02 1.83
C ARG D 457 75.76 1.82 3.13
N LYS D 458 75.47 3.11 3.00
CA LYS D 458 75.34 3.96 4.18
C LYS D 458 74.01 3.71 4.91
N SER D 459 72.99 3.23 4.20
CA SER D 459 71.71 2.94 4.81
C SER D 459 71.01 1.86 3.99
N ASN D 460 70.00 1.24 4.59
CA ASN D 460 69.25 0.20 3.91
C ASN D 460 68.34 0.80 2.84
N LEU D 461 68.07 0.00 1.81
CA LEU D 461 67.27 0.46 0.69
C LEU D 461 65.78 0.39 1.02
N LYS D 462 65.05 1.43 0.60
CA LYS D 462 63.60 1.43 0.75
C LYS D 462 62.98 0.40 -0.20
N PRO D 463 61.78 -0.07 0.10
CA PRO D 463 61.12 -1.02 -0.80
C PRO D 463 60.93 -0.43 -2.20
N PHE D 464 61.10 -1.28 -3.21
CA PHE D 464 60.96 -0.88 -4.62
C PHE D 464 61.87 0.30 -4.95
N GLU D 465 63.11 0.26 -4.47
CA GLU D 465 64.10 1.28 -4.76
C GLU D 465 65.33 0.64 -5.38
N ARG D 466 65.90 1.29 -6.39
CA ARG D 466 67.06 0.81 -7.10
C ARG D 466 68.22 1.77 -6.89
N ASP D 467 69.38 1.22 -6.53
CA ASP D 467 70.60 1.99 -6.33
C ASP D 467 71.54 1.78 -7.50
N ILE D 468 71.95 2.87 -8.14
CA ILE D 468 72.86 2.81 -9.27
C ILE D 468 74.17 3.54 -9.03
N SER D 469 74.31 4.24 -7.90
CA SER D 469 75.53 4.98 -7.62
C SER D 469 76.72 4.04 -7.47
N THR D 470 77.87 4.48 -7.98
CA THR D 470 79.12 3.73 -7.88
C THR D 470 80.14 4.45 -7.02
N GLU D 471 79.68 5.23 -6.05
CA GLU D 471 80.58 5.97 -5.17
C GLU D 471 81.37 5.02 -4.29
N ILE D 472 82.65 5.35 -4.08
CA ILE D 472 83.52 4.51 -3.26
C ILE D 472 83.03 4.54 -1.82
N TYR D 473 82.89 3.35 -1.23
CA TYR D 473 82.38 3.25 0.13
C TYR D 473 83.52 3.45 1.14
N GLN D 474 83.30 4.34 2.10
CA GLN D 474 84.26 4.60 3.16
C GLN D 474 83.96 3.68 4.34
N ALA D 475 84.80 2.66 4.54
CA ALA D 475 84.60 1.67 5.57
C ALA D 475 85.44 1.92 6.81
N GLY D 476 86.11 3.06 6.90
CA GLY D 476 86.95 3.37 8.04
C GLY D 476 87.06 4.87 8.25
N SER D 477 87.73 5.24 9.34
CA SER D 477 87.90 6.66 9.65
C SER D 477 88.82 7.36 8.66
N THR D 478 89.70 6.61 8.00
CA THR D 478 90.60 7.21 7.04
C THR D 478 89.84 7.60 5.77
N PRO D 479 89.81 8.86 5.40
CA PRO D 479 89.03 9.27 4.21
C PRO D 479 89.67 8.79 2.92
N CYS D 480 88.83 8.61 1.91
CA CYS D 480 89.28 8.29 0.56
C CYS D 480 88.49 9.13 -0.43
N ASN D 481 89.19 9.83 -1.30
CA ASN D 481 88.58 10.72 -2.28
C ASN D 481 88.75 10.13 -3.67
N GLY D 482 87.74 9.37 -4.12
CA GLY D 482 87.78 8.80 -5.45
C GLY D 482 88.88 7.79 -5.67
N VAL D 483 89.50 7.29 -4.61
CA VAL D 483 90.58 6.33 -4.70
C VAL D 483 90.25 5.13 -3.83
N GLU D 484 90.29 3.93 -4.42
CA GLU D 484 90.05 2.71 -3.69
C GLU D 484 91.36 2.19 -3.08
N GLY D 485 91.24 1.59 -1.90
CA GLY D 485 92.40 1.08 -1.21
C GLY D 485 92.09 0.60 0.19
N PHE D 486 92.92 1.01 1.16
CA PHE D 486 92.72 0.61 2.54
C PHE D 486 91.40 1.17 3.09
N ASN D 487 90.63 0.30 3.75
CA ASN D 487 89.37 0.64 4.39
C ASN D 487 88.39 1.33 3.43
N CYS D 488 88.60 1.18 2.13
CA CYS D 488 87.75 1.83 1.13
C CYS D 488 87.67 0.89 -0.08
N TYR D 489 86.50 0.30 -0.29
CA TYR D 489 86.32 -0.68 -1.35
C TYR D 489 85.13 -0.28 -2.22
N PHE D 490 85.10 -0.84 -3.42
CA PHE D 490 84.01 -0.55 -4.35
C PHE D 490 82.69 -1.07 -3.78
N PRO D 491 81.60 -0.33 -3.96
CA PRO D 491 80.30 -0.82 -3.46
C PRO D 491 79.83 -2.09 -4.14
N LEU D 492 80.36 -2.41 -5.32
CA LEU D 492 79.95 -3.58 -6.08
C LEU D 492 81.09 -4.58 -6.18
N GLN D 493 80.74 -5.86 -6.19
CA GLN D 493 81.69 -6.94 -6.40
C GLN D 493 81.14 -7.91 -7.43
N SER D 494 82.04 -8.56 -8.15
CA SER D 494 81.66 -9.44 -9.23
C SER D 494 81.21 -10.79 -8.70
N TYR D 495 80.24 -11.40 -9.39
CA TYR D 495 79.77 -12.73 -9.03
C TYR D 495 80.72 -13.79 -9.56
N GLY D 496 80.93 -14.82 -8.75
CA GLY D 496 81.75 -15.95 -9.17
C GLY D 496 80.92 -17.02 -9.86
N PHE D 497 80.28 -16.65 -10.97
CA PHE D 497 79.40 -17.57 -11.70
C PHE D 497 80.25 -18.50 -12.55
N GLN D 498 80.36 -19.75 -12.12
CA GLN D 498 81.10 -20.79 -12.82
C GLN D 498 80.20 -22.00 -13.04
N PRO D 499 80.29 -22.64 -14.21
CA PRO D 499 79.48 -23.85 -14.44
C PRO D 499 79.76 -24.97 -13.44
N THR D 500 80.96 -25.04 -12.87
CA THR D 500 81.28 -26.08 -11.90
C THR D 500 80.86 -25.71 -10.48
N ASN D 501 80.32 -24.51 -10.27
CA ASN D 501 79.88 -24.11 -8.94
C ASN D 501 78.62 -24.87 -8.53
N GLY D 502 78.38 -24.91 -7.23
CA GLY D 502 77.20 -25.58 -6.71
C GLY D 502 75.93 -24.81 -6.99
N VAL D 503 74.80 -25.48 -6.73
CA VAL D 503 73.49 -24.88 -6.98
C VAL D 503 73.28 -23.65 -6.10
N GLY D 504 73.96 -23.58 -4.96
CA GLY D 504 73.85 -22.42 -4.11
C GLY D 504 74.48 -21.17 -4.70
N TYR D 505 75.44 -21.33 -5.61
CA TYR D 505 76.08 -20.21 -6.29
C TYR D 505 75.71 -20.13 -7.76
N GLN D 506 74.92 -21.07 -8.28
CA GLN D 506 74.54 -21.04 -9.68
C GLN D 506 73.61 -19.86 -9.95
N PRO D 507 73.72 -19.22 -11.11
CA PRO D 507 72.90 -18.03 -11.39
C PRO D 507 71.41 -18.36 -11.47
N TYR D 508 70.60 -17.40 -11.03
CA TYR D 508 69.15 -17.54 -11.00
C TYR D 508 68.54 -16.21 -11.44
N ARG D 509 67.76 -16.24 -12.52
CA ARG D 509 67.01 -15.07 -12.96
C ARG D 509 65.63 -15.11 -12.31
N VAL D 510 65.30 -14.07 -11.55
CA VAL D 510 64.09 -14.03 -10.75
C VAL D 510 63.18 -12.94 -11.30
N VAL D 511 61.90 -13.27 -11.49
CA VAL D 511 60.90 -12.33 -11.96
C VAL D 511 59.86 -12.14 -10.86
N VAL D 512 59.60 -10.89 -10.49
CA VAL D 512 58.64 -10.56 -9.44
C VAL D 512 57.52 -9.75 -10.08
N LEU D 513 56.29 -10.19 -9.86
CA LEU D 513 55.10 -9.52 -10.38
C LEU D 513 54.42 -8.76 -9.25
N SER D 514 54.32 -7.45 -9.40
CA SER D 514 53.73 -6.58 -8.39
C SER D 514 52.45 -5.97 -8.93
N PHE D 515 51.36 -6.11 -8.18
CA PHE D 515 50.07 -5.57 -8.59
C PHE D 515 49.63 -4.44 -7.67
N ALA D 522 40.27 -0.42 -13.76
CA ALA D 522 40.76 -1.76 -14.07
C ALA D 522 41.04 -1.91 -15.55
N THR D 523 42.28 -2.32 -15.87
CA THR D 523 42.68 -2.49 -17.26
C THR D 523 43.52 -3.74 -17.48
N VAL D 524 43.68 -4.60 -16.49
CA VAL D 524 44.50 -5.81 -16.60
C VAL D 524 43.62 -6.98 -16.13
N CYS D 525 43.10 -7.75 -17.08
CA CYS D 525 42.29 -8.92 -16.77
C CYS D 525 42.26 -9.82 -17.98
N GLY D 526 41.90 -11.08 -17.76
CA GLY D 526 41.83 -12.04 -18.83
C GLY D 526 40.46 -12.69 -18.95
N PRO D 527 39.76 -12.40 -20.04
CA PRO D 527 38.46 -13.02 -20.29
C PRO D 527 38.58 -14.28 -21.12
N LYS D 528 37.50 -15.08 -21.09
CA LYS D 528 37.48 -16.36 -21.77
C LYS D 528 36.05 -16.88 -21.93
N LYS D 529 35.92 -18.15 -22.31
CA LYS D 529 34.64 -18.87 -22.31
C LYS D 529 33.65 -18.29 -23.32
N SER D 530 34.00 -18.42 -24.59
CA SER D 530 33.03 -18.21 -25.66
C SER D 530 32.25 -19.51 -25.90
N THR D 531 31.17 -19.39 -26.66
CA THR D 531 30.27 -20.52 -26.89
C THR D 531 29.51 -20.27 -28.18
N ASN D 532 29.01 -21.34 -28.79
CA ASN D 532 28.25 -21.24 -30.02
C ASN D 532 26.84 -20.71 -29.73
N LEU D 533 25.98 -20.72 -30.75
CA LEU D 533 24.66 -20.11 -30.66
C LEU D 533 23.59 -21.12 -31.02
N VAL D 534 22.39 -20.91 -30.45
CA VAL D 534 21.24 -21.77 -30.69
C VAL D 534 20.07 -20.90 -31.12
N LYS D 535 19.07 -21.54 -31.74
CA LYS D 535 17.94 -20.83 -32.33
C LYS D 535 16.65 -21.60 -32.13
N ASN D 536 15.55 -20.87 -32.07
CA ASN D 536 14.19 -21.43 -32.05
C ASN D 536 13.99 -22.41 -30.90
N LYS D 537 14.56 -22.08 -29.75
CA LYS D 537 14.45 -22.94 -28.56
C LYS D 537 14.83 -22.08 -27.36
N CYS D 538 13.90 -21.90 -26.42
CA CYS D 538 14.12 -20.92 -25.37
C CYS D 538 15.13 -21.43 -24.37
N VAL D 539 16.18 -20.65 -24.14
CA VAL D 539 17.31 -21.00 -23.29
C VAL D 539 17.60 -19.83 -22.36
N ASN D 540 18.63 -20.01 -21.53
CA ASN D 540 19.14 -18.96 -20.65
C ASN D 540 20.37 -18.34 -21.30
N PHE D 541 20.37 -17.03 -21.45
CA PHE D 541 21.43 -16.34 -22.16
C PHE D 541 22.05 -15.27 -21.29
N ASN D 542 23.33 -14.97 -21.57
CA ASN D 542 24.05 -13.92 -20.85
C ASN D 542 25.05 -13.31 -21.83
N PHE D 543 24.65 -12.20 -22.45
CA PHE D 543 25.56 -11.42 -23.29
C PHE D 543 26.37 -10.52 -22.37
N ASN D 544 27.11 -9.57 -22.95
CA ASN D 544 27.96 -8.71 -22.15
C ASN D 544 27.10 -7.76 -21.31
N GLY D 545 26.86 -8.14 -20.06
CA GLY D 545 26.08 -7.32 -19.16
C GLY D 545 24.58 -7.52 -19.21
N LEU D 546 24.11 -8.64 -19.74
CA LEU D 546 22.68 -8.92 -19.83
C LEU D 546 22.38 -10.32 -19.32
N THR D 547 21.15 -10.52 -18.87
CA THR D 547 20.70 -11.82 -18.41
C THR D 547 19.19 -11.91 -18.59
N GLY D 548 18.72 -13.10 -18.91
CA GLY D 548 17.31 -13.32 -19.13
C GLY D 548 17.06 -14.63 -19.85
N THR D 549 15.79 -15.02 -19.87
CA THR D 549 15.35 -16.27 -20.49
C THR D 549 14.35 -15.97 -21.60
N GLY D 550 14.47 -16.72 -22.69
CA GLY D 550 13.58 -16.54 -23.81
C GLY D 550 14.13 -17.24 -25.03
N VAL D 551 13.36 -17.18 -26.11
CA VAL D 551 13.73 -17.78 -27.38
C VAL D 551 14.28 -16.68 -28.29
N LEU D 552 15.25 -17.04 -29.13
CA LEU D 552 15.91 -16.09 -30.02
C LEU D 552 15.64 -16.50 -31.46
N THR D 553 15.09 -15.57 -32.25
CA THR D 553 14.90 -15.76 -33.68
C THR D 553 15.54 -14.60 -34.44
N GLU D 554 15.32 -14.54 -35.75
CA GLU D 554 15.86 -13.47 -36.57
C GLU D 554 14.95 -12.24 -36.51
N SER D 555 15.33 -11.20 -37.23
CA SER D 555 14.56 -9.96 -37.23
C SER D 555 14.83 -9.20 -38.51
N ASN D 556 13.93 -8.26 -38.82
CA ASN D 556 14.05 -7.41 -39.99
C ASN D 556 14.40 -5.97 -39.64
N LYS D 557 14.60 -5.65 -38.36
CA LYS D 557 14.92 -4.30 -37.95
C LYS D 557 16.28 -3.88 -38.47
N LYS D 558 16.43 -2.59 -38.71
CA LYS D 558 17.70 -2.00 -39.12
C LYS D 558 18.24 -1.14 -37.99
N PHE D 559 19.44 -1.44 -37.54
CA PHE D 559 20.06 -0.73 -36.43
C PHE D 559 20.90 0.43 -36.97
N LEU D 560 21.68 1.04 -36.09
CA LEU D 560 22.64 2.07 -36.41
C LEU D 560 24.04 1.57 -36.09
N PRO D 561 25.07 2.11 -36.74
CA PRO D 561 26.42 1.52 -36.63
C PRO D 561 27.02 1.51 -35.23
N PHE D 562 26.30 1.98 -34.21
CA PHE D 562 26.87 1.95 -32.86
C PHE D 562 25.90 1.51 -31.78
N GLN D 563 24.71 1.01 -32.14
CA GLN D 563 23.74 0.59 -31.14
C GLN D 563 23.83 -0.91 -30.88
N GLN D 564 23.59 -1.29 -29.63
CA GLN D 564 23.67 -2.68 -29.21
C GLN D 564 22.32 -3.26 -28.82
N PHE D 565 21.62 -2.66 -27.87
CA PHE D 565 20.36 -3.21 -27.38
C PHE D 565 19.19 -2.62 -28.15
N GLY D 566 17.98 -2.86 -27.66
CA GLY D 566 16.78 -2.29 -28.21
C GLY D 566 15.62 -2.47 -27.24
N ARG D 567 14.92 -1.38 -26.93
CA ARG D 567 13.87 -1.40 -25.92
C ARG D 567 12.55 -0.91 -26.51
N ASP D 568 11.47 -1.61 -26.17
CA ASP D 568 10.14 -1.18 -26.52
C ASP D 568 9.60 -0.31 -25.39
N ILE D 569 8.30 -0.01 -25.44
CA ILE D 569 7.68 0.71 -24.33
C ILE D 569 7.71 -0.16 -23.08
N ALA D 570 7.60 0.48 -21.92
CA ALA D 570 7.67 -0.15 -20.61
C ALA D 570 9.05 -0.75 -20.31
N ASP D 571 10.07 -0.33 -21.05
CA ASP D 571 11.47 -0.65 -20.76
C ASP D 571 11.69 -2.18 -20.69
N THR D 572 11.48 -2.84 -21.81
CA THR D 572 11.70 -4.28 -21.92
C THR D 572 12.46 -4.56 -23.21
N THR D 573 13.48 -5.41 -23.11
CA THR D 573 14.33 -5.68 -24.26
C THR D 573 13.59 -6.49 -25.31
N ASP D 574 13.82 -6.13 -26.58
CA ASP D 574 13.21 -6.87 -27.68
C ASP D 574 14.16 -7.07 -28.86
N ALA D 575 15.44 -6.72 -28.74
CA ALA D 575 16.38 -6.84 -29.85
C ALA D 575 17.80 -6.75 -29.29
N VAL D 576 18.65 -7.67 -29.73
CA VAL D 576 20.04 -7.74 -29.26
C VAL D 576 20.94 -8.00 -30.45
N ARG D 577 22.09 -7.35 -30.48
CA ARG D 577 23.11 -7.56 -31.49
C ARG D 577 24.28 -8.33 -30.88
N ASP D 578 24.70 -9.42 -31.54
CA ASP D 578 25.74 -10.28 -31.00
C ASP D 578 27.13 -9.71 -31.31
N PRO D 579 28.06 -9.75 -30.35
CA PRO D 579 29.40 -9.21 -30.61
C PRO D 579 30.34 -10.22 -31.24
N GLN D 580 29.88 -11.00 -32.20
CA GLN D 580 30.81 -11.82 -32.97
C GLN D 580 30.59 -11.73 -34.47
N THR D 581 29.34 -11.67 -34.92
CA THR D 581 29.04 -11.59 -36.33
C THR D 581 28.11 -10.45 -36.69
N LEU D 582 27.74 -9.60 -35.73
CA LEU D 582 26.91 -8.43 -35.97
C LEU D 582 25.61 -8.81 -36.67
N GLU D 583 24.90 -9.77 -36.07
CA GLU D 583 23.62 -10.24 -36.58
C GLU D 583 22.53 -9.88 -35.58
N ILE D 584 21.43 -9.33 -36.08
CA ILE D 584 20.33 -8.93 -35.22
C ILE D 584 19.55 -10.15 -34.76
N LEU D 585 18.83 -9.98 -33.65
CA LEU D 585 18.08 -11.07 -33.05
C LEU D 585 16.84 -10.51 -32.36
N ASP D 586 15.88 -11.39 -32.12
CA ASP D 586 14.66 -11.05 -31.40
C ASP D 586 14.58 -11.86 -30.12
N ILE D 587 13.73 -11.41 -29.19
CA ILE D 587 13.55 -12.06 -27.91
C ILE D 587 12.07 -12.09 -27.59
N THR D 588 11.50 -13.29 -27.52
CA THR D 588 10.16 -13.50 -27.00
C THR D 588 10.22 -14.57 -25.93
N PRO D 589 9.38 -14.48 -24.91
CA PRO D 589 9.42 -15.47 -23.82
C PRO D 589 8.65 -16.73 -24.18
N CYS D 590 9.20 -17.88 -23.81
CA CYS D 590 8.50 -19.12 -24.05
C CYS D 590 7.32 -19.27 -23.10
N SER D 591 6.34 -20.08 -23.52
CA SER D 591 4.96 -19.91 -23.11
C SER D 591 4.73 -20.17 -21.63
N PHE D 592 3.74 -19.47 -21.09
CA PHE D 592 3.21 -19.71 -19.75
C PHE D 592 1.71 -19.43 -19.78
N GLY D 593 0.99 -20.04 -18.84
CA GLY D 593 -0.44 -19.85 -18.78
C GLY D 593 -1.03 -20.65 -17.63
N GLY D 594 -2.32 -20.42 -17.39
CA GLY D 594 -3.02 -21.08 -16.31
C GLY D 594 -3.52 -22.46 -16.68
N VAL D 595 -4.02 -23.17 -15.67
CA VAL D 595 -4.57 -24.50 -15.82
C VAL D 595 -5.92 -24.55 -15.13
N SER D 596 -6.93 -25.05 -15.83
CA SER D 596 -8.29 -25.09 -15.32
C SER D 596 -8.90 -26.46 -15.55
N VAL D 597 -9.81 -26.85 -14.67
CA VAL D 597 -10.38 -28.18 -14.66
C VAL D 597 -11.90 -28.07 -14.73
N ILE D 598 -12.51 -28.82 -15.64
CA ILE D 598 -13.95 -28.88 -15.81
C ILE D 598 -14.45 -30.17 -15.16
N THR D 599 -15.39 -30.05 -14.23
CA THR D 599 -15.91 -31.21 -13.51
C THR D 599 -17.43 -31.22 -13.59
N PRO D 600 -18.05 -32.36 -13.95
CA PRO D 600 -19.51 -32.45 -13.88
C PRO D 600 -20.06 -32.57 -12.46
N GLY D 601 -19.20 -32.76 -11.47
CA GLY D 601 -19.68 -32.91 -10.08
C GLY D 601 -19.32 -34.29 -9.56
N THR D 602 -18.99 -34.34 -8.27
CA THR D 602 -18.62 -35.59 -7.63
C THR D 602 -19.77 -36.58 -7.62
N ASN D 603 -20.98 -36.10 -7.34
CA ASN D 603 -22.15 -36.96 -7.25
C ASN D 603 -22.38 -37.70 -8.56
N THR D 604 -22.30 -36.99 -9.68
CA THR D 604 -22.53 -37.59 -10.99
C THR D 604 -21.48 -38.64 -11.33
N SER D 605 -20.23 -38.23 -11.49
CA SER D 605 -19.17 -39.13 -11.92
C SER D 605 -17.83 -38.60 -11.41
N ASN D 606 -16.74 -39.16 -11.93
CA ASN D 606 -15.41 -38.82 -11.47
C ASN D 606 -14.47 -38.37 -12.59
N GLN D 607 -14.90 -38.39 -13.84
CA GLN D 607 -14.04 -38.00 -14.94
C GLN D 607 -14.01 -36.48 -15.10
N VAL D 608 -12.87 -35.97 -15.57
CA VAL D 608 -12.66 -34.54 -15.69
C VAL D 608 -11.96 -34.24 -17.02
N ALA D 609 -11.96 -32.97 -17.38
CA ALA D 609 -11.24 -32.47 -18.55
C ALA D 609 -10.45 -31.23 -18.13
N VAL D 610 -9.33 -31.01 -18.81
CA VAL D 610 -8.39 -29.95 -18.45
C VAL D 610 -8.25 -28.98 -19.60
N LEU D 611 -8.16 -27.69 -19.27
CA LEU D 611 -8.00 -26.63 -20.24
C LEU D 611 -6.72 -25.86 -19.96
N TYR D 612 -5.88 -25.74 -20.98
CA TYR D 612 -4.64 -24.97 -20.89
C TYR D 612 -4.86 -23.63 -21.55
N GLN D 613 -4.73 -22.54 -20.78
CA GLN D 613 -5.15 -21.23 -21.24
C GLN D 613 -4.06 -20.58 -22.08
N ASP D 614 -4.42 -20.22 -23.32
CA ASP D 614 -3.57 -19.42 -24.22
C ASP D 614 -2.23 -20.10 -24.47
N VAL D 615 -2.28 -21.29 -25.06
CA VAL D 615 -1.08 -22.01 -25.48
C VAL D 615 -1.44 -22.90 -26.64
N ASN D 616 -0.68 -22.80 -27.73
CA ASN D 616 -0.87 -23.68 -28.88
C ASN D 616 -0.19 -25.00 -28.53
N CYS D 617 -0.99 -25.98 -28.10
CA CYS D 617 -0.42 -27.16 -27.47
C CYS D 617 0.03 -28.19 -28.49
N THR D 618 0.89 -27.77 -29.42
CA THR D 618 1.72 -28.72 -30.15
C THR D 618 2.94 -29.14 -29.35
N GLU D 619 3.16 -28.52 -28.18
CA GLU D 619 4.31 -28.80 -27.33
C GLU D 619 3.91 -28.99 -25.87
N VAL D 620 2.65 -29.28 -25.59
CA VAL D 620 2.19 -29.49 -24.23
C VAL D 620 2.84 -30.72 -23.59
N PRO D 621 3.16 -31.80 -24.34
CA PRO D 621 3.77 -32.86 -23.53
C PRO D 621 5.23 -32.56 -23.18
N GLY D 639 -2.80 -37.01 -25.30
CA GLY D 639 -3.26 -37.95 -26.30
C GLY D 639 -4.78 -38.01 -26.41
N SER D 640 -5.29 -39.15 -26.87
CA SER D 640 -6.72 -39.37 -27.04
C SER D 640 -7.35 -38.30 -27.92
N ASN D 641 -7.98 -37.30 -27.29
CA ASN D 641 -8.67 -36.24 -28.00
C ASN D 641 -7.99 -34.91 -27.72
N VAL D 642 -7.70 -34.17 -28.78
CA VAL D 642 -7.15 -32.81 -28.68
C VAL D 642 -8.03 -31.89 -29.53
N PHE D 643 -8.37 -30.74 -28.95
CA PHE D 643 -9.26 -29.79 -29.61
C PHE D 643 -8.76 -28.39 -29.32
N GLN D 644 -8.40 -27.66 -30.37
CA GLN D 644 -7.88 -26.30 -30.21
C GLN D 644 -9.00 -25.28 -30.36
N THR D 645 -9.13 -24.41 -29.38
CA THR D 645 -10.12 -23.35 -29.35
C THR D 645 -9.42 -22.00 -29.34
N ARG D 646 -10.21 -20.93 -29.21
CA ARG D 646 -9.65 -19.59 -29.10
C ARG D 646 -9.19 -19.26 -27.69
N ALA D 647 -9.47 -20.13 -26.71
CA ALA D 647 -9.03 -19.96 -25.34
C ALA D 647 -8.14 -21.13 -24.91
N GLY D 648 -7.28 -21.59 -25.81
CA GLY D 648 -6.38 -22.68 -25.51
C GLY D 648 -6.78 -23.97 -26.18
N CYS D 649 -6.40 -25.11 -25.60
CA CYS D 649 -6.80 -26.40 -26.15
C CYS D 649 -7.28 -27.31 -25.02
N LEU D 650 -8.17 -28.23 -25.37
CA LEU D 650 -8.83 -29.11 -24.43
C LEU D 650 -8.32 -30.54 -24.58
N ILE D 651 -8.27 -31.24 -23.46
CA ILE D 651 -7.89 -32.66 -23.42
C ILE D 651 -8.93 -33.40 -22.60
N GLY D 652 -9.61 -34.35 -23.23
CA GLY D 652 -10.64 -35.12 -22.57
C GLY D 652 -12.07 -34.80 -22.99
N ALA D 653 -12.26 -34.13 -24.12
CA ALA D 653 -13.59 -33.81 -24.63
C ALA D 653 -13.62 -33.98 -26.13
N GLU D 654 -14.79 -34.35 -26.65
CA GLU D 654 -14.97 -34.58 -28.08
C GLU D 654 -15.90 -33.53 -28.67
N HIS D 655 -15.65 -33.20 -29.93
CA HIS D 655 -16.42 -32.19 -30.64
C HIS D 655 -17.63 -32.80 -31.34
N VAL D 656 -18.77 -32.12 -31.24
CA VAL D 656 -19.98 -32.47 -31.97
C VAL D 656 -20.47 -31.22 -32.69
N ASN D 657 -21.02 -31.41 -33.89
CA ASN D 657 -21.33 -30.25 -34.71
C ASN D 657 -22.71 -29.65 -34.40
N ASN D 658 -23.54 -30.35 -33.64
CA ASN D 658 -24.83 -29.80 -33.27
C ASN D 658 -24.70 -28.91 -32.03
N SER D 659 -25.79 -28.23 -31.69
CA SER D 659 -25.75 -27.22 -30.63
C SER D 659 -26.90 -27.42 -29.66
N TYR D 660 -26.64 -27.09 -28.40
CA TYR D 660 -27.66 -27.06 -27.36
C TYR D 660 -27.61 -25.75 -26.58
N GLU D 661 -28.38 -25.68 -25.50
CA GLU D 661 -28.26 -24.61 -24.52
C GLU D 661 -27.20 -25.02 -23.51
N CYS D 662 -26.22 -24.15 -23.30
CA CYS D 662 -25.00 -24.54 -22.60
C CYS D 662 -24.99 -24.04 -21.16
N ASP D 663 -24.28 -24.80 -20.31
CA ASP D 663 -24.26 -24.56 -18.87
C ASP D 663 -22.89 -24.16 -18.34
N ILE D 664 -21.85 -24.93 -18.61
CA ILE D 664 -20.50 -24.65 -18.10
C ILE D 664 -19.79 -23.79 -19.15
N PRO D 665 -19.49 -22.53 -18.85
CA PRO D 665 -18.78 -21.70 -19.82
C PRO D 665 -17.32 -22.12 -19.97
N ILE D 666 -16.79 -21.89 -21.17
CA ILE D 666 -15.37 -22.08 -21.44
C ILE D 666 -14.79 -20.77 -21.96
N GLY D 667 -15.32 -20.28 -23.05
CA GLY D 667 -14.91 -19.01 -23.61
C GLY D 667 -15.09 -18.98 -25.12
N ALA D 668 -15.26 -17.76 -25.65
CA ALA D 668 -15.39 -17.53 -27.09
C ALA D 668 -16.52 -18.35 -27.71
N GLY D 669 -17.66 -18.36 -27.05
CA GLY D 669 -18.83 -19.08 -27.56
C GLY D 669 -18.68 -20.58 -27.61
N ILE D 670 -18.08 -21.17 -26.58
CA ILE D 670 -17.94 -22.62 -26.46
C ILE D 670 -18.24 -23.01 -25.03
N CYS D 671 -19.04 -24.07 -24.85
CA CYS D 671 -19.35 -24.59 -23.54
C CYS D 671 -19.29 -26.11 -23.55
N ALA D 672 -19.23 -26.69 -22.35
CA ALA D 672 -19.12 -28.12 -22.16
C ALA D 672 -20.22 -28.60 -21.22
N SER D 673 -20.64 -29.85 -21.40
CA SER D 673 -21.75 -30.40 -20.63
C SER D 673 -21.59 -31.91 -20.55
N TYR D 674 -22.36 -32.51 -19.66
CA TYR D 674 -22.27 -33.94 -19.37
C TYR D 674 -23.37 -34.70 -20.10
N GLN D 675 -22.99 -35.83 -20.72
CA GLN D 675 -23.93 -36.67 -21.43
C GLN D 675 -23.73 -38.15 -21.14
N THR D 676 -22.86 -38.50 -20.19
CA THR D 676 -22.56 -39.90 -19.85
C THR D 676 -22.14 -40.72 -21.08
N SER D 691 -19.38 -39.11 -20.47
CA SER D 691 -18.65 -38.44 -21.54
C SER D 691 -18.81 -36.93 -21.42
N ILE D 692 -17.71 -36.21 -21.58
CA ILE D 692 -17.70 -34.75 -21.56
C ILE D 692 -17.73 -34.27 -23.00
N ILE D 693 -18.67 -33.38 -23.31
CA ILE D 693 -18.93 -32.94 -24.68
C ILE D 693 -18.57 -31.47 -24.81
N ALA D 694 -18.23 -31.06 -26.02
CA ALA D 694 -17.92 -29.67 -26.34
C ALA D 694 -18.64 -29.29 -27.63
N TYR D 695 -19.15 -28.06 -27.66
CA TYR D 695 -19.98 -27.62 -28.79
C TYR D 695 -19.99 -26.09 -28.83
N THR D 696 -20.86 -25.54 -29.68
CA THR D 696 -21.04 -24.11 -29.83
C THR D 696 -22.42 -23.71 -29.30
N MET D 697 -22.50 -22.50 -28.76
CA MET D 697 -23.73 -22.03 -28.14
C MET D 697 -24.84 -21.86 -29.17
N SER D 698 -26.07 -22.07 -28.72
CA SER D 698 -27.26 -21.82 -29.51
C SER D 698 -28.05 -20.69 -28.85
N LEU D 699 -28.39 -19.66 -29.64
CA LEU D 699 -29.05 -18.50 -29.08
C LEU D 699 -30.52 -18.79 -28.76
N GLY D 700 -31.19 -19.55 -29.61
CA GLY D 700 -32.59 -19.86 -29.38
C GLY D 700 -33.23 -20.44 -30.63
N ALA D 701 -34.55 -20.58 -30.56
CA ALA D 701 -35.31 -21.16 -31.65
C ALA D 701 -35.50 -20.15 -32.77
N GLU D 702 -35.68 -20.68 -33.99
CA GLU D 702 -35.91 -19.86 -35.17
C GLU D 702 -37.41 -19.71 -35.40
N ASN D 703 -37.83 -18.48 -35.67
CA ASN D 703 -39.25 -18.19 -35.82
C ASN D 703 -39.41 -17.03 -36.79
N SER D 704 -40.45 -17.10 -37.61
CA SER D 704 -40.78 -16.04 -38.55
C SER D 704 -42.28 -15.75 -38.46
N VAL D 705 -42.63 -14.48 -38.67
CA VAL D 705 -44.01 -14.00 -38.51
C VAL D 705 -44.54 -13.64 -39.88
N ALA D 706 -45.73 -14.15 -40.19
CA ALA D 706 -46.37 -13.86 -41.47
C ALA D 706 -46.81 -12.40 -41.50
N TYR D 707 -46.10 -11.58 -42.25
CA TYR D 707 -46.39 -10.16 -42.36
C TYR D 707 -47.11 -9.88 -43.67
N SER D 708 -48.27 -9.24 -43.58
CA SER D 708 -49.01 -8.78 -44.74
C SER D 708 -49.58 -7.42 -44.42
N ASN D 709 -49.98 -6.68 -45.47
CA ASN D 709 -50.48 -5.34 -45.28
C ASN D 709 -51.96 -5.29 -44.91
N ASN D 710 -52.66 -6.43 -44.90
CA ASN D 710 -54.06 -6.45 -44.50
C ASN D 710 -54.37 -7.67 -43.65
N SER D 711 -53.49 -7.99 -42.70
CA SER D 711 -53.67 -9.15 -41.84
C SER D 711 -53.44 -8.76 -40.38
N ILE D 712 -54.25 -9.32 -39.49
CA ILE D 712 -54.15 -9.06 -38.05
C ILE D 712 -54.42 -10.36 -37.31
N ALA D 713 -53.91 -10.42 -36.07
CA ALA D 713 -54.11 -11.56 -35.18
C ALA D 713 -54.61 -11.06 -33.84
N ILE D 714 -55.67 -11.67 -33.33
CA ILE D 714 -56.33 -11.24 -32.10
C ILE D 714 -56.48 -12.46 -31.19
N PRO D 715 -56.11 -12.37 -29.92
CA PRO D 715 -56.25 -13.51 -29.02
C PRO D 715 -57.70 -13.78 -28.66
N THR D 716 -57.94 -15.01 -28.19
CA THR D 716 -59.29 -15.47 -27.86
C THR D 716 -59.40 -16.09 -26.47
N ASN D 717 -58.35 -16.01 -25.64
CA ASN D 717 -58.36 -16.61 -24.32
C ASN D 717 -57.23 -15.99 -23.51
N PHE D 718 -57.15 -16.38 -22.23
CA PHE D 718 -56.14 -15.79 -21.36
C PHE D 718 -55.72 -16.80 -20.29
N THR D 719 -54.56 -16.55 -19.70
CA THR D 719 -54.03 -17.34 -18.60
C THR D 719 -53.52 -16.40 -17.50
N ILE D 720 -53.42 -16.94 -16.28
CA ILE D 720 -52.97 -16.20 -15.12
C ILE D 720 -51.73 -16.89 -14.56
N SER D 721 -50.64 -16.13 -14.39
CA SER D 721 -49.36 -16.69 -13.98
C SER D 721 -48.84 -15.95 -12.76
N VAL D 722 -48.10 -16.68 -11.93
CA VAL D 722 -47.48 -16.15 -10.71
C VAL D 722 -46.00 -16.44 -10.75
N THR D 723 -45.18 -15.44 -10.41
CA THR D 723 -43.73 -15.54 -10.48
C THR D 723 -43.12 -14.93 -9.22
N THR D 724 -41.90 -15.36 -8.90
CA THR D 724 -41.20 -14.95 -7.70
C THR D 724 -39.95 -14.13 -8.03
N GLU D 725 -39.42 -13.46 -7.01
CA GLU D 725 -38.23 -12.63 -7.14
C GLU D 725 -37.64 -12.42 -5.76
N ILE D 726 -36.31 -12.54 -5.65
CA ILE D 726 -35.60 -12.53 -4.38
C ILE D 726 -34.57 -11.40 -4.39
N LEU D 727 -34.56 -10.60 -3.33
CA LEU D 727 -33.62 -9.49 -3.19
C LEU D 727 -33.02 -9.51 -1.79
N PRO D 728 -31.77 -9.05 -1.64
CA PRO D 728 -31.21 -8.84 -0.31
C PRO D 728 -31.42 -7.43 0.20
N VAL D 729 -31.50 -7.30 1.52
CA VAL D 729 -31.79 -6.02 2.15
C VAL D 729 -30.74 -5.63 3.18
N SER D 730 -30.10 -6.62 3.81
CA SER D 730 -29.22 -6.33 4.94
C SER D 730 -28.16 -7.42 5.05
N MET D 731 -27.13 -7.11 5.85
CA MET D 731 -26.05 -8.05 6.12
C MET D 731 -25.60 -7.93 7.56
N THR D 732 -24.73 -8.84 7.97
CA THR D 732 -24.39 -9.01 9.38
C THR D 732 -23.45 -7.91 9.87
N LYS D 733 -23.67 -7.47 11.11
CA LYS D 733 -22.88 -6.44 11.75
C LYS D 733 -21.69 -7.05 12.50
N THR D 734 -20.57 -6.33 12.48
CA THR D 734 -19.33 -6.81 13.06
C THR D 734 -18.61 -5.68 13.78
N SER D 735 -17.86 -6.03 14.82
CA SER D 735 -17.06 -5.06 15.57
C SER D 735 -15.71 -5.66 15.88
N VAL D 736 -14.64 -4.89 15.66
CA VAL D 736 -13.28 -5.31 15.90
C VAL D 736 -12.62 -4.31 16.84
N ASP D 737 -11.66 -4.79 17.63
CA ASP D 737 -10.94 -3.96 18.60
C ASP D 737 -9.45 -3.99 18.26
N CYS D 738 -8.85 -2.80 18.16
CA CYS D 738 -7.44 -2.63 17.79
C CYS D 738 -6.49 -3.35 18.73
N THR D 739 -6.49 -2.92 19.96
CA THR D 739 -5.51 -3.31 20.93
C THR D 739 -5.68 -4.73 21.41
N MET D 740 -6.79 -5.42 21.14
CA MET D 740 -6.89 -6.82 21.54
C MET D 740 -6.77 -7.74 20.34
N TYR D 741 -6.69 -7.20 19.13
CA TYR D 741 -6.30 -7.95 17.95
C TYR D 741 -4.82 -7.88 17.64
N ILE D 742 -4.20 -6.70 17.70
CA ILE D 742 -2.76 -6.63 17.44
C ILE D 742 -1.95 -7.36 18.50
N CYS D 743 -2.44 -7.40 19.74
CA CYS D 743 -1.90 -8.23 20.81
C CYS D 743 -2.86 -8.27 21.98
N GLY D 744 -2.44 -8.81 23.11
CA GLY D 744 -3.33 -8.90 24.25
C GLY D 744 -2.61 -9.07 25.57
N ASP D 745 -2.97 -8.24 26.54
CA ASP D 745 -2.33 -8.24 27.86
C ASP D 745 -0.82 -8.06 27.73
N SER D 746 -0.43 -6.95 27.11
CA SER D 746 0.97 -6.65 26.88
C SER D 746 1.15 -5.14 26.88
N THR D 747 1.97 -4.64 27.81
CA THR D 747 2.17 -3.20 27.92
C THR D 747 3.18 -2.68 26.90
N GLU D 748 4.18 -3.50 26.56
CA GLU D 748 5.13 -3.11 25.51
C GLU D 748 4.40 -2.78 24.21
N CYS D 749 3.35 -3.53 23.90
CA CYS D 749 2.47 -3.19 22.78
C CYS D 749 1.93 -1.79 22.91
N SER D 750 1.16 -1.53 23.96
CA SER D 750 0.45 -0.26 24.09
C SER D 750 1.41 0.92 24.10
N ASN D 751 2.63 0.70 24.59
CA ASN D 751 3.64 1.75 24.53
C ASN D 751 4.23 1.90 23.14
N LEU D 752 4.32 0.82 22.37
CA LEU D 752 4.85 0.91 21.01
C LEU D 752 3.80 1.28 19.98
N LEU D 753 2.53 0.95 20.24
CA LEU D 753 1.47 1.24 19.27
C LEU D 753 1.10 2.72 19.26
N LEU D 754 1.39 3.45 20.34
CA LEU D 754 1.01 4.85 20.42
C LEU D 754 1.73 5.70 19.38
N GLN D 755 2.87 5.23 18.88
CA GLN D 755 3.70 6.03 17.99
C GLN D 755 3.16 6.10 16.57
N TYR D 756 2.18 5.27 16.23
CA TYR D 756 1.66 5.23 14.86
C TYR D 756 0.49 6.17 14.65
N GLY D 757 0.08 6.93 15.67
CA GLY D 757 -0.94 7.94 15.50
C GLY D 757 -2.33 7.50 15.94
N SER D 758 -3.32 7.71 15.07
CA SER D 758 -4.70 7.38 15.34
C SER D 758 -5.25 6.37 14.34
N PHE D 759 -4.48 5.32 14.04
CA PHE D 759 -4.88 4.34 13.03
C PHE D 759 -5.75 3.23 13.58
N CYS D 760 -6.22 3.33 14.80
CA CYS D 760 -7.38 2.53 15.19
C CYS D 760 -8.39 3.31 16.01
N THR D 761 -8.49 4.62 15.83
CA THR D 761 -9.72 5.36 16.06
C THR D 761 -10.43 5.66 14.75
N GLN D 762 -9.71 5.60 13.63
CA GLN D 762 -10.30 5.66 12.30
C GLN D 762 -10.93 4.35 11.87
N LEU D 763 -10.38 3.22 12.31
CA LEU D 763 -10.89 1.91 11.96
C LEU D 763 -12.10 1.52 12.77
N ASN D 764 -12.33 2.13 13.92
CA ASN D 764 -13.48 1.87 14.77
C ASN D 764 -14.63 2.82 14.48
N ARG D 765 -14.44 3.77 13.56
CA ARG D 765 -15.48 4.70 13.15
C ARG D 765 -16.11 4.32 11.82
N ALA D 766 -15.35 3.71 10.92
CA ALA D 766 -15.93 3.21 9.68
C ALA D 766 -16.87 2.04 9.93
N LEU D 767 -16.48 1.12 10.82
CA LEU D 767 -17.30 -0.06 11.06
C LEU D 767 -18.60 0.30 11.78
N THR D 768 -18.54 1.27 12.70
CA THR D 768 -19.77 1.73 13.34
C THR D 768 -20.71 2.37 12.34
N GLY D 769 -20.15 3.13 11.39
CA GLY D 769 -20.97 3.70 10.34
C GLY D 769 -21.61 2.63 9.47
N ILE D 770 -20.87 1.59 9.13
CA ILE D 770 -21.43 0.49 8.35
C ILE D 770 -22.56 -0.20 9.13
N ALA D 771 -22.33 -0.44 10.42
CA ALA D 771 -23.33 -1.12 11.24
C ALA D 771 -24.59 -0.29 11.39
N VAL D 772 -24.44 1.03 11.53
CA VAL D 772 -25.61 1.90 11.69
C VAL D 772 -26.44 1.91 10.41
N GLU D 773 -25.79 1.80 9.25
CA GLU D 773 -26.50 1.86 7.98
C GLU D 773 -27.44 0.68 7.79
N GLN D 774 -27.09 -0.50 8.32
CA GLN D 774 -27.98 -1.64 8.16
C GLN D 774 -29.08 -1.60 9.22
N ASP D 775 -29.69 -0.44 9.39
CA ASP D 775 -30.95 -0.27 10.09
C ASP D 775 -31.90 0.68 9.38
N LYS D 776 -31.39 1.61 8.58
CA LYS D 776 -32.25 2.35 7.66
C LYS D 776 -32.64 1.50 6.46
N ASN D 777 -31.81 0.52 6.10
CA ASN D 777 -32.14 -0.36 4.99
C ASN D 777 -33.40 -1.17 5.29
N THR D 778 -33.50 -1.72 6.50
CA THR D 778 -34.69 -2.48 6.86
C THR D 778 -35.88 -1.58 7.12
N GLN D 779 -35.65 -0.38 7.65
CA GLN D 779 -36.76 0.52 7.95
C GLN D 779 -37.33 1.16 6.70
N GLU D 780 -36.53 1.29 5.65
CA GLU D 780 -36.99 1.94 4.42
C GLU D 780 -37.79 1.01 3.52
N VAL D 781 -37.90 -0.26 3.85
CA VAL D 781 -38.61 -1.24 3.04
C VAL D 781 -39.94 -1.63 3.68
N PHE D 782 -39.92 -2.01 4.95
CA PHE D 782 -41.11 -2.53 5.61
C PHE D 782 -41.92 -1.45 6.31
N ALA D 783 -41.26 -0.52 7.00
CA ALA D 783 -41.95 0.50 7.78
C ALA D 783 -42.35 1.65 6.87
N GLN D 784 -43.47 1.45 6.17
CA GLN D 784 -44.06 2.53 5.38
C GLN D 784 -45.58 2.57 5.49
N VAL D 785 -46.17 1.81 6.42
CA VAL D 785 -47.59 1.92 6.74
C VAL D 785 -47.70 2.23 8.23
N LYS D 786 -48.51 3.24 8.55
CA LYS D 786 -48.55 3.73 9.92
C LYS D 786 -49.32 2.79 10.85
N GLN D 787 -50.39 2.18 10.36
CA GLN D 787 -51.31 1.43 11.20
C GLN D 787 -51.13 -0.07 10.99
N ILE D 788 -51.90 -0.85 11.75
CA ILE D 788 -51.92 -2.30 11.66
C ILE D 788 -53.32 -2.74 11.30
N TYR D 789 -53.44 -3.59 10.28
CA TYR D 789 -54.72 -4.05 9.76
C TYR D 789 -54.87 -5.53 10.01
N LYS D 790 -56.11 -5.96 10.31
CA LYS D 790 -56.42 -7.35 10.58
C LYS D 790 -57.47 -7.85 9.60
N THR D 791 -57.26 -9.07 9.12
CA THR D 791 -58.20 -9.71 8.20
C THR D 791 -59.45 -10.16 8.97
N PRO D 792 -60.63 -10.03 8.38
CA PRO D 792 -61.87 -10.41 9.08
C PRO D 792 -61.87 -11.88 9.45
N PRO D 793 -62.53 -12.24 10.55
CA PRO D 793 -62.48 -13.64 11.02
C PRO D 793 -63.10 -14.65 10.06
N ILE D 794 -64.12 -14.28 9.31
CA ILE D 794 -64.77 -15.19 8.36
C ILE D 794 -64.25 -14.86 6.97
N LYS D 795 -63.86 -15.89 6.22
CA LYS D 795 -63.16 -15.72 4.96
C LYS D 795 -64.04 -16.19 3.81
N ASP D 796 -64.54 -15.23 3.01
CA ASP D 796 -65.28 -15.54 1.79
C ASP D 796 -65.04 -14.38 0.82
N PHE D 797 -64.08 -14.55 -0.09
CA PHE D 797 -63.68 -13.51 -1.01
C PHE D 797 -64.11 -13.78 -2.44
N GLY D 798 -65.07 -14.68 -2.67
CA GLY D 798 -65.59 -14.95 -3.99
C GLY D 798 -65.00 -16.15 -4.69
N GLY D 799 -64.22 -16.97 -4.00
CA GLY D 799 -63.65 -18.15 -4.62
C GLY D 799 -62.14 -18.12 -4.69
N PHE D 800 -61.53 -17.11 -4.08
CA PHE D 800 -60.09 -16.97 -4.05
C PHE D 800 -59.56 -17.49 -2.72
N ASN D 801 -58.52 -18.32 -2.77
CA ASN D 801 -57.91 -18.90 -1.59
C ASN D 801 -56.62 -18.14 -1.28
N PHE D 802 -56.60 -17.45 -0.14
CA PHE D 802 -55.41 -16.78 0.35
C PHE D 802 -54.80 -17.49 1.54
N SER D 803 -55.09 -18.78 1.72
CA SER D 803 -54.68 -19.53 2.90
C SER D 803 -53.31 -20.16 2.75
N GLN D 804 -52.46 -19.60 1.88
CA GLN D 804 -51.09 -20.04 1.76
C GLN D 804 -50.09 -18.91 1.91
N ILE D 805 -50.53 -17.68 2.08
CA ILE D 805 -49.65 -16.54 2.26
C ILE D 805 -50.06 -15.76 3.50
N LEU D 806 -51.18 -16.16 4.11
CA LEU D 806 -51.66 -15.52 5.33
C LEU D 806 -51.22 -16.30 6.55
N PRO D 807 -50.98 -15.63 7.68
CA PRO D 807 -50.48 -16.33 8.86
C PRO D 807 -51.47 -17.32 9.43
N ASP D 808 -50.94 -18.38 10.04
CA ASP D 808 -51.75 -19.40 10.71
C ASP D 808 -51.58 -19.31 12.22
N PRO D 809 -52.68 -19.42 12.97
CA PRO D 809 -52.59 -19.28 14.44
C PRO D 809 -52.17 -20.54 15.17
N SER D 810 -51.95 -21.65 14.46
CA SER D 810 -51.66 -22.92 15.09
C SER D 810 -50.16 -23.20 15.21
N LYS D 811 -49.32 -22.19 15.00
CA LYS D 811 -47.88 -22.36 15.07
C LYS D 811 -47.32 -21.38 16.08
N PRO D 812 -46.32 -21.78 16.87
CA PRO D 812 -45.69 -20.83 17.80
C PRO D 812 -45.05 -19.64 17.11
N SER D 813 -44.48 -19.83 15.92
CA SER D 813 -43.81 -18.73 15.24
C SER D 813 -44.80 -17.77 14.60
N LYS D 814 -46.00 -18.25 14.24
CA LYS D 814 -47.05 -17.44 13.65
C LYS D 814 -46.60 -16.80 12.33
N ARG D 815 -46.32 -17.67 11.35
CA ARG D 815 -45.95 -17.21 10.02
C ARG D 815 -46.47 -18.19 8.98
N SER D 816 -46.59 -17.70 7.75
CA SER D 816 -47.27 -18.44 6.69
C SER D 816 -46.44 -19.64 6.23
N PRO D 817 -47.09 -20.61 5.58
CA PRO D 817 -46.34 -21.79 5.10
C PRO D 817 -45.17 -21.46 4.18
N ILE D 818 -45.32 -20.46 3.30
CA ILE D 818 -44.23 -20.12 2.39
C ILE D 818 -43.03 -19.58 3.17
N GLU D 819 -43.29 -18.75 4.19
CA GLU D 819 -42.20 -18.28 5.05
C GLU D 819 -41.54 -19.44 5.79
N ASP D 820 -42.35 -20.41 6.23
CA ASP D 820 -41.79 -21.59 6.90
C ASP D 820 -40.88 -22.37 5.97
N LEU D 821 -41.28 -22.54 4.70
CA LEU D 821 -40.41 -23.21 3.75
C LEU D 821 -39.14 -22.40 3.49
N LEU D 822 -39.26 -21.07 3.43
CA LEU D 822 -38.10 -20.24 3.12
C LEU D 822 -37.12 -20.17 4.29
N PHE D 823 -37.59 -20.33 5.52
CA PHE D 823 -36.68 -20.23 6.67
C PHE D 823 -35.71 -21.40 6.72
N ASN D 824 -36.22 -22.63 6.59
CA ASN D 824 -35.35 -23.80 6.69
C ASN D 824 -34.47 -24.02 5.46
N LYS D 825 -34.76 -23.31 4.37
CA LYS D 825 -33.99 -23.51 3.14
C LYS D 825 -32.62 -22.86 3.20
N VAL D 826 -32.49 -21.76 3.93
CA VAL D 826 -31.22 -21.04 4.03
C VAL D 826 -30.89 -20.71 5.47
N LYS D 854 -13.26 -17.60 17.02
CA LYS D 854 -13.86 -16.53 17.81
C LYS D 854 -12.79 -15.74 18.56
N PHE D 855 -13.23 -14.91 19.50
CA PHE D 855 -12.35 -14.12 20.35
C PHE D 855 -11.45 -13.23 19.50
N ASN D 856 -10.31 -12.81 20.07
CA ASN D 856 -9.36 -11.93 19.40
C ASN D 856 -10.01 -10.62 18.99
N GLY D 857 -10.99 -10.16 19.75
CA GLY D 857 -11.65 -8.90 19.46
C GLY D 857 -12.62 -8.96 18.30
N LEU D 858 -13.43 -10.01 18.22
CA LEU D 858 -14.43 -10.15 17.17
C LEU D 858 -15.78 -10.38 17.82
N THR D 859 -16.71 -9.45 17.62
CA THR D 859 -18.05 -9.54 18.18
C THR D 859 -19.09 -9.36 17.08
N VAL D 860 -20.30 -9.86 17.35
CA VAL D 860 -21.44 -9.73 16.44
C VAL D 860 -22.60 -9.14 17.22
N LEU D 861 -23.20 -8.07 16.70
CA LEU D 861 -24.26 -7.34 17.38
C LEU D 861 -25.63 -7.76 16.83
N PRO D 862 -26.68 -7.63 17.63
CA PRO D 862 -28.01 -8.05 17.17
C PRO D 862 -28.74 -6.94 16.46
N PRO D 863 -29.62 -7.26 15.51
CA PRO D 863 -30.40 -6.22 14.83
C PRO D 863 -31.49 -5.65 15.73
N LEU D 864 -31.94 -4.46 15.36
CA LEU D 864 -32.94 -3.77 16.18
C LEU D 864 -34.31 -4.42 16.05
N LEU D 865 -34.72 -4.75 14.83
CA LEU D 865 -36.02 -5.36 14.58
C LEU D 865 -35.87 -6.88 14.52
N THR D 866 -36.67 -7.59 15.31
CA THR D 866 -36.67 -9.04 15.29
C THR D 866 -37.45 -9.55 14.09
N ASP D 867 -37.55 -10.88 13.97
CA ASP D 867 -38.28 -11.48 12.86
C ASP D 867 -39.79 -11.38 13.03
N GLU D 868 -40.28 -11.48 14.27
CA GLU D 868 -41.71 -11.39 14.51
C GLU D 868 -42.28 -10.05 14.05
N MET D 869 -41.55 -8.96 14.33
CA MET D 869 -42.02 -7.64 13.94
C MET D 869 -42.11 -7.49 12.42
N ILE D 870 -41.13 -8.05 11.70
CA ILE D 870 -41.18 -8.03 10.25
C ILE D 870 -42.37 -8.85 9.75
N ALA D 871 -42.66 -9.97 10.42
CA ALA D 871 -43.83 -10.75 10.06
C ALA D 871 -45.11 -9.95 10.25
N GLN D 872 -45.19 -9.18 11.35
CA GLN D 872 -46.38 -8.33 11.55
C GLN D 872 -46.49 -7.28 10.46
N TYR D 873 -45.38 -6.68 10.06
CA TYR D 873 -45.43 -5.68 9.00
C TYR D 873 -45.96 -6.29 7.69
N THR D 874 -45.44 -7.46 7.33
CA THR D 874 -45.90 -8.12 6.10
C THR D 874 -47.37 -8.49 6.19
N SER D 875 -47.82 -8.97 7.34
CA SER D 875 -49.22 -9.33 7.51
C SER D 875 -50.12 -8.09 7.39
N ALA D 876 -49.68 -6.97 7.96
CA ALA D 876 -50.46 -5.74 7.83
C ALA D 876 -50.56 -5.30 6.38
N LEU D 877 -49.46 -5.39 5.63
CA LEU D 877 -49.51 -5.02 4.22
C LEU D 877 -50.47 -5.92 3.44
N LEU D 878 -50.43 -7.23 3.71
CA LEU D 878 -51.33 -8.14 3.01
C LEU D 878 -52.78 -7.84 3.34
N ALA D 879 -53.08 -7.61 4.62
CA ALA D 879 -54.46 -7.31 4.99
C ALA D 879 -54.94 -6.03 4.34
N GLY D 880 -54.10 -5.00 4.32
CA GLY D 880 -54.47 -3.75 3.66
C GLY D 880 -54.73 -3.94 2.18
N THR D 881 -53.89 -4.70 1.50
CA THR D 881 -54.08 -4.88 0.06
C THR D 881 -55.25 -5.79 -0.27
N ILE D 882 -55.67 -6.65 0.65
CA ILE D 882 -56.79 -7.54 0.38
C ILE D 882 -58.12 -6.88 0.69
N THR D 883 -58.23 -6.16 1.81
CA THR D 883 -59.52 -5.63 2.22
C THR D 883 -59.79 -4.21 1.75
N SER D 884 -58.80 -3.53 1.16
CA SER D 884 -58.99 -2.11 0.85
C SER D 884 -58.54 -1.68 -0.54
N GLY D 885 -57.80 -2.49 -1.29
CA GLY D 885 -57.34 -2.08 -2.60
C GLY D 885 -56.07 -1.26 -2.54
N TRP D 886 -55.95 -0.27 -3.42
CA TRP D 886 -54.79 0.62 -3.44
C TRP D 886 -55.05 1.92 -2.69
N THR D 887 -56.15 2.02 -1.96
CA THR D 887 -56.54 3.29 -1.35
C THR D 887 -55.68 3.65 -0.15
N PHE D 888 -55.26 2.65 0.64
CA PHE D 888 -54.60 2.95 1.90
C PHE D 888 -53.18 3.48 1.73
N GLY D 889 -52.63 3.46 0.51
CA GLY D 889 -51.34 4.06 0.27
C GLY D 889 -51.36 5.54 -0.04
N ALA D 890 -52.54 6.15 -0.08
CA ALA D 890 -52.68 7.57 -0.35
C ALA D 890 -53.54 8.31 0.66
N GLY D 891 -54.24 7.60 1.54
CA GLY D 891 -55.11 8.23 2.51
C GLY D 891 -55.80 7.20 3.39
N PRO D 892 -56.96 7.55 3.93
CA PRO D 892 -57.70 6.59 4.76
C PRO D 892 -58.16 5.39 3.96
N ALA D 893 -58.19 4.24 4.63
CA ALA D 893 -58.53 2.99 3.97
C ALA D 893 -60.04 2.91 3.72
N LEU D 894 -60.42 2.61 2.48
CA LEU D 894 -61.81 2.46 2.09
C LEU D 894 -62.05 1.04 1.62
N GLN D 895 -63.10 0.42 2.15
CA GLN D 895 -63.40 -0.96 1.82
C GLN D 895 -63.96 -1.09 0.40
N ILE D 896 -63.76 -2.26 -0.20
CA ILE D 896 -64.29 -2.57 -1.52
C ILE D 896 -64.23 -4.08 -1.73
N PRO D 897 -65.30 -4.71 -2.21
CA PRO D 897 -65.27 -6.16 -2.44
C PRO D 897 -64.21 -6.55 -3.46
N PHE D 898 -63.63 -7.74 -3.26
CA PHE D 898 -62.47 -8.15 -4.04
C PHE D 898 -62.76 -8.32 -5.52
N PRO D 899 -63.84 -8.99 -5.95
CA PRO D 899 -64.09 -9.07 -7.40
C PRO D 899 -64.23 -7.72 -8.07
N MET D 900 -64.79 -6.72 -7.39
CA MET D 900 -64.85 -5.38 -7.96
C MET D 900 -63.46 -4.75 -8.07
N GLN D 901 -62.58 -5.03 -7.12
CA GLN D 901 -61.19 -4.59 -7.23
C GLN D 901 -60.51 -5.22 -8.44
N MET D 902 -60.76 -6.52 -8.65
CA MET D 902 -60.20 -7.19 -9.83
C MET D 902 -60.77 -6.60 -11.11
N ALA D 903 -62.05 -6.24 -11.11
CA ALA D 903 -62.65 -5.58 -12.28
C ALA D 903 -61.98 -4.23 -12.55
N TYR D 904 -61.71 -3.47 -11.50
CA TYR D 904 -60.94 -2.23 -11.65
C TYR D 904 -59.58 -2.52 -12.28
N ARG D 905 -58.88 -3.53 -11.78
CA ARG D 905 -57.54 -3.81 -12.28
C ARG D 905 -57.54 -4.31 -13.71
N PHE D 906 -58.63 -4.96 -14.14
CA PHE D 906 -58.74 -5.36 -15.54
C PHE D 906 -58.82 -4.14 -16.46
N ASN D 907 -59.52 -3.10 -16.03
CA ASN D 907 -59.68 -1.90 -16.85
C ASN D 907 -58.33 -1.23 -17.11
N GLY D 908 -57.37 -1.36 -16.20
CA GLY D 908 -56.09 -0.70 -16.35
C GLY D 908 -55.23 -1.27 -17.46
N ILE D 909 -55.44 -2.53 -17.83
CA ILE D 909 -54.68 -3.16 -18.91
C ILE D 909 -55.45 -3.17 -20.22
N GLY D 910 -56.62 -2.53 -20.26
CA GLY D 910 -57.33 -2.38 -21.52
C GLY D 910 -58.35 -3.45 -21.84
N VAL D 911 -58.89 -4.13 -20.84
CA VAL D 911 -59.90 -5.17 -21.05
C VAL D 911 -61.16 -4.76 -20.30
N THR D 912 -62.30 -4.81 -20.98
CA THR D 912 -63.56 -4.33 -20.42
C THR D 912 -64.05 -5.30 -19.34
N GLN D 913 -64.85 -4.77 -18.41
CA GLN D 913 -65.14 -5.44 -17.15
C GLN D 913 -66.21 -6.54 -17.25
N ASN D 914 -66.90 -6.69 -18.38
CA ASN D 914 -67.78 -7.85 -18.48
C ASN D 914 -67.02 -9.15 -18.72
N VAL D 915 -65.73 -9.06 -19.06
CA VAL D 915 -64.93 -10.27 -19.23
C VAL D 915 -64.72 -10.96 -17.89
N LEU D 916 -64.50 -10.18 -16.83
CA LEU D 916 -64.23 -10.77 -15.52
C LEU D 916 -65.46 -11.45 -14.94
N TYR D 917 -66.60 -10.76 -14.95
CA TYR D 917 -67.79 -11.27 -14.27
C TYR D 917 -68.29 -12.55 -14.91
N GLU D 918 -68.25 -12.64 -16.23
CA GLU D 918 -68.74 -13.82 -16.92
C GLU D 918 -67.79 -15.00 -16.84
N ASN D 919 -66.55 -14.80 -16.40
CA ASN D 919 -65.59 -15.89 -16.24
C ASN D 919 -64.94 -15.84 -14.86
N GLN D 920 -65.75 -15.59 -13.83
CA GLN D 920 -65.21 -15.50 -12.47
C GLN D 920 -64.73 -16.85 -11.97
N LYS D 921 -65.53 -17.90 -12.19
CA LYS D 921 -65.20 -19.22 -11.66
C LYS D 921 -63.99 -19.84 -12.34
N LEU D 922 -63.58 -19.32 -13.50
CA LEU D 922 -62.39 -19.80 -14.17
C LEU D 922 -61.14 -19.08 -13.70
N ILE D 923 -61.23 -17.75 -13.55
CA ILE D 923 -60.11 -16.97 -13.03
C ILE D 923 -59.80 -17.38 -11.61
N ALA D 924 -60.83 -17.65 -10.81
CA ALA D 924 -60.60 -18.08 -9.43
C ALA D 924 -59.83 -19.39 -9.38
N ASN D 925 -60.23 -20.36 -10.20
CA ASN D 925 -59.54 -21.65 -10.23
C ASN D 925 -58.11 -21.50 -10.72
N GLN D 926 -57.88 -20.69 -11.76
CA GLN D 926 -56.53 -20.50 -12.26
C GLN D 926 -55.64 -19.85 -11.20
N PHE D 927 -56.16 -18.86 -10.49
CA PHE D 927 -55.39 -18.22 -9.42
C PHE D 927 -55.07 -19.20 -8.31
N ASN D 928 -56.05 -20.01 -7.89
CA ASN D 928 -55.81 -20.95 -6.82
C ASN D 928 -54.79 -22.00 -7.21
N SER D 929 -54.85 -22.49 -8.45
CA SER D 929 -53.88 -23.48 -8.91
C SER D 929 -52.50 -22.88 -9.07
N ALA D 930 -52.41 -21.60 -9.45
CA ALA D 930 -51.11 -20.99 -9.69
C ALA D 930 -50.28 -20.90 -8.41
N ILE D 931 -50.92 -20.53 -7.29
CA ILE D 931 -50.17 -20.39 -6.04
C ILE D 931 -49.70 -21.74 -5.53
N GLY D 932 -50.52 -22.78 -5.69
CA GLY D 932 -50.17 -24.09 -5.17
C GLY D 932 -48.91 -24.69 -5.76
N LYS D 933 -48.46 -24.19 -6.92
CA LYS D 933 -47.25 -24.69 -7.54
C LYS D 933 -45.99 -23.95 -7.09
N ILE D 934 -46.13 -22.90 -6.29
CA ILE D 934 -44.96 -22.19 -5.79
C ILE D 934 -44.21 -23.04 -4.76
N GLN D 935 -44.95 -23.72 -3.87
CA GLN D 935 -44.32 -24.57 -2.87
C GLN D 935 -43.54 -25.70 -3.51
N ASP D 936 -44.13 -26.35 -4.53
CA ASP D 936 -43.46 -27.47 -5.17
C ASP D 936 -42.21 -27.05 -5.93
N SER D 937 -42.11 -25.78 -6.32
CA SER D 937 -40.91 -25.29 -6.99
C SER D 937 -39.87 -24.77 -6.01
N LEU D 938 -40.29 -24.19 -4.89
CA LEU D 938 -39.32 -23.72 -3.90
C LEU D 938 -38.72 -24.88 -3.12
N SER D 939 -39.54 -25.88 -2.78
CA SER D 939 -39.03 -27.03 -2.03
C SER D 939 -37.97 -27.79 -2.82
N SER D 940 -38.22 -28.03 -4.10
CA SER D 940 -37.22 -28.62 -4.97
C SER D 940 -36.28 -27.52 -5.48
N THR D 941 -35.26 -27.93 -6.24
CA THR D 941 -34.26 -27.02 -6.79
C THR D 941 -33.66 -26.16 -5.68
N PRO D 942 -32.81 -26.72 -4.82
CA PRO D 942 -32.30 -25.94 -3.67
C PRO D 942 -31.50 -24.72 -4.07
N SER D 943 -31.02 -24.65 -5.31
CA SER D 943 -30.27 -23.49 -5.78
C SER D 943 -31.15 -22.30 -6.13
N ALA D 944 -32.44 -22.34 -5.75
CA ALA D 944 -33.32 -21.22 -6.06
C ALA D 944 -32.93 -19.96 -5.30
N LEU D 945 -32.61 -20.10 -4.01
CA LEU D 945 -32.22 -18.96 -3.19
C LEU D 945 -30.71 -18.73 -3.22
N GLY D 946 -30.16 -18.62 -4.43
CA GLY D 946 -28.73 -18.43 -4.58
C GLY D 946 -28.25 -17.01 -4.36
N LYS D 947 -29.15 -16.04 -4.45
CA LYS D 947 -28.76 -14.65 -4.23
C LYS D 947 -28.64 -14.30 -2.75
N LEU D 948 -29.17 -15.12 -1.87
CA LEU D 948 -29.13 -14.84 -0.44
C LEU D 948 -28.07 -15.66 0.30
N GLN D 949 -27.73 -16.84 -0.21
CA GLN D 949 -26.62 -17.59 0.36
C GLN D 949 -25.27 -17.01 -0.06
N ASP D 950 -25.21 -16.40 -1.24
CA ASP D 950 -23.95 -15.86 -1.74
C ASP D 950 -23.49 -14.63 -0.98
N VAL D 951 -24.35 -14.02 -0.18
CA VAL D 951 -23.94 -12.88 0.62
C VAL D 951 -23.55 -13.31 2.04
N VAL D 952 -24.12 -14.41 2.53
CA VAL D 952 -23.69 -14.95 3.82
C VAL D 952 -22.31 -15.57 3.71
N ASN D 953 -22.02 -16.25 2.60
CA ASN D 953 -20.73 -16.91 2.43
C ASN D 953 -19.60 -15.90 2.32
N GLN D 954 -19.82 -14.80 1.61
CA GLN D 954 -18.75 -13.84 1.39
C GLN D 954 -18.28 -13.20 2.69
N ASN D 955 -19.23 -12.88 3.58
CA ASN D 955 -18.87 -12.31 4.87
C ASN D 955 -18.07 -13.29 5.72
N ALA D 956 -18.48 -14.56 5.73
CA ALA D 956 -17.80 -15.53 6.58
C ALA D 956 -16.45 -15.96 5.99
N GLN D 957 -16.26 -15.77 4.68
CA GLN D 957 -14.97 -16.08 4.08
C GLN D 957 -13.95 -14.98 4.35
N ALA D 958 -14.40 -13.81 4.79
CA ALA D 958 -13.48 -12.72 5.13
C ALA D 958 -13.09 -12.72 6.60
N LEU D 959 -13.92 -13.29 7.47
CA LEU D 959 -13.56 -13.39 8.88
C LEU D 959 -12.56 -14.52 9.11
N ASN D 960 -12.55 -15.53 8.25
CA ASN D 960 -11.59 -16.62 8.40
C ASN D 960 -10.19 -16.18 8.03
N THR D 961 -10.04 -15.43 6.93
CA THR D 961 -8.73 -14.98 6.51
C THR D 961 -8.11 -13.99 7.49
N LEU D 962 -8.93 -13.30 8.29
CA LEU D 962 -8.39 -12.37 9.28
C LEU D 962 -7.79 -13.11 10.46
N VAL D 963 -8.48 -14.13 10.97
CA VAL D 963 -7.96 -14.90 12.10
C VAL D 963 -6.77 -15.74 11.67
N LYS D 964 -6.82 -16.32 10.48
CA LYS D 964 -5.74 -17.18 9.99
C LYS D 964 -4.44 -16.40 9.78
N GLN D 965 -4.50 -15.09 9.70
CA GLN D 965 -3.30 -14.29 9.49
C GLN D 965 -2.57 -13.95 10.78
N LEU D 966 -3.05 -14.44 11.91
CA LEU D 966 -2.33 -14.31 13.17
C LEU D 966 -1.27 -15.40 13.34
N SER D 967 -1.19 -16.35 12.41
CA SER D 967 -0.21 -17.42 12.45
C SER D 967 0.96 -17.17 11.53
N SER D 968 1.11 -15.95 11.02
CA SER D 968 2.25 -15.56 10.21
C SER D 968 3.25 -14.81 11.06
N ASN D 969 4.52 -14.89 10.68
CA ASN D 969 5.64 -14.41 11.47
C ASN D 969 6.52 -13.48 10.66
N PHE D 970 5.90 -12.46 10.05
CA PHE D 970 6.58 -11.62 9.07
C PHE D 970 7.97 -11.19 9.54
N GLY D 971 9.00 -11.68 8.87
CA GLY D 971 10.38 -11.41 9.19
C GLY D 971 10.76 -11.38 10.66
N ALA D 972 10.26 -12.33 11.44
CA ALA D 972 10.51 -12.34 12.88
C ALA D 972 10.92 -13.75 13.31
N ILE D 973 11.09 -13.92 14.62
CA ILE D 973 11.51 -15.20 15.17
C ILE D 973 10.31 -16.14 15.35
N SER D 974 9.25 -15.67 16.00
CA SER D 974 8.07 -16.48 16.26
C SER D 974 6.84 -15.68 15.87
N SER D 975 5.67 -16.31 16.01
CA SER D 975 4.39 -15.67 15.72
C SER D 975 3.62 -15.28 16.97
N VAL D 976 4.01 -15.77 18.14
CA VAL D 976 3.32 -15.51 19.39
C VAL D 976 4.15 -14.55 20.23
N LEU D 977 3.50 -13.54 20.79
CA LEU D 977 4.19 -12.44 21.44
C LEU D 977 4.68 -12.78 22.84
N ASN D 978 4.32 -13.94 23.39
CA ASN D 978 4.79 -14.33 24.71
C ASN D 978 6.06 -15.18 24.63
N ASP D 979 6.65 -15.34 23.44
CA ASP D 979 7.94 -15.99 23.28
C ASP D 979 9.06 -15.03 22.94
N ILE D 980 8.78 -13.98 22.17
CA ILE D 980 9.78 -12.95 21.96
C ILE D 980 9.96 -12.10 23.21
N LEU D 981 9.02 -12.17 24.15
CA LEU D 981 9.11 -11.45 25.41
C LEU D 981 9.68 -12.31 26.54
N SER D 982 9.87 -13.61 26.31
CA SER D 982 10.41 -14.49 27.32
C SER D 982 11.78 -15.05 26.97
N ARG D 983 12.22 -14.90 25.72
CA ARG D 983 13.52 -15.40 25.29
C ARG D 983 14.47 -14.28 24.89
N LEU D 984 14.14 -13.03 25.18
CA LEU D 984 14.97 -11.93 24.70
C LEU D 984 14.95 -10.80 25.71
N ASP D 985 16.02 -10.00 25.67
CA ASP D 985 16.15 -8.83 26.52
C ASP D 985 15.33 -7.66 25.97
N PRO D 986 14.96 -6.71 26.83
CA PRO D 986 14.16 -5.56 26.38
C PRO D 986 14.80 -4.81 25.22
N PRO D 987 16.09 -4.45 25.28
CA PRO D 987 16.64 -3.63 24.19
C PRO D 987 16.62 -4.33 22.83
N GLU D 988 16.68 -5.66 22.81
CA GLU D 988 16.65 -6.39 21.55
C GLU D 988 15.25 -6.81 21.15
N ALA D 989 14.35 -7.01 22.11
CA ALA D 989 12.99 -7.46 21.82
C ALA D 989 12.06 -6.29 21.51
N GLU D 990 12.53 -5.39 20.65
CA GLU D 990 11.70 -4.32 20.11
C GLU D 990 11.81 -4.19 18.60
N VAL D 991 12.90 -4.66 17.99
CA VAL D 991 12.95 -4.77 16.53
C VAL D 991 12.02 -5.87 16.05
N GLN D 992 11.95 -6.97 16.80
CA GLN D 992 11.08 -8.07 16.40
C GLN D 992 9.61 -7.75 16.64
N ILE D 993 9.31 -7.03 17.72
CA ILE D 993 7.92 -6.67 17.99
C ILE D 993 7.41 -5.67 16.97
N ASP D 994 8.26 -4.73 16.55
CA ASP D 994 7.84 -3.71 15.60
C ASP D 994 7.52 -4.29 14.24
N ARG D 995 8.10 -5.44 13.90
CA ARG D 995 7.81 -6.06 12.61
C ARG D 995 6.45 -6.74 12.58
N LEU D 996 6.03 -7.33 13.71
CA LEU D 996 4.71 -7.95 13.78
C LEU D 996 3.61 -6.91 13.70
N ILE D 997 3.81 -5.75 14.33
CA ILE D 997 2.77 -4.71 14.34
C ILE D 997 2.49 -4.22 12.94
N THR D 998 3.54 -3.95 12.15
CA THR D 998 3.35 -3.43 10.81
C THR D 998 2.62 -4.39 9.90
N GLY D 999 2.63 -5.69 10.21
CA GLY D 999 1.94 -6.65 9.39
C GLY D 999 0.49 -6.85 9.79
N ARG D 1000 0.20 -6.76 11.09
CA ARG D 1000 -1.16 -6.90 11.55
C ARG D 1000 -2.00 -5.66 11.26
N LEU D 1001 -1.37 -4.50 11.11
CA LEU D 1001 -2.11 -3.30 10.75
C LEU D 1001 -2.52 -3.33 9.29
N GLN D 1002 -1.66 -3.87 8.42
CA GLN D 1002 -2.01 -4.00 7.00
C GLN D 1002 -3.14 -5.00 6.81
N SER D 1003 -3.15 -6.08 7.58
CA SER D 1003 -4.23 -7.04 7.49
C SER D 1003 -5.55 -6.43 7.93
N LEU D 1004 -5.53 -5.62 8.98
CA LEU D 1004 -6.73 -4.97 9.47
C LEU D 1004 -7.16 -3.78 8.62
N GLN D 1005 -6.30 -3.29 7.74
CA GLN D 1005 -6.66 -2.20 6.84
C GLN D 1005 -7.30 -2.69 5.55
N THR D 1006 -6.86 -3.85 5.05
CA THR D 1006 -7.49 -4.43 3.88
C THR D 1006 -8.92 -4.87 4.17
N TYR D 1007 -9.17 -5.35 5.40
CA TYR D 1007 -10.50 -5.82 5.75
C TYR D 1007 -11.54 -4.70 5.69
N VAL D 1008 -11.18 -3.52 6.20
CA VAL D 1008 -12.15 -2.43 6.29
C VAL D 1008 -12.48 -1.89 4.90
N THR D 1009 -11.48 -1.81 4.02
CA THR D 1009 -11.71 -1.26 2.69
C THR D 1009 -12.69 -2.11 1.90
N GLN D 1010 -12.60 -3.43 2.00
CA GLN D 1010 -13.49 -4.30 1.25
C GLN D 1010 -14.91 -4.30 1.82
N GLN D 1011 -15.04 -4.09 3.13
CA GLN D 1011 -16.36 -4.00 3.73
C GLN D 1011 -17.08 -2.73 3.28
N LEU D 1012 -16.34 -1.65 3.09
CA LEU D 1012 -16.94 -0.42 2.57
C LEU D 1012 -17.43 -0.59 1.16
N ILE D 1013 -16.67 -1.29 0.32
CA ILE D 1013 -17.08 -1.49 -1.08
C ILE D 1013 -18.27 -2.44 -1.15
N ARG D 1014 -18.26 -3.49 -0.32
CA ARG D 1014 -19.37 -4.44 -0.32
C ARG D 1014 -20.64 -3.83 0.26
N ALA D 1015 -20.52 -2.95 1.26
CA ALA D 1015 -21.69 -2.33 1.86
C ALA D 1015 -22.39 -1.42 0.86
N ALA D 1016 -21.63 -0.73 0.01
CA ALA D 1016 -22.24 0.16 -0.98
C ALA D 1016 -23.07 -0.62 -2.00
N GLU D 1017 -22.75 -1.89 -2.22
CA GLU D 1017 -23.52 -2.70 -3.16
C GLU D 1017 -24.86 -3.13 -2.58
N ILE D 1018 -24.91 -3.41 -1.28
CA ILE D 1018 -26.17 -3.82 -0.65
C ILE D 1018 -27.13 -2.64 -0.59
N ARG D 1019 -26.62 -1.43 -0.36
CA ARG D 1019 -27.49 -0.25 -0.30
C ARG D 1019 -28.19 0.00 -1.62
N ALA D 1020 -27.57 -0.38 -2.75
CA ALA D 1020 -28.24 -0.28 -4.04
C ALA D 1020 -29.44 -1.20 -4.12
N SER D 1021 -29.30 -2.44 -3.63
CA SER D 1021 -30.41 -3.38 -3.67
C SER D 1021 -31.54 -2.96 -2.75
N ALA D 1022 -31.22 -2.43 -1.56
CA ALA D 1022 -32.25 -1.97 -0.65
C ALA D 1022 -32.99 -0.77 -1.20
N ASN D 1023 -32.33 0.05 -2.01
CA ASN D 1023 -33.00 1.19 -2.64
C ASN D 1023 -33.89 0.74 -3.78
N LEU D 1024 -33.55 -0.36 -4.44
CA LEU D 1024 -34.41 -0.89 -5.50
C LEU D 1024 -35.64 -1.58 -4.92
N ALA D 1025 -35.47 -2.33 -3.83
CA ALA D 1025 -36.59 -3.06 -3.25
C ALA D 1025 -37.67 -2.11 -2.73
N ALA D 1026 -37.26 -1.00 -2.11
CA ALA D 1026 -38.23 -0.04 -1.60
C ALA D 1026 -39.01 0.64 -2.71
N THR D 1027 -38.49 0.65 -3.93
CA THR D 1027 -39.26 1.17 -5.06
C THR D 1027 -40.30 0.16 -5.51
N LYS D 1028 -39.97 -1.13 -5.49
CA LYS D 1028 -40.94 -2.15 -5.89
C LYS D 1028 -42.07 -2.32 -4.88
N MET D 1029 -41.83 -1.98 -3.62
CA MET D 1029 -42.90 -2.06 -2.63
C MET D 1029 -43.88 -0.91 -2.77
N SER D 1030 -43.40 0.28 -3.14
CA SER D 1030 -44.27 1.42 -3.33
C SER D 1030 -45.02 1.37 -4.65
N GLU D 1031 -44.43 0.78 -5.69
CA GLU D 1031 -44.96 0.87 -7.04
C GLU D 1031 -45.64 -0.39 -7.55
N CYS D 1032 -45.26 -1.57 -7.05
CA CYS D 1032 -45.87 -2.81 -7.50
C CYS D 1032 -46.74 -3.48 -6.43
N VAL D 1033 -46.73 -2.98 -5.19
CA VAL D 1033 -47.55 -3.52 -4.12
C VAL D 1033 -48.60 -2.52 -3.66
N LEU D 1034 -48.22 -1.25 -3.53
CA LEU D 1034 -49.15 -0.21 -3.12
C LEU D 1034 -49.96 0.35 -4.28
N GLY D 1035 -49.72 -0.11 -5.50
CA GLY D 1035 -50.47 0.36 -6.65
C GLY D 1035 -50.13 -0.46 -7.87
N GLN D 1036 -50.80 -0.14 -8.97
CA GLN D 1036 -50.56 -0.78 -10.25
C GLN D 1036 -49.48 -0.01 -11.03
N SER D 1037 -48.82 -0.72 -11.93
CA SER D 1037 -47.68 -0.18 -12.67
C SER D 1037 -47.87 -0.40 -14.17
N LYS D 1038 -47.52 0.62 -14.94
CA LYS D 1038 -47.56 0.55 -16.40
C LYS D 1038 -46.19 0.36 -17.02
N ARG D 1039 -45.14 0.31 -16.23
CA ARG D 1039 -43.80 0.05 -16.76
C ARG D 1039 -43.67 -1.40 -17.19
N VAL D 1040 -42.81 -1.63 -18.18
CA VAL D 1040 -42.67 -2.93 -18.79
C VAL D 1040 -41.54 -3.69 -18.11
N ASP D 1041 -41.83 -4.91 -17.68
CA ASP D 1041 -40.88 -5.83 -17.06
C ASP D 1041 -40.36 -5.33 -15.72
N PHE D 1042 -41.02 -4.33 -15.12
CA PHE D 1042 -40.59 -3.87 -13.80
C PHE D 1042 -40.92 -4.90 -12.73
N CYS D 1043 -42.14 -5.42 -12.75
CA CYS D 1043 -42.53 -6.52 -11.85
C CYS D 1043 -43.34 -7.52 -12.64
N GLY D 1044 -42.66 -8.51 -13.21
CA GLY D 1044 -43.29 -9.64 -13.87
C GLY D 1044 -42.98 -9.69 -15.36
N LYS D 1045 -43.54 -10.71 -16.00
CA LYS D 1045 -43.45 -10.92 -17.44
C LYS D 1045 -44.89 -11.01 -17.96
N GLY D 1046 -45.44 -9.88 -18.35
CA GLY D 1046 -46.81 -9.80 -18.80
C GLY D 1046 -47.39 -8.44 -18.46
N TYR D 1047 -48.70 -8.41 -18.25
CA TYR D 1047 -49.41 -7.21 -17.82
C TYR D 1047 -49.69 -7.31 -16.32
N HIS D 1048 -49.24 -6.31 -15.58
CA HIS D 1048 -49.30 -6.36 -14.13
C HIS D 1048 -50.73 -6.26 -13.62
N LEU D 1049 -51.07 -7.10 -12.65
CA LEU D 1049 -52.35 -7.04 -11.96
C LEU D 1049 -52.19 -6.68 -10.49
N MET D 1050 -51.42 -7.46 -9.73
CA MET D 1050 -51.19 -7.19 -8.31
C MET D 1050 -49.99 -8.03 -7.85
N SER D 1051 -49.57 -7.77 -6.62
CA SER D 1051 -48.39 -8.43 -6.06
C SER D 1051 -48.53 -8.55 -4.55
N PHE D 1052 -47.80 -9.50 -3.99
CA PHE D 1052 -47.81 -9.81 -2.56
C PHE D 1052 -46.40 -9.95 -2.01
N PRO D 1053 -46.11 -9.38 -0.85
CA PRO D 1053 -44.79 -9.52 -0.25
C PRO D 1053 -44.69 -10.69 0.74
N GLN D 1054 -43.48 -11.19 0.90
CA GLN D 1054 -43.17 -12.24 1.87
C GLN D 1054 -41.80 -11.96 2.49
N SER D 1055 -41.55 -12.59 3.64
CA SER D 1055 -40.35 -12.34 4.42
C SER D 1055 -39.33 -13.45 4.24
N ALA D 1056 -38.07 -13.06 4.28
CA ALA D 1056 -36.92 -13.94 4.11
C ALA D 1056 -35.91 -13.65 5.21
N PRO D 1057 -34.98 -14.58 5.47
CA PRO D 1057 -34.02 -14.36 6.58
C PRO D 1057 -33.23 -13.07 6.48
N HIS D 1058 -32.80 -12.67 5.29
CA HIS D 1058 -32.10 -11.39 5.16
C HIS D 1058 -32.56 -10.62 3.93
N GLY D 1059 -33.77 -10.86 3.45
CA GLY D 1059 -34.27 -10.17 2.29
C GLY D 1059 -35.77 -10.24 2.22
N VAL D 1060 -36.30 -9.99 1.01
CA VAL D 1060 -37.74 -9.99 0.78
C VAL D 1060 -38.01 -10.75 -0.51
N VAL D 1061 -39.13 -11.48 -0.54
CA VAL D 1061 -39.55 -12.25 -1.70
C VAL D 1061 -40.88 -11.68 -2.19
N PHE D 1062 -40.94 -11.40 -3.49
CA PHE D 1062 -42.13 -10.83 -4.13
C PHE D 1062 -42.83 -11.89 -4.97
N LEU D 1063 -44.15 -11.95 -4.87
CA LEU D 1063 -44.97 -12.81 -5.70
C LEU D 1063 -45.79 -11.94 -6.65
N HIS D 1064 -45.58 -12.10 -7.94
CA HIS D 1064 -46.14 -11.24 -8.97
C HIS D 1064 -47.24 -11.97 -9.73
N VAL D 1065 -48.39 -11.31 -9.89
CA VAL D 1065 -49.52 -11.84 -10.65
C VAL D 1065 -49.65 -11.05 -11.94
N THR D 1066 -49.72 -11.76 -13.07
CA THR D 1066 -49.71 -11.14 -14.38
C THR D 1066 -50.79 -11.75 -15.27
N TYR D 1067 -50.93 -11.18 -16.47
CA TYR D 1067 -51.94 -11.57 -17.45
C TYR D 1067 -51.26 -11.95 -18.74
N VAL D 1068 -51.68 -13.06 -19.34
CA VAL D 1068 -51.05 -13.56 -20.56
C VAL D 1068 -52.11 -14.02 -21.56
N PRO D 1069 -52.10 -13.51 -22.78
CA PRO D 1069 -53.06 -13.95 -23.79
C PRO D 1069 -52.71 -15.31 -24.38
N ALA D 1070 -53.69 -15.92 -25.03
CA ALA D 1070 -53.51 -17.25 -25.60
C ALA D 1070 -54.53 -17.47 -26.72
N GLN D 1071 -54.28 -18.49 -27.52
CA GLN D 1071 -55.18 -18.97 -28.57
C GLN D 1071 -55.51 -17.89 -29.59
N GLU D 1072 -54.47 -17.51 -30.33
CA GLU D 1072 -54.59 -16.48 -31.36
C GLU D 1072 -55.30 -17.02 -32.60
N LYS D 1073 -55.87 -16.10 -33.37
CA LYS D 1073 -56.52 -16.39 -34.64
C LYS D 1073 -56.42 -15.18 -35.54
N ASN D 1074 -56.35 -15.41 -36.86
CA ASN D 1074 -56.09 -14.35 -37.81
C ASN D 1074 -57.35 -13.87 -38.52
N PHE D 1075 -57.30 -12.63 -38.99
CA PHE D 1075 -58.43 -11.98 -39.64
C PHE D 1075 -57.90 -11.06 -40.75
N THR D 1076 -58.82 -10.28 -41.33
CA THR D 1076 -58.50 -9.29 -42.35
C THR D 1076 -58.98 -7.92 -41.89
N THR D 1077 -58.15 -6.90 -42.08
CA THR D 1077 -58.39 -5.60 -41.48
C THR D 1077 -58.35 -4.50 -42.53
N ALA D 1078 -59.01 -3.39 -42.20
CA ALA D 1078 -59.06 -2.19 -43.01
C ALA D 1078 -58.98 -0.98 -42.10
N PRO D 1079 -58.43 0.14 -42.58
CA PRO D 1079 -58.27 1.32 -41.72
C PRO D 1079 -59.53 2.18 -41.61
N ALA D 1080 -60.40 2.13 -42.61
CA ALA D 1080 -61.58 3.00 -42.62
C ALA D 1080 -62.68 2.34 -43.45
N ILE D 1081 -63.89 2.86 -43.29
CA ILE D 1081 -65.07 2.39 -44.02
C ILE D 1081 -65.75 3.60 -44.66
N CYS D 1082 -66.07 3.49 -45.94
CA CYS D 1082 -66.70 4.57 -46.70
C CYS D 1082 -68.18 4.28 -46.89
N HIS D 1083 -69.02 5.25 -46.54
CA HIS D 1083 -70.47 5.09 -46.62
C HIS D 1083 -71.09 6.46 -46.87
N ASP D 1084 -71.77 6.60 -48.01
CA ASP D 1084 -72.37 7.87 -48.42
C ASP D 1084 -71.31 8.97 -48.53
N GLY D 1085 -70.14 8.62 -49.06
CA GLY D 1085 -69.08 9.59 -49.27
C GLY D 1085 -68.48 10.14 -47.99
N LYS D 1086 -68.36 9.32 -46.95
CA LYS D 1086 -67.80 9.75 -45.68
C LYS D 1086 -66.84 8.69 -45.18
N ALA D 1087 -65.89 9.10 -44.36
CA ALA D 1087 -64.89 8.21 -43.78
C ALA D 1087 -65.21 7.99 -42.31
N HIS D 1088 -65.27 6.72 -41.90
CA HIS D 1088 -65.64 6.33 -40.56
C HIS D 1088 -64.47 5.63 -39.89
N PHE D 1089 -64.13 6.06 -38.68
CA PHE D 1089 -63.03 5.49 -37.91
C PHE D 1089 -63.56 4.89 -36.61
N PRO D 1090 -62.97 3.79 -36.15
CA PRO D 1090 -63.39 3.22 -34.87
C PRO D 1090 -62.99 4.11 -33.71
N ARG D 1091 -63.77 4.04 -32.64
CA ARG D 1091 -63.50 4.86 -31.47
C ARG D 1091 -62.43 4.23 -30.59
N GLU D 1092 -62.69 3.02 -30.08
CA GLU D 1092 -61.68 2.23 -29.38
C GLU D 1092 -61.87 0.79 -29.87
N GLY D 1093 -61.17 0.44 -30.94
CA GLY D 1093 -61.30 -0.90 -31.48
C GLY D 1093 -60.67 -1.01 -32.85
N VAL D 1094 -60.91 -2.15 -33.49
CA VAL D 1094 -60.36 -2.48 -34.79
C VAL D 1094 -61.50 -2.99 -35.68
N PHE D 1095 -61.35 -2.80 -36.98
CA PHE D 1095 -62.28 -3.31 -37.97
C PHE D 1095 -61.74 -4.63 -38.51
N VAL D 1096 -62.51 -5.71 -38.35
CA VAL D 1096 -62.09 -7.04 -38.76
C VAL D 1096 -63.18 -7.68 -39.60
N SER D 1097 -62.82 -8.74 -40.31
CA SER D 1097 -63.72 -9.42 -41.24
C SER D 1097 -63.70 -10.91 -40.97
N ASN D 1098 -64.90 -11.49 -40.79
CA ASN D 1098 -65.03 -12.94 -40.71
C ASN D 1098 -64.55 -13.62 -41.98
N GLY D 1099 -64.68 -12.93 -43.11
CA GLY D 1099 -64.43 -13.51 -44.41
C GLY D 1099 -65.47 -13.04 -45.40
N THR D 1100 -66.68 -12.74 -44.91
CA THR D 1100 -67.76 -12.23 -45.73
C THR D 1100 -68.36 -10.95 -45.14
N HIS D 1101 -68.33 -10.82 -43.82
CA HIS D 1101 -68.93 -9.69 -43.11
C HIS D 1101 -67.83 -8.84 -42.46
N TRP D 1102 -68.27 -7.82 -41.73
CA TRP D 1102 -67.37 -6.90 -41.04
C TRP D 1102 -67.90 -6.61 -39.65
N PHE D 1103 -66.99 -6.51 -38.68
CA PHE D 1103 -67.34 -6.20 -37.30
C PHE D 1103 -66.28 -5.27 -36.71
N VAL D 1104 -66.54 -4.83 -35.48
CA VAL D 1104 -65.59 -4.05 -34.70
C VAL D 1104 -65.43 -4.71 -33.34
N THR D 1105 -64.19 -4.99 -32.95
CA THR D 1105 -63.88 -5.67 -31.69
C THR D 1105 -62.93 -4.80 -30.87
N GLN D 1106 -62.45 -5.34 -29.77
CA GLN D 1106 -61.42 -4.70 -28.97
C GLN D 1106 -60.06 -5.37 -29.23
N ARG D 1107 -59.00 -4.69 -28.79
CA ARG D 1107 -57.66 -5.09 -29.20
C ARG D 1107 -57.16 -6.34 -28.48
N ASN D 1108 -57.40 -6.44 -27.17
CA ASN D 1108 -56.81 -7.50 -26.36
C ASN D 1108 -57.73 -8.71 -26.20
N PHE D 1109 -58.92 -8.69 -26.78
CA PHE D 1109 -59.85 -9.79 -26.66
C PHE D 1109 -60.74 -9.79 -27.89
N TYR D 1110 -61.35 -10.95 -28.17
CA TYR D 1110 -62.21 -11.12 -29.33
C TYR D 1110 -63.66 -11.02 -28.89
N GLU D 1111 -64.37 -10.01 -29.40
CA GLU D 1111 -65.79 -9.80 -29.11
C GLU D 1111 -66.40 -8.97 -30.22
N PRO D 1112 -66.88 -9.59 -31.29
CA PRO D 1112 -67.38 -8.83 -32.44
C PRO D 1112 -68.67 -8.09 -32.13
N GLN D 1113 -68.90 -7.01 -32.88
CA GLN D 1113 -70.10 -6.20 -32.71
C GLN D 1113 -70.48 -5.59 -34.06
N ILE D 1114 -71.72 -5.16 -34.15
CA ILE D 1114 -72.25 -4.59 -35.39
C ILE D 1114 -71.91 -3.11 -35.44
N ILE D 1115 -71.47 -2.65 -36.62
CA ILE D 1115 -70.97 -1.29 -36.77
C ILE D 1115 -72.13 -0.32 -36.85
N THR D 1116 -72.22 0.58 -35.86
CA THR D 1116 -73.25 1.61 -35.86
C THR D 1116 -72.60 2.98 -35.69
N THR D 1117 -73.42 4.02 -35.49
CA THR D 1117 -72.91 5.36 -35.26
C THR D 1117 -72.57 5.61 -33.80
N ASP D 1118 -72.83 4.65 -32.91
CA ASP D 1118 -72.49 4.78 -31.51
C ASP D 1118 -70.98 4.61 -31.31
N ASN D 1119 -70.37 3.70 -32.05
CA ASN D 1119 -68.97 3.32 -31.85
C ASN D 1119 -68.11 3.74 -33.04
N THR D 1120 -68.32 4.94 -33.55
CA THR D 1120 -67.66 5.40 -34.77
C THR D 1120 -67.82 6.90 -34.89
N PHE D 1121 -66.78 7.59 -35.36
CA PHE D 1121 -66.84 9.01 -35.63
C PHE D 1121 -66.39 9.30 -37.05
N VAL D 1122 -66.91 10.39 -37.62
CA VAL D 1122 -66.73 10.72 -39.03
C VAL D 1122 -65.66 11.78 -39.18
N SER D 1123 -64.84 11.64 -40.23
CA SER D 1123 -63.81 12.65 -40.53
C SER D 1123 -63.47 12.57 -42.01
N GLY D 1124 -64.00 13.50 -42.79
CA GLY D 1124 -63.60 13.66 -44.17
C GLY D 1124 -64.37 12.79 -45.14
N ASN D 1125 -63.80 12.63 -46.33
CA ASN D 1125 -64.36 11.84 -47.41
C ASN D 1125 -63.41 10.68 -47.73
N CYS D 1126 -63.72 9.96 -48.81
CA CYS D 1126 -63.05 8.70 -49.15
C CYS D 1126 -62.06 8.85 -50.29
N ASP D 1127 -61.31 9.95 -50.35
CA ASP D 1127 -60.34 10.16 -51.43
C ASP D 1127 -58.93 10.47 -50.92
N VAL D 1128 -58.65 10.21 -49.64
CA VAL D 1128 -57.35 10.48 -49.04
C VAL D 1128 -56.73 9.21 -48.46
N VAL D 1129 -57.50 8.48 -47.65
CA VAL D 1129 -56.98 7.30 -46.96
C VAL D 1129 -56.70 6.20 -47.97
N ILE D 1130 -55.59 5.51 -47.77
CA ILE D 1130 -55.21 4.37 -48.61
C ILE D 1130 -55.69 3.09 -47.94
N GLY D 1131 -56.48 2.30 -48.65
CA GLY D 1131 -57.01 1.06 -48.13
C GLY D 1131 -58.44 1.12 -47.63
N ILE D 1132 -59.18 2.17 -47.96
CA ILE D 1132 -60.57 2.29 -47.51
C ILE D 1132 -61.41 1.21 -48.17
N VAL D 1133 -62.48 0.81 -47.49
CA VAL D 1133 -63.36 -0.27 -47.95
C VAL D 1133 -64.81 0.20 -47.88
N ASN D 1134 -65.66 -0.57 -48.56
CA ASN D 1134 -67.07 -0.22 -48.73
C ASN D 1134 -67.93 -1.13 -47.86
N ASN D 1135 -68.88 -0.53 -47.14
CA ASN D 1135 -69.84 -1.27 -46.34
C ASN D 1135 -70.95 -0.31 -45.93
N THR D 1136 -71.88 -0.80 -45.11
CA THR D 1136 -72.99 -0.01 -44.60
C THR D 1136 -72.84 0.18 -43.10
N VAL D 1137 -73.25 1.34 -42.62
CA VAL D 1137 -73.19 1.69 -41.20
C VAL D 1137 -74.60 1.95 -40.71
N TYR D 1138 -75.02 1.23 -39.68
CA TYR D 1138 -76.36 1.36 -39.13
C TYR D 1138 -76.54 2.73 -38.48
C1 NAG E . -69.23 -14.50 -40.85
C2 NAG E . -68.77 -15.95 -40.94
C3 NAG E . -69.51 -16.80 -39.90
C4 NAG E . -70.77 -16.11 -39.38
C5 NAG E . -70.49 -14.70 -38.86
C6 NAG E . -70.25 -14.64 -37.37
C7 NAG E . -68.34 -17.54 -42.75
C8 NAG E . -68.68 -17.95 -44.15
N2 NAG E . -68.98 -16.47 -42.28
O3 NAG E . -68.63 -17.09 -38.82
O4 NAG E . -71.76 -16.06 -40.40
O5 NAG E . -69.34 -14.12 -39.49
O6 NAG E . -71.45 -14.36 -36.65
O7 NAG E . -67.53 -18.17 -42.07
C1 NAG E . -73.05 -16.41 -39.86
C2 NAG E . -74.13 -15.62 -40.62
C3 NAG E . -75.53 -16.02 -40.14
C4 NAG E . -75.71 -17.52 -40.21
C5 NAG E . -74.58 -18.24 -39.47
C6 NAG E . -74.64 -19.74 -39.60
C7 NAG E . -73.95 -13.51 -39.34
C8 NAG E . -73.72 -12.04 -39.45
N2 NAG E . -73.93 -14.18 -40.50
O3 NAG E . -76.50 -15.37 -40.94
O4 NAG E . -76.95 -17.90 -39.63
O5 NAG E . -73.31 -17.81 -39.99
O6 NAG E . -73.37 -20.28 -39.98
O7 NAG E . -74.16 -14.06 -38.27
C1 NAG F . -33.61 3.40 -48.65
C2 NAG F . -33.84 3.30 -50.15
C3 NAG F . -32.56 2.86 -50.87
C4 NAG F . -31.40 3.77 -50.49
C5 NAG F . -31.26 3.84 -48.96
C6 NAG F . -30.21 4.82 -48.50
C7 NAG F . -36.17 2.80 -50.75
C8 NAG F . -37.17 1.71 -51.04
N2 NAG F . -34.93 2.39 -50.46
O3 NAG F . -32.76 2.90 -52.27
O4 NAG F . -30.20 3.24 -51.03
O5 NAG F . -32.51 4.28 -48.39
O6 NAG F . -29.08 4.14 -47.98
O7 NAG F . -36.47 3.99 -50.78
C1 NAG F . -29.60 4.20 -51.93
C2 NAG F . -28.32 3.59 -52.50
C3 NAG F . -27.68 4.56 -53.49
C4 NAG F . -28.68 4.97 -54.55
C5 NAG F . -29.96 5.51 -53.91
C6 NAG F . -31.04 5.82 -54.91
C7 NAG F . -27.13 2.00 -51.06
C8 NAG F . -27.88 0.93 -51.78
N2 NAG F . -27.38 3.25 -51.44
O3 NAG F . -26.55 3.93 -54.10
O4 NAG F . -28.12 5.98 -55.39
O5 NAG F . -30.49 4.54 -53.00
O6 NAG F . -32.25 5.14 -54.60
O7 NAG F . -26.34 1.74 -50.15
C1 NAG G . -63.13 32.84 -38.16
C2 NAG G . -63.36 33.75 -39.37
C3 NAG G . -64.16 33.04 -40.46
C4 NAG G . -65.36 32.30 -39.89
C5 NAG G . -64.97 31.44 -38.69
C6 NAG G . -65.28 29.98 -38.89
C7 NAG G . -63.36 36.15 -38.88
C8 NAG G . -64.18 37.33 -38.46
N2 NAG G . -64.00 34.99 -38.98
O3 NAG G . -63.32 32.12 -41.15
O4 NAG G . -66.36 33.23 -39.49
O5 NAG G . -63.54 31.52 -38.48
O6 NAG G . -66.23 29.79 -39.93
O7 NAG G . -62.16 36.25 -39.11
C1 NAG G . -67.66 32.82 -39.97
C2 NAG G . -67.63 32.71 -41.51
C3 NAG G . -68.98 32.24 -42.02
C4 NAG G . -69.39 30.93 -41.33
C5 NAG G . -69.37 31.12 -39.82
C6 NAG G . -69.66 29.84 -39.07
C7 NAG G . -66.58 34.09 -43.24
C8 NAG G . -66.30 35.48 -43.72
N2 NAG G . -67.27 33.98 -42.11
O3 NAG G . -68.90 32.03 -43.43
O4 NAG G . -70.71 30.56 -41.74
O5 NAG G . -68.06 31.55 -39.40
O6 NAG G . -68.63 29.53 -38.15
O7 NAG G . -66.20 33.09 -43.86
C1 NAG H . -76.16 35.89 -21.24
C2 NAG H . -75.57 37.13 -20.58
C3 NAG H . -76.37 37.49 -19.33
C4 NAG H . -77.85 37.64 -19.67
C5 NAG H . -78.35 36.38 -20.38
C6 NAG H . -79.78 36.49 -20.85
C7 NAG H . -73.16 37.34 -21.02
C8 NAG H . -71.78 37.05 -20.51
N2 NAG H . -74.17 36.93 -20.24
O3 NAG H . -75.88 38.72 -18.79
O4 NAG H . -78.60 37.83 -18.48
O5 NAG H . -77.54 36.12 -21.53
O6 NAG H . -80.44 35.24 -20.82
O7 NAG H . -73.36 37.93 -22.08
C1 NAG H . -79.08 39.19 -18.44
C2 NAG H . -80.35 39.25 -17.60
C3 NAG H . -80.85 40.68 -17.49
C4 NAG H . -79.73 41.60 -16.98
C5 NAG H . -78.50 41.45 -17.85
C6 NAG H . -77.31 42.24 -17.34
C7 NAG H . -81.61 37.15 -17.70
C8 NAG H . -82.72 36.40 -18.38
N2 NAG H . -81.38 38.39 -18.14
O3 NAG H . -81.96 40.74 -16.59
O4 NAG H . -80.17 42.96 -17.01
O5 NAG H . -78.09 40.08 -17.89
O6 NAG H . -76.11 41.86 -18.00
O7 NAG H . -80.95 36.65 -16.79
C1 NAG I . -82.37 8.31 -1.13
C2 NAG I . -83.27 8.96 -0.08
C3 NAG I . -84.64 9.26 -0.66
C4 NAG I . -84.50 10.07 -1.94
C5 NAG I . -83.52 9.41 -2.91
C6 NAG I . -83.22 10.26 -4.12
C7 NAG I . -82.96 8.48 2.31
C8 NAG I . -83.17 7.49 3.41
N2 NAG I . -83.38 8.11 1.10
O3 NAG I . -85.41 9.98 0.29
O4 NAG I . -85.78 10.12 -2.59
O5 NAG I . -82.26 9.17 -2.25
O6 NAG I . -84.10 9.97 -5.20
O7 NAG I . -82.44 9.57 2.51
C1 NAG I . -86.25 11.48 -2.72
C2 NAG I . -87.67 11.43 -3.28
C3 NAG I . -88.25 12.84 -3.41
C4 NAG I . -88.14 13.58 -2.08
C5 NAG I . -86.71 13.54 -1.57
C6 NAG I . -86.56 14.15 -0.19
C7 NAG I . -87.07 11.12 -5.67
C8 NAG I . -87.25 10.25 -6.87
N2 NAG I . -87.72 10.73 -4.56
O3 NAG I . -89.61 12.76 -3.82
O4 NAG I . -88.55 14.93 -2.24
O5 NAG I . -86.26 12.18 -1.47
O6 NAG I . -87.81 14.29 0.46
O7 NAG I . -86.36 12.12 -5.70
C1 NAG J . -64.85 20.42 2.97
C2 NAG J . -66.08 21.06 3.61
C3 NAG J . -65.88 22.56 3.78
C4 NAG J . -64.58 22.85 4.52
C5 NAG J . -63.41 22.13 3.85
C6 NAG J . -62.11 22.27 4.60
C7 NAG J . -68.24 19.95 3.24
C8 NAG J . -69.41 19.79 2.30
N2 NAG J . -67.28 20.78 2.84
O3 NAG J . -66.98 23.12 4.49
O4 NAG J . -64.33 24.25 4.51
O5 NAG J . -63.69 20.73 3.75
O6 NAG J . -60.99 22.25 3.72
O7 NAG J . -68.18 19.36 4.31
C1 NAG J . -64.34 24.78 5.85
C2 NAG J . -63.66 26.14 5.85
C3 NAG J . -63.69 26.76 7.24
C4 NAG J . -65.12 26.81 7.76
C5 NAG J . -65.75 25.42 7.69
C6 NAG J . -67.21 25.42 8.09
C7 NAG J . -61.67 26.98 4.67
C8 NAG J . -60.26 26.69 4.27
N2 NAG J . -62.28 26.02 5.38
O3 NAG J . -63.15 28.08 7.19
O4 NAG J . -65.13 27.26 9.11
O5 NAG J . -65.69 24.92 6.34
O6 NAG J . -67.58 24.19 8.70
O7 NAG J . -62.23 28.03 4.37
C1 NAG K . 21.85 41.11 25.39
C2 NAG K . 21.18 41.24 26.78
C3 NAG K . 20.36 42.52 26.87
C4 NAG K . 21.13 43.66 26.23
C5 NAG K . 21.20 43.42 24.73
C6 NAG K . 22.44 44.01 24.08
C7 NAG K . 20.71 39.09 27.88
C8 NAG K . 19.73 37.97 28.05
N2 NAG K . 20.35 40.08 27.05
O3 NAG K . 20.10 42.81 28.23
O4 NAG K . 20.46 44.90 26.48
O5 NAG K . 21.19 42.02 24.43
O6 NAG K . 22.14 44.68 22.87
O7 NAG K . 21.80 39.10 28.46
C1 NAG L . 14.69 4.71 -43.40
C2 NAG L . 14.91 3.31 -43.98
C3 NAG L . 14.32 3.23 -45.39
C4 NAG L . 12.87 3.67 -45.40
C5 NAG L . 12.74 5.06 -44.76
C6 NAG L . 11.31 5.50 -44.62
C7 NAG L . 16.78 1.81 -43.47
C8 NAG L . 15.76 0.88 -42.88
N2 NAG L . 16.32 2.95 -43.98
O3 NAG L . 14.44 1.89 -45.87
O4 NAG L . 12.39 3.73 -46.74
O5 NAG L . 13.29 5.04 -43.43
O6 NAG L . 11.17 6.50 -43.61
O7 NAG L . 17.97 1.53 -43.48
C1 NAG M . -58.57 38.62 -15.98
C2 NAG M . -59.95 39.03 -15.43
C3 NAG M . -59.84 40.25 -14.52
C4 NAG M . -59.16 41.42 -15.22
C5 NAG M . -58.00 40.92 -16.10
C6 NAG M . -56.78 41.79 -16.01
C7 NAG M . -62.04 38.62 -16.66
C8 NAG M . -62.88 39.01 -17.83
N2 NAG M . -60.89 39.27 -16.51
O3 NAG M . -59.11 39.90 -13.34
O4 NAG M . -60.09 42.12 -16.03
O5 NAG M . -57.62 39.61 -15.66
O6 NAG M . -55.60 41.02 -15.93
O7 NAG M . -62.38 37.73 -15.87
C1 NAG N . -46.00 21.44 -42.01
C2 NAG N . -46.40 22.29 -43.23
C3 NAG N . -45.93 21.63 -44.52
C4 NAG N . -44.44 21.33 -44.45
C5 NAG N . -44.13 20.51 -43.20
C6 NAG N . -42.65 20.26 -43.01
C7 NAG N . -48.77 21.59 -43.37
C8 NAG N . -50.19 22.07 -43.39
N2 NAG N . -47.83 22.55 -43.26
O3 NAG N . -46.20 22.51 -45.62
O4 NAG N . -44.04 20.60 -45.60
O5 NAG N . -44.59 21.20 -42.04
O6 NAG N . -42.29 20.37 -41.63
O7 NAG N . -48.49 20.40 -43.46
C1 NAG O . -51.15 35.56 -29.11
C2 NAG O . -50.44 36.52 -28.16
C3 NAG O . -48.99 36.68 -28.59
C4 NAG O . -48.32 35.33 -28.72
C5 NAG O . -49.15 34.38 -29.59
C6 NAG O . -48.60 32.97 -29.63
C7 NAG O . -51.94 38.15 -27.12
C8 NAG O . -52.55 39.52 -27.21
N2 NAG O . -51.11 37.81 -28.11
O3 NAG O . -48.29 37.48 -27.63
O4 NAG O . -47.03 35.48 -29.31
O5 NAG O . -50.49 34.30 -29.09
O6 NAG O . -47.18 32.97 -29.57
O7 NAG O . -52.20 37.39 -26.18
C1 NAG P . 36.06 -26.36 36.94
C2 NAG P . 34.57 -26.17 37.20
C3 NAG P . 34.33 -24.94 38.09
C4 NAG P . 35.17 -25.03 39.36
C5 NAG P . 36.63 -25.24 39.00
C6 NAG P . 37.51 -25.44 40.20
C7 NAG P . 32.53 -26.30 35.83
C8 NAG P . 31.93 -26.11 34.48
N2 NAG P . 33.83 -26.04 35.95
O3 NAG P . 32.95 -24.85 38.43
O4 NAG P . 35.04 -23.83 40.12
O5 NAG P . 36.77 -26.42 38.19
O6 NAG P . 37.58 -24.27 41.00
O7 NAG P . 31.85 -26.69 36.79
C1 NAG Q . 7.40 -36.62 39.70
C2 NAG Q . 6.51 -36.03 38.61
C3 NAG Q . 5.40 -37.02 38.21
C4 NAG Q . 4.85 -37.77 39.41
C5 NAG Q . 5.95 -38.37 40.27
C6 NAG Q . 5.91 -39.89 40.31
C7 NAG Q . 5.85 -33.68 38.27
C8 NAG Q . 6.40 -33.83 36.87
N2 NAG Q . 5.93 -34.77 39.04
O3 NAG Q . 5.92 -37.94 37.26
O4 NAG Q . 4.05 -36.90 40.21
O5 NAG Q . 7.23 -38.01 39.74
O6 NAG Q . 4.72 -40.39 39.72
O7 NAG Q . 5.37 -32.62 38.66
C1 NAG R . -85.69 -9.68 -11.03
C2 NAG R . -85.48 -10.64 -9.86
C3 NAG R . -85.55 -12.09 -10.35
C4 NAG R . -86.84 -12.33 -11.11
C5 NAG R . -86.99 -11.30 -12.23
C6 NAG R . -88.32 -11.40 -12.95
C7 NAG R . -84.12 -9.96 -7.94
C8 NAG R . -82.73 -9.75 -7.40
N2 NAG R . -84.21 -10.39 -9.19
O3 NAG R . -85.47 -12.97 -9.23
O4 NAG R . -86.83 -13.63 -11.68
O5 NAG R . -86.93 -9.97 -11.67
O6 NAG R . -89.38 -11.72 -12.06
O7 NAG R . -85.11 -9.76 -7.25
C1 NAG S . -49.31 36.88 -0.68
C2 NAG S . -49.99 38.25 -0.72
C3 NAG S . -49.08 39.31 -0.10
C4 NAG S . -48.66 38.89 1.31
C5 NAG S . -48.04 37.49 1.26
C6 NAG S . -47.69 36.95 2.64
C7 NAG S . -51.32 39.48 -2.39
C8 NAG S . -51.52 39.74 -3.86
N2 NAG S . -50.33 38.63 -2.09
O3 NAG S . -49.76 40.56 -0.03
O4 NAG S . -47.70 39.80 1.83
O5 NAG S . -48.96 36.57 0.68
O6 NAG S . -48.80 37.06 3.52
O7 NAG S . -52.01 40.01 -1.53
C1 NAG T . -72.21 -12.23 0.03
C2 NAG T . -73.02 -13.43 -0.48
C3 NAG T . -72.94 -14.60 0.49
C4 NAG T . -72.98 -14.12 1.94
C5 NAG T . -71.92 -13.05 2.22
C6 NAG T . -70.84 -13.51 3.16
C7 NAG T . -74.89 -12.81 -1.95
C8 NAG T . -76.34 -12.43 -2.03
N2 NAG T . -74.40 -13.05 -0.73
O3 NAG T . -71.75 -15.34 0.26
O4 NAG T . -74.27 -13.60 2.25
O5 NAG T . -71.28 -12.68 0.99
O6 NAG T . -70.92 -14.90 3.42
O7 NAG T . -74.18 -12.88 -2.96
C1 NAG U . -20.76 -30.98 -38.91
C2 NAG U . -20.08 -30.56 -40.21
C3 NAG U . -21.12 -29.94 -41.14
C4 NAG U . -22.28 -30.89 -41.35
C5 NAG U . -22.83 -31.38 -40.01
C6 NAG U . -23.89 -32.46 -40.16
C7 NAG U . -17.69 -29.98 -40.11
C8 NAG U . -17.42 -31.39 -40.56
N2 NAG U . -18.98 -29.64 -39.95
O3 NAG U . -20.50 -29.65 -42.39
O4 NAG U . -23.32 -30.24 -42.08
O5 NAG U . -21.78 -31.93 -39.19
O6 NAG U . -24.77 -32.51 -39.04
O7 NAG U . -16.78 -29.18 -39.91
C1 NAG V . -51.20 -4.96 -50.15
C2 NAG V . -51.56 -3.84 -51.13
C3 NAG V . -51.96 -4.43 -52.48
C4 NAG V . -50.87 -5.35 -53.00
C5 NAG V . -50.54 -6.41 -51.95
C6 NAG V . -49.38 -7.30 -52.35
C7 NAG V . -52.41 -1.89 -49.90
C8 NAG V . -53.63 -1.16 -49.42
N2 NAG V . -52.63 -3.01 -50.59
O3 NAG V . -52.18 -3.37 -53.40
O4 NAG V . -51.30 -6.00 -54.19
O5 NAG V . -50.16 -5.78 -50.72
O6 NAG V . -48.37 -7.31 -51.35
O7 NAG V . -51.27 -1.48 -49.67
C1 NAG W . 35.94 -49.07 18.92
C2 NAG W . 35.57 -48.54 17.54
C3 NAG W . 36.21 -49.40 16.44
C4 NAG W . 37.71 -49.49 16.66
C5 NAG W . 38.01 -50.00 18.07
C6 NAG W . 39.48 -50.00 18.39
C7 NAG W . 33.50 -47.61 16.59
C8 NAG W . 32.00 -47.70 16.55
N2 NAG W . 34.12 -48.50 17.37
O3 NAG W . 35.93 -48.83 15.17
O4 NAG W . 38.27 -50.40 15.72
O5 NAG W . 37.38 -49.14 19.04
O6 NAG W . 40.08 -48.75 18.09
O7 NAG W . 34.11 -46.75 15.96
C1 NAG X . 26.93 -42.57 5.37
C2 NAG X . 26.08 -41.57 4.57
C3 NAG X . 26.48 -41.59 3.10
C4 NAG X . 27.98 -41.37 2.95
C5 NAG X . 28.74 -42.39 3.80
C6 NAG X . 30.24 -42.16 3.79
C7 NAG X . 23.70 -40.96 4.54
C8 NAG X . 22.30 -41.44 4.72
N2 NAG X . 24.66 -41.87 4.70
O3 NAG X . 25.77 -40.58 2.39
O4 NAG X . 28.37 -41.52 1.59
O5 NAG X . 28.32 -42.29 5.16
O6 NAG X . 30.55 -40.78 3.84
O7 NAG X . 23.95 -39.80 4.26
C1 NAG Y . -15.74 -42.82 19.30
C2 NAG Y . -16.39 -43.42 18.05
C3 NAG Y . -17.70 -44.13 18.41
C4 NAG Y . -17.45 -45.14 19.52
C5 NAG Y . -16.77 -44.48 20.72
C6 NAG Y . -16.40 -45.46 21.80
C7 NAG Y . -16.51 -42.64 15.73
C8 NAG Y . -16.79 -41.47 14.83
N2 NAG Y . -16.62 -42.40 17.04
O3 NAG Y . -18.22 -44.78 17.26
O4 NAG Y . -18.70 -45.71 19.94
O5 NAG Y . -15.56 -43.85 20.29
O6 NAG Y . -15.11 -45.99 21.60
O7 NAG Y . -16.20 -43.74 15.29
C1 NAG Z . 36.56 -11.85 -33.90
C2 NAG Z . 37.54 -12.56 -34.88
C3 NAG Z . 36.78 -13.36 -35.96
C4 NAG Z . 35.43 -12.74 -36.27
C5 NAG Z . 35.49 -11.24 -36.05
C6 NAG Z . 34.24 -10.52 -36.51
C7 NAG Z . 39.60 -11.24 -34.87
C8 NAG Z . 40.45 -10.27 -35.63
N2 NAG Z . 38.47 -11.63 -35.47
O3 NAG Z . 36.62 -14.71 -35.53
O4 NAG Z . 35.07 -13.01 -37.62
O5 NAG Z . 35.64 -10.97 -34.65
O6 NAG Z . 33.86 -10.94 -37.82
O7 NAG Z . 39.92 -11.66 -33.76
C1 NAG AA . -59.00 -23.49 -0.10
C2 NAG AA . -58.05 -23.97 1.00
C3 NAG AA . -58.77 -24.95 1.92
C4 NAG AA . -60.07 -24.36 2.44
C5 NAG AA . -60.93 -23.89 1.26
C6 NAG AA . -62.21 -23.20 1.70
C7 NAG AA . -55.76 -23.88 0.12
C8 NAG AA . -54.62 -24.68 -0.46
N2 NAG AA . -56.85 -24.58 0.44
O3 NAG AA . -57.92 -25.28 3.02
O4 NAG AA . -60.80 -25.33 3.19
O5 NAG AA . -60.19 -22.95 0.48
O6 NAG AA . -61.92 -22.04 2.47
O7 NAG AA . -55.69 -22.67 0.27
C1 NAG BA . -59.91 -20.85 -22.38
C2 NAG BA . -60.93 -21.84 -22.95
C3 NAG BA . -61.50 -22.72 -21.84
C4 NAG BA . -60.37 -23.40 -21.07
C5 NAG BA . -59.38 -22.34 -20.56
C6 NAG BA . -58.17 -22.95 -19.89
C7 NAG BA . -62.38 -21.43 -24.88
C8 NAG BA . -63.50 -20.61 -25.44
N2 NAG BA . -62.00 -21.15 -23.63
O3 NAG BA . -62.35 -23.70 -22.40
O4 NAG BA . -60.89 -24.12 -19.97
O5 NAG BA . -58.89 -21.57 -21.67
O6 NAG BA . -57.85 -22.27 -18.69
O7 NAG BA . -61.82 -22.31 -25.55
C1 NAG CA . -53.01 -16.34 -39.88
C2 NAG CA . -52.19 -17.18 -38.87
C3 NAG CA . -51.21 -18.09 -39.60
C4 NAG CA . -51.84 -18.62 -40.88
C5 NAG CA . -52.02 -17.47 -41.86
C6 NAG CA . -53.16 -17.69 -42.83
C7 NAG CA . -51.89 -16.14 -36.67
C8 NAG CA . -53.13 -16.86 -36.26
N2 NAG CA . -51.49 -16.32 -37.94
O3 NAG CA . -50.85 -19.17 -38.76
O4 NAG CA . -50.99 -19.61 -41.47
O5 NAG CA . -52.29 -16.25 -41.16
O6 NAG CA . -54.09 -18.63 -42.35
O7 NAG CA . -51.27 -15.41 -35.90
C1 NAG DA . -67.23 2.05 -53.08
C2 NAG DA . -66.88 1.72 -54.53
C3 NAG DA . -66.82 2.99 -55.37
C4 NAG DA . -68.10 3.79 -55.22
C5 NAG DA . -68.41 4.05 -53.75
C6 NAG DA . -69.74 4.73 -53.52
C7 NAG DA . -65.57 -0.34 -54.81
C8 NAG DA . -64.20 -0.93 -54.87
N2 NAG DA . -65.64 0.99 -54.61
O3 NAG DA . -66.60 2.64 -56.73
O4 NAG DA . -67.98 5.04 -55.90
O5 NAG DA . -68.46 2.80 -53.04
O6 NAG DA . -70.71 4.28 -54.47
O7 NAG DA . -66.59 -1.03 -54.94
#